data_9B14
#
_entry.id   9B14
#
_cell.length_a   1.00
_cell.length_b   1.00
_cell.length_c   1.00
_cell.angle_alpha   90.00
_cell.angle_beta   90.00
_cell.angle_gamma   90.00
#
_symmetry.space_group_name_H-M   'P 1'
#
loop_
_entity.id
_entity.type
_entity.pdbx_description
1 polymer 'Creatine kinase U-type, mitochondrial'
2 non-polymer N-[(E)-AMINO(IMINO)METHYL]-N-METHYLGLYCINE
3 non-polymer "ADENOSINE-5'-DIPHOSPHATE"
4 non-polymer 'MAGNESIUM ION'
#
_entity_poly.entity_id   1
_entity_poly.type   'polypeptide(L)'
_entity_poly.pdbx_seq_one_letter_code
;MGSSHHHHHHSSGLVPRGSHMENLYFQGAASERRRLYPPSAEYPDLRKHNNCMASHLTPAVYARLCDKTTPTGWTLDQCI
QTGVDNPGHPFIKTVGMVAGDEETYEVFADLFDPVIQERHNGYDPRTMKHTTDLDASKIRSGYFDERYVLSSRVRTGRSI
RGLSLPPACTRAERREVERVVVDALSGLKGDLAGRYYRLSEMTEAEQQQLIDDHFLFDKPVSPLLTAAGMARDWPDARGI
WHNNEKSFLIWVNEEDHTRVISMEKGGNMKRVFERFCRGLKEVERLIQERGWEFMWNERLGYILTCPSNLGTGLRAGVHI
KLPLLSKDSRFPKILENLRLQKRGTGGVDTAATGGVFDISNLDRLGKSEVELVQLVIDGVNYLIDCERRLERGQDIRIPT
PVIHTKHGSSDYKDDDDK
;
_entity_poly.pdbx_strand_id   A,B,C,D,E,F,G,H
#
loop_
_chem_comp.id
_chem_comp.type
_chem_comp.name
_chem_comp.formula
ADP non-polymer ADENOSINE-5'-DIPHOSPHATE 'C10 H15 N5 O10 P2'
CRN non-polymer N-[(E)-AMINO(IMINO)METHYL]-N-METHYLGLYCINE 'C4 H9 N3 O2'
MG non-polymer 'MAGNESIUM ION' 'Mg 2'
#
# COMPACT_ATOMS: atom_id res chain seq x y z
N SER A 31 0.15 -14.18 8.33
CA SER A 31 -0.91 -14.54 7.39
C SER A 31 -2.20 -13.81 7.72
N GLU A 32 -3.02 -13.57 6.69
CA GLU A 32 -4.32 -12.95 6.90
C GLU A 32 -5.37 -13.93 7.37
N ARG A 33 -5.07 -15.23 7.40
CA ARG A 33 -6.00 -16.22 7.89
C ARG A 33 -6.07 -16.28 9.40
N ARG A 34 -5.15 -15.63 10.11
CA ARG A 34 -5.19 -15.62 11.56
C ARG A 34 -6.38 -14.81 12.05
N ARG A 35 -6.95 -15.26 13.17
CA ARG A 35 -8.16 -14.66 13.71
C ARG A 35 -7.84 -13.73 14.86
N LEU A 36 -8.65 -12.68 14.99
CA LEU A 36 -8.53 -11.75 16.10
C LEU A 36 -9.44 -12.16 17.24
N TYR A 37 -9.10 -11.70 18.44
CA TYR A 37 -9.98 -11.89 19.56
C TYR A 37 -11.33 -11.22 19.27
N PRO A 38 -12.45 -11.93 19.39
CA PRO A 38 -13.73 -11.29 19.13
C PRO A 38 -13.95 -10.16 20.12
N PRO A 39 -14.67 -9.11 19.71
CA PRO A 39 -14.83 -7.96 20.61
C PRO A 39 -15.37 -8.31 21.98
N SER A 40 -16.31 -9.25 22.07
CA SER A 40 -16.86 -9.63 23.37
C SER A 40 -15.79 -10.20 24.29
N ALA A 41 -14.70 -10.73 23.73
CA ALA A 41 -13.63 -11.23 24.58
C ALA A 41 -12.95 -10.09 25.33
N GLU A 42 -12.95 -8.89 24.77
CA GLU A 42 -12.36 -7.72 25.40
C GLU A 42 -13.36 -6.92 26.22
N TYR A 43 -14.63 -7.30 26.20
CA TYR A 43 -15.65 -6.51 26.87
C TYR A 43 -15.34 -6.41 28.35
N PRO A 44 -15.39 -5.22 28.94
CA PRO A 44 -15.07 -5.09 30.37
C PRO A 44 -16.10 -5.75 31.26
N ASP A 45 -15.66 -6.13 32.46
CA ASP A 45 -16.54 -6.72 33.47
C ASP A 45 -17.03 -5.60 34.38
N LEU A 46 -18.26 -5.15 34.14
CA LEU A 46 -18.85 -4.01 34.85
C LEU A 46 -20.01 -4.42 35.74
N ARG A 47 -19.96 -5.64 36.27
CA ARG A 47 -21.08 -6.16 37.05
C ARG A 47 -21.25 -5.48 38.40
N LYS A 48 -20.29 -4.66 38.82
CA LYS A 48 -20.36 -3.98 40.11
C LYS A 48 -20.03 -2.49 39.99
N HIS A 49 -19.98 -1.96 38.77
CA HIS A 49 -19.62 -0.57 38.57
C HIS A 49 -20.83 0.34 38.73
N ASN A 50 -20.54 1.61 39.04
CA ASN A 50 -21.58 2.59 39.36
C ASN A 50 -21.26 3.94 38.72
N ASN A 51 -20.86 3.93 37.45
CA ASN A 51 -20.61 5.17 36.72
C ASN A 51 -21.41 5.15 35.42
N CYS A 52 -21.55 6.33 34.83
CA CYS A 52 -22.43 6.48 33.67
C CYS A 52 -21.95 5.65 32.50
N MET A 53 -20.63 5.53 32.32
CA MET A 53 -20.12 4.68 31.24
C MET A 53 -20.61 3.26 31.39
N ALA A 54 -20.50 2.72 32.61
CA ALA A 54 -20.97 1.35 32.85
C ALA A 54 -22.46 1.24 32.63
N SER A 55 -23.21 2.29 32.96
CA SER A 55 -24.66 2.25 32.78
C SER A 55 -25.03 2.23 31.30
N HIS A 56 -24.28 2.96 30.47
CA HIS A 56 -24.65 3.15 29.07
C HIS A 56 -23.79 2.34 28.11
N LEU A 57 -22.93 1.46 28.60
CA LEU A 57 -22.11 0.61 27.75
C LEU A 57 -22.79 -0.75 27.61
N THR A 58 -22.93 -1.20 26.37
CA THR A 58 -23.54 -2.47 26.05
C THR A 58 -22.65 -3.22 25.08
N PRO A 59 -22.77 -4.55 25.03
CA PRO A 59 -21.91 -5.31 24.10
C PRO A 59 -22.04 -4.84 22.66
N ALA A 60 -23.24 -4.47 22.22
CA ALA A 60 -23.42 -4.01 20.85
C ALA A 60 -22.60 -2.74 20.59
N VAL A 61 -22.68 -1.77 21.50
CA VAL A 61 -21.95 -0.52 21.31
C VAL A 61 -20.45 -0.78 21.31
N TYR A 62 -19.99 -1.59 22.27
CA TYR A 62 -18.56 -1.88 22.36
C TYR A 62 -18.07 -2.55 21.09
N ALA A 63 -18.80 -3.55 20.60
CA ALA A 63 -18.39 -4.23 19.37
C ALA A 63 -18.39 -3.27 18.20
N ARG A 64 -19.38 -2.40 18.12
CA ARG A 64 -19.46 -1.46 17.00
C ARG A 64 -18.28 -0.50 17.00
N LEU A 65 -17.88 -0.01 18.18
CA LEU A 65 -16.89 1.05 18.28
C LEU A 65 -15.47 0.55 18.53
N CYS A 66 -15.27 -0.75 18.73
CA CYS A 66 -13.96 -1.22 19.18
C CYS A 66 -12.91 -1.16 18.08
N ASP A 67 -13.31 -1.03 16.82
CA ASP A 67 -12.35 -0.88 15.73
C ASP A 67 -12.00 0.56 15.43
N LYS A 68 -12.90 1.49 15.71
CA LYS A 68 -12.68 2.88 15.33
C LYS A 68 -11.56 3.49 16.16
N THR A 69 -11.04 4.61 15.66
CA THR A 69 -9.96 5.32 16.33
C THR A 69 -9.90 6.73 15.78
N THR A 70 -9.55 7.69 16.64
CA THR A 70 -9.36 9.05 16.20
C THR A 70 -8.06 9.16 15.41
N PRO A 71 -7.92 10.24 14.63
CA PRO A 71 -6.70 10.36 13.79
C PRO A 71 -5.41 10.28 14.59
N THR A 72 -5.42 10.71 15.84
CA THR A 72 -4.22 10.66 16.68
C THR A 72 -4.04 9.31 17.37
N GLY A 73 -4.95 8.36 17.17
CA GLY A 73 -4.80 7.02 17.70
C GLY A 73 -5.60 6.73 18.96
N TRP A 74 -6.42 7.66 19.43
CA TRP A 74 -7.27 7.40 20.59
C TRP A 74 -8.29 6.33 20.27
N THR A 75 -8.55 5.45 21.23
CA THR A 75 -9.43 4.31 21.05
C THR A 75 -10.47 4.26 22.16
N LEU A 76 -11.48 3.42 21.98
CA LEU A 76 -12.56 3.34 22.95
C LEU A 76 -12.06 2.82 24.30
N ASP A 77 -11.16 1.83 24.28
CA ASP A 77 -10.64 1.31 25.53
C ASP A 77 -9.95 2.40 26.33
N GLN A 78 -9.17 3.24 25.66
CA GLN A 78 -8.55 4.37 26.35
C GLN A 78 -9.59 5.36 26.84
N CYS A 79 -10.71 5.48 26.12
CA CYS A 79 -11.77 6.37 26.58
C CYS A 79 -12.37 5.89 27.89
N ILE A 80 -12.61 4.57 28.00
CA ILE A 80 -13.37 4.04 29.12
C ILE A 80 -12.48 3.42 30.19
N GLN A 81 -11.16 3.55 30.07
CA GLN A 81 -10.28 2.93 31.06
C GLN A 81 -10.53 3.47 32.45
N THR A 82 -10.70 4.79 32.59
CA THR A 82 -10.91 5.37 33.92
C THR A 82 -12.19 4.84 34.54
N GLY A 83 -13.26 4.74 33.75
CA GLY A 83 -14.50 4.21 34.27
C GLY A 83 -14.39 2.74 34.62
N VAL A 84 -13.65 1.98 33.83
CA VAL A 84 -13.48 0.55 34.12
C VAL A 84 -12.72 0.36 35.41
N ASP A 85 -11.66 1.14 35.62
CA ASP A 85 -10.82 0.98 36.81
C ASP A 85 -11.45 1.55 38.07
N ASN A 86 -12.43 2.44 37.95
CA ASN A 86 -13.02 3.14 39.08
C ASN A 86 -14.51 2.90 39.10
N PRO A 87 -14.98 1.80 39.72
CA PRO A 87 -16.43 1.60 39.82
C PRO A 87 -17.10 2.56 40.78
N GLY A 88 -16.38 3.04 41.79
CA GLY A 88 -16.94 3.85 42.85
C GLY A 88 -16.55 5.30 42.76
N HIS A 89 -15.52 5.67 43.50
CA HIS A 89 -15.08 7.06 43.62
C HIS A 89 -16.14 7.93 44.28
N PRO A 90 -16.35 7.82 45.59
CA PRO A 90 -17.06 8.89 46.29
C PRO A 90 -16.39 10.23 46.02
N PHE A 91 -17.01 11.35 46.39
CA PHE A 91 -18.29 11.40 47.09
C PHE A 91 -19.34 11.92 46.13
N ILE A 92 -19.13 11.65 44.83
CA ILE A 92 -20.00 12.12 43.76
C ILE A 92 -20.17 10.99 42.76
N LYS A 93 -21.06 11.22 41.78
CA LYS A 93 -21.25 10.30 40.68
C LYS A 93 -20.33 10.69 39.54
N THR A 94 -19.54 9.74 39.07
CA THR A 94 -18.52 9.99 38.06
C THR A 94 -19.01 9.56 36.68
N VAL A 95 -18.53 10.28 35.66
CA VAL A 95 -18.87 9.93 34.29
C VAL A 95 -18.19 8.62 33.88
N GLY A 96 -16.91 8.48 34.22
CA GLY A 96 -16.17 7.30 33.85
C GLY A 96 -15.57 7.31 32.46
N MET A 97 -15.55 8.45 31.79
CA MET A 97 -14.97 8.56 30.46
C MET A 97 -14.14 9.83 30.37
N VAL A 98 -13.22 9.83 29.40
CA VAL A 98 -12.45 11.01 29.06
C VAL A 98 -12.25 11.02 27.55
N ALA A 99 -11.80 12.17 27.04
CA ALA A 99 -11.53 12.34 25.62
C ALA A 99 -10.04 12.55 25.42
N GLY A 100 -9.50 11.95 24.36
CA GLY A 100 -8.10 12.10 24.05
C GLY A 100 -7.80 13.24 23.11
N ASP A 101 -8.82 13.71 22.40
CA ASP A 101 -8.66 14.81 21.45
C ASP A 101 -10.04 15.30 21.05
N GLU A 102 -10.07 16.31 20.18
CA GLU A 102 -11.34 16.87 19.75
C GLU A 102 -12.17 15.85 18.99
N GLU A 103 -11.53 15.06 18.12
CA GLU A 103 -12.27 14.14 17.27
C GLU A 103 -12.98 13.06 18.08
N THR A 104 -12.53 12.78 19.31
CA THR A 104 -13.13 11.71 20.09
C THR A 104 -14.64 11.88 20.20
N TYR A 105 -15.08 13.06 20.61
CA TYR A 105 -16.51 13.29 20.83
C TYR A 105 -17.32 13.05 19.57
N GLU A 106 -16.69 13.13 18.40
CA GLU A 106 -17.38 12.83 17.16
C GLU A 106 -17.21 11.37 16.76
N VAL A 107 -16.02 10.79 16.99
CA VAL A 107 -15.77 9.43 16.53
C VAL A 107 -16.57 8.44 17.37
N PHE A 108 -16.57 8.63 18.69
CA PHE A 108 -17.28 7.76 19.62
C PHE A 108 -18.58 8.39 20.12
N ALA A 109 -19.23 9.19 19.28
CA ALA A 109 -20.45 9.86 19.70
C ALA A 109 -21.53 8.87 20.10
N ASP A 110 -21.53 7.68 19.50
CA ASP A 110 -22.56 6.68 19.81
C ASP A 110 -22.57 6.31 21.28
N LEU A 111 -21.46 6.51 21.99
CA LEU A 111 -21.39 6.24 23.42
C LEU A 111 -21.32 7.51 24.26
N PHE A 112 -20.72 8.57 23.74
CA PHE A 112 -20.61 9.82 24.50
C PHE A 112 -21.94 10.54 24.58
N ASP A 113 -22.73 10.50 23.51
CA ASP A 113 -23.98 11.26 23.48
C ASP A 113 -24.94 10.86 24.58
N PRO A 114 -25.28 9.57 24.76
CA PRO A 114 -26.14 9.23 25.91
C PRO A 114 -25.52 9.61 27.24
N VAL A 115 -24.21 9.46 27.39
CA VAL A 115 -23.56 9.82 28.63
C VAL A 115 -23.67 11.33 28.87
N ILE A 116 -23.43 12.13 27.84
CA ILE A 116 -23.56 13.57 27.98
C ILE A 116 -24.98 13.94 28.34
N GLN A 117 -25.96 13.31 27.67
CA GLN A 117 -27.35 13.64 27.92
C GLN A 117 -27.73 13.33 29.36
N GLU A 118 -27.34 12.17 29.86
CA GLU A 118 -27.65 11.81 31.25
C GLU A 118 -26.92 12.72 32.23
N ARG A 119 -25.66 13.07 31.93
CA ARG A 119 -24.86 13.85 32.86
C ARG A 119 -25.34 15.29 32.96
N HIS A 120 -25.95 15.81 31.91
CA HIS A 120 -26.37 17.21 31.84
C HIS A 120 -27.90 17.33 31.81
N ASN A 121 -28.55 16.51 32.61
CA ASN A 121 -29.99 16.56 32.87
C ASN A 121 -30.79 16.91 31.61
N GLY A 122 -30.62 16.09 30.59
CA GLY A 122 -31.52 16.05 29.46
C GLY A 122 -31.02 16.74 28.20
N TYR A 123 -29.99 17.56 28.30
CA TYR A 123 -29.47 18.21 27.10
C TYR A 123 -29.09 17.16 26.07
N ASP A 124 -29.55 17.34 24.83
CA ASP A 124 -29.34 16.34 23.79
C ASP A 124 -28.34 16.87 22.77
N PRO A 125 -27.07 16.42 22.81
CA PRO A 125 -26.10 16.97 21.86
C PRO A 125 -26.48 16.75 20.41
N ARG A 126 -27.19 15.66 20.10
CA ARG A 126 -27.55 15.38 18.72
C ARG A 126 -28.49 16.43 18.17
N THR A 127 -29.46 16.87 18.96
CA THR A 127 -30.54 17.73 18.48
C THR A 127 -30.26 19.21 18.72
N MET A 128 -30.10 19.61 19.98
CA MET A 128 -30.06 21.02 20.32
C MET A 128 -28.63 21.56 20.30
N LYS A 129 -28.53 22.88 20.37
CA LYS A 129 -27.26 23.59 20.29
C LYS A 129 -26.97 24.30 21.62
N HIS A 130 -25.72 24.69 21.79
CA HIS A 130 -25.26 25.34 23.00
C HIS A 130 -24.99 26.82 22.73
N THR A 131 -25.37 27.66 23.68
CA THR A 131 -25.21 29.10 23.58
C THR A 131 -24.38 29.61 24.75
N THR A 132 -23.49 30.56 24.48
CA THR A 132 -22.59 31.10 25.48
C THR A 132 -22.66 32.62 25.47
N ASP A 133 -22.78 33.21 26.67
CA ASP A 133 -22.69 34.66 26.81
C ASP A 133 -22.03 34.96 28.14
N LEU A 134 -21.01 35.82 28.11
CA LEU A 134 -20.27 36.22 29.31
C LEU A 134 -20.50 37.72 29.49
N ASP A 135 -21.59 38.06 30.17
CA ASP A 135 -21.96 39.45 30.43
C ASP A 135 -22.30 39.58 31.91
N ALA A 136 -21.40 40.17 32.68
CA ALA A 136 -21.61 40.37 34.09
C ALA A 136 -22.61 41.49 34.39
N SER A 137 -23.20 42.09 33.37
CA SER A 137 -24.20 43.14 33.59
C SER A 137 -25.53 42.56 34.03
N LYS A 138 -25.94 41.42 33.44
CA LYS A 138 -27.26 40.84 33.66
C LYS A 138 -27.28 39.87 34.83
N ILE A 139 -26.36 40.02 35.78
CA ILE A 139 -26.22 39.06 36.88
C ILE A 139 -26.39 39.85 38.17
N ARG A 140 -27.28 40.84 38.14
CA ARG A 140 -27.48 41.74 39.27
C ARG A 140 -27.71 40.97 40.56
N SER A 141 -27.54 41.65 41.69
CA SER A 141 -27.55 41.00 43.00
C SER A 141 -26.28 40.17 43.16
N GLY A 142 -26.42 38.91 43.56
CA GLY A 142 -25.27 38.03 43.67
C GLY A 142 -24.27 38.43 44.73
N TYR A 143 -24.75 38.84 45.91
CA TYR A 143 -23.90 39.10 47.06
C TYR A 143 -24.43 38.24 48.21
N PHE A 144 -23.64 37.26 48.63
CA PHE A 144 -24.07 36.31 49.64
C PHE A 144 -23.93 36.90 51.04
N ASP A 145 -24.33 36.12 52.04
CA ASP A 145 -24.17 36.52 53.43
C ASP A 145 -22.75 36.20 53.88
N GLU A 146 -22.02 37.23 54.29
CA GLU A 146 -20.62 37.04 54.66
C GLU A 146 -20.46 36.11 55.85
N ARG A 147 -21.53 35.87 56.60
CA ARG A 147 -21.49 35.00 57.77
C ARG A 147 -21.69 33.53 57.42
N TYR A 148 -21.84 33.20 56.15
CA TYR A 148 -22.12 31.82 55.74
C TYR A 148 -21.27 31.31 54.60
N VAL A 149 -20.58 32.15 53.84
CA VAL A 149 -19.92 31.76 52.60
C VAL A 149 -18.41 31.67 52.78
N LEU A 150 -17.76 32.79 53.14
CA LEU A 150 -16.33 32.81 53.43
C LEU A 150 -15.46 32.69 52.18
N SER A 151 -16.03 32.46 51.02
CA SER A 151 -15.24 32.36 49.80
C SER A 151 -16.15 32.13 48.60
N SER A 152 -15.74 32.69 47.45
CA SER A 152 -16.47 32.52 46.20
C SER A 152 -15.47 32.39 45.07
N ARG A 153 -15.69 31.39 44.21
CA ARG A 153 -14.78 31.10 43.10
C ARG A 153 -15.58 30.83 41.83
N VAL A 154 -14.98 31.18 40.69
CA VAL A 154 -15.55 30.91 39.38
C VAL A 154 -14.45 30.36 38.50
N ARG A 155 -14.73 29.26 37.81
CA ARG A 155 -13.71 28.53 37.06
C ARG A 155 -14.25 28.15 35.68
N THR A 156 -13.34 28.06 34.72
CA THR A 156 -13.64 27.48 33.41
C THR A 156 -12.39 26.79 32.88
N GLY A 157 -12.57 26.01 31.83
CA GLY A 157 -11.46 25.33 31.18
C GLY A 157 -11.41 25.66 29.70
N ARG A 158 -10.22 25.50 29.11
CA ARG A 158 -10.06 25.76 27.69
C ARG A 158 -8.97 24.83 27.14
N SER A 159 -9.20 24.36 25.92
CA SER A 159 -8.25 23.51 25.22
C SER A 159 -7.80 24.20 23.94
N ILE A 160 -6.54 24.00 23.59
CA ILE A 160 -5.97 24.57 22.38
C ILE A 160 -6.22 23.61 21.23
N ARG A 161 -6.82 24.11 20.16
CA ARG A 161 -7.11 23.26 19.01
C ARG A 161 -5.83 22.79 18.34
N GLY A 162 -5.83 21.55 17.89
CA GLY A 162 -4.68 20.96 17.24
C GLY A 162 -3.73 20.21 18.15
N LEU A 163 -3.95 20.27 19.47
CA LEU A 163 -3.08 19.61 20.43
C LEU A 163 -3.89 18.58 21.21
N SER A 164 -3.29 17.42 21.45
CA SER A 164 -3.98 16.34 22.14
C SER A 164 -4.28 16.75 23.59
N LEU A 165 -5.35 16.20 24.12
CA LEU A 165 -5.77 16.50 25.47
C LEU A 165 -4.88 15.76 26.48
N PRO A 166 -4.91 16.17 27.74
CA PRO A 166 -3.97 15.65 28.73
C PRO A 166 -3.95 14.13 28.78
N PRO A 167 -5.10 13.47 28.64
CA PRO A 167 -5.08 12.00 28.65
C PRO A 167 -4.18 11.40 27.58
N ALA A 168 -4.06 12.04 26.42
CA ALA A 168 -3.31 11.49 25.31
C ALA A 168 -2.09 12.30 24.91
N CYS A 169 -1.92 13.51 25.43
CA CYS A 169 -0.85 14.38 24.96
C CYS A 169 0.52 13.79 25.29
N THR A 170 1.45 13.93 24.36
CA THR A 170 2.84 13.56 24.58
C THR A 170 3.57 14.70 25.26
N ARG A 171 4.86 14.48 25.57
CA ARG A 171 5.64 15.52 26.22
C ARG A 171 5.76 16.76 25.34
N ALA A 172 6.01 16.55 24.05
CA ALA A 172 6.15 17.69 23.15
C ALA A 172 4.86 18.50 23.08
N GLU A 173 3.72 17.83 23.00
CA GLU A 173 2.45 18.55 22.94
C GLU A 173 2.19 19.32 24.23
N ARG A 174 2.49 18.71 25.38
CA ARG A 174 2.29 19.41 26.65
C ARG A 174 3.18 20.64 26.73
N ARG A 175 4.44 20.51 26.31
CA ARG A 175 5.34 21.66 26.33
C ARG A 175 4.87 22.74 25.36
N GLU A 176 4.32 22.33 24.21
CA GLU A 176 3.77 23.31 23.27
C GLU A 176 2.60 24.07 23.88
N VAL A 177 1.71 23.36 24.57
CA VAL A 177 0.60 24.02 25.25
C VAL A 177 1.13 25.02 26.26
N GLU A 178 2.13 24.61 27.05
CA GLU A 178 2.67 25.50 28.06
C GLU A 178 3.27 26.76 27.43
N ARG A 179 4.03 26.59 26.35
N ARG A 179 4.04 26.58 26.35
CA ARG A 179 4.64 27.74 25.70
CA ARG A 179 4.65 27.72 25.67
C ARG A 179 3.58 28.68 25.14
C ARG A 179 3.58 28.67 25.14
N VAL A 180 2.57 28.14 24.47
CA VAL A 180 1.53 28.98 23.88
C VAL A 180 0.84 29.78 24.97
N VAL A 181 0.46 29.10 26.06
CA VAL A 181 -0.28 29.79 27.11
C VAL A 181 0.59 30.84 27.78
N VAL A 182 1.85 30.51 28.07
CA VAL A 182 2.71 31.47 28.77
C VAL A 182 2.97 32.68 27.89
N ASP A 183 3.28 32.47 26.61
CA ASP A 183 3.51 33.61 25.72
C ASP A 183 2.27 34.49 25.62
N ALA A 184 1.09 33.87 25.49
CA ALA A 184 -0.13 34.66 25.42
C ALA A 184 -0.36 35.44 26.70
N LEU A 185 -0.17 34.79 27.85
CA LEU A 185 -0.45 35.43 29.13
C LEU A 185 0.56 36.50 29.48
N SER A 186 1.74 36.48 28.85
CA SER A 186 2.70 37.55 29.10
C SER A 186 2.14 38.91 28.73
N GLY A 187 1.11 38.97 27.89
CA GLY A 187 0.53 40.23 27.46
C GLY A 187 -0.49 40.83 28.38
N LEU A 188 -0.91 40.13 29.43
CA LEU A 188 -1.87 40.70 30.36
C LEU A 188 -1.28 41.92 31.05
N LYS A 189 -2.07 42.98 31.15
CA LYS A 189 -1.62 44.25 31.68
C LYS A 189 -2.61 44.76 32.71
N GLY A 190 -2.14 45.68 33.54
CA GLY A 190 -2.98 46.30 34.54
C GLY A 190 -3.22 45.42 35.74
N ASP A 191 -4.48 45.39 36.21
CA ASP A 191 -4.80 44.58 37.38
C ASP A 191 -4.52 43.11 37.12
N LEU A 192 -4.78 42.63 35.91
CA LEU A 192 -4.58 41.23 35.59
C LEU A 192 -3.11 40.85 35.43
N ALA A 193 -2.20 41.82 35.41
CA ALA A 193 -0.79 41.51 35.21
C ALA A 193 -0.31 40.54 36.29
N GLY A 194 0.43 39.52 35.87
CA GLY A 194 0.87 38.50 36.80
C GLY A 194 2.13 37.78 36.36
N ARG A 195 2.40 36.63 36.96
CA ARG A 195 3.59 35.86 36.65
C ARG A 195 3.24 34.37 36.54
N TYR A 196 4.09 33.66 35.81
CA TYR A 196 4.01 32.22 35.66
C TYR A 196 4.99 31.55 36.61
N TYR A 197 4.53 30.51 37.31
CA TYR A 197 5.35 29.73 38.20
C TYR A 197 5.32 28.28 37.73
N ARG A 198 6.48 27.75 37.37
CA ARG A 198 6.59 26.38 36.89
C ARG A 198 6.59 25.44 38.08
N LEU A 199 5.78 24.38 37.99
CA LEU A 199 5.66 23.45 39.10
C LEU A 199 6.99 22.80 39.42
N SER A 200 7.76 22.45 38.39
CA SER A 200 9.04 21.80 38.59
C SER A 200 10.08 22.70 39.25
N GLU A 201 9.81 24.01 39.34
CA GLU A 201 10.78 24.96 39.87
C GLU A 201 10.36 25.57 41.20
N MET A 202 9.32 25.05 41.84
CA MET A 202 8.86 25.55 43.13
C MET A 202 9.08 24.49 44.20
N THR A 203 9.58 24.92 45.36
CA THR A 203 9.89 23.99 46.42
C THR A 203 8.62 23.38 47.00
N GLU A 204 8.78 22.23 47.65
CA GLU A 204 7.63 21.50 48.18
C GLU A 204 6.85 22.37 49.16
N ALA A 205 7.54 23.19 49.95
CA ALA A 205 6.83 24.05 50.90
C ALA A 205 5.93 25.05 50.18
N GLU A 206 6.43 25.66 49.10
CA GLU A 206 5.62 26.61 48.36
C GLU A 206 4.40 25.93 47.74
N GLN A 207 4.59 24.75 47.16
CA GLN A 207 3.46 24.04 46.57
C GLN A 207 2.43 23.68 47.63
N GLN A 208 2.89 23.20 48.79
CA GLN A 208 1.95 22.86 49.85
C GLN A 208 1.21 24.09 50.34
N GLN A 209 1.89 25.22 50.48
CA GLN A 209 1.23 26.44 50.91
C GLN A 209 0.18 26.89 49.90
N LEU A 210 0.52 26.81 48.61
CA LEU A 210 -0.44 27.19 47.58
C LEU A 210 -1.65 26.27 47.58
N ILE A 211 -1.43 24.96 47.72
CA ILE A 211 -2.54 24.02 47.73
C ILE A 211 -3.44 24.25 48.95
N ASP A 212 -2.83 24.41 50.13
CA ASP A 212 -3.61 24.59 51.34
C ASP A 212 -4.39 25.90 51.32
N ASP A 213 -3.98 26.86 50.52
CA ASP A 213 -4.69 28.12 50.36
C ASP A 213 -5.78 28.05 49.30
N HIS A 214 -5.98 26.89 48.69
CA HIS A 214 -7.02 26.65 47.70
C HIS A 214 -6.69 27.28 46.35
N PHE A 215 -5.44 27.65 46.12
CA PHE A 215 -5.03 28.26 44.86
C PHE A 215 -4.52 27.24 43.85
N LEU A 216 -3.47 26.49 44.22
CA LEU A 216 -2.84 25.55 43.31
C LEU A 216 -3.61 24.23 43.29
N PHE A 217 -3.52 23.53 42.17
CA PHE A 217 -4.15 22.23 42.06
C PHE A 217 -3.40 21.21 42.92
N ASP A 218 -4.14 20.20 43.40
CA ASP A 218 -3.56 19.22 44.29
C ASP A 218 -2.57 18.33 43.56
N LYS A 219 -1.84 17.53 44.33
CA LYS A 219 -0.89 16.60 43.75
C LYS A 219 -1.65 15.54 42.95
N PRO A 220 -0.98 14.90 42.00
CA PRO A 220 -1.68 13.98 41.09
C PRO A 220 -2.08 12.68 41.77
N VAL A 221 -3.09 12.73 42.63
CA VAL A 221 -3.59 11.55 43.34
C VAL A 221 -5.05 11.25 43.04
N SER A 222 -5.71 12.08 42.24
CA SER A 222 -7.11 11.83 41.94
C SER A 222 -7.25 10.50 41.19
N PRO A 223 -8.22 9.66 41.56
CA PRO A 223 -8.38 8.39 40.81
C PRO A 223 -8.60 8.60 39.34
N LEU A 224 -9.40 9.61 38.96
CA LEU A 224 -9.61 9.89 37.55
C LEU A 224 -8.32 10.30 36.87
N LEU A 225 -7.57 11.20 37.50
CA LEU A 225 -6.34 11.69 36.89
C LEU A 225 -5.35 10.56 36.64
N THR A 226 -5.19 9.68 37.62
CA THR A 226 -4.23 8.59 37.48
C THR A 226 -4.72 7.54 36.48
N ALA A 227 -5.99 7.12 36.61
CA ALA A 227 -6.49 6.05 35.77
C ALA A 227 -6.61 6.48 34.30
N ALA A 228 -6.89 7.76 34.06
CA ALA A 228 -7.01 8.25 32.69
C ALA A 228 -5.68 8.53 32.03
N GLY A 229 -4.60 8.57 32.79
CA GLY A 229 -3.29 8.86 32.23
C GLY A 229 -2.93 10.32 32.17
N MET A 230 -3.58 11.17 32.96
CA MET A 230 -3.27 12.60 32.94
C MET A 230 -2.11 12.97 33.85
N ALA A 231 -1.56 12.02 34.60
CA ALA A 231 -0.46 12.29 35.51
C ALA A 231 0.90 11.88 34.94
N ARG A 232 0.96 11.56 33.65
CA ARG A 232 2.21 11.14 33.05
C ARG A 232 3.21 12.30 33.03
N ASP A 233 4.46 12.00 33.34
CA ASP A 233 5.57 12.95 33.28
C ASP A 233 5.44 14.07 34.30
N TRP A 234 4.67 13.86 35.35
CA TRP A 234 4.51 14.89 36.36
C TRP A 234 5.87 15.20 37.00
N PRO A 235 6.16 16.47 37.32
CA PRO A 235 5.39 17.69 37.11
C PRO A 235 5.81 18.44 35.85
N ASP A 236 6.31 17.74 34.84
CA ASP A 236 6.84 18.40 33.67
C ASP A 236 5.75 19.19 32.96
N ALA A 237 6.02 20.45 32.66
CA ALA A 237 5.20 21.32 31.84
C ALA A 237 3.89 21.74 32.50
N ARG A 238 3.71 21.47 33.79
CA ARG A 238 2.57 21.97 34.53
C ARG A 238 2.96 23.23 35.27
N GLY A 239 2.00 24.13 35.44
CA GLY A 239 2.34 25.36 36.14
C GLY A 239 1.11 26.13 36.54
N ILE A 240 1.35 27.25 37.21
CA ILE A 240 0.27 28.16 37.63
C ILE A 240 0.69 29.58 37.32
N TRP A 241 -0.15 30.29 36.58
CA TRP A 241 0.06 31.70 36.27
C TRP A 241 -0.96 32.50 37.06
N HIS A 242 -0.49 33.34 37.97
CA HIS A 242 -1.42 34.10 38.80
C HIS A 242 -1.00 35.56 38.89
N ASN A 243 -2.00 36.42 39.10
CA ASN A 243 -1.77 37.85 39.26
C ASN A 243 -1.23 38.14 40.66
N ASN A 244 -0.76 39.38 40.85
CA ASN A 244 -0.11 39.72 42.11
C ASN A 244 -1.06 39.58 43.28
N GLU A 245 -2.28 40.08 43.13
CA GLU A 245 -3.28 39.90 44.18
C GLU A 245 -3.74 38.45 44.32
N LYS A 246 -3.38 37.60 43.36
CA LYS A 246 -3.77 36.19 43.36
C LYS A 246 -5.28 36.00 43.29
N SER A 247 -5.98 36.99 42.76
CA SER A 247 -7.41 36.87 42.51
C SER A 247 -7.71 36.30 41.13
N PHE A 248 -6.74 36.28 40.23
CA PHE A 248 -6.88 35.70 38.90
C PHE A 248 -5.78 34.69 38.71
N LEU A 249 -6.15 33.45 38.39
CA LEU A 249 -5.22 32.34 38.29
C LEU A 249 -5.51 31.54 37.03
N ILE A 250 -4.49 30.82 36.58
CA ILE A 250 -4.59 29.97 35.41
C ILE A 250 -3.72 28.74 35.62
N TRP A 251 -4.37 27.58 35.74
CA TRP A 251 -3.65 26.32 35.84
C TRP A 251 -3.31 25.84 34.44
N VAL A 252 -2.04 25.47 34.23
CA VAL A 252 -1.54 25.01 32.95
C VAL A 252 -1.23 23.53 33.07
N ASN A 253 -1.99 22.72 32.34
CA ASN A 253 -1.73 21.30 32.11
C ASN A 253 -2.00 20.41 33.31
N GLU A 254 -2.96 20.77 34.17
CA GLU A 254 -3.32 19.86 35.26
C GLU A 254 -4.30 18.78 34.79
N GLU A 255 -5.51 19.19 34.41
CA GLU A 255 -6.51 18.27 33.87
C GLU A 255 -7.06 18.73 32.53
N ASP A 256 -7.01 20.02 32.23
CA ASP A 256 -7.25 20.56 30.91
C ASP A 256 -6.01 21.33 30.49
N HIS A 257 -5.97 21.74 29.23
CA HIS A 257 -4.85 22.55 28.77
C HIS A 257 -4.72 23.82 29.59
N THR A 258 -5.84 24.49 29.84
CA THR A 258 -5.86 25.67 30.69
C THR A 258 -7.11 25.65 31.56
N ARG A 259 -6.98 26.13 32.79
CA ARG A 259 -8.12 26.35 33.68
C ARG A 259 -8.03 27.78 34.21
N VAL A 260 -8.98 28.61 33.83
CA VAL A 260 -9.02 30.01 34.23
C VAL A 260 -9.90 30.14 35.47
N ILE A 261 -9.37 30.75 36.52
CA ILE A 261 -10.01 30.79 37.82
C ILE A 261 -10.00 32.23 38.34
N SER A 262 -11.10 32.62 38.98
CA SER A 262 -11.21 33.89 39.68
C SER A 262 -11.72 33.61 41.08
N MET A 263 -10.94 34.00 42.10
CA MET A 263 -11.24 33.68 43.48
C MET A 263 -11.42 34.96 44.29
N GLU A 264 -12.16 34.87 45.38
CA GLU A 264 -12.25 35.97 46.33
C GLU A 264 -12.70 35.43 47.68
N LYS A 265 -11.96 35.79 48.73
CA LYS A 265 -12.30 35.35 50.08
C LYS A 265 -13.46 36.19 50.59
N GLY A 266 -14.65 35.86 50.11
CA GLY A 266 -15.84 36.56 50.52
C GLY A 266 -17.06 36.04 49.80
N GLY A 267 -18.16 36.78 49.91
CA GLY A 267 -19.41 36.37 49.30
C GLY A 267 -19.85 37.28 48.18
N ASN A 268 -18.92 38.01 47.57
CA ASN A 268 -19.23 38.96 46.50
C ASN A 268 -19.01 38.25 45.17
N MET A 269 -19.98 37.42 44.80
CA MET A 269 -19.89 36.69 43.53
C MET A 269 -19.95 37.63 42.34
N LYS A 270 -20.59 38.79 42.49
CA LYS A 270 -20.70 39.72 41.37
C LYS A 270 -19.33 40.18 40.90
N ARG A 271 -18.50 40.67 41.83
CA ARG A 271 -17.17 41.12 41.46
C ARG A 271 -16.32 39.99 40.91
N VAL A 272 -16.41 38.81 41.54
CA VAL A 272 -15.63 37.66 41.08
C VAL A 272 -15.98 37.35 39.64
N PHE A 273 -17.28 37.32 39.32
CA PHE A 273 -17.70 36.98 37.97
C PHE A 273 -17.32 38.06 36.98
N GLU A 274 -17.40 39.33 37.37
CA GLU A 274 -16.99 40.41 36.47
C GLU A 274 -15.51 40.28 36.12
N ARG A 275 -14.67 40.11 37.14
CA ARG A 275 -13.25 39.94 36.89
C ARG A 275 -12.99 38.71 36.04
N PHE A 276 -13.70 37.62 36.32
CA PHE A 276 -13.53 36.40 35.55
C PHE A 276 -13.85 36.64 34.08
N CYS A 277 -14.96 37.33 33.81
CA CYS A 277 -15.36 37.56 32.42
C CYS A 277 -14.33 38.40 31.69
N ARG A 278 -13.91 39.51 32.29
CA ARG A 278 -12.96 40.37 31.59
C ARG A 278 -11.62 39.66 31.39
N GLY A 279 -11.13 38.97 32.41
CA GLY A 279 -9.88 38.25 32.27
C GLY A 279 -9.94 37.16 31.23
N LEU A 280 -11.05 36.42 31.20
CA LEU A 280 -11.21 35.39 30.18
C LEU A 280 -11.23 35.98 28.78
N LYS A 281 -11.94 37.09 28.60
CA LYS A 281 -11.97 37.73 27.29
C LYS A 281 -10.56 38.14 26.86
N GLU A 282 -9.80 38.74 27.78
CA GLU A 282 -8.45 39.16 27.44
C GLU A 282 -7.57 37.96 27.10
N VAL A 283 -7.68 36.88 27.88
CA VAL A 283 -6.86 35.70 27.62
C VAL A 283 -7.19 35.11 26.26
N GLU A 284 -8.48 35.02 25.93
CA GLU A 284 -8.87 34.50 24.63
C GLU A 284 -8.32 35.37 23.50
N ARG A 285 -8.41 36.69 23.66
CA ARG A 285 -7.89 37.59 22.62
C ARG A 285 -6.40 37.38 22.43
N LEU A 286 -5.64 37.31 23.53
CA LEU A 286 -4.20 37.18 23.41
C LEU A 286 -3.83 35.82 22.81
N ILE A 287 -4.54 34.76 23.19
CA ILE A 287 -4.24 33.46 22.61
C ILE A 287 -4.51 33.46 21.11
N GLN A 288 -5.65 34.03 20.71
CA GLN A 288 -5.99 34.06 19.29
C GLN A 288 -5.07 34.97 18.49
N GLU A 289 -4.44 35.95 19.13
CA GLU A 289 -3.54 36.84 18.41
C GLU A 289 -2.39 36.07 17.75
N ARG A 290 -1.94 34.98 18.37
CA ARG A 290 -0.78 34.25 17.89
C ARG A 290 -1.12 33.16 16.89
N GLY A 291 -2.39 33.03 16.49
CA GLY A 291 -2.78 32.03 15.52
C GLY A 291 -3.30 30.74 16.10
N TRP A 292 -3.57 30.69 17.40
CA TRP A 292 -4.12 29.52 18.05
C TRP A 292 -5.59 29.77 18.37
N GLU A 293 -6.41 28.74 18.21
CA GLU A 293 -7.83 28.83 18.49
C GLU A 293 -8.25 27.72 19.45
N PHE A 294 -9.30 27.99 20.21
CA PHE A 294 -9.78 27.06 21.21
C PHE A 294 -10.67 25.99 20.59
N MET A 295 -10.58 24.79 21.12
CA MET A 295 -11.49 23.73 20.73
C MET A 295 -12.92 24.15 21.05
N TRP A 296 -13.79 24.08 20.05
CA TRP A 296 -15.15 24.58 20.23
C TRP A 296 -16.00 24.14 19.06
N ASN A 297 -17.23 23.70 19.35
CA ASN A 297 -18.24 23.50 18.33
C ASN A 297 -19.60 23.79 18.94
N GLU A 298 -20.50 24.40 18.15
CA GLU A 298 -21.77 24.87 18.68
C GLU A 298 -22.62 23.73 19.22
N ARG A 299 -22.38 22.49 18.82
CA ARG A 299 -23.15 21.37 19.33
C ARG A 299 -22.80 21.08 20.78
N LEU A 300 -21.51 21.11 21.12
CA LEU A 300 -21.04 20.77 22.45
C LEU A 300 -20.48 21.96 23.23
N GLY A 301 -20.22 23.08 22.58
CA GLY A 301 -19.60 24.19 23.27
C GLY A 301 -18.10 24.04 23.29
N TYR A 302 -17.49 24.23 24.45
CA TYR A 302 -16.05 24.14 24.60
C TYR A 302 -15.65 22.72 24.96
N ILE A 303 -14.75 22.14 24.17
CA ILE A 303 -14.37 20.75 24.34
C ILE A 303 -13.34 20.64 25.44
N LEU A 304 -13.59 19.72 26.39
CA LEU A 304 -12.67 19.46 27.49
C LEU A 304 -12.59 17.95 27.70
N THR A 305 -11.65 17.54 28.55
CA THR A 305 -11.37 16.11 28.70
C THR A 305 -12.57 15.36 29.26
N CYS A 306 -13.10 15.82 30.38
CA CYS A 306 -14.21 15.12 31.01
C CYS A 306 -15.53 15.55 30.39
N PRO A 307 -16.38 14.62 29.96
CA PRO A 307 -17.67 15.03 29.40
C PRO A 307 -18.52 15.83 30.37
N SER A 308 -18.20 15.81 31.66
CA SER A 308 -18.96 16.61 32.62
C SER A 308 -18.62 18.09 32.55
N ASN A 309 -17.55 18.47 31.84
CA ASN A 309 -17.12 19.85 31.75
C ASN A 309 -17.44 20.47 30.39
N LEU A 310 -18.20 19.78 29.54
CA LEU A 310 -18.49 20.31 28.22
C LEU A 310 -19.35 21.57 28.33
N GLY A 311 -19.59 22.19 27.17
CA GLY A 311 -20.39 23.38 27.12
C GLY A 311 -19.65 24.62 27.57
N THR A 312 -20.13 25.25 28.65
CA THR A 312 -19.42 26.39 29.20
C THR A 312 -18.17 25.96 29.95
N GLY A 313 -18.15 24.74 30.48
CA GLY A 313 -17.07 24.33 31.34
C GLY A 313 -16.98 25.13 32.62
N LEU A 314 -18.04 25.87 32.96
CA LEU A 314 -18.00 26.82 34.05
C LEU A 314 -18.47 26.17 35.34
N ARG A 315 -17.71 26.39 36.41
CA ARG A 315 -18.08 25.95 37.75
C ARG A 315 -17.96 27.17 38.66
N ALA A 316 -19.11 27.70 39.09
CA ALA A 316 -19.17 28.79 40.03
C ALA A 316 -19.64 28.24 41.36
N GLY A 317 -18.85 28.44 42.42
CA GLY A 317 -19.16 27.85 43.71
C GLY A 317 -18.71 28.74 44.85
N VAL A 318 -19.09 28.33 46.05
CA VAL A 318 -18.74 29.03 47.27
C VAL A 318 -18.48 28.01 48.36
N HIS A 319 -17.45 28.23 49.15
CA HIS A 319 -17.36 27.55 50.43
C HIS A 319 -18.50 28.04 51.32
N ILE A 320 -18.90 27.21 52.26
CA ILE A 320 -20.10 27.47 53.06
C ILE A 320 -19.78 27.32 54.54
N LYS A 321 -20.60 27.97 55.36
CA LYS A 321 -20.29 28.11 56.78
C LYS A 321 -20.20 26.76 57.46
N LEU A 322 -19.24 26.66 58.40
CA LEU A 322 -19.12 25.43 59.19
C LEU A 322 -20.23 25.33 60.22
N PRO A 323 -20.36 26.25 61.17
CA PRO A 323 -21.46 26.16 62.15
C PRO A 323 -22.75 26.73 61.60
N LEU A 324 -23.69 25.84 61.27
CA LEU A 324 -24.99 26.19 60.69
C LEU A 324 -25.39 25.13 59.69
N LEU A 325 -24.71 25.09 58.56
CA LEU A 325 -25.00 24.09 57.53
C LEU A 325 -24.66 22.68 57.99
N SER A 326 -23.96 22.53 59.11
CA SER A 326 -23.89 21.24 59.78
C SER A 326 -25.22 20.78 60.33
N LYS A 327 -26.22 21.68 60.37
CA LYS A 327 -27.53 21.37 60.91
C LYS A 327 -28.49 20.81 59.87
N ASP A 328 -28.03 20.55 58.65
CA ASP A 328 -28.88 20.02 57.60
C ASP A 328 -28.90 18.49 57.64
N SER A 329 -30.05 17.91 57.33
CA SER A 329 -30.28 16.47 57.43
C SER A 329 -30.69 15.82 56.12
N ARG A 330 -31.57 16.46 55.35
CA ARG A 330 -32.02 15.95 54.06
C ARG A 330 -31.27 16.62 52.91
N PHE A 331 -29.99 16.91 53.11
CA PHE A 331 -29.23 17.70 52.15
C PHE A 331 -29.25 17.12 50.74
N PRO A 332 -28.95 15.84 50.51
CA PRO A 332 -28.75 15.38 49.13
C PRO A 332 -29.95 15.61 48.23
N LYS A 333 -31.18 15.42 48.73
CA LYS A 333 -32.35 15.65 47.90
C LYS A 333 -32.46 17.12 47.51
N ILE A 334 -32.23 18.02 48.47
CA ILE A 334 -32.30 19.45 48.16
C ILE A 334 -31.24 19.83 47.14
N LEU A 335 -30.01 19.32 47.31
CA LEU A 335 -28.96 19.63 46.37
C LEU A 335 -29.29 19.12 44.97
N GLU A 336 -29.79 17.89 44.87
CA GLU A 336 -30.13 17.34 43.56
C GLU A 336 -31.25 18.13 42.91
N ASN A 337 -32.26 18.53 43.68
CA ASN A 337 -33.37 19.29 43.12
C ASN A 337 -32.92 20.66 42.66
N LEU A 338 -31.93 21.25 43.32
CA LEU A 338 -31.38 22.53 42.92
C LEU A 338 -30.30 22.40 41.87
N ARG A 339 -29.97 21.17 41.46
CA ARG A 339 -28.92 20.92 40.48
C ARG A 339 -27.58 21.46 40.96
N LEU A 340 -27.34 21.37 42.26
CA LEU A 340 -26.09 21.79 42.89
C LEU A 340 -25.32 20.56 43.33
N GLN A 341 -24.01 20.57 43.09
CA GLN A 341 -23.12 19.51 43.53
C GLN A 341 -22.34 19.97 44.75
N LYS A 342 -22.23 19.08 45.73
CA LYS A 342 -21.53 19.36 46.98
C LYS A 342 -20.28 18.51 47.05
N ARG A 343 -19.13 19.16 47.17
CA ARG A 343 -17.85 18.50 47.39
C ARG A 343 -17.29 18.94 48.73
N GLY A 344 -16.30 18.19 49.20
CA GLY A 344 -15.62 18.55 50.42
C GLY A 344 -14.72 19.75 50.19
N THR A 345 -14.35 20.39 51.30
CA THR A 345 -13.42 21.49 51.23
C THR A 345 -12.07 20.97 50.76
N GLY A 346 -11.28 21.82 50.11
CA GLY A 346 -9.99 21.39 49.61
C GLY A 346 -10.07 20.30 48.55
N GLY A 347 -11.02 20.42 47.64
CA GLY A 347 -11.06 19.54 46.48
C GLY A 347 -12.23 18.59 46.43
N VAL A 348 -12.38 17.93 45.28
CA VAL A 348 -13.47 16.97 45.11
C VAL A 348 -13.13 15.63 45.75
N ASP A 349 -11.85 15.30 45.84
CA ASP A 349 -11.43 14.01 46.38
C ASP A 349 -11.40 14.01 47.91
N THR A 350 -11.66 15.14 48.56
CA THR A 350 -11.63 15.23 50.00
C THR A 350 -13.05 15.22 50.56
N ALA A 351 -13.15 15.12 51.89
CA ALA A 351 -14.41 15.06 52.59
C ALA A 351 -14.60 16.34 53.40
N ALA A 352 -15.85 16.81 53.45
CA ALA A 352 -16.16 18.02 54.19
C ALA A 352 -15.82 17.84 55.67
N THR A 353 -15.14 18.84 56.24
CA THR A 353 -14.73 18.82 57.64
C THR A 353 -15.23 20.08 58.32
N GLY A 354 -15.86 19.91 59.48
CA GLY A 354 -16.35 21.03 60.25
C GLY A 354 -17.64 21.64 59.76
N GLY A 355 -18.24 21.08 58.72
CA GLY A 355 -19.46 21.63 58.15
C GLY A 355 -19.26 22.56 56.99
N VAL A 356 -18.04 22.70 56.48
CA VAL A 356 -17.75 23.56 55.33
C VAL A 356 -17.84 22.71 54.07
N PHE A 357 -18.61 23.19 53.10
CA PHE A 357 -18.88 22.47 51.86
C PHE A 357 -18.59 23.37 50.67
N ASP A 358 -18.14 22.75 49.58
CA ASP A 358 -17.95 23.43 48.30
C ASP A 358 -19.17 23.11 47.46
N ILE A 359 -20.09 24.07 47.35
CA ILE A 359 -21.34 23.87 46.63
C ILE A 359 -21.28 24.66 45.34
N SER A 360 -21.46 23.97 44.21
CA SER A 360 -21.34 24.58 42.90
C SER A 360 -22.49 24.09 42.02
N ASN A 361 -22.57 24.60 40.80
CA ASN A 361 -23.54 24.09 39.85
C ASN A 361 -23.13 22.72 39.35
N LEU A 362 -24.13 21.91 39.00
CA LEU A 362 -23.89 20.54 38.58
C LEU A 362 -23.75 20.42 37.07
N ASP A 363 -24.61 21.11 36.31
CA ASP A 363 -24.61 21.02 34.86
C ASP A 363 -23.92 22.24 34.26
N ARG A 364 -23.18 22.01 33.17
CA ARG A 364 -22.43 23.06 32.51
C ARG A 364 -22.74 23.21 31.03
N LEU A 365 -23.49 22.30 30.45
CA LEU A 365 -23.81 22.32 29.02
C LEU A 365 -25.30 22.53 28.84
N GLY A 366 -25.65 23.38 27.88
CA GLY A 366 -27.03 23.74 27.61
C GLY A 366 -27.47 25.04 28.24
N LYS A 367 -26.75 25.54 29.23
CA LYS A 367 -27.02 26.82 29.86
C LYS A 367 -25.84 27.74 29.64
N SER A 368 -26.11 29.04 29.61
CA SER A 368 -25.07 30.03 29.44
C SER A 368 -24.42 30.36 30.78
N GLU A 369 -23.26 31.01 30.72
CA GLU A 369 -22.52 31.28 31.95
C GLU A 369 -23.31 32.16 32.89
N VAL A 370 -23.96 33.20 32.37
CA VAL A 370 -24.77 34.06 33.22
C VAL A 370 -25.88 33.26 33.88
N GLU A 371 -26.54 32.40 33.11
CA GLU A 371 -27.61 31.57 33.67
C GLU A 371 -27.08 30.67 34.76
N LEU A 372 -25.92 30.05 34.54
CA LEU A 372 -25.36 29.15 35.54
C LEU A 372 -25.01 29.90 36.82
N VAL A 373 -24.41 31.09 36.69
CA VAL A 373 -24.04 31.84 37.89
C VAL A 373 -25.29 32.28 38.65
N GLN A 374 -26.32 32.73 37.93
CA GLN A 374 -27.56 33.10 38.59
C GLN A 374 -28.19 31.90 39.27
N LEU A 375 -28.15 30.73 38.63
CA LEU A 375 -28.68 29.52 39.25
C LEU A 375 -27.93 29.19 40.53
N VAL A 376 -26.60 29.31 40.52
CA VAL A 376 -25.82 29.04 41.72
C VAL A 376 -26.19 30.02 42.82
N ILE A 377 -26.34 31.29 42.47
CA ILE A 377 -26.70 32.29 43.48
C ILE A 377 -28.07 31.97 44.08
N ASP A 378 -29.03 31.63 43.23
CA ASP A 378 -30.37 31.32 43.73
C ASP A 378 -30.34 30.09 44.63
N GLY A 379 -29.62 29.05 44.23
CA GLY A 379 -29.55 27.86 45.05
C GLY A 379 -28.88 28.10 46.38
N VAL A 380 -27.79 28.87 46.38
CA VAL A 380 -27.11 29.16 47.64
C VAL A 380 -27.97 30.01 48.55
N ASN A 381 -28.70 30.98 47.97
CA ASN A 381 -29.61 31.78 48.78
C ASN A 381 -30.73 30.92 49.35
N TYR A 382 -31.23 29.95 48.57
CA TYR A 382 -32.23 29.04 49.08
C TYR A 382 -31.67 28.21 50.23
N LEU A 383 -30.43 27.76 50.10
CA LEU A 383 -29.80 27.01 51.19
C LEU A 383 -29.66 27.87 52.44
N ILE A 384 -29.27 29.14 52.27
CA ILE A 384 -29.16 30.05 53.40
C ILE A 384 -30.51 30.22 54.08
N ASP A 385 -31.56 30.42 53.28
CA ASP A 385 -32.90 30.56 53.84
C ASP A 385 -33.30 29.29 54.59
N CYS A 386 -32.97 28.12 54.03
CA CYS A 386 -33.28 26.86 54.69
C CYS A 386 -32.49 26.65 55.97
N GLU A 387 -31.46 27.45 56.21
CA GLU A 387 -30.74 27.39 57.48
C GLU A 387 -31.59 28.03 58.57
N ARG A 388 -32.65 27.34 58.98
CA ARG A 388 -33.59 27.85 59.97
C ARG A 388 -33.23 27.27 61.33
N ARG A 389 -32.26 27.92 61.98
CA ARG A 389 -31.95 27.60 63.37
C ARG A 389 -33.02 28.10 64.33
N LEU A 390 -33.95 28.93 63.85
CA LEU A 390 -35.03 29.45 64.67
C LEU A 390 -36.40 28.88 64.31
N GLU A 391 -36.55 28.32 63.12
CA GLU A 391 -37.80 27.70 62.67
C GLU A 391 -37.53 26.22 62.39
N ARG A 392 -38.53 25.56 61.81
CA ARG A 392 -38.40 24.15 61.44
C ARG A 392 -39.12 23.92 60.12
N GLY A 393 -38.69 22.87 59.42
CA GLY A 393 -39.30 22.49 58.17
C GLY A 393 -38.53 22.92 56.94
N GLN A 394 -38.20 21.96 56.08
CA GLN A 394 -37.51 22.22 54.83
C GLN A 394 -38.46 21.97 53.67
N ASP A 395 -38.54 22.93 52.75
CA ASP A 395 -39.49 22.84 51.65
C ASP A 395 -38.98 22.01 50.47
N ILE A 396 -37.69 21.68 50.43
CA ILE A 396 -37.12 20.92 49.32
C ILE A 396 -37.30 21.74 48.05
N ARG A 397 -38.54 21.92 47.62
CA ARG A 397 -38.89 22.86 46.55
C ARG A 397 -38.16 22.51 45.24
N ILE A 398 -38.53 21.35 44.69
CA ILE A 398 -38.07 20.98 43.35
C ILE A 398 -38.42 22.11 42.39
N SER B 31 -2.69 6.15 -15.03
CA SER B 31 -2.16 4.85 -15.45
C SER B 31 -0.65 4.78 -15.22
N GLU B 32 -0.16 3.56 -15.02
CA GLU B 32 1.28 3.35 -14.86
C GLU B 32 2.02 3.31 -16.19
N ARG B 33 1.29 3.30 -17.30
CA ARG B 33 1.93 3.30 -18.62
C ARG B 33 2.39 4.68 -19.05
N ARG B 34 2.03 5.74 -18.33
CA ARG B 34 2.48 7.08 -18.66
C ARG B 34 3.98 7.20 -18.38
N ARG B 35 4.65 7.98 -19.22
CA ARG B 35 6.10 8.12 -19.14
C ARG B 35 6.48 9.41 -18.45
N LEU B 36 7.60 9.37 -17.74
CA LEU B 36 8.16 10.54 -17.08
C LEU B 36 9.15 11.24 -17.99
N TYR B 37 9.35 12.52 -17.73
CA TYR B 37 10.40 13.25 -18.42
C TYR B 37 11.74 12.58 -18.13
N PRO B 38 12.52 12.21 -19.14
CA PRO B 38 13.82 11.61 -18.87
C PRO B 38 14.70 12.57 -18.12
N PRO B 39 15.60 12.06 -17.27
CA PRO B 39 16.41 12.97 -16.44
C PRO B 39 17.16 14.01 -17.25
N SER B 40 17.69 13.64 -18.42
CA SER B 40 18.43 14.62 -19.21
C SER B 40 17.56 15.78 -19.65
N ALA B 41 16.24 15.59 -19.70
CA ALA B 41 15.36 16.70 -20.03
C ALA B 41 15.38 17.77 -18.96
N GLU B 42 15.62 17.38 -17.71
CA GLU B 42 15.70 18.31 -16.59
C GLU B 42 17.11 18.81 -16.34
N TYR B 43 18.10 18.30 -17.06
CA TYR B 43 19.48 18.66 -16.77
C TYR B 43 19.69 20.15 -16.93
N PRO B 44 20.32 20.83 -15.98
CA PRO B 44 20.50 22.28 -16.09
C PRO B 44 21.44 22.66 -17.21
N ASP B 45 21.28 23.89 -17.68
CA ASP B 45 22.14 24.45 -18.73
C ASP B 45 23.24 25.25 -18.05
N LEU B 46 24.42 24.65 -17.92
CA LEU B 46 25.55 25.23 -17.20
C LEU B 46 26.69 25.60 -18.14
N ARG B 47 26.38 25.98 -19.38
CA ARG B 47 27.42 26.23 -20.36
C ARG B 47 28.20 27.51 -20.08
N LYS B 48 27.76 28.34 -19.14
CA LYS B 48 28.46 29.58 -18.81
C LYS B 48 28.65 29.76 -17.31
N HIS B 49 28.44 28.72 -16.53
CA HIS B 49 28.54 28.81 -15.08
C HIS B 49 29.99 28.64 -14.62
N ASN B 50 30.28 29.19 -13.44
CA ASN B 50 31.63 29.24 -12.92
C ASN B 50 31.63 28.91 -11.42
N ASN B 51 30.91 27.88 -11.02
CA ASN B 51 30.90 27.43 -9.63
C ASN B 51 31.22 25.94 -9.58
N CYS B 52 31.63 25.49 -8.39
CA CYS B 52 32.12 24.12 -8.25
C CYS B 52 31.04 23.10 -8.59
N MET B 53 29.79 23.38 -8.25
CA MET B 53 28.71 22.47 -8.61
C MET B 53 28.64 22.28 -10.11
N ALA B 54 28.71 23.39 -10.86
CA ALA B 54 28.69 23.28 -12.31
C ALA B 54 29.91 22.53 -12.82
N SER B 55 31.05 22.71 -12.18
CA SER B 55 32.26 22.02 -12.62
C SER B 55 32.15 20.51 -12.42
N HIS B 56 31.55 20.08 -11.31
CA HIS B 56 31.54 18.66 -10.95
C HIS B 56 30.21 17.97 -11.24
N LEU B 57 29.27 18.64 -11.90
CA LEU B 57 28.00 18.03 -12.25
C LEU B 57 28.07 17.51 -13.68
N THR B 58 27.68 16.26 -13.86
CA THR B 58 27.68 15.60 -15.15
C THR B 58 26.35 14.92 -15.36
N PRO B 59 25.96 14.67 -16.62
CA PRO B 59 24.67 14.02 -16.85
C PRO B 59 24.51 12.70 -16.14
N ALA B 60 25.59 11.92 -16.04
CA ALA B 60 25.50 10.63 -15.34
C ALA B 60 25.15 10.81 -13.88
N VAL B 61 25.83 11.75 -13.20
CA VAL B 61 25.56 11.98 -11.79
C VAL B 61 24.14 12.48 -11.60
N TYR B 62 23.72 13.44 -12.43
CA TYR B 62 22.38 13.99 -12.30
C TYR B 62 21.33 12.90 -12.48
N ALA B 63 21.49 12.08 -13.51
CA ALA B 63 20.53 11.01 -13.75
C ALA B 63 20.52 10.02 -12.58
N ARG B 64 21.69 9.71 -12.04
CA ARG B 64 21.76 8.74 -10.94
C ARG B 64 21.05 9.29 -9.70
N LEU B 65 21.22 10.57 -9.41
CA LEU B 65 20.74 11.13 -8.16
C LEU B 65 19.38 11.82 -8.26
N CYS B 66 18.80 11.92 -9.45
CA CYS B 66 17.60 12.74 -9.61
C CYS B 66 16.35 12.10 -9.01
N ASP B 67 16.39 10.80 -8.69
CA ASP B 67 15.25 10.16 -8.03
C ASP B 67 15.36 10.17 -6.51
N LYS B 68 16.58 10.23 -5.99
CA LYS B 68 16.76 10.10 -4.54
C LYS B 68 16.23 11.34 -3.82
N THR B 69 16.02 11.18 -2.52
CA THR B 69 15.52 12.27 -1.70
C THR B 69 15.79 11.94 -0.24
N THR B 70 16.07 12.98 0.54
CA THR B 70 16.26 12.80 1.97
C THR B 70 14.91 12.54 2.64
N PRO B 71 14.92 11.99 3.85
CA PRO B 71 13.65 11.66 4.51
C PRO B 71 12.70 12.84 4.63
N THR B 72 13.23 14.06 4.73
CA THR B 72 12.39 15.25 4.84
C THR B 72 11.96 15.79 3.49
N GLY B 73 12.38 15.18 2.39
CA GLY B 73 11.94 15.57 1.07
C GLY B 73 12.90 16.42 0.27
N TRP B 74 14.10 16.66 0.78
CA TRP B 74 15.09 17.42 0.03
C TRP B 74 15.53 16.63 -1.20
N THR B 75 15.73 17.33 -2.31
CA THR B 75 16.07 16.71 -3.58
C THR B 75 17.30 17.38 -4.17
N LEU B 76 17.85 16.75 -5.21
CA LEU B 76 19.07 17.27 -5.83
C LEU B 76 18.83 18.64 -6.47
N ASP B 77 17.68 18.82 -7.11
CA ASP B 77 17.39 20.11 -7.74
C ASP B 77 17.40 21.22 -6.71
N GLN B 78 16.80 20.97 -5.54
CA GLN B 78 16.85 21.96 -4.47
C GLN B 78 18.28 22.16 -3.97
N CYS B 79 19.11 21.12 -4.02
CA CYS B 79 20.50 21.26 -3.61
C CYS B 79 21.24 22.21 -4.54
N ILE B 80 21.02 22.08 -5.84
CA ILE B 80 21.84 22.79 -6.83
C ILE B 80 21.15 24.02 -7.39
N GLN B 81 19.98 24.39 -6.86
CA GLN B 81 19.27 25.54 -7.40
C GLN B 81 20.10 26.81 -7.29
N THR B 82 20.76 27.04 -6.15
CA THR B 82 21.55 28.25 -5.99
C THR B 82 22.68 28.31 -7.00
N GLY B 83 23.35 27.18 -7.22
CA GLY B 83 24.42 27.15 -8.19
C GLY B 83 23.92 27.35 -9.61
N VAL B 84 22.74 26.80 -9.91
CA VAL B 84 22.17 26.97 -11.25
C VAL B 84 21.81 28.43 -11.50
N ASP B 85 21.20 29.08 -10.51
CA ASP B 85 20.75 30.46 -10.69
C ASP B 85 21.88 31.48 -10.65
N ASN B 86 23.01 31.14 -10.04
CA ASN B 86 24.12 32.08 -9.84
C ASN B 86 25.37 31.52 -10.50
N PRO B 87 25.59 31.82 -11.79
CA PRO B 87 26.83 31.37 -12.42
C PRO B 87 28.06 32.13 -11.96
N GLY B 88 27.88 33.38 -11.53
CA GLY B 88 28.98 34.26 -11.20
C GLY B 88 29.14 34.49 -9.72
N HIS B 89 28.55 35.58 -9.23
CA HIS B 89 28.69 36.02 -7.84
C HIS B 89 30.13 36.35 -7.48
N PRO B 90 30.67 37.47 -7.94
CA PRO B 90 31.88 38.02 -7.30
C PRO B 90 31.65 38.16 -5.80
N PHE B 91 32.72 38.41 -5.05
CA PHE B 91 34.07 38.60 -5.56
C PHE B 91 34.90 37.40 -5.16
N ILE B 92 34.24 36.25 -5.04
CA ILE B 92 34.86 35.00 -4.61
C ILE B 92 34.33 33.87 -5.48
N LYS B 93 34.93 32.70 -5.32
CA LYS B 93 34.47 31.49 -5.98
C LYS B 93 33.44 30.80 -5.09
N THR B 94 32.25 30.55 -5.63
CA THR B 94 31.15 30.00 -4.86
C THR B 94 31.03 28.50 -5.09
N VAL B 95 30.54 27.80 -4.06
CA VAL B 95 30.31 26.37 -4.18
C VAL B 95 29.13 26.10 -5.08
N GLY B 96 28.05 26.87 -4.93
CA GLY B 96 26.86 26.65 -5.73
C GLY B 96 25.96 25.55 -5.23
N MET B 97 26.02 25.22 -3.95
CA MET B 97 25.22 24.14 -3.38
C MET B 97 24.86 24.50 -1.95
N VAL B 98 23.83 23.82 -1.44
CA VAL B 98 23.43 23.91 -0.05
C VAL B 98 22.84 22.56 0.35
N ALA B 99 22.69 22.37 1.66
CA ALA B 99 22.10 21.17 2.21
C ALA B 99 20.79 21.51 2.89
N GLY B 100 19.79 20.66 2.73
CA GLY B 100 18.50 20.87 3.35
C GLY B 100 18.39 20.26 4.73
N ASP B 101 19.23 19.29 5.03
CA ASP B 101 19.21 18.60 6.32
C ASP B 101 20.49 17.79 6.44
N GLU B 102 20.61 17.09 7.57
CA GLU B 102 21.82 16.31 7.82
C GLU B 102 21.97 15.19 6.80
N GLU B 103 20.87 14.53 6.46
CA GLU B 103 20.95 13.38 5.57
C GLU B 103 21.45 13.74 4.18
N THR B 104 21.31 15.00 3.78
CA THR B 104 21.69 15.40 2.43
C THR B 104 23.12 14.99 2.13
N TYR B 105 24.06 15.36 3.00
CA TYR B 105 25.46 15.08 2.73
C TYR B 105 25.73 13.59 2.57
N GLU B 106 24.85 12.74 3.08
CA GLU B 106 24.99 11.30 2.90
C GLU B 106 24.21 10.83 1.68
N VAL B 107 23.02 11.38 1.45
CA VAL B 107 22.19 10.90 0.35
C VAL B 107 22.80 11.28 -0.99
N PHE B 108 23.24 12.53 -1.12
CA PHE B 108 23.84 13.02 -2.35
C PHE B 108 25.36 13.11 -2.25
N ALA B 109 25.98 12.19 -1.52
CA ALA B 109 27.43 12.24 -1.35
C ALA B 109 28.15 12.10 -2.67
N ASP B 110 27.55 11.41 -3.64
CA ASP B 110 28.21 11.22 -4.93
C ASP B 110 28.51 12.54 -5.63
N LEU B 111 27.81 13.60 -5.28
CA LEU B 111 28.07 14.92 -5.82
C LEU B 111 28.68 15.88 -4.83
N PHE B 112 28.39 15.74 -3.54
CA PHE B 112 28.95 16.63 -2.53
C PHE B 112 30.41 16.32 -2.27
N ASP B 113 30.79 15.04 -2.30
CA ASP B 113 32.16 14.67 -1.95
C ASP B 113 33.19 15.29 -2.85
N PRO B 114 33.09 15.19 -4.18
CA PRO B 114 34.08 15.90 -5.02
C PRO B 114 34.06 17.41 -4.80
N VAL B 115 32.89 17.99 -4.58
CA VAL B 115 32.80 19.43 -4.34
C VAL B 115 33.49 19.79 -3.03
N ILE B 116 33.25 19.00 -1.98
CA ILE B 116 33.91 19.26 -0.70
C ILE B 116 35.42 19.13 -0.86
N GLN B 117 35.86 18.09 -1.57
CA GLN B 117 37.30 17.87 -1.73
C GLN B 117 37.95 19.03 -2.46
N GLU B 118 37.33 19.50 -3.55
CA GLU B 118 37.90 20.63 -4.28
C GLU B 118 37.86 21.91 -3.45
N ARG B 119 36.78 22.12 -2.70
CA ARG B 119 36.61 23.36 -1.95
C ARG B 119 37.60 23.45 -0.80
N HIS B 120 37.97 22.32 -0.20
CA HIS B 120 38.82 22.28 0.98
C HIS B 120 40.21 21.73 0.65
N ASN B 121 40.73 22.15 -0.50
CA ASN B 121 42.11 21.87 -0.94
C ASN B 121 42.58 20.47 -0.55
N GLY B 122 41.84 19.47 -1.04
CA GLY B 122 42.30 18.11 -1.07
C GLY B 122 41.74 17.21 0.00
N TYR B 123 41.13 17.76 1.05
CA TYR B 123 40.55 16.90 2.07
C TYR B 123 39.54 15.96 1.44
N ASP B 124 39.64 14.67 1.77
CA ASP B 124 38.81 13.65 1.14
C ASP B 124 37.80 13.13 2.16
N PRO B 125 36.53 13.55 2.10
CA PRO B 125 35.57 13.08 3.11
C PRO B 125 35.42 11.56 3.12
N ARG B 126 35.57 10.91 1.98
CA ARG B 126 35.39 9.46 1.92
C ARG B 126 36.44 8.74 2.76
N THR B 127 37.69 9.19 2.69
CA THR B 127 38.81 8.46 3.29
C THR B 127 39.15 8.96 4.69
N MET B 128 39.52 10.24 4.82
CA MET B 128 40.09 10.73 6.07
C MET B 128 39.00 11.27 6.99
N LYS B 129 39.38 11.53 8.23
CA LYS B 129 38.48 12.00 9.28
C LYS B 129 38.86 13.40 9.70
N HIS B 130 37.94 14.06 10.39
CA HIS B 130 38.11 15.42 10.87
C HIS B 130 38.33 15.43 12.37
N THR B 131 39.22 16.30 12.84
CA THR B 131 39.55 16.42 14.24
C THR B 131 39.33 17.86 14.69
N THR B 132 38.84 18.04 15.91
CA THR B 132 38.51 19.35 16.45
C THR B 132 39.13 19.50 17.83
N ASP B 133 39.79 20.63 18.07
CA ASP B 133 40.26 20.97 19.40
C ASP B 133 40.19 22.48 19.57
N LEU B 134 39.62 22.92 20.69
CA LEU B 134 39.45 24.34 21.00
C LEU B 134 40.27 24.63 22.26
N ASP B 135 41.54 24.96 22.07
CA ASP B 135 42.44 25.27 23.19
C ASP B 135 43.29 26.46 22.77
N ALA B 136 42.86 27.66 23.16
CA ALA B 136 43.60 28.87 22.82
C ALA B 136 44.99 28.88 23.41
N SER B 137 45.25 28.06 24.43
CA SER B 137 46.57 28.06 25.05
C SER B 137 47.68 27.81 24.04
N LYS B 138 47.41 26.98 23.03
CA LYS B 138 48.40 26.67 22.00
C LYS B 138 48.48 27.73 20.91
N ILE B 139 47.89 28.91 21.13
CA ILE B 139 47.88 29.98 20.13
C ILE B 139 48.93 31.01 20.54
N ARG B 140 49.95 30.56 21.27
CA ARG B 140 51.02 31.45 21.71
C ARG B 140 51.36 32.47 20.64
N SER B 141 51.52 33.73 21.05
CA SER B 141 51.64 34.84 20.13
C SER B 141 50.26 35.18 19.58
N GLY B 142 50.20 35.99 18.53
CA GLY B 142 48.93 36.31 17.89
C GLY B 142 48.37 37.65 18.28
N TYR B 143 49.24 38.66 18.38
CA TYR B 143 48.82 40.04 18.62
C TYR B 143 49.29 40.84 17.41
N PHE B 144 48.36 41.20 16.54
CA PHE B 144 48.71 41.88 15.30
C PHE B 144 49.14 43.31 15.56
N ASP B 145 49.68 43.94 14.52
CA ASP B 145 50.05 45.34 14.59
C ASP B 145 48.79 46.20 14.63
N GLU B 146 48.62 46.96 15.71
CA GLU B 146 47.42 47.77 15.87
C GLU B 146 47.29 48.83 14.78
N ARG B 147 48.36 49.12 14.05
CA ARG B 147 48.34 50.12 13.01
C ARG B 147 47.91 49.58 11.66
N TYR B 148 47.52 48.30 11.58
CA TYR B 148 47.19 47.69 10.32
C TYR B 148 45.91 46.86 10.32
N VAL B 149 45.35 46.52 11.48
CA VAL B 149 44.26 45.55 11.59
C VAL B 149 42.93 46.24 11.88
N LEU B 150 42.83 46.94 13.01
CA LEU B 150 41.63 47.68 13.37
C LEU B 150 40.47 46.80 13.80
N SER B 151 40.56 45.48 13.62
CA SER B 151 39.50 44.58 14.06
C SER B 151 39.89 43.12 13.92
N SER B 152 39.39 42.28 14.83
CA SER B 152 39.62 40.85 14.78
C SER B 152 38.35 40.13 15.20
N ARG B 153 37.97 39.11 14.41
CA ARG B 153 36.74 38.37 14.66
C ARG B 153 37.00 36.88 14.51
N VAL B 154 36.25 36.10 15.28
CA VAL B 154 36.27 34.64 15.17
C VAL B 154 34.83 34.15 15.17
N ARG B 155 34.48 33.31 14.20
CA ARG B 155 33.11 32.88 14.00
C ARG B 155 33.05 31.38 13.81
N THR B 156 31.93 30.78 14.22
CA THR B 156 31.61 29.41 13.88
C THR B 156 30.09 29.29 13.73
N GLY B 157 29.66 28.16 13.19
CA GLY B 157 28.25 27.88 13.06
C GLY B 157 27.90 26.54 13.70
N ARG B 158 26.63 26.40 14.03
CA ARG B 158 26.13 25.17 14.64
C ARG B 158 24.70 24.94 14.21
N SER B 159 24.35 23.68 13.99
CA SER B 159 23.01 23.26 13.64
C SER B 159 22.47 22.31 14.71
N ILE B 160 21.18 22.40 14.97
CA ILE B 160 20.52 21.55 15.93
C ILE B 160 20.06 20.29 15.23
N ARG B 161 20.48 19.13 15.76
CA ARG B 161 20.11 17.87 15.15
C ARG B 161 18.60 17.65 15.26
N GLY B 162 18.03 17.08 14.20
CA GLY B 162 16.60 16.82 14.15
C GLY B 162 15.77 17.91 13.53
N LEU B 163 16.36 19.05 13.21
CA LEU B 163 15.64 20.18 12.62
C LEU B 163 16.23 20.51 11.26
N SER B 164 15.35 20.79 10.30
CA SER B 164 15.80 21.07 8.95
C SER B 164 16.62 22.35 8.91
N LEU B 165 17.53 22.40 7.95
CA LEU B 165 18.41 23.55 7.80
C LEU B 165 17.66 24.71 7.15
N PRO B 166 18.21 25.92 7.25
CA PRO B 166 17.47 27.12 6.82
C PRO B 166 16.95 27.00 5.40
N PRO B 167 17.70 26.38 4.48
CA PRO B 167 17.16 26.23 3.12
C PRO B 167 15.84 25.49 3.06
N ALA B 168 15.61 24.53 3.96
CA ALA B 168 14.43 23.68 3.91
C ALA B 168 13.51 23.83 5.11
N CYS B 169 13.92 24.54 6.16
CA CYS B 169 13.14 24.58 7.39
C CYS B 169 11.81 25.28 7.17
N THR B 170 10.76 24.75 7.79
CA THR B 170 9.46 25.40 7.79
C THR B 170 9.42 26.44 8.92
N ARG B 171 8.28 27.14 9.01
CA ARG B 171 8.14 28.16 10.07
C ARG B 171 8.21 27.52 11.44
N ALA B 172 7.54 26.39 11.63
CA ALA B 172 7.55 25.73 12.94
C ALA B 172 8.96 25.31 13.32
N GLU B 173 9.72 24.76 12.38
CA GLU B 173 11.08 24.34 12.68
C GLU B 173 11.96 25.53 13.04
N ARG B 174 11.82 26.63 12.30
CA ARG B 174 12.62 27.82 12.60
C ARG B 174 12.29 28.36 13.98
N ARG B 175 11.00 28.41 14.33
CA ARG B 175 10.61 28.87 15.66
C ARG B 175 11.13 27.93 16.74
N GLU B 176 11.14 26.62 16.46
CA GLU B 176 11.68 25.67 17.42
C GLU B 176 13.17 25.92 17.65
N VAL B 177 13.91 26.17 16.57
CA VAL B 177 15.33 26.47 16.70
C VAL B 177 15.52 27.71 17.56
N GLU B 178 14.71 28.74 17.28
CA GLU B 178 14.83 29.98 18.04
C GLU B 178 14.56 29.75 19.52
N ARG B 179 13.51 29.00 19.84
N ARG B 179 13.51 29.00 19.84
CA ARG B 179 13.19 28.74 21.24
CA ARG B 179 13.17 28.73 21.22
C ARG B 179 14.30 27.96 21.93
C ARG B 179 14.29 27.97 21.92
N VAL B 180 14.81 26.92 21.28
CA VAL B 180 15.85 26.11 21.90
C VAL B 180 17.07 26.98 22.19
N VAL B 181 17.49 27.76 21.20
CA VAL B 181 18.70 28.57 21.38
C VAL B 181 18.49 29.63 22.45
N VAL B 182 17.34 30.29 22.45
CA VAL B 182 17.12 31.35 23.42
C VAL B 182 17.06 30.78 24.84
N ASP B 183 16.34 29.67 25.03
CA ASP B 183 16.27 29.06 26.34
C ASP B 183 17.65 28.63 26.82
N ALA B 184 18.44 28.02 25.94
CA ALA B 184 19.78 27.63 26.33
C ALA B 184 20.63 28.83 26.70
N LEU B 185 20.60 29.87 25.88
CA LEU B 185 21.44 31.04 26.10
C LEU B 185 21.01 31.84 27.31
N SER B 186 19.79 31.67 27.79
CA SER B 186 19.38 32.37 28.99
C SER B 186 20.25 31.99 30.19
N GLY B 187 20.95 30.86 30.12
CA GLY B 187 21.76 30.40 31.23
C GLY B 187 23.17 30.98 31.28
N LEU B 188 23.59 31.72 30.26
CA LEU B 188 24.91 32.32 30.30
C LEU B 188 25.02 33.31 31.45
N LYS B 189 26.13 33.25 32.18
CA LYS B 189 26.33 34.04 33.37
C LYS B 189 27.70 34.72 33.31
N GLY B 190 27.86 35.73 34.16
CA GLY B 190 29.15 36.41 34.24
C GLY B 190 29.36 37.35 33.07
N ASP B 191 30.59 37.35 32.55
CA ASP B 191 30.92 38.23 31.44
C ASP B 191 30.07 37.91 30.22
N LEU B 192 29.81 36.64 29.96
CA LEU B 192 29.04 36.24 28.80
C LEU B 192 27.55 36.57 28.92
N ALA B 193 27.09 36.98 30.09
CA ALA B 193 25.67 37.27 30.26
C ALA B 193 25.21 38.33 29.26
N GLY B 194 24.08 38.08 28.62
CA GLY B 194 23.59 38.97 27.58
C GLY B 194 22.10 38.92 27.38
N ARG B 195 21.63 39.47 26.25
CA ARG B 195 20.21 39.53 25.96
C ARG B 195 19.95 39.13 24.52
N TYR B 196 18.73 38.65 24.27
CA TYR B 196 18.25 38.32 22.94
C TYR B 196 17.43 39.47 22.38
N TYR B 197 17.67 39.80 21.13
CA TYR B 197 16.92 40.84 20.43
C TYR B 197 16.30 40.21 19.18
N ARG B 198 14.98 40.21 19.13
CA ARG B 198 14.26 39.66 18.00
C ARG B 198 14.28 40.64 16.85
N LEU B 199 14.59 40.15 15.65
CA LEU B 199 14.70 41.05 14.51
C LEU B 199 13.38 41.73 14.20
N SER B 200 12.28 41.01 14.34
CA SER B 200 10.96 41.58 14.05
C SER B 200 10.55 42.65 15.06
N GLU B 201 11.26 42.80 16.17
CA GLU B 201 10.90 43.74 17.21
C GLU B 201 11.87 44.91 17.35
N MET B 202 12.80 45.07 16.42
CA MET B 202 13.77 46.16 16.46
C MET B 202 13.51 47.11 15.29
N THR B 203 13.57 48.40 15.56
CA THR B 203 13.27 49.40 14.55
C THR B 203 14.36 49.41 13.48
N GLU B 204 13.99 49.94 12.32
CA GLU B 204 14.93 49.95 11.19
C GLU B 204 16.21 50.67 11.53
N ALA B 205 16.12 51.75 12.32
CA ALA B 205 17.32 52.48 12.70
C ALA B 205 18.26 51.61 13.52
N GLU B 206 17.72 50.86 14.47
CA GLU B 206 18.56 50.00 15.30
C GLU B 206 19.23 48.92 14.45
N GLN B 207 18.48 48.31 13.54
CA GLN B 207 19.05 47.28 12.69
C GLN B 207 20.15 47.86 11.80
N GLN B 208 19.92 49.04 11.24
CA GLN B 208 20.94 49.66 10.40
C GLN B 208 22.18 49.99 11.21
N GLN B 209 22.01 50.49 12.43
CA GLN B 209 23.16 50.80 13.27
C GLN B 209 23.94 49.54 13.61
N LEU B 210 23.23 48.45 13.93
CA LEU B 210 23.92 47.20 14.24
C LEU B 210 24.68 46.67 13.03
N ILE B 211 24.07 46.75 11.84
CA ILE B 211 24.74 46.26 10.64
C ILE B 211 25.96 47.10 10.33
N ASP B 212 25.81 48.43 10.36
CA ASP B 212 26.93 49.30 10.04
C ASP B 212 28.07 49.16 11.02
N ASP B 213 27.80 48.69 12.24
CA ASP B 213 28.83 48.46 13.24
C ASP B 213 29.48 47.08 13.10
N HIS B 214 29.08 46.29 12.11
CA HIS B 214 29.62 44.97 11.82
C HIS B 214 29.14 43.91 12.80
N PHE B 215 28.08 44.18 13.56
CA PHE B 215 27.58 43.22 14.53
C PHE B 215 26.48 42.34 13.94
N LEU B 216 25.40 42.96 13.48
CA LEU B 216 24.25 42.22 12.99
C LEU B 216 24.46 41.79 11.54
N PHE B 217 23.82 40.69 11.17
CA PHE B 217 23.88 40.22 9.79
C PHE B 217 23.09 41.14 8.88
N ASP B 218 23.52 41.20 7.62
CA ASP B 218 22.92 42.12 6.67
C ASP B 218 21.50 41.67 6.31
N LYS B 219 20.79 42.56 5.60
CA LYS B 219 19.46 42.24 5.15
C LYS B 219 19.52 41.11 4.13
N PRO B 220 18.42 40.38 3.94
CA PRO B 220 18.45 39.20 3.08
C PRO B 220 18.55 39.54 1.60
N VAL B 221 19.73 39.96 1.15
CA VAL B 221 19.95 40.32 -0.24
C VAL B 221 21.06 39.50 -0.88
N SER B 222 21.72 38.61 -0.13
CA SER B 222 22.78 37.81 -0.70
C SER B 222 22.22 36.92 -1.80
N PRO B 223 22.89 36.81 -2.95
CA PRO B 223 22.38 35.92 -4.00
C PRO B 223 22.22 34.49 -3.52
N LEU B 224 23.17 33.98 -2.74
CA LEU B 224 23.04 32.62 -2.23
C LEU B 224 21.83 32.50 -1.30
N LEU B 225 21.67 33.46 -0.40
CA LEU B 225 20.57 33.39 0.57
C LEU B 225 19.22 33.37 -0.14
N THR B 226 19.05 34.23 -1.14
CA THR B 226 17.77 34.30 -1.84
C THR B 226 17.56 33.08 -2.72
N ALA B 227 18.56 32.70 -3.51
CA ALA B 227 18.39 31.61 -4.46
C ALA B 227 18.19 30.27 -3.74
N ALA B 228 18.86 30.08 -2.61
CA ALA B 228 18.74 28.83 -1.87
C ALA B 228 17.44 28.71 -1.09
N GLY B 229 16.74 29.82 -0.89
CA GLY B 229 15.50 29.80 -0.13
C GLY B 229 15.66 30.04 1.35
N MET B 230 16.73 30.70 1.78
CA MET B 230 16.97 30.96 3.19
C MET B 230 16.35 32.26 3.67
N ALA B 231 15.73 33.04 2.78
CA ALA B 231 15.11 34.30 3.16
C ALA B 231 13.59 34.18 3.31
N ARG B 232 13.07 32.96 3.32
CA ARG B 232 11.63 32.78 3.44
C ARG B 232 11.14 33.24 4.82
N ASP B 233 10.02 33.94 4.82
CA ASP B 233 9.36 34.38 6.05
C ASP B 233 10.16 35.41 6.82
N TRP B 234 11.09 36.09 6.16
CA TRP B 234 11.89 37.09 6.84
C TRP B 234 10.99 38.20 7.36
N PRO B 235 11.26 38.76 8.56
CA PRO B 235 12.32 38.44 9.52
C PRO B 235 11.85 37.50 10.62
N ASP B 236 10.86 36.66 10.35
CA ASP B 236 10.28 35.83 11.39
C ASP B 236 11.32 34.87 11.96
N ALA B 237 11.43 34.85 13.29
CA ALA B 237 12.23 33.89 14.04
C ALA B 237 13.73 34.09 13.88
N ARG B 238 14.17 35.20 13.29
CA ARG B 238 15.59 35.53 13.24
C ARG B 238 15.89 36.51 14.36
N GLY B 239 17.12 36.44 14.89
CA GLY B 239 17.46 37.36 15.96
C GLY B 239 18.94 37.38 16.23
N ILE B 240 19.32 38.23 17.19
CA ILE B 240 20.71 38.33 17.62
C ILE B 240 20.76 38.35 19.14
N TRP B 241 21.54 37.46 19.71
CA TRP B 241 21.76 37.42 21.16
C TRP B 241 23.18 37.88 21.43
N HIS B 242 23.32 39.00 22.13
CA HIS B 242 24.66 39.52 22.37
C HIS B 242 24.83 39.92 23.83
N ASN B 243 26.08 39.87 24.28
CA ASN B 243 26.41 40.27 25.63
C ASN B 243 26.46 41.79 25.75
N ASN B 244 26.54 42.27 26.99
CA ASN B 244 26.44 43.71 27.21
C ASN B 244 27.59 44.46 26.54
N GLU B 245 28.81 43.94 26.67
CA GLU B 245 29.94 44.54 25.97
C GLU B 245 29.87 44.33 24.47
N LYS B 246 28.99 43.47 23.99
CA LYS B 246 28.83 43.17 22.57
C LYS B 246 30.09 42.55 21.98
N SER B 247 30.91 41.92 22.83
CA SER B 247 32.06 41.17 22.35
C SER B 247 31.72 39.73 22.02
N PHE B 248 30.60 39.22 22.54
CA PHE B 248 30.12 37.88 22.25
C PHE B 248 28.71 37.97 21.66
N LEU B 249 28.53 37.38 20.49
CA LEU B 249 27.27 37.50 19.76
C LEU B 249 26.88 36.14 19.20
N ILE B 250 25.58 35.99 18.94
CA ILE B 250 25.02 34.76 18.40
C ILE B 250 23.89 35.12 17.45
N TRP B 251 24.10 34.87 16.16
CA TRP B 251 23.06 35.05 15.17
C TRP B 251 22.15 33.83 15.15
N VAL B 252 20.85 34.05 15.22
CA VAL B 252 19.86 32.98 15.24
C VAL B 252 19.09 33.03 13.93
N ASN B 253 19.26 31.99 13.12
CA ASN B 253 18.45 31.71 11.93
C ASN B 253 18.74 32.62 10.75
N GLU B 254 19.98 33.11 10.61
CA GLU B 254 20.29 33.89 9.41
C GLU B 254 20.65 32.99 8.23
N GLU B 255 21.75 32.26 8.34
CA GLU B 255 22.15 31.30 7.32
C GLU B 255 22.41 29.92 7.89
N ASP B 256 22.72 29.80 9.17
CA ASP B 256 22.74 28.55 9.90
C ASP B 256 21.79 28.69 11.08
N HIS B 257 21.52 27.57 11.76
CA HIS B 257 20.68 27.64 12.94
C HIS B 257 21.27 28.59 13.98
N THR B 258 22.57 28.50 14.20
CA THR B 258 23.25 29.42 15.10
C THR B 258 24.61 29.78 14.53
N ARG B 259 25.03 31.02 14.77
CA ARG B 259 26.36 31.48 14.43
C ARG B 259 26.95 32.17 15.66
N VAL B 260 28.00 31.57 16.23
CA VAL B 260 28.65 32.10 17.42
C VAL B 260 29.83 32.95 17.00
N ILE B 261 29.88 34.19 17.47
CA ILE B 261 30.84 35.18 17.01
C ILE B 261 31.50 35.84 18.23
N SER B 262 32.80 36.08 18.12
CA SER B 262 33.55 36.86 19.10
C SER B 262 34.29 37.95 18.36
N MET B 263 34.06 39.20 18.75
CA MET B 263 34.58 40.37 18.07
C MET B 263 35.52 41.13 18.99
N GLU B 264 36.40 41.94 18.39
CA GLU B 264 37.18 42.90 19.17
C GLU B 264 37.76 43.93 18.22
N LYS B 265 37.56 45.20 18.55
CA LYS B 265 38.09 46.30 17.73
C LYS B 265 39.56 46.46 18.06
N GLY B 266 40.37 45.60 17.47
CA GLY B 266 41.79 45.63 17.71
C GLY B 266 42.48 44.47 17.02
N GLY B 267 43.72 44.21 17.42
CA GLY B 267 44.51 43.16 16.82
C GLY B 267 44.88 42.06 17.80
N ASN B 268 44.14 41.95 18.90
CA ASN B 268 44.42 40.94 19.93
C ASN B 268 43.59 39.69 19.62
N MET B 269 44.06 38.94 18.63
CA MET B 269 43.35 37.72 18.24
C MET B 269 43.39 36.68 19.36
N LYS B 270 44.43 36.70 20.20
CA LYS B 270 44.53 35.71 21.26
C LYS B 270 43.35 35.81 22.23
N ARG B 271 43.08 37.02 22.72
CA ARG B 271 41.97 37.21 23.65
C ARG B 271 40.64 36.89 22.99
N VAL B 272 40.47 37.32 21.73
CA VAL B 272 39.23 37.04 21.01
C VAL B 272 38.99 35.54 20.93
N PHE B 273 40.04 34.78 20.58
CA PHE B 273 39.88 33.35 20.45
C PHE B 273 39.64 32.68 21.79
N GLU B 274 40.29 33.16 22.85
CA GLU B 274 40.05 32.59 24.18
C GLU B 274 38.59 32.78 24.59
N ARG B 275 38.08 34.00 24.44
CA ARG B 275 36.68 34.26 24.76
C ARG B 275 35.77 33.41 23.90
N PHE B 276 36.09 33.30 22.60
CA PHE B 276 35.28 32.50 21.71
C PHE B 276 35.22 31.05 22.17
N CYS B 277 36.36 30.49 22.54
CA CYS B 277 36.40 29.09 22.95
C CYS B 277 35.56 28.87 24.20
N ARG B 278 35.76 29.71 25.23
CA ARG B 278 35.01 29.50 26.46
C ARG B 278 33.51 29.69 26.24
N GLY B 279 33.14 30.74 25.50
CA GLY B 279 31.73 30.97 25.25
C GLY B 279 31.10 29.85 24.44
N LEU B 280 31.81 29.33 23.45
CA LEU B 280 31.28 28.22 22.66
C LEU B 280 31.10 26.99 23.53
N LYS B 281 32.08 26.70 24.40
CA LYS B 281 31.93 25.54 25.27
C LYS B 281 30.71 25.68 26.16
N GLU B 282 30.51 26.87 26.74
CA GLU B 282 29.36 27.08 27.61
C GLU B 282 28.05 26.95 26.83
N VAL B 283 28.00 27.50 25.61
CA VAL B 283 26.78 27.42 24.82
C VAL B 283 26.46 25.96 24.49
N GLU B 284 27.48 25.19 24.10
CA GLU B 284 27.26 23.78 23.81
C GLU B 284 26.75 23.04 25.03
N ARG B 285 27.35 23.30 26.19
CA ARG B 285 26.89 22.63 27.41
C ARG B 285 25.44 22.95 27.70
N LEU B 286 25.07 24.23 27.61
CA LEU B 286 23.71 24.61 27.93
C LEU B 286 22.71 24.04 26.92
N ILE B 287 23.08 24.01 25.65
CA ILE B 287 22.19 23.42 24.65
C ILE B 287 22.00 21.94 24.92
N GLN B 288 23.08 21.22 25.22
CA GLN B 288 22.98 19.79 25.46
C GLN B 288 22.24 19.48 26.76
N GLU B 289 22.23 20.40 27.72
CA GLU B 289 21.52 20.14 28.96
C GLU B 289 20.04 19.85 28.74
N ARG B 290 19.44 20.46 27.71
CA ARG B 290 18.01 20.35 27.48
C ARG B 290 17.64 19.18 26.58
N GLY B 291 18.60 18.34 26.20
CA GLY B 291 18.30 17.18 25.38
C GLY B 291 18.48 17.38 23.90
N TRP B 292 19.08 18.48 23.48
CA TRP B 292 19.36 18.75 22.08
C TRP B 292 20.84 18.55 21.80
N GLU B 293 21.16 18.03 20.63
CA GLU B 293 22.55 17.78 20.25
C GLU B 293 22.80 18.41 18.88
N PHE B 294 24.06 18.77 18.64
CA PHE B 294 24.44 19.43 17.41
C PHE B 294 24.69 18.41 16.30
N MET B 295 24.33 18.79 15.07
CA MET B 295 24.65 17.98 13.92
C MET B 295 26.17 17.82 13.83
N TRP B 296 26.63 16.58 13.72
CA TRP B 296 28.06 16.32 13.75
C TRP B 296 28.33 14.88 13.36
N ASN B 297 29.35 14.67 12.53
CA ASN B 297 29.87 13.33 12.28
C ASN B 297 31.36 13.47 12.01
N GLU B 298 32.13 12.48 12.48
CA GLU B 298 33.59 12.59 12.43
C GLU B 298 34.11 12.66 11.00
N ARG B 299 33.33 12.20 10.03
CA ARG B 299 33.78 12.28 8.64
C ARG B 299 33.78 13.71 8.14
N LEU B 300 32.76 14.50 8.48
CA LEU B 300 32.61 15.85 7.99
C LEU B 300 32.75 16.91 9.07
N GLY B 301 32.72 16.53 10.34
CA GLY B 301 32.76 17.53 11.40
C GLY B 301 31.38 18.05 11.68
N TYR B 302 31.26 19.37 11.79
CA TYR B 302 29.97 20.01 12.10
C TYR B 302 29.24 20.31 10.80
N ILE B 303 28.00 19.85 10.72
CA ILE B 303 27.21 19.97 9.49
C ILE B 303 26.58 21.35 9.43
N LEU B 304 26.76 22.02 8.30
CA LEU B 304 26.18 23.34 8.06
C LEU B 304 25.63 23.38 6.64
N THR B 305 24.90 24.45 6.34
CA THR B 305 24.20 24.52 5.05
C THR B 305 25.17 24.54 3.88
N CYS B 306 26.13 25.45 3.90
CA CYS B 306 27.05 25.56 2.78
C CYS B 306 28.19 24.57 2.93
N PRO B 307 28.48 23.75 1.92
CA PRO B 307 29.62 22.82 2.05
C PRO B 307 30.94 23.51 2.32
N SER B 308 31.03 24.83 2.11
CA SER B 308 32.26 25.55 2.41
C SER B 308 32.46 25.79 3.90
N ASN B 309 31.44 25.54 4.71
CA ASN B 309 31.52 25.76 6.15
C ASN B 309 31.63 24.46 6.95
N LEU B 310 31.81 23.32 6.28
CA LEU B 310 31.86 22.06 6.99
C LEU B 310 33.10 22.00 7.88
N GLY B 311 33.19 20.92 8.65
CA GLY B 311 34.32 20.72 9.54
C GLY B 311 34.22 21.55 10.79
N THR B 312 35.18 22.46 10.99
CA THR B 312 35.11 23.35 12.14
C THR B 312 34.07 24.45 11.92
N GLY B 313 33.79 24.79 10.68
CA GLY B 313 32.93 25.93 10.41
C GLY B 313 33.51 27.24 10.88
N LEU B 314 34.80 27.27 11.18
CA LEU B 314 35.42 28.41 11.82
C LEU B 314 35.99 29.36 10.79
N ARG B 315 35.67 30.65 10.93
CA ARG B 315 36.28 31.72 10.17
C ARG B 315 36.89 32.71 11.15
N ALA B 316 38.21 32.72 11.22
CA ALA B 316 38.95 33.71 12.01
C ALA B 316 39.54 34.70 11.03
N GLY B 317 39.21 35.97 11.20
CA GLY B 317 39.60 36.98 10.22
C GLY B 317 39.84 38.32 10.87
N VAL B 318 40.34 39.24 10.05
CA VAL B 318 40.64 40.59 10.49
C VAL B 318 40.34 41.56 9.36
N HIS B 319 39.79 42.72 9.72
CA HIS B 319 39.89 43.88 8.85
C HIS B 319 41.34 44.33 8.83
N ILE B 320 41.75 44.96 7.73
CA ILE B 320 43.13 45.35 7.56
C ILE B 320 43.21 46.80 7.10
N LYS B 321 44.34 47.43 7.36
CA LYS B 321 44.45 48.88 7.26
C LYS B 321 44.06 49.38 5.88
N LEU B 322 43.32 50.48 5.87
CA LEU B 322 42.99 51.14 4.60
C LEU B 322 44.24 51.61 3.87
N PRO B 323 45.19 52.31 4.50
CA PRO B 323 46.43 52.68 3.81
C PRO B 323 47.47 51.58 3.88
N LEU B 324 48.44 51.67 2.97
CA LEU B 324 49.54 50.74 2.89
C LEU B 324 49.13 49.50 2.12
N LEU B 325 48.13 48.76 2.63
CA LEU B 325 47.66 47.58 1.92
C LEU B 325 46.98 47.94 0.60
N SER B 326 46.66 49.22 0.39
CA SER B 326 46.30 49.67 -0.95
C SER B 326 47.47 49.61 -1.91
N LYS B 327 48.68 49.39 -1.41
CA LYS B 327 49.89 49.36 -2.22
C LYS B 327 50.21 47.97 -2.78
N ASP B 328 49.35 46.98 -2.56
CA ASP B 328 49.61 45.63 -3.06
C ASP B 328 49.09 45.49 -4.49
N SER B 329 49.84 44.72 -5.29
CA SER B 329 49.56 44.57 -6.72
C SER B 329 49.30 43.12 -7.13
N ARG B 330 50.07 42.17 -6.63
CA ARG B 330 49.91 40.75 -6.93
C ARG B 330 49.16 40.02 -5.83
N PHE B 331 48.18 40.71 -5.24
CA PHE B 331 47.49 40.18 -4.06
C PHE B 331 46.90 38.80 -4.28
N PRO B 332 46.11 38.54 -5.33
CA PRO B 332 45.37 37.26 -5.39
C PRO B 332 46.27 36.04 -5.30
N LYS B 333 47.42 36.04 -5.96
CA LYS B 333 48.30 34.89 -5.90
C LYS B 333 48.81 34.66 -4.49
N ILE B 334 49.20 35.73 -3.79
CA ILE B 334 49.68 35.59 -2.42
C ILE B 334 48.58 35.06 -1.53
N LEU B 335 47.36 35.59 -1.68
CA LEU B 335 46.25 35.13 -0.86
C LEU B 335 45.96 33.65 -1.11
N GLU B 336 45.93 33.25 -2.38
CA GLU B 336 45.65 31.85 -2.69
C GLU B 336 46.74 30.94 -2.13
N ASN B 337 48.00 31.35 -2.24
CA ASN B 337 49.09 30.52 -1.75
C ASN B 337 49.05 30.40 -0.22
N LEU B 338 48.59 31.44 0.46
CA LEU B 338 48.44 31.40 1.91
C LEU B 338 47.12 30.79 2.35
N ARG B 339 46.26 30.38 1.40
CA ARG B 339 44.96 29.81 1.71
C ARG B 339 44.08 30.79 2.48
N LEU B 340 44.27 32.08 2.22
CA LEU B 340 43.47 33.14 2.82
C LEU B 340 42.49 33.68 1.78
N GLN B 341 41.28 33.98 2.23
CA GLN B 341 40.24 34.58 1.39
C GLN B 341 40.07 36.02 1.82
N LYS B 342 39.99 36.92 0.84
CA LYS B 342 39.87 38.36 1.06
C LYS B 342 38.53 38.83 0.54
N ARG B 343 37.60 39.09 1.45
CA ARG B 343 36.34 39.74 1.12
C ARG B 343 36.50 41.24 1.35
N GLY B 344 35.56 42.00 0.80
CA GLY B 344 35.62 43.44 0.96
C GLY B 344 35.40 43.82 2.41
N THR B 345 35.10 45.10 2.65
CA THR B 345 34.69 45.51 3.98
C THR B 345 33.37 44.83 4.30
N GLY B 346 32.80 45.17 5.46
CA GLY B 346 31.72 44.38 6.02
C GLY B 346 30.77 43.80 4.99
N GLY B 347 30.73 42.48 4.92
CA GLY B 347 29.90 41.78 3.94
C GLY B 347 30.71 41.09 2.86
N VAL B 348 30.48 39.79 2.67
CA VAL B 348 31.09 39.09 1.55
C VAL B 348 30.56 39.63 0.24
N ASP B 349 29.33 40.15 0.22
CA ASP B 349 28.72 40.67 -0.98
C ASP B 349 29.13 42.10 -1.30
N THR B 350 29.95 42.72 -0.46
CA THR B 350 30.39 44.09 -0.67
C THR B 350 31.81 44.11 -1.23
N ALA B 351 32.23 45.30 -1.67
CA ALA B 351 33.54 45.51 -2.25
C ALA B 351 34.40 46.34 -1.31
N ALA B 352 35.68 46.02 -1.27
CA ALA B 352 36.61 46.75 -0.41
C ALA B 352 36.65 48.22 -0.80
N THR B 353 36.56 49.09 0.20
CA THR B 353 36.60 50.53 -0.01
C THR B 353 37.69 51.14 0.87
N GLY B 354 38.52 51.98 0.28
CA GLY B 354 39.59 52.64 1.01
C GLY B 354 40.78 51.76 1.30
N GLY B 355 40.85 50.57 0.74
CA GLY B 355 41.94 49.66 1.02
C GLY B 355 41.75 48.77 2.22
N VAL B 356 40.56 48.77 2.83
CA VAL B 356 40.28 47.91 3.97
C VAL B 356 39.70 46.61 3.46
N PHE B 357 40.29 45.49 3.89
CA PHE B 357 39.90 44.16 3.44
C PHE B 357 39.65 43.28 4.66
N ASP B 358 38.66 42.40 4.52
CA ASP B 358 38.37 41.36 5.51
C ASP B 358 39.08 40.10 5.04
N ILE B 359 40.21 39.78 5.69
CA ILE B 359 41.03 38.64 5.32
C ILE B 359 40.85 37.57 6.37
N SER B 360 40.53 36.35 5.93
CA SER B 360 40.26 35.23 6.82
C SER B 360 40.82 33.96 6.20
N ASN B 361 40.69 32.85 6.92
CA ASN B 361 41.10 31.56 6.37
C ASN B 361 40.10 31.10 5.31
N LEU B 362 40.60 30.29 4.37
CA LEU B 362 39.78 29.82 3.26
C LEU B 362 39.17 28.45 3.54
N ASP B 363 39.94 27.53 4.10
CA ASP B 363 39.49 26.17 4.34
C ASP B 363 39.13 25.98 5.81
N ARG B 364 38.09 25.21 6.06
CA ARG B 364 37.59 24.99 7.41
C ARG B 364 37.49 23.52 7.79
N LEU B 365 37.66 22.60 6.85
CA LEU B 365 37.53 21.17 7.10
C LEU B 365 38.88 20.50 6.90
N GLY B 366 39.22 19.58 7.82
CA GLY B 366 40.48 18.89 7.79
C GLY B 366 41.52 19.46 8.75
N LYS B 367 41.33 20.70 9.19
CA LYS B 367 42.21 21.33 10.15
C LYS B 367 41.43 21.67 11.41
N SER B 368 42.11 21.69 12.54
CA SER B 368 41.47 22.02 13.80
C SER B 368 41.41 23.53 13.99
N GLU B 369 40.59 23.96 14.95
CA GLU B 369 40.38 25.39 15.15
C GLU B 369 41.69 26.08 15.54
N VAL B 370 42.47 25.46 16.42
CA VAL B 370 43.75 26.05 16.80
C VAL B 370 44.65 26.18 15.57
N GLU B 371 44.70 25.13 14.74
CA GLU B 371 45.52 25.20 13.54
C GLU B 371 45.05 26.30 12.61
N LEU B 372 43.74 26.43 12.42
CA LEU B 372 43.23 27.45 11.51
C LEU B 372 43.54 28.85 12.03
N VAL B 373 43.39 29.08 13.33
CA VAL B 373 43.68 30.40 13.89
C VAL B 373 45.16 30.71 13.76
N GLN B 374 46.03 29.73 14.03
CA GLN B 374 47.46 29.96 13.86
C GLN B 374 47.80 30.24 12.40
N LEU B 375 47.16 29.53 11.48
CA LEU B 375 47.39 29.77 10.06
C LEU B 375 46.99 31.19 9.68
N VAL B 376 45.85 31.66 10.18
CA VAL B 376 45.42 33.02 9.89
C VAL B 376 46.41 34.02 10.47
N ILE B 377 46.89 33.77 11.69
CA ILE B 377 47.86 34.68 12.31
C ILE B 377 49.12 34.75 11.46
N ASP B 378 49.63 33.59 11.04
CA ASP B 378 50.85 33.57 10.25
C ASP B 378 50.65 34.26 8.91
N GLY B 379 49.52 34.02 8.25
CA GLY B 379 49.28 34.64 6.97
C GLY B 379 49.16 36.15 7.08
N VAL B 380 48.46 36.63 8.10
CA VAL B 380 48.31 38.08 8.27
C VAL B 380 49.65 38.71 8.62
N ASN B 381 50.46 38.03 9.43
CA ASN B 381 51.79 38.55 9.73
C ASN B 381 52.65 38.61 8.47
N TYR B 382 52.54 37.59 7.61
CA TYR B 382 53.25 37.61 6.34
C TYR B 382 52.79 38.77 5.48
N LEU B 383 51.49 39.03 5.44
CA LEU B 383 50.99 40.17 4.67
C LEU B 383 51.53 41.48 5.22
N ILE B 384 51.56 41.62 6.55
CA ILE B 384 52.12 42.82 7.16
C ILE B 384 53.58 42.98 6.77
N ASP B 385 54.34 41.90 6.84
CA ASP B 385 55.75 41.96 6.47
C ASP B 385 55.91 42.37 5.01
N CYS B 386 55.07 41.82 4.13
CA CYS B 386 55.11 42.16 2.72
C CYS B 386 54.71 43.61 2.46
N GLU B 387 54.09 44.27 3.44
CA GLU B 387 53.75 45.69 3.33
C GLU B 387 55.04 46.49 3.50
N ARG B 388 55.86 46.47 2.45
CA ARG B 388 57.17 47.12 2.43
C ARG B 388 57.06 48.40 1.60
N ARG B 389 56.70 49.49 2.27
CA ARG B 389 56.76 50.80 1.63
C ARG B 389 58.18 51.36 1.59
N LEU B 390 59.12 50.72 2.28
CA LEU B 390 60.52 51.13 2.28
C LEU B 390 61.42 50.24 1.45
N GLU B 391 60.99 49.01 1.15
CA GLU B 391 61.74 48.07 0.32
C GLU B 391 60.90 47.73 -0.92
N ARG B 392 61.38 46.77 -1.69
CA ARG B 392 60.66 46.30 -2.87
C ARG B 392 60.82 44.80 -2.99
N GLY B 393 59.87 44.17 -3.69
CA GLY B 393 59.92 42.75 -3.94
C GLY B 393 59.03 41.94 -3.03
N GLN B 394 58.14 41.14 -3.62
CA GLN B 394 57.25 40.26 -2.88
C GLN B 394 57.67 38.82 -3.13
N ASP B 395 57.79 38.04 -2.06
CA ASP B 395 58.28 36.67 -2.16
C ASP B 395 57.19 35.66 -2.52
N ILE B 396 55.91 36.05 -2.45
CA ILE B 396 54.81 35.12 -2.72
C ILE B 396 54.87 33.98 -1.72
N ARG B 397 55.92 33.16 -1.81
CA ARG B 397 56.24 32.15 -0.81
C ARG B 397 55.09 31.16 -0.62
N ILE B 398 54.85 30.38 -1.68
CA ILE B 398 53.93 29.25 -1.58
C ILE B 398 54.37 28.35 -0.43
N SER C 31 7.47 5.36 13.63
CA SER C 31 6.24 4.93 14.26
C SER C 31 5.10 5.90 13.94
N GLU C 32 3.87 5.38 13.94
CA GLU C 32 2.70 6.21 13.71
C GLU C 32 2.25 6.96 14.96
N ARG C 33 2.86 6.68 16.11
CA ARG C 33 2.53 7.39 17.33
C ARG C 33 3.19 8.75 17.43
N ARG C 34 4.14 9.07 16.54
CA ARG C 34 4.78 10.37 16.56
C ARG C 34 3.79 11.44 16.13
N ARG C 35 3.93 12.62 16.73
CA ARG C 35 3.00 13.71 16.52
C ARG C 35 3.57 14.73 15.54
N LEU C 36 2.68 15.35 14.76
CA LEU C 36 3.06 16.39 13.82
C LEU C 36 2.92 17.75 14.49
N TYR C 37 3.65 18.72 13.96
CA TYR C 37 3.49 20.09 14.41
C TYR C 37 2.05 20.52 14.14
N PRO C 38 1.32 21.02 15.14
CA PRO C 38 -0.04 21.46 14.89
C PRO C 38 -0.06 22.58 13.88
N PRO C 39 -1.12 22.69 13.08
CA PRO C 39 -1.14 23.71 12.02
C PRO C 39 -0.88 25.11 12.53
N SER C 40 -1.41 25.48 13.70
CA SER C 40 -1.18 26.82 14.22
C SER C 40 0.30 27.08 14.49
N ALA C 41 1.10 26.04 14.67
CA ALA C 41 2.54 26.25 14.84
C ALA C 41 3.18 26.78 13.58
N GLU C 42 2.63 26.43 12.42
CA GLU C 42 3.13 26.90 11.14
C GLU C 42 2.46 28.17 10.67
N TYR C 43 1.47 28.67 11.39
CA TYR C 43 0.71 29.82 10.91
C TYR C 43 1.63 31.03 10.76
N PRO C 44 1.57 31.73 9.64
CA PRO C 44 2.48 32.87 9.43
C PRO C 44 2.16 34.03 10.36
N ASP C 45 3.18 34.84 10.61
CA ASP C 45 3.06 36.04 11.44
C ASP C 45 2.78 37.22 10.51
N LEU C 46 1.51 37.61 10.41
CA LEU C 46 1.07 38.65 9.49
C LEU C 46 0.59 39.90 10.23
N ARG C 47 1.18 40.19 11.40
CA ARG C 47 0.70 41.29 12.21
C ARG C 47 1.02 42.66 11.62
N LYS C 48 1.83 42.73 10.55
CA LYS C 48 2.18 44.00 9.94
C LYS C 48 2.04 43.96 8.42
N HIS C 49 1.41 42.92 7.88
CA HIS C 49 1.28 42.76 6.44
C HIS C 49 0.10 43.57 5.91
N ASN C 50 0.18 43.91 4.62
CA ASN C 50 -0.80 44.78 3.99
C ASN C 50 -1.16 44.26 2.60
N ASN C 51 -1.39 42.96 2.48
CA ASN C 51 -1.82 42.37 1.21
C ASN C 51 -3.10 41.58 1.45
N CYS C 52 -3.79 41.28 0.34
CA CYS C 52 -5.11 40.67 0.44
C CYS C 52 -5.04 39.29 1.09
N MET C 53 -3.96 38.55 0.82
CA MET C 53 -3.81 37.24 1.47
C MET C 53 -3.79 37.39 2.98
N ALA C 54 -3.01 38.35 3.48
CA ALA C 54 -2.96 38.58 4.92
C ALA C 54 -4.32 39.02 5.45
N SER C 55 -5.07 39.79 4.66
CA SER C 55 -6.37 40.25 5.11
C SER C 55 -7.37 39.10 5.22
N HIS C 56 -7.31 38.15 4.30
CA HIS C 56 -8.32 37.09 4.22
C HIS C 56 -7.83 35.75 4.75
N LEU C 57 -6.65 35.69 5.35
CA LEU C 57 -6.14 34.44 5.92
C LEU C 57 -6.44 34.42 7.42
N THR C 58 -7.03 33.34 7.87
CA THR C 58 -7.38 33.15 9.27
C THR C 58 -6.89 31.79 9.73
N PRO C 59 -6.69 31.61 11.04
CA PRO C 59 -6.21 30.30 11.51
C PRO C 59 -7.09 29.14 11.08
N ALA C 60 -8.41 29.34 11.06
CA ALA C 60 -9.30 28.26 10.65
C ALA C 60 -9.04 27.84 9.21
N VAL C 61 -8.93 28.82 8.31
CA VAL C 61 -8.71 28.50 6.90
C VAL C 61 -7.35 27.81 6.73
N TYR C 62 -6.32 28.34 7.39
CA TYR C 62 -4.99 27.75 7.26
C TYR C 62 -5.00 26.31 7.75
N ALA C 63 -5.60 26.07 8.91
CA ALA C 63 -5.65 24.70 9.43
C ALA C 63 -6.43 23.79 8.50
N ARG C 64 -7.53 24.29 7.94
CA ARG C 64 -8.34 23.46 7.06
C ARG C 64 -7.58 23.07 5.80
N LEU C 65 -6.81 24.00 5.23
CA LEU C 65 -6.18 23.80 3.93
C LEU C 65 -4.73 23.34 4.02
N CYS C 66 -4.15 23.25 5.21
CA CYS C 66 -2.71 22.99 5.30
C CYS C 66 -2.34 21.56 4.94
N ASP C 67 -3.29 20.63 4.90
CA ASP C 67 -3.00 19.26 4.48
C ASP C 67 -3.21 19.05 2.98
N LYS C 68 -4.09 19.83 2.36
CA LYS C 68 -4.42 19.60 0.96
C LYS C 68 -3.23 19.92 0.07
N THR C 69 -3.29 19.39 -1.16
CA THR C 69 -2.24 19.61 -2.14
C THR C 69 -2.78 19.28 -3.51
N THR C 70 -2.32 20.03 -4.50
CA THR C 70 -2.70 19.75 -5.88
C THR C 70 -1.99 18.49 -6.36
N PRO C 71 -2.49 17.89 -7.45
CA PRO C 71 -1.87 16.63 -7.91
C PRO C 71 -0.39 16.74 -8.19
N THR C 72 0.09 17.92 -8.59
CA THR C 72 1.50 18.13 -8.86
C THR C 72 2.30 18.47 -7.62
N GLY C 73 1.67 18.57 -6.46
CA GLY C 73 2.38 18.79 -5.21
C GLY C 73 2.35 20.22 -4.70
N TRP C 74 1.63 21.12 -5.34
CA TRP C 74 1.52 22.49 -4.85
C TRP C 74 0.76 22.50 -3.53
N THR C 75 1.21 23.35 -2.60
CA THR C 75 0.65 23.41 -1.27
C THR C 75 0.29 24.86 -0.92
N LEU C 76 -0.45 25.02 0.17
CA LEU C 76 -0.89 26.36 0.57
C LEU C 76 0.28 27.26 0.93
N ASP C 77 1.28 26.70 1.63
CA ASP C 77 2.44 27.52 1.99
C ASP C 77 3.12 28.07 0.76
N GLN C 78 3.27 27.25 -0.27
CA GLN C 78 3.84 27.73 -1.53
C GLN C 78 2.94 28.77 -2.17
N CYS C 79 1.62 28.64 -1.99
CA CYS C 79 0.70 29.64 -2.53
C CYS C 79 0.92 31.00 -1.88
N ILE C 80 1.10 31.02 -0.56
CA ILE C 80 1.09 32.28 0.19
C ILE C 80 2.50 32.75 0.54
N GLN C 81 3.54 32.08 0.04
CA GLN C 81 4.89 32.48 0.39
C GLN C 81 5.19 33.91 -0.05
N THR C 82 4.78 34.28 -1.27
CA THR C 82 5.06 35.63 -1.75
C THR C 82 4.38 36.68 -0.87
N GLY C 83 3.13 36.43 -0.48
CA GLY C 83 2.45 37.36 0.41
C GLY C 83 3.06 37.42 1.79
N VAL C 84 3.54 36.29 2.29
CA VAL C 84 4.17 36.27 3.61
C VAL C 84 5.47 37.06 3.59
N ASP C 85 6.28 36.89 2.55
CA ASP C 85 7.58 37.54 2.48
C ASP C 85 7.49 39.02 2.13
N ASN C 86 6.39 39.46 1.52
CA ASN C 86 6.25 40.84 1.04
C ASN C 86 5.03 41.47 1.70
N PRO C 87 5.19 42.09 2.87
CA PRO C 87 4.05 42.78 3.48
C PRO C 87 3.68 44.06 2.76
N GLY C 88 4.65 44.71 2.11
CA GLY C 88 4.45 46.01 1.51
C GLY C 88 4.38 45.97 0.00
N HIS C 89 5.52 46.21 -0.65
CA HIS C 89 5.61 46.33 -2.10
C HIS C 89 4.79 47.49 -2.63
N PRO C 90 5.24 48.73 -2.46
CA PRO C 90 4.70 49.81 -3.30
C PRO C 90 4.84 49.44 -4.78
N PHE C 91 4.20 50.22 -5.65
CA PHE C 91 3.41 51.40 -5.31
C PHE C 91 1.94 51.08 -5.52
N ILE C 92 1.60 49.81 -5.34
CA ILE C 92 0.25 49.31 -5.55
C ILE C 92 -0.09 48.33 -4.44
N LYS C 93 -1.35 47.90 -4.42
CA LYS C 93 -1.80 46.88 -3.49
C LYS C 93 -1.63 45.51 -4.13
N THR C 94 -0.96 44.60 -3.45
CA THR C 94 -0.62 43.30 -3.98
C THR C 94 -1.56 42.24 -3.46
N VAL C 95 -1.80 41.22 -4.28
CA VAL C 95 -2.64 40.10 -3.87
C VAL C 95 -1.94 39.26 -2.81
N GLY C 96 -0.66 38.96 -3.03
CA GLY C 96 0.10 38.15 -2.11
C GLY C 96 -0.04 36.66 -2.29
N MET C 97 -0.62 36.21 -3.40
CA MET C 97 -0.77 34.79 -3.68
C MET C 97 -0.41 34.52 -5.13
N VAL C 98 -0.07 33.26 -5.41
CA VAL C 98 0.14 32.78 -6.77
C VAL C 98 -0.40 31.35 -6.85
N ALA C 99 -0.54 30.87 -8.07
CA ALA C 99 -1.00 29.51 -8.34
C ALA C 99 0.13 28.71 -8.96
N GLY C 100 0.24 27.44 -8.55
CA GLY C 100 1.27 26.57 -9.08
C GLY C 100 0.80 25.77 -10.28
N ASP C 101 -0.51 25.65 -10.46
CA ASP C 101 -1.08 24.89 -11.56
C ASP C 101 -2.57 25.21 -11.64
N GLU C 102 -3.24 24.59 -12.60
CA GLU C 102 -4.67 24.86 -12.79
C GLU C 102 -5.48 24.40 -11.59
N GLU C 103 -5.14 23.25 -11.01
CA GLU C 103 -5.93 22.70 -9.93
C GLU C 103 -5.90 23.58 -8.69
N THR C 104 -4.88 24.42 -8.54
CA THR C 104 -4.77 25.24 -7.33
C THR C 104 -6.04 26.02 -7.07
N TYR C 105 -6.51 26.75 -8.08
CA TYR C 105 -7.69 27.60 -7.89
C TYR C 105 -8.90 26.81 -7.44
N GLU C 106 -8.92 25.50 -7.70
CA GLU C 106 -10.02 24.66 -7.23
C GLU C 106 -9.70 24.04 -5.89
N VAL C 107 -8.44 23.63 -5.67
CA VAL C 107 -8.10 22.93 -4.44
C VAL C 107 -8.15 23.89 -3.25
N PHE C 108 -7.58 25.09 -3.42
CA PHE C 108 -7.55 26.09 -2.37
C PHE C 108 -8.57 27.20 -2.61
N ALA C 109 -9.72 26.86 -3.19
CA ALA C 109 -10.72 27.87 -3.50
C ALA C 109 -11.22 28.56 -2.23
N ASP C 110 -11.20 27.86 -1.09
CA ASP C 110 -11.69 28.45 0.15
C ASP C 110 -10.93 29.70 0.52
N LEU C 111 -9.71 29.88 0.02
CA LEU C 111 -8.92 31.07 0.27
C LEU C 111 -8.78 31.95 -0.95
N PHE C 112 -8.76 31.38 -2.16
CA PHE C 112 -8.63 32.18 -3.36
C PHE C 112 -9.90 32.93 -3.68
N ASP C 113 -11.06 32.33 -3.42
CA ASP C 113 -12.33 32.96 -3.80
C ASP C 113 -12.54 34.31 -3.14
N PRO C 114 -12.43 34.45 -1.81
CA PRO C 114 -12.54 35.79 -1.22
C PRO C 114 -11.50 36.76 -1.76
N VAL C 115 -10.27 36.28 -1.98
CA VAL C 115 -9.22 37.15 -2.51
C VAL C 115 -9.58 37.62 -3.91
N ILE C 116 -10.06 36.70 -4.75
CA ILE C 116 -10.45 37.09 -6.11
C ILE C 116 -11.59 38.08 -6.05
N GLN C 117 -12.58 37.83 -5.18
CA GLN C 117 -13.73 38.72 -5.09
C GLN C 117 -13.31 40.12 -4.67
N GLU C 118 -12.44 40.23 -3.67
CA GLU C 118 -11.99 41.54 -3.23
C GLU C 118 -11.14 42.22 -4.30
N ARG C 119 -10.30 41.44 -5.00
CA ARG C 119 -9.37 42.02 -5.96
C ARG C 119 -10.08 42.51 -7.22
N HIS C 120 -11.24 41.94 -7.54
CA HIS C 120 -11.97 42.27 -8.76
C HIS C 120 -13.31 42.92 -8.45
N ASN C 121 -13.30 43.84 -7.48
CA ASN C 121 -14.42 44.70 -7.13
C ASN C 121 -15.77 43.97 -7.24
N GLY C 122 -15.88 42.87 -6.49
CA GLY C 122 -17.15 42.26 -6.22
C GLY C 122 -17.48 41.03 -7.03
N TYR C 123 -16.76 40.77 -8.12
CA TYR C 123 -17.03 39.57 -8.89
C TYR C 123 -16.93 38.34 -8.00
N ASP C 124 -17.93 37.47 -8.06
CA ASP C 124 -18.00 36.31 -7.17
C ASP C 124 -17.74 35.05 -7.97
N PRO C 125 -16.54 34.46 -7.89
CA PRO C 125 -16.29 33.25 -8.70
C PRO C 125 -17.22 32.11 -8.40
N ARG C 126 -17.70 32.00 -7.15
CA ARG C 126 -18.58 30.90 -6.79
C ARG C 126 -19.90 30.96 -7.55
N THR C 127 -20.46 32.16 -7.68
CA THR C 127 -21.82 32.32 -8.22
C THR C 127 -21.83 32.62 -9.71
N MET C 128 -21.21 33.72 -10.12
CA MET C 128 -21.37 34.21 -11.48
C MET C 128 -20.29 33.63 -12.40
N LYS C 129 -20.50 33.83 -13.70
CA LYS C 129 -19.62 33.30 -14.74
C LYS C 129 -18.94 34.45 -15.48
N HIS C 130 -17.89 34.10 -16.21
CA HIS C 130 -17.09 35.07 -16.96
C HIS C 130 -17.36 34.91 -18.45
N THR C 131 -17.45 36.03 -19.14
CA THR C 131 -17.72 36.07 -20.58
C THR C 131 -16.59 36.81 -21.28
N THR C 132 -16.20 36.31 -22.45
CA THR C 132 -15.09 36.88 -23.21
C THR C 132 -15.53 37.12 -24.65
N ASP C 133 -15.23 38.30 -25.17
CA ASP C 133 -15.44 38.59 -26.57
C ASP C 133 -14.34 39.54 -27.05
N LEU C 134 -13.70 39.18 -28.15
CA LEU C 134 -12.61 39.96 -28.74
C LEU C 134 -13.09 40.43 -30.11
N ASP C 135 -13.78 41.58 -30.12
CA ASP C 135 -14.31 42.15 -31.35
C ASP C 135 -13.95 43.64 -31.36
N ALA C 136 -12.98 44.00 -32.19
CA ALA C 136 -12.55 45.38 -32.31
C ALA C 136 -13.54 46.24 -33.10
N SER C 137 -14.67 45.68 -33.51
CA SER C 137 -15.68 46.46 -34.23
C SER C 137 -16.47 47.36 -33.28
N LYS C 138 -16.80 46.87 -32.09
CA LYS C 138 -17.67 47.57 -31.15
C LYS C 138 -16.91 48.48 -30.20
N ILE C 139 -15.72 48.94 -30.59
CA ILE C 139 -14.85 49.69 -29.70
C ILE C 139 -14.60 51.05 -30.37
N ARG C 140 -15.60 51.53 -31.09
CA ARG C 140 -15.47 52.75 -31.88
C ARG C 140 -14.88 53.89 -31.05
N SER C 141 -14.39 54.93 -31.74
CA SER C 141 -13.63 56.01 -31.10
C SER C 141 -12.27 55.48 -30.66
N GLY C 142 -11.89 55.72 -29.41
CA GLY C 142 -10.63 55.18 -28.91
C GLY C 142 -9.39 55.75 -29.57
N TYR C 143 -9.34 57.06 -29.79
CA TYR C 143 -8.15 57.73 -30.28
C TYR C 143 -7.84 58.86 -29.32
N PHE C 144 -6.78 58.70 -28.52
CA PHE C 144 -6.44 59.66 -27.49
C PHE C 144 -5.76 60.88 -28.10
N ASP C 145 -5.61 61.92 -27.28
CA ASP C 145 -4.90 63.11 -27.70
C ASP C 145 -3.41 62.81 -27.81
N GLU C 146 -2.85 63.00 -29.01
CA GLU C 146 -1.46 62.66 -29.23
C GLU C 146 -0.51 63.50 -28.38
N ARG C 147 -1.01 64.61 -27.81
CA ARG C 147 -0.18 65.49 -26.99
C ARG C 147 -0.14 65.07 -25.54
N TYR C 148 -0.76 63.95 -25.18
CA TYR C 148 -0.83 63.52 -23.79
C TYR C 148 -0.48 62.07 -23.53
N VAL C 149 -0.47 61.21 -24.54
CA VAL C 149 -0.37 59.76 -24.36
C VAL C 149 1.04 59.26 -24.71
N LEU C 150 1.46 59.43 -25.96
CA LEU C 150 2.80 59.05 -26.40
C LEU C 150 2.99 57.54 -26.57
N SER C 151 2.05 56.73 -26.11
CA SER C 151 2.16 55.28 -26.31
C SER C 151 0.88 54.61 -25.82
N SER C 152 0.47 53.56 -26.53
CA SER C 152 -0.68 52.75 -26.14
C SER C 152 -0.32 51.28 -26.30
N ARG C 153 -0.65 50.48 -25.29
CA ARG C 153 -0.31 49.06 -25.27
C ARG C 153 -1.50 48.25 -24.80
N VAL C 154 -1.60 47.02 -25.31
CA VAL C 154 -2.61 46.06 -24.89
C VAL C 154 -1.94 44.72 -24.66
N ARG C 155 -2.24 44.08 -23.54
CA ARG C 155 -1.55 42.86 -23.14
C ARG C 155 -2.55 41.83 -22.64
N THR C 156 -2.20 40.56 -22.82
CA THR C 156 -2.91 39.45 -22.18
C THR C 156 -1.91 38.34 -21.88
N GLY C 157 -2.37 37.36 -21.10
CA GLY C 157 -1.55 36.21 -20.80
C GLY C 157 -2.30 34.93 -21.12
N ARG C 158 -1.53 33.86 -21.30
CA ARG C 158 -2.10 32.56 -21.60
C ARG C 158 -1.20 31.48 -21.03
N SER C 159 -1.83 30.42 -20.53
CA SER C 159 -1.14 29.26 -19.98
C SER C 159 -1.51 28.02 -20.77
N ILE C 160 -0.55 27.14 -20.96
CA ILE C 160 -0.76 25.89 -21.67
C ILE C 160 -1.28 24.85 -20.68
N ARG C 161 -2.40 24.23 -21.01
CA ARG C 161 -2.98 23.22 -20.12
C ARG C 161 -2.08 22.00 -20.04
N GLY C 162 -1.98 21.43 -18.85
CA GLY C 162 -1.17 20.26 -18.62
C GLY C 162 0.24 20.55 -18.17
N LEU C 163 0.65 21.81 -18.13
CA LEU C 163 2.00 22.19 -17.73
C LEU C 163 1.94 23.11 -16.52
N SER C 164 2.84 22.88 -15.56
CA SER C 164 2.84 23.66 -14.34
C SER C 164 3.15 25.12 -14.63
N LEU C 165 2.62 26.00 -13.80
CA LEU C 165 2.82 27.42 -13.95
C LEU C 165 4.21 27.82 -13.49
N PRO C 166 4.68 29.01 -13.87
CA PRO C 166 6.07 29.40 -13.64
C PRO C 166 6.48 29.24 -12.18
N PRO C 167 5.59 29.53 -11.22
CA PRO C 167 5.98 29.33 -9.82
C PRO C 167 6.40 27.90 -9.51
N ALA C 168 5.81 26.90 -10.16
CA ALA C 168 6.06 25.51 -9.84
C ALA C 168 6.71 24.72 -10.97
N CYS C 169 6.83 25.28 -12.17
CA CYS C 169 7.30 24.51 -13.31
C CYS C 169 8.75 24.11 -13.13
N THR C 170 9.08 22.89 -13.54
CA THR C 170 10.45 22.41 -13.57
C THR C 170 11.12 22.86 -14.86
N ARG C 171 12.41 22.52 -15.01
CA ARG C 171 13.12 22.91 -16.23
C ARG C 171 12.51 22.24 -17.46
N ALA C 172 12.17 20.96 -17.34
CA ALA C 172 11.60 20.25 -18.48
C ALA C 172 10.27 20.87 -18.90
N GLU C 173 9.43 21.22 -17.93
CA GLU C 173 8.14 21.83 -18.25
C GLU C 173 8.32 23.19 -18.92
N ARG C 174 9.26 23.99 -18.41
CA ARG C 174 9.51 25.30 -19.01
C ARG C 174 10.01 25.16 -20.44
N ARG C 175 10.92 24.22 -20.68
CA ARG C 175 11.40 23.99 -22.03
C ARG C 175 10.29 23.49 -22.94
N GLU C 176 9.39 22.66 -22.41
CA GLU C 176 8.25 22.20 -23.20
C GLU C 176 7.35 23.37 -23.59
N VAL C 177 7.09 24.28 -22.65
CA VAL C 177 6.29 25.45 -22.97
C VAL C 177 6.96 26.25 -24.07
N GLU C 178 8.28 26.45 -23.95
CA GLU C 178 8.99 27.23 -24.95
C GLU C 178 8.89 26.58 -26.32
N ARG C 179 9.08 25.26 -26.39
N ARG C 179 9.09 25.26 -26.38
CA ARG C 179 9.02 24.58 -27.67
CA ARG C 179 9.02 24.55 -27.66
C ARG C 179 7.63 24.68 -28.28
C ARG C 179 7.63 24.68 -28.27
N VAL C 180 6.59 24.46 -27.48
CA VAL C 180 5.23 24.51 -28.00
C VAL C 180 4.95 25.90 -28.57
N VAL C 181 5.29 26.93 -27.80
CA VAL C 181 4.98 28.29 -28.24
C VAL C 181 5.77 28.65 -29.48
N VAL C 182 7.07 28.29 -29.52
CA VAL C 182 7.88 28.67 -30.67
C VAL C 182 7.41 27.95 -31.92
N ASP C 183 7.12 26.64 -31.82
CA ASP C 183 6.64 25.92 -32.99
C ASP C 183 5.31 26.49 -33.47
N ALA C 184 4.40 26.80 -32.55
CA ALA C 184 3.14 27.40 -32.97
C ALA C 184 3.35 28.74 -33.65
N LEU C 185 4.18 29.61 -33.05
CA LEU C 185 4.37 30.94 -33.57
C LEU C 185 5.14 30.95 -34.89
N SER C 186 5.85 29.87 -35.21
CA SER C 186 6.53 29.81 -36.50
C SER C 186 5.55 29.92 -37.66
N GLY C 187 4.27 29.65 -37.43
CA GLY C 187 3.27 29.70 -38.48
C GLY C 187 2.68 31.06 -38.76
N LEU C 188 2.99 32.07 -37.95
CA LEU C 188 2.46 33.40 -38.21
C LEU C 188 2.99 33.92 -39.54
N LYS C 189 2.09 34.49 -40.33
CA LYS C 189 2.39 34.94 -41.68
C LYS C 189 1.93 36.38 -41.86
N GLY C 190 2.41 37.00 -42.94
CA GLY C 190 2.02 38.35 -43.28
C GLY C 190 2.60 39.39 -42.33
N ASP C 191 1.78 40.36 -41.94
CA ASP C 191 2.25 41.43 -41.07
C ASP C 191 2.74 40.87 -39.75
N LEU C 192 2.05 39.85 -39.21
CA LEU C 192 2.43 39.29 -37.93
C LEU C 192 3.70 38.45 -37.98
N ALA C 193 4.22 38.16 -39.17
CA ALA C 193 5.41 37.32 -39.27
C ALA C 193 6.56 37.92 -38.46
N GLY C 194 7.24 37.09 -37.70
CA GLY C 194 8.30 37.56 -36.81
C GLY C 194 9.34 36.52 -36.48
N ARG C 195 10.14 36.79 -35.46
CA ARG C 195 11.21 35.90 -35.06
C ARG C 195 11.24 35.74 -33.55
N TYR C 196 11.77 34.61 -33.11
CA TYR C 196 12.00 34.31 -31.70
C TYR C 196 13.44 34.63 -31.32
N TYR C 197 13.61 35.30 -30.19
CA TYR C 197 14.92 35.62 -29.65
C TYR C 197 15.02 35.02 -28.27
N ARG C 198 15.97 34.10 -28.10
CA ARG C 198 16.18 33.44 -26.83
C ARG C 198 16.97 34.36 -25.91
N LEU C 199 16.50 34.49 -24.66
CA LEU C 199 17.14 35.41 -23.73
C LEU C 199 18.59 35.02 -23.47
N SER C 200 18.85 33.71 -23.36
CA SER C 200 20.20 33.24 -23.09
C SER C 200 21.15 33.50 -24.24
N GLU C 201 20.66 33.86 -25.42
CA GLU C 201 21.49 34.04 -26.61
C GLU C 201 21.61 35.48 -27.06
N MET C 202 21.14 36.44 -26.26
CA MET C 202 21.22 37.85 -26.59
C MET C 202 22.16 38.55 -25.63
N THR C 203 23.02 39.43 -26.17
CA THR C 203 24.01 40.11 -25.36
C THR C 203 23.34 41.10 -24.41
N GLU C 204 24.06 41.44 -23.34
CA GLU C 204 23.51 42.33 -22.32
C GLU C 204 23.08 43.65 -22.92
N ALA C 205 23.83 44.16 -23.90
CA ALA C 205 23.45 45.43 -24.52
C ALA C 205 22.11 45.33 -25.22
N GLU C 206 21.89 44.24 -25.96
CA GLU C 206 20.62 44.08 -26.65
C GLU C 206 19.46 43.97 -25.66
N GLN C 207 19.64 43.21 -24.59
CA GLN C 207 18.59 43.09 -23.59
C GLN C 207 18.29 44.43 -22.94
N GLN C 208 19.33 45.19 -22.61
CA GLN C 208 19.11 46.50 -22.00
C GLN C 208 18.40 47.43 -22.97
N GLN C 209 18.78 47.41 -24.24
CA GLN C 209 18.11 48.26 -25.22
C GLN C 209 16.63 47.88 -25.35
N LEU C 210 16.35 46.57 -25.39
CA LEU C 210 14.96 46.14 -25.50
C LEU C 210 14.15 46.55 -24.28
N ILE C 211 14.73 46.39 -23.08
CA ILE C 211 14.02 46.77 -21.87
C ILE C 211 13.76 48.28 -21.83
N ASP C 212 14.79 49.07 -22.12
CA ASP C 212 14.65 50.51 -22.08
C ASP C 212 13.64 51.03 -23.10
N ASP C 213 13.39 50.26 -24.17
CA ASP C 213 12.40 50.63 -25.17
C ASP C 213 11.00 50.15 -24.83
N HIS C 214 10.84 49.54 -23.65
CA HIS C 214 9.54 49.08 -23.16
C HIS C 214 9.03 47.85 -23.89
N PHE C 215 9.92 47.10 -24.54
CA PHE C 215 9.54 45.89 -25.27
C PHE C 215 9.76 44.63 -24.44
N LEU C 216 10.99 44.41 -23.99
CA LEU C 216 11.35 43.20 -23.27
C LEU C 216 11.01 43.33 -21.80
N PHE C 217 10.72 42.20 -21.16
CA PHE C 217 10.46 42.20 -19.74
C PHE C 217 11.74 42.49 -18.97
N ASP C 218 11.59 43.10 -17.80
CA ASP C 218 12.73 43.50 -17.00
C ASP C 218 13.46 42.28 -16.44
N LYS C 219 14.64 42.54 -15.87
CA LYS C 219 15.40 41.48 -15.25
C LYS C 219 14.66 40.95 -14.03
N PRO C 220 14.94 39.72 -13.62
CA PRO C 220 14.16 39.11 -12.54
C PRO C 220 14.45 39.71 -11.17
N VAL C 221 13.96 40.91 -10.92
CA VAL C 221 14.16 41.60 -9.65
C VAL C 221 12.85 41.94 -8.95
N SER C 222 11.72 41.65 -9.57
CA SER C 222 10.44 41.96 -8.93
C SER C 222 10.31 41.17 -7.63
N PRO C 223 9.86 41.81 -6.54
CA PRO C 223 9.70 41.03 -5.29
C PRO C 223 8.76 39.86 -5.45
N LEU C 224 7.67 40.02 -6.19
CA LEU C 224 6.76 38.90 -6.41
C LEU C 224 7.45 37.79 -7.18
N LEU C 225 8.16 38.13 -8.24
CA LEU C 225 8.80 37.13 -9.07
C LEU C 225 9.81 36.31 -8.27
N THR C 226 10.62 36.98 -7.45
CA THR C 226 11.62 36.27 -6.67
C THR C 226 10.99 35.46 -5.55
N ALA C 227 10.08 36.08 -4.79
CA ALA C 227 9.52 35.39 -3.63
C ALA C 227 8.66 34.21 -4.04
N ALA C 228 7.94 34.31 -5.16
CA ALA C 228 7.08 33.22 -5.60
C ALA C 228 7.87 32.07 -6.19
N GLY C 229 9.09 32.31 -6.65
CA GLY C 229 9.90 31.28 -7.26
C GLY C 229 9.84 31.24 -8.77
N MET C 230 9.55 32.36 -9.42
CA MET C 230 9.46 32.40 -10.88
C MET C 230 10.76 32.78 -11.55
N ALA C 231 11.82 33.05 -10.79
CA ALA C 231 13.12 33.40 -11.34
C ALA C 231 14.08 32.22 -11.33
N ARG C 232 13.60 31.02 -11.05
CA ARG C 232 14.48 29.85 -11.00
C ARG C 232 15.01 29.55 -12.40
N ASP C 233 16.31 29.23 -12.46
CA ASP C 233 16.98 28.82 -13.69
C ASP C 233 17.07 29.95 -14.71
N TRP C 234 16.93 31.19 -14.29
CA TRP C 234 17.01 32.30 -15.22
C TRP C 234 18.39 32.32 -15.88
N PRO C 235 18.47 32.65 -17.18
CA PRO C 235 17.42 32.98 -18.15
C PRO C 235 17.01 31.78 -18.99
N ASP C 236 17.13 30.56 -18.46
CA ASP C 236 16.88 29.37 -19.26
C ASP C 236 15.42 29.34 -19.71
N ALA C 237 15.21 29.13 -21.01
CA ALA C 237 13.91 28.88 -21.62
C ALA C 237 13.01 30.11 -21.64
N ARG C 238 13.52 31.30 -21.31
CA ARG C 238 12.76 32.52 -21.46
C ARG C 238 13.13 33.18 -22.78
N GLY C 239 12.17 33.88 -23.37
CA GLY C 239 12.49 34.53 -24.64
C GLY C 239 11.43 35.53 -25.03
N ILE C 240 11.67 36.18 -26.17
CA ILE C 240 10.72 37.14 -26.72
C ILE C 240 10.58 36.89 -28.21
N TRP C 241 9.35 36.69 -28.67
CA TRP C 241 9.04 36.52 -30.08
C TRP C 241 8.34 37.79 -30.56
N HIS C 242 8.95 38.50 -31.49
CA HIS C 242 8.36 39.76 -31.94
C HIS C 242 8.40 39.84 -33.46
N ASN C 243 7.44 40.60 -34.00
CA ASN C 243 7.37 40.83 -35.43
C ASN C 243 8.39 41.88 -35.84
N ASN C 244 8.57 42.02 -37.15
CA ASN C 244 9.63 42.89 -37.66
C ASN C 244 9.39 44.34 -37.25
N GLU C 245 8.15 44.81 -37.38
CA GLU C 245 7.82 46.16 -36.92
C GLU C 245 7.86 46.27 -35.39
N LYS C 246 7.89 45.14 -34.69
CA LYS C 246 7.92 45.11 -33.23
C LYS C 246 6.64 45.66 -32.63
N SER C 247 5.56 45.72 -33.42
CA SER C 247 4.26 46.09 -32.89
C SER C 247 3.53 44.93 -32.25
N PHE C 248 3.97 43.70 -32.51
CA PHE C 248 3.38 42.50 -31.94
C PHE C 248 4.48 41.69 -31.27
N LEU C 249 4.29 41.38 -29.98
CA LEU C 249 5.32 40.73 -29.19
C LEU C 249 4.69 39.64 -28.34
N ILE C 250 5.53 38.68 -27.95
CA ILE C 250 5.10 37.57 -27.11
C ILE C 250 6.25 37.21 -26.18
N TRP C 251 6.04 37.44 -24.88
CA TRP C 251 7.00 37.02 -23.88
C TRP C 251 6.77 35.57 -23.53
N VAL C 252 7.83 34.78 -23.53
CA VAL C 252 7.78 33.35 -23.24
C VAL C 252 8.47 33.13 -21.91
N ASN C 253 7.68 32.70 -20.92
CA ASN C 253 8.15 32.18 -19.64
C ASN C 253 8.69 33.24 -18.69
N GLU C 254 8.18 34.47 -18.76
CA GLU C 254 8.60 35.47 -17.79
C GLU C 254 7.81 35.34 -16.48
N GLU C 255 6.52 35.61 -16.52
CA GLU C 255 5.64 35.44 -15.37
C GLU C 255 4.44 34.56 -15.67
N ASP C 256 4.04 34.44 -16.92
CA ASP C 256 3.08 33.45 -17.39
C ASP C 256 3.76 32.63 -18.48
N HIS C 257 3.09 31.55 -18.89
CA HIS C 257 3.64 30.76 -19.98
C HIS C 257 3.80 31.61 -21.24
N THR C 258 2.80 32.43 -21.55
CA THR C 258 2.89 33.36 -22.67
C THR C 258 2.24 34.67 -22.29
N ARG C 259 2.80 35.77 -22.78
CA ARG C 259 2.20 37.09 -22.66
C ARG C 259 2.16 37.72 -24.05
N VAL C 260 0.97 37.92 -24.58
CA VAL C 260 0.78 38.48 -25.91
C VAL C 260 0.56 39.98 -25.78
N ILE C 261 1.35 40.76 -26.50
CA ILE C 261 1.40 42.21 -26.35
C ILE C 261 1.29 42.86 -27.72
N SER C 262 0.54 43.96 -27.79
CA SER C 262 0.46 44.80 -28.98
C SER C 262 0.75 46.24 -28.55
N MET C 263 1.80 46.82 -29.11
CA MET C 263 2.30 48.12 -28.71
C MET C 263 2.19 49.09 -29.87
N GLU C 264 2.10 50.38 -29.55
CA GLU C 264 2.21 51.42 -30.57
C GLU C 264 2.55 52.74 -29.89
N LYS C 265 3.18 53.62 -30.64
CA LYS C 265 3.50 54.97 -30.18
C LYS C 265 2.40 55.91 -30.64
N GLY C 266 1.74 56.54 -29.69
CA GLY C 266 0.62 57.42 -29.96
C GLY C 266 -0.62 56.97 -29.22
N GLY C 267 -1.74 57.61 -29.56
CA GLY C 267 -3.00 57.36 -28.88
C GLY C 267 -3.99 56.56 -29.69
N ASN C 268 -3.53 55.87 -30.72
CA ASN C 268 -4.41 55.09 -31.59
C ASN C 268 -4.68 53.74 -30.93
N MET C 269 -5.52 53.76 -29.90
CA MET C 269 -5.85 52.54 -29.19
C MET C 269 -6.66 51.58 -30.06
N LYS C 270 -7.48 52.11 -30.96
CA LYS C 270 -8.31 51.26 -31.79
C LYS C 270 -7.47 50.32 -32.65
N ARG C 271 -6.46 50.88 -33.34
CA ARG C 271 -5.60 50.04 -34.18
C ARG C 271 -4.83 49.03 -33.35
N VAL C 272 -4.32 49.45 -32.20
CA VAL C 272 -3.57 48.54 -31.34
C VAL C 272 -4.46 47.37 -30.94
N PHE C 273 -5.71 47.66 -30.54
CA PHE C 273 -6.59 46.60 -30.10
C PHE C 273 -7.00 45.69 -31.26
N GLU C 274 -7.21 46.26 -32.45
CA GLU C 274 -7.54 45.42 -33.60
C GLU C 274 -6.41 44.45 -33.91
N ARG C 275 -5.17 44.96 -33.97
CA ARG C 275 -4.03 44.10 -34.21
C ARG C 275 -3.91 43.06 -33.12
N PHE C 276 -4.12 43.46 -31.87
CA PHE C 276 -4.03 42.52 -30.76
C PHE C 276 -5.04 41.40 -30.91
N CYS C 277 -6.27 41.74 -31.26
CA CYS C 277 -7.32 40.73 -31.38
C CYS C 277 -6.98 39.74 -32.49
N ARG C 278 -6.62 40.24 -33.68
CA ARG C 278 -6.34 39.32 -34.76
C ARG C 278 -5.12 38.45 -34.47
N GLY C 279 -4.06 39.04 -33.93
CA GLY C 279 -2.88 38.27 -33.60
C GLY C 279 -3.15 37.22 -32.54
N LEU C 280 -3.93 37.58 -31.52
CA LEU C 280 -4.28 36.61 -30.49
C LEU C 280 -5.09 35.46 -31.06
N LYS C 281 -6.06 35.77 -31.94
CA LYS C 281 -6.83 34.70 -32.55
C LYS C 281 -5.94 33.76 -33.34
N GLU C 282 -5.02 34.32 -34.14
CA GLU C 282 -4.12 33.47 -34.91
C GLU C 282 -3.24 32.62 -34.02
N VAL C 283 -2.71 33.21 -32.95
CA VAL C 283 -1.84 32.46 -32.04
C VAL C 283 -2.60 31.32 -31.40
N GLU C 284 -3.83 31.58 -30.95
CA GLU C 284 -4.64 30.52 -30.36
C GLU C 284 -4.90 29.41 -31.36
N ARG C 285 -5.24 29.77 -32.60
CA ARG C 285 -5.50 28.75 -33.61
C ARG C 285 -4.27 27.88 -33.83
N LEU C 286 -3.10 28.50 -33.98
CA LEU C 286 -1.90 27.74 -34.25
C LEU C 286 -1.51 26.86 -33.06
N ILE C 287 -1.68 27.36 -31.84
CA ILE C 287 -1.37 26.55 -30.68
C ILE C 287 -2.30 25.34 -30.62
N GLN C 288 -3.59 25.56 -30.86
CA GLN C 288 -4.55 24.47 -30.80
C GLN C 288 -4.36 23.46 -31.93
N GLU C 289 -3.79 23.89 -33.06
CA GLU C 289 -3.57 22.95 -34.16
C GLU C 289 -2.70 21.78 -33.75
N ARG C 290 -1.76 21.98 -32.83
CA ARG C 290 -0.81 20.95 -32.46
C ARG C 290 -1.29 20.07 -31.32
N GLY C 291 -2.52 20.25 -30.85
CA GLY C 291 -3.06 19.42 -29.79
C GLY C 291 -2.92 19.99 -28.40
N TRP C 292 -2.53 21.25 -28.27
CA TRP C 292 -2.42 21.91 -26.98
C TRP C 292 -3.58 22.88 -26.81
N GLU C 293 -4.10 22.97 -25.58
CA GLU C 293 -5.20 23.85 -25.27
C GLU C 293 -4.83 24.73 -24.09
N PHE C 294 -5.45 25.90 -24.03
CA PHE C 294 -5.17 26.87 -22.99
C PHE C 294 -5.96 26.57 -21.73
N MET C 295 -5.33 26.83 -20.59
CA MET C 295 -6.03 26.74 -19.31
C MET C 295 -7.20 27.72 -19.32
N TRP C 296 -8.39 27.21 -19.01
CA TRP C 296 -9.58 28.04 -19.11
C TRP C 296 -10.75 27.32 -18.45
N ASN C 297 -11.55 28.06 -17.69
CA ASN C 297 -12.84 27.56 -17.22
C ASN C 297 -13.79 28.75 -17.10
N GLU C 298 -15.06 28.53 -17.44
CA GLU C 298 -16.01 29.63 -17.53
C GLU C 298 -16.21 30.33 -16.20
N ARG C 299 -15.88 29.68 -15.09
CA ARG C 299 -16.03 30.33 -13.79
C ARG C 299 -14.99 31.41 -13.60
N LEU C 300 -13.74 31.14 -13.97
CA LEU C 300 -12.64 32.07 -13.77
C LEU C 300 -12.09 32.68 -15.06
N GLY C 301 -12.45 32.14 -16.22
CA GLY C 301 -11.87 32.64 -17.45
C GLY C 301 -10.55 31.97 -17.73
N TYR C 302 -9.54 32.76 -18.08
CA TYR C 302 -8.22 32.23 -18.40
C TYR C 302 -7.37 32.18 -17.14
N ILE C 303 -6.82 31.01 -16.84
CA ILE C 303 -6.08 30.79 -15.61
C ILE C 303 -4.66 31.31 -15.79
N LEU C 304 -4.21 32.13 -14.83
CA LEU C 304 -2.86 32.67 -14.83
C LEU C 304 -2.32 32.60 -13.40
N THR C 305 -1.02 32.88 -13.25
CA THR C 305 -0.37 32.69 -11.96
C THR C 305 -0.94 33.62 -10.91
N CYS C 306 -0.98 34.92 -11.18
CA CYS C 306 -1.46 35.87 -10.19
C CYS C 306 -2.98 35.96 -10.24
N PRO C 307 -3.68 35.81 -9.11
CA PRO C 307 -5.13 35.96 -9.15
C PRO C 307 -5.61 37.30 -9.66
N SER C 308 -4.73 38.30 -9.73
CA SER C 308 -5.14 39.59 -10.27
C SER C 308 -5.24 39.58 -11.79
N ASN C 309 -4.75 38.54 -12.45
CA ASN C 309 -4.77 38.45 -13.91
C ASN C 309 -5.82 37.48 -14.42
N LEU C 310 -6.69 36.98 -13.55
CA LEU C 310 -7.68 36.01 -13.99
C LEU C 310 -8.67 36.64 -14.96
N GLY C 311 -9.57 35.82 -15.49
CA GLY C 311 -10.57 36.28 -16.41
C GLY C 311 -10.03 36.53 -17.81
N THR C 312 -10.10 37.78 -18.26
CA THR C 312 -9.52 38.12 -19.55
C THR C 312 -8.00 38.18 -19.49
N GLY C 313 -7.44 38.48 -18.32
CA GLY C 313 -6.01 38.70 -18.22
C GLY C 313 -5.54 39.90 -18.99
N LEU C 314 -6.46 40.77 -19.40
CA LEU C 314 -6.17 41.86 -20.32
C LEU C 314 -5.81 43.11 -19.55
N ARG C 315 -4.70 43.75 -19.94
CA ARG C 315 -4.30 45.05 -19.41
C ARG C 315 -4.09 45.96 -20.61
N ALA C 316 -4.99 46.91 -20.80
CA ALA C 316 -4.88 47.92 -21.82
C ALA C 316 -4.54 49.25 -21.14
N GLY C 317 -3.45 49.86 -21.57
CA GLY C 317 -2.98 51.07 -20.90
C GLY C 317 -2.29 51.99 -21.87
N VAL C 318 -1.96 53.17 -21.36
CA VAL C 318 -1.25 54.19 -22.12
C VAL C 318 -0.28 54.90 -21.19
N HIS C 319 0.93 55.15 -21.68
CA HIS C 319 1.77 56.16 -21.05
C HIS C 319 1.09 57.51 -21.23
N ILE C 320 1.32 58.41 -20.28
CA ILE C 320 0.59 59.68 -20.25
C ILE C 320 1.58 60.82 -20.09
N LYS C 321 1.16 62.01 -20.55
CA LYS C 321 2.08 63.11 -20.74
C LYS C 321 2.79 63.49 -19.45
N LEU C 322 4.08 63.83 -19.57
CA LEU C 322 4.83 64.30 -18.41
C LEU C 322 4.41 65.71 -18.00
N PRO C 323 4.57 66.73 -18.86
CA PRO C 323 4.16 68.09 -18.47
C PRO C 323 2.66 68.27 -18.64
N LEU C 324 1.94 68.30 -17.52
CA LEU C 324 0.48 68.41 -17.47
C LEU C 324 -0.06 67.58 -16.32
N LEU C 325 0.00 66.26 -16.46
CA LEU C 325 -0.51 65.37 -15.42
C LEU C 325 0.31 65.46 -14.14
N SER C 326 1.46 66.12 -14.18
CA SER C 326 2.15 66.50 -12.95
C SER C 326 1.36 67.55 -12.17
N LYS C 327 0.32 68.12 -12.76
CA LYS C 327 -0.49 69.14 -12.12
C LYS C 327 -1.66 68.56 -11.33
N ASP C 328 -1.77 67.24 -11.23
CA ASP C 328 -2.85 66.60 -10.49
C ASP C 328 -2.47 66.44 -9.02
N SER C 329 -3.46 66.59 -8.14
CA SER C 329 -3.26 66.57 -6.70
C SER C 329 -4.06 65.49 -5.97
N ARG C 330 -5.32 65.29 -6.35
CA ARG C 330 -6.19 64.27 -5.75
C ARG C 330 -6.24 63.02 -6.62
N PHE C 331 -5.12 62.67 -7.24
CA PHE C 331 -5.11 61.59 -8.22
C PHE C 331 -5.65 60.27 -7.68
N PRO C 332 -5.18 59.75 -6.54
CA PRO C 332 -5.53 58.38 -6.16
C PRO C 332 -7.04 58.15 -6.06
N LYS C 333 -7.79 59.10 -5.53
CA LYS C 333 -9.23 58.91 -5.42
C LYS C 333 -9.87 58.82 -6.80
N ILE C 334 -9.45 59.69 -7.72
CA ILE C 334 -10.01 59.65 -9.08
C ILE C 334 -9.67 58.33 -9.75
N LEU C 335 -8.43 57.87 -9.61
CA LEU C 335 -8.04 56.61 -10.21
C LEU C 335 -8.85 55.45 -9.64
N GLU C 336 -9.01 55.41 -8.32
CA GLU C 336 -9.76 54.32 -7.71
C GLU C 336 -11.22 54.35 -8.16
N ASN C 337 -11.81 55.53 -8.24
CA ASN C 337 -13.21 55.63 -8.66
C ASN C 337 -13.38 55.22 -10.11
N LEU C 338 -12.38 55.46 -10.96
CA LEU C 338 -12.42 55.03 -12.35
C LEU C 338 -11.94 53.60 -12.53
N ARG C 339 -11.56 52.91 -11.45
CA ARG C 339 -11.05 51.54 -11.52
C ARG C 339 -9.81 51.46 -12.41
N LEU C 340 -8.99 52.50 -12.37
CA LEU C 340 -7.74 52.55 -13.11
C LEU C 340 -6.57 52.44 -12.14
N GLN C 341 -5.54 51.71 -12.55
CA GLN C 341 -4.32 51.55 -11.77
C GLN C 341 -3.20 52.34 -12.42
N LYS C 342 -2.43 53.04 -11.60
CA LYS C 342 -1.34 53.91 -12.05
C LYS C 342 -0.02 53.31 -11.60
N ARG C 343 0.74 52.78 -12.54
CA ARG C 343 2.10 52.31 -12.30
C ARG C 343 3.09 53.35 -12.83
N GLY C 344 4.34 53.19 -12.43
CA GLY C 344 5.38 54.06 -12.93
C GLY C 344 5.77 53.65 -14.34
N THR C 345 6.40 54.60 -15.03
CA THR C 345 6.90 54.33 -16.38
C THR C 345 7.99 53.27 -16.27
N GLY C 346 8.09 52.43 -17.30
CA GLY C 346 9.09 51.38 -17.30
C GLY C 346 8.88 50.34 -16.22
N GLY C 347 7.63 49.93 -15.99
CA GLY C 347 7.35 48.81 -15.13
C GLY C 347 6.53 49.12 -13.90
N VAL C 348 5.95 48.08 -13.30
CA VAL C 348 5.19 48.25 -12.07
C VAL C 348 6.11 48.53 -10.88
N ASP C 349 7.32 47.99 -10.89
CA ASP C 349 8.24 48.13 -9.77
C ASP C 349 8.97 49.47 -9.78
N THR C 350 8.78 50.30 -10.79
CA THR C 350 9.45 51.59 -10.88
C THR C 350 8.50 52.71 -10.47
N ALA C 351 9.06 53.90 -10.33
CA ALA C 351 8.32 55.09 -9.93
C ALA C 351 8.23 56.06 -11.10
N ALA C 352 7.11 56.78 -11.16
CA ALA C 352 6.89 57.73 -12.25
C ALA C 352 7.98 58.79 -12.25
N THR C 353 8.53 59.06 -13.44
CA THR C 353 9.59 60.04 -13.60
C THR C 353 9.13 61.12 -14.58
N GLY C 354 9.23 62.37 -14.15
CA GLY C 354 8.88 63.49 -14.99
C GLY C 354 7.39 63.71 -15.18
N GLY C 355 6.55 62.97 -14.46
CA GLY C 355 5.12 63.09 -14.62
C GLY C 355 4.50 62.11 -15.60
N VAL C 356 5.27 61.16 -16.11
CA VAL C 356 4.75 60.14 -17.02
C VAL C 356 4.27 58.96 -16.20
N PHE C 357 3.06 58.51 -16.48
CA PHE C 357 2.41 57.43 -15.73
C PHE C 357 1.89 56.38 -16.68
N ASP C 358 1.88 55.14 -16.20
CA ASP C 358 1.30 54.01 -16.93
C ASP C 358 -0.06 53.74 -16.29
N ILE C 359 -1.11 54.20 -16.95
CA ILE C 359 -2.47 54.09 -16.43
C ILE C 359 -3.21 53.02 -17.21
N SER C 360 -3.72 52.02 -16.51
CA SER C 360 -4.38 50.87 -17.14
C SER C 360 -5.63 50.53 -16.35
N ASN C 361 -6.37 49.55 -16.84
CA ASN C 361 -7.53 49.06 -16.10
C ASN C 361 -7.07 48.25 -14.89
N LEU C 362 -7.87 48.29 -13.83
CA LEU C 362 -7.54 47.62 -12.59
C LEU C 362 -8.09 46.19 -12.53
N ASP C 363 -9.33 45.99 -12.96
CA ASP C 363 -9.98 44.69 -12.88
C ASP C 363 -9.97 44.03 -14.24
N ARG C 364 -9.80 42.70 -14.24
CA ARG C 364 -9.72 41.93 -15.47
C ARG C 364 -10.71 40.78 -15.54
N LEU C 365 -11.40 40.45 -14.46
CA LEU C 365 -12.33 39.34 -14.41
C LEU C 365 -13.75 39.86 -14.19
N GLY C 366 -14.70 39.29 -14.92
CA GLY C 366 -16.08 39.70 -14.87
C GLY C 366 -16.49 40.63 -15.99
N LYS C 367 -15.53 41.27 -16.66
CA LYS C 367 -15.79 42.12 -17.81
C LYS C 367 -15.11 41.53 -19.04
N SER C 368 -15.69 41.81 -20.21
CA SER C 368 -15.11 41.33 -21.44
C SER C 368 -14.02 42.29 -21.93
N GLU C 369 -13.22 41.82 -22.89
CA GLU C 369 -12.08 42.61 -23.35
C GLU C 369 -12.54 43.92 -23.96
N VAL C 370 -13.59 43.89 -24.77
CA VAL C 370 -14.10 45.12 -25.37
C VAL C 370 -14.55 46.08 -24.27
N GLU C 371 -15.26 45.57 -23.27
CA GLU C 371 -15.71 46.42 -22.17
C GLU C 371 -14.52 47.03 -21.44
N LEU C 372 -13.48 46.24 -21.18
CA LEU C 372 -12.33 46.76 -20.46
C LEU C 372 -11.61 47.84 -21.26
N VAL C 373 -11.45 47.63 -22.57
CA VAL C 373 -10.77 48.63 -23.38
C VAL C 373 -11.59 49.91 -23.44
N GLN C 374 -12.91 49.79 -23.59
CA GLN C 374 -13.76 50.98 -23.59
C GLN C 374 -13.69 51.70 -22.25
N LEU C 375 -13.65 50.95 -21.15
CA LEU C 375 -13.52 51.56 -19.84
C LEU C 375 -12.21 52.32 -19.72
N VAL C 376 -11.13 51.73 -20.21
CA VAL C 376 -9.84 52.42 -20.16
C VAL C 376 -9.88 53.69 -20.98
N ILE C 377 -10.50 53.63 -22.17
CA ILE C 377 -10.59 54.82 -23.02
C ILE C 377 -11.37 55.92 -22.31
N ASP C 378 -12.51 55.55 -21.72
CA ASP C 378 -13.33 56.55 -21.04
C ASP C 378 -12.60 57.15 -19.85
N GLY C 379 -11.92 56.32 -19.07
CA GLY C 379 -11.18 56.85 -17.93
C GLY C 379 -10.05 57.76 -18.35
N VAL C 380 -9.32 57.40 -19.39
CA VAL C 380 -8.21 58.24 -19.84
C VAL C 380 -8.74 59.54 -20.43
N ASN C 381 -9.88 59.50 -21.12
CA ASN C 381 -10.47 60.73 -21.63
C ASN C 381 -10.92 61.63 -20.49
N TYR C 382 -11.48 61.04 -19.44
CA TYR C 382 -11.84 61.82 -18.26
C TYR C 382 -10.60 62.46 -17.64
N LEU C 383 -9.51 61.70 -17.55
CA LEU C 383 -8.27 62.25 -17.00
C LEU C 383 -7.76 63.40 -17.86
N ILE C 384 -7.84 63.26 -19.19
CA ILE C 384 -7.42 64.34 -20.08
C ILE C 384 -8.28 65.58 -19.85
N ASP C 385 -9.60 65.38 -19.77
CA ASP C 385 -10.49 66.52 -19.57
C ASP C 385 -10.19 67.23 -18.26
N CYS C 386 -9.97 66.46 -17.19
CA CYS C 386 -9.63 67.07 -15.89
C CYS C 386 -8.23 67.63 -15.87
N GLU C 387 -7.37 67.23 -16.81
CA GLU C 387 -5.99 67.71 -16.82
C GLU C 387 -5.92 69.18 -17.21
N ARG C 388 -6.79 69.63 -18.10
CA ARG C 388 -6.73 71.00 -18.59
C ARG C 388 -6.87 71.97 -17.43
N ARG C 389 -5.83 72.78 -17.21
CA ARG C 389 -5.75 73.68 -16.07
C ARG C 389 -6.30 75.07 -16.36
N LEU C 390 -6.83 75.30 -17.56
CA LEU C 390 -7.44 76.60 -17.86
C LEU C 390 -8.62 76.89 -16.94
N GLU C 391 -9.20 75.88 -16.33
CA GLU C 391 -10.28 76.02 -15.37
C GLU C 391 -9.81 75.47 -14.01
N ARG C 392 -10.74 75.38 -13.06
CA ARG C 392 -10.43 74.84 -11.75
C ARG C 392 -11.55 73.89 -11.32
N GLY C 393 -11.20 72.94 -10.46
CA GLY C 393 -12.16 72.02 -9.90
C GLY C 393 -12.15 70.65 -10.56
N GLN C 394 -12.02 69.61 -9.75
CA GLN C 394 -12.06 68.23 -10.22
C GLN C 394 -13.36 67.59 -9.72
N ASP C 395 -14.08 66.94 -10.63
CA ASP C 395 -15.37 66.36 -10.30
C ASP C 395 -15.28 64.98 -9.65
N ILE C 396 -14.12 64.34 -9.70
CA ILE C 396 -13.96 62.99 -9.15
C ILE C 396 -14.90 62.05 -9.88
N ARG C 397 -16.20 62.24 -9.71
CA ARG C 397 -17.22 61.57 -10.51
C ARG C 397 -17.12 60.05 -10.38
N ILE C 398 -17.40 59.56 -9.17
CA ILE C 398 -17.54 58.13 -8.96
C ILE C 398 -18.58 57.59 -9.94
N SER D 31 -0.76 15.91 4.06
CA SER D 31 0.39 16.01 3.16
C SER D 31 1.63 15.43 3.79
N GLU D 32 2.54 14.93 2.95
CA GLU D 32 3.81 14.40 3.44
C GLU D 32 4.83 15.49 3.72
N ARG D 33 4.53 16.74 3.36
CA ARG D 33 5.43 17.85 3.63
C ARG D 33 5.36 18.33 5.08
N ARG D 34 4.37 17.88 5.84
CA ARG D 34 4.26 18.27 7.24
C ARG D 34 5.39 17.65 8.05
N ARG D 35 5.86 18.39 9.05
CA ARG D 35 7.01 17.99 9.85
C ARG D 35 6.56 17.42 11.17
N LEU D 36 7.34 16.45 11.66
CA LEU D 36 7.11 15.85 12.97
C LEU D 36 7.92 16.58 14.04
N TYR D 37 7.45 16.46 15.27
CA TYR D 37 8.23 16.97 16.38
C TYR D 37 9.57 16.26 16.42
N PRO D 38 10.69 16.99 16.44
CA PRO D 38 11.98 16.31 16.50
C PRO D 38 12.09 15.51 17.77
N PRO D 39 12.84 14.40 17.74
CA PRO D 39 12.90 13.54 18.94
C PRO D 39 13.31 14.27 20.20
N SER D 40 14.25 15.21 20.11
CA SER D 40 14.67 15.93 21.31
C SER D 40 13.53 16.73 21.92
N ALA D 41 12.51 17.07 21.14
CA ALA D 41 11.36 17.76 21.71
C ALA D 41 10.61 16.87 22.68
N GLU D 42 10.63 15.56 22.47
CA GLU D 42 9.97 14.60 23.34
C GLU D 42 10.88 14.08 24.44
N TYR D 43 12.14 14.46 24.44
CA TYR D 43 13.09 13.89 25.40
C TYR D 43 12.64 14.20 26.82
N PRO D 44 12.62 13.22 27.72
CA PRO D 44 12.15 13.48 29.08
C PRO D 44 13.11 14.37 29.85
N ASP D 45 12.56 15.06 30.85
CA ASP D 45 13.35 15.92 31.74
C ASP D 45 13.73 15.10 32.96
N LEU D 46 14.98 14.62 32.98
CA LEU D 46 15.47 13.73 34.03
C LEU D 46 16.55 14.39 34.88
N ARG D 47 16.46 15.71 35.05
CA ARG D 47 17.52 16.43 35.75
C ARG D 47 17.54 16.16 37.25
N LYS D 48 16.53 15.46 37.79
CA LYS D 48 16.49 15.16 39.22
C LYS D 48 16.16 13.70 39.48
N HIS D 49 16.19 12.85 38.46
CA HIS D 49 15.83 11.45 38.60
C HIS D 49 17.00 10.64 39.13
N ASN D 50 16.68 9.51 39.75
CA ASN D 50 17.67 8.67 40.42
C ASN D 50 17.40 7.19 40.16
N ASN D 51 17.12 6.84 38.90
CA ASN D 51 16.91 5.46 38.51
C ASN D 51 17.83 5.12 37.35
N CYS D 52 18.01 3.82 37.12
CA CYS D 52 19.01 3.38 36.15
C CYS D 52 18.65 3.84 34.74
N MET D 53 17.37 3.90 34.41
CA MET D 53 16.97 4.39 33.10
C MET D 53 17.48 5.81 32.90
N ALA D 54 17.24 6.67 33.89
CA ALA D 54 17.70 8.05 33.80
C ALA D 54 19.22 8.13 33.70
N SER D 55 19.92 7.22 34.38
CA SER D 55 21.37 7.22 34.33
C SER D 55 21.88 6.83 32.94
N HIS D 56 21.22 5.89 32.28
CA HIS D 56 21.71 5.33 31.03
C HIS D 56 20.96 5.83 29.80
N LEU D 57 20.06 6.80 29.96
CA LEU D 57 19.34 7.37 28.83
C LEU D 57 20.03 8.65 28.38
N THR D 58 20.31 8.75 27.09
CA THR D 58 20.97 9.90 26.49
C THR D 58 20.19 10.34 25.27
N PRO D 59 20.32 11.60 24.86
CA PRO D 59 19.56 12.05 23.68
C PRO D 59 19.82 11.22 22.44
N ALA D 60 21.06 10.74 22.25
CA ALA D 60 21.36 9.92 21.09
C ALA D 60 20.56 8.63 21.10
N VAL D 61 20.54 7.94 22.24
CA VAL D 61 19.81 6.69 22.33
C VAL D 61 18.32 6.92 22.13
N TYR D 62 17.78 7.95 22.76
CA TYR D 62 16.36 8.23 22.63
C TYR D 62 16.00 8.52 21.18
N ALA D 63 16.79 9.35 20.52
CA ALA D 63 16.52 9.66 19.12
C ALA D 63 16.61 8.42 18.25
N ARG D 64 17.59 7.55 18.53
CA ARG D 64 17.76 6.35 17.73
C ARG D 64 16.58 5.41 17.88
N LEU D 65 16.05 5.28 19.09
CA LEU D 65 15.02 4.27 19.38
C LEU D 65 13.60 4.80 19.36
N CYS D 66 13.40 6.11 19.16
CA CYS D 66 12.06 6.66 19.33
C CYS D 66 11.11 6.29 18.20
N ASP D 67 11.62 5.80 17.07
CA ASP D 67 10.76 5.36 15.98
C ASP D 67 10.43 3.87 16.04
N LYS D 68 11.28 3.07 16.67
CA LYS D 68 11.09 1.63 16.67
C LYS D 68 9.87 1.25 17.52
N THR D 69 9.40 0.02 17.31
CA THR D 69 8.26 -0.49 18.05
C THR D 69 8.22 -2.00 17.90
N THR D 70 7.79 -2.68 18.96
CA THR D 70 7.63 -4.11 18.89
C THR D 70 6.42 -4.46 18.05
N PRO D 71 6.32 -5.71 17.58
CA PRO D 71 5.20 -6.07 16.70
C PRO D 71 3.84 -5.79 17.31
N THR D 72 3.72 -5.85 18.63
CA THR D 72 2.45 -5.58 19.30
C THR D 72 2.22 -4.10 19.57
N GLY D 73 3.16 -3.23 19.21
CA GLY D 73 2.99 -1.80 19.33
C GLY D 73 3.65 -1.16 20.53
N TRP D 74 4.43 -1.91 21.31
CA TRP D 74 5.15 -1.32 22.43
C TRP D 74 6.22 -0.36 21.93
N THR D 75 6.39 0.75 22.63
CA THR D 75 7.31 1.80 22.22
C THR D 75 8.23 2.16 23.38
N LEU D 76 9.26 2.94 23.07
CA LEU D 76 10.26 3.30 24.07
C LEU D 76 9.63 4.16 25.17
N ASP D 77 8.76 5.09 24.80
CA ASP D 77 8.12 5.93 25.79
C ASP D 77 7.35 5.10 26.80
N GLN D 78 6.61 4.09 26.31
CA GLN D 78 5.92 3.20 27.22
C GLN D 78 6.90 2.39 28.06
N CYS D 79 8.08 2.09 27.52
CA CYS D 79 9.09 1.37 28.30
C CYS D 79 9.56 2.21 29.48
N ILE D 80 9.80 3.50 29.25
CA ILE D 80 10.47 4.35 30.25
C ILE D 80 9.48 5.22 31.01
N GLN D 81 8.18 5.04 30.80
CA GLN D 81 7.21 5.90 31.50
C GLN D 81 7.32 5.76 33.01
N THR D 82 7.46 4.53 33.51
CA THR D 82 7.53 4.35 34.95
C THR D 82 8.75 5.05 35.54
N GLY D 83 9.89 4.94 34.87
CA GLY D 83 11.09 5.61 35.35
C GLY D 83 10.97 7.12 35.26
N VAL D 84 10.32 7.62 34.20
CA VAL D 84 10.15 9.06 34.07
C VAL D 84 9.26 9.61 35.19
N ASP D 85 8.18 8.90 35.50
CA ASP D 85 7.23 9.38 36.49
C ASP D 85 7.74 9.21 37.92
N ASN D 86 8.67 8.28 38.16
CA ASN D 86 9.15 7.96 39.51
C ASN D 86 10.64 8.22 39.59
N PRO D 87 11.06 9.43 39.93
CA PRO D 87 12.51 9.67 40.11
C PRO D 87 13.07 9.04 41.36
N GLY D 88 12.25 8.84 42.39
CA GLY D 88 12.70 8.38 43.68
C GLY D 88 12.31 6.95 43.96
N HIS D 89 11.20 6.77 44.67
CA HIS D 89 10.73 5.47 45.14
C HIS D 89 11.71 4.83 46.10
N PRO D 90 11.80 5.30 47.34
CA PRO D 90 12.43 4.48 48.38
C PRO D 90 11.77 3.10 48.43
N PHE D 91 12.33 2.14 49.14
CA PHE D 91 13.54 2.30 49.94
C PHE D 91 14.67 1.54 49.26
N ILE D 92 14.59 1.44 47.93
CA ILE D 92 15.54 0.71 47.11
C ILE D 92 15.82 1.52 45.86
N LYS D 93 16.79 1.04 45.09
CA LYS D 93 17.10 1.63 43.80
C LYS D 93 16.29 0.92 42.71
N THR D 94 15.57 1.70 41.92
CA THR D 94 14.65 1.16 40.93
C THR D 94 15.28 1.19 39.54
N VAL D 95 14.88 0.22 38.72
CA VAL D 95 15.36 0.18 37.34
C VAL D 95 14.74 1.31 36.53
N GLY D 96 13.44 1.52 36.67
CA GLY D 96 12.75 2.56 35.94
C GLY D 96 12.29 2.16 34.56
N MET D 97 12.32 0.87 34.21
CA MET D 97 11.86 0.39 32.92
C MET D 97 11.03 -0.86 33.11
N VAL D 98 10.21 -1.14 32.10
CA VAL D 98 9.45 -2.38 32.03
C VAL D 98 9.41 -2.82 30.57
N ALA D 99 8.99 -4.06 30.35
CA ALA D 99 8.85 -4.63 29.02
C ALA D 99 7.38 -4.90 28.74
N GLY D 100 6.96 -4.64 27.51
CA GLY D 100 5.58 -4.87 27.11
C GLY D 100 5.37 -6.24 26.51
N ASP D 101 6.44 -6.87 26.05
CA ASP D 101 6.35 -8.20 25.43
C ASP D 101 7.77 -8.75 25.32
N GLU D 102 7.87 -9.96 24.77
CA GLU D 102 9.17 -10.61 24.63
C GLU D 102 10.08 -9.82 23.70
N GLU D 103 9.54 -9.31 22.59
CA GLU D 103 10.36 -8.64 21.60
C GLU D 103 11.02 -7.38 22.14
N THR D 104 10.45 -6.79 23.19
CA THR D 104 10.98 -5.53 23.71
C THR D 104 12.47 -5.65 24.00
N TYR D 105 12.86 -6.66 24.77
CA TYR D 105 14.25 -6.79 25.18
C TYR D 105 15.18 -6.91 23.99
N GLU D 106 14.67 -7.30 22.82
CA GLU D 106 15.47 -7.36 21.62
C GLU D 106 15.36 -6.07 20.82
N VAL D 107 14.18 -5.47 20.76
CA VAL D 107 13.99 -4.28 19.93
C VAL D 107 14.72 -3.10 20.53
N PHE D 108 14.59 -2.91 21.85
CA PHE D 108 15.22 -1.81 22.56
C PHE D 108 16.44 -2.25 23.34
N ALA D 109 17.17 -3.24 22.82
CA ALA D 109 18.34 -3.75 23.52
C ALA D 109 19.39 -2.68 23.74
N ASP D 110 19.46 -1.70 22.83
CA ASP D 110 20.46 -0.65 22.95
C ASP D 110 20.34 0.12 24.26
N LEU D 111 19.16 0.10 24.88
CA LEU D 111 18.96 0.74 26.18
C LEU D 111 18.79 -0.24 27.32
N PHE D 112 18.22 -1.42 27.05
CA PHE D 112 18.02 -2.39 28.12
C PHE D 112 19.34 -3.05 28.52
N ASP D 113 20.22 -3.28 27.56
CA ASP D 113 21.46 -4.01 27.86
C ASP D 113 22.32 -3.30 28.89
N PRO D 114 22.65 -2.02 28.76
CA PRO D 114 23.41 -1.35 29.83
C PRO D 114 22.66 -1.36 31.15
N VAL D 115 21.35 -1.20 31.13
CA VAL D 115 20.56 -1.21 32.35
C VAL D 115 20.63 -2.58 33.02
N ILE D 116 20.48 -3.64 32.22
CA ILE D 116 20.57 -5.00 32.77
C ILE D 116 21.96 -5.23 33.34
N GLN D 117 23.00 -4.80 32.63
CA GLN D 117 24.36 -5.02 33.09
C GLN D 117 24.61 -4.33 34.42
N GLU D 118 24.18 -3.07 34.53
CA GLU D 118 24.36 -2.35 35.80
C GLU D 118 23.54 -2.96 36.91
N ARG D 119 22.31 -3.38 36.61
CA ARG D 119 21.41 -3.89 37.64
C ARG D 119 21.88 -5.24 38.18
N HIS D 120 22.54 -6.05 37.36
CA HIS D 120 22.95 -7.39 37.72
C HIS D 120 24.46 -7.49 37.88
N ASN D 121 25.06 -6.47 38.48
CA ASN D 121 26.47 -6.42 38.87
C ASN D 121 27.37 -7.11 37.85
N GLY D 122 27.32 -6.59 36.62
CA GLY D 122 28.32 -6.87 35.63
C GLY D 122 27.95 -7.88 34.57
N TYR D 123 26.90 -8.66 34.79
CA TYR D 123 26.49 -9.62 33.77
C TYR D 123 26.22 -8.89 32.46
N ASP D 124 26.78 -9.41 31.37
CA ASP D 124 26.70 -8.75 30.08
C ASP D 124 25.79 -9.53 29.15
N PRO D 125 24.54 -9.11 28.94
CA PRO D 125 23.64 -9.91 28.09
C PRO D 125 24.17 -10.09 26.68
N ARG D 126 24.91 -9.13 26.15
CA ARG D 126 25.41 -9.24 24.79
C ARG D 126 26.39 -10.40 24.64
N THR D 127 27.28 -10.57 25.61
CA THR D 127 28.39 -11.52 25.50
C THR D 127 28.07 -12.88 26.11
N MET D 128 27.78 -12.92 27.40
CA MET D 128 27.70 -14.18 28.12
C MET D 128 26.27 -14.72 28.11
N LYS D 129 26.14 -15.98 28.53
CA LYS D 129 24.89 -16.71 28.54
C LYS D 129 24.45 -17.01 29.97
N HIS D 130 23.20 -17.40 30.11
CA HIS D 130 22.60 -17.70 31.40
C HIS D 130 22.32 -19.18 31.52
N THR D 131 22.55 -19.73 32.71
CA THR D 131 22.36 -21.15 32.99
C THR D 131 21.44 -21.31 34.18
N THR D 132 20.55 -22.30 34.12
CA THR D 132 19.58 -22.56 35.17
C THR D 132 19.66 -24.01 35.59
N ASP D 133 19.66 -24.25 36.90
CA ASP D 133 19.55 -25.60 37.44
C ASP D 133 18.76 -25.55 38.73
N LEU D 134 17.73 -26.38 38.83
CA LEU D 134 16.88 -26.46 40.01
C LEU D 134 17.07 -27.84 40.62
N ASP D 135 18.09 -27.96 41.48
CA ASP D 135 18.42 -29.21 42.15
C ASP D 135 18.60 -28.94 43.62
N ALA D 136 17.61 -29.33 44.43
CA ALA D 136 17.67 -29.13 45.87
C ALA D 136 18.64 -30.08 46.55
N SER D 137 19.32 -30.96 45.80
CA SER D 137 20.29 -31.85 46.40
C SER D 137 21.58 -31.14 46.78
N LYS D 138 22.05 -30.24 45.92
CA LYS D 138 23.35 -29.58 46.07
C LYS D 138 23.27 -28.33 46.93
N ILE D 139 22.26 -28.20 47.77
CA ILE D 139 22.02 -26.98 48.54
C ILE D 139 22.07 -27.36 50.01
N ARG D 140 22.92 -28.33 50.34
CA ARG D 140 22.98 -28.89 51.69
C ARG D 140 23.11 -27.80 52.74
N SER D 141 22.83 -28.14 54.00
CA SER D 141 22.72 -27.16 55.07
C SER D 141 21.46 -26.31 54.88
N GLY D 142 21.58 -24.99 54.95
CA GLY D 142 20.43 -24.14 54.70
C GLY D 142 19.33 -24.24 55.74
N TYR D 143 19.69 -24.33 57.02
CA TYR D 143 18.74 -24.28 58.12
C TYR D 143 19.17 -23.14 59.03
N PHE D 144 18.36 -22.08 59.09
CA PHE D 144 18.72 -20.88 59.83
C PHE D 144 18.44 -21.06 61.32
N ASP D 145 18.72 -20.02 62.09
CA ASP D 145 18.42 -20.02 63.52
C ASP D 145 16.98 -19.57 63.73
N GLU D 146 16.20 -20.39 64.42
CA GLU D 146 14.80 -20.10 64.61
C GLU D 146 14.56 -18.81 65.39
N ARG D 147 15.58 -18.31 66.08
CA ARG D 147 15.46 -17.10 66.88
C ARG D 147 15.75 -15.84 66.10
N TYR D 148 15.98 -15.94 64.79
CA TYR D 148 16.37 -14.78 64.00
C TYR D 148 15.67 -14.66 62.66
N VAL D 149 14.78 -15.59 62.29
CA VAL D 149 14.26 -15.63 60.94
C VAL D 149 12.74 -15.51 60.92
N LEU D 150 12.05 -16.47 61.53
CA LEU D 150 10.59 -16.46 61.63
C LEU D 150 9.89 -16.76 60.30
N SER D 151 10.61 -16.78 59.19
CA SER D 151 9.99 -17.05 57.90
C SER D 151 11.01 -17.23 56.79
N SER D 152 10.68 -18.08 55.81
CA SER D 152 11.53 -18.29 54.65
C SER D 152 10.66 -18.49 53.43
N ARG D 153 10.98 -17.77 52.35
CA ARG D 153 10.19 -17.78 51.13
C ARG D 153 11.12 -17.89 49.93
N VAL D 154 10.63 -18.56 48.89
CA VAL D 154 11.32 -18.65 47.61
C VAL D 154 10.31 -18.39 46.51
N ARG D 155 10.64 -17.47 45.60
CA ARG D 155 9.71 -17.01 44.59
C ARG D 155 10.38 -17.00 43.22
N THR D 156 9.57 -17.23 42.19
CA THR D 156 10.01 -17.01 40.81
C THR D 156 8.82 -16.51 40.00
N GLY D 157 9.11 -16.03 38.81
CA GLY D 157 8.07 -15.58 37.91
C GLY D 157 8.14 -16.30 36.57
N ARG D 158 7.02 -16.33 35.85
CA ARG D 158 6.99 -16.97 34.54
C ARG D 158 5.99 -16.25 33.66
N SER D 159 6.33 -16.12 32.39
CA SER D 159 5.47 -15.51 31.38
C SER D 159 5.13 -16.53 30.31
N ILE D 160 3.90 -16.47 29.81
CA ILE D 160 3.45 -17.35 28.75
C ILE D 160 3.83 -16.74 27.42
N ARG D 161 4.52 -17.51 26.59
CA ARG D 161 4.94 -17.00 25.28
C ARG D 161 3.74 -16.76 24.39
N GLY D 162 3.79 -15.68 23.61
CA GLY D 162 2.72 -15.32 22.72
C GLY D 162 1.70 -14.37 23.30
N LEU D 163 1.78 -14.05 24.59
CA LEU D 163 0.85 -13.15 25.25
C LEU D 163 1.59 -11.95 25.79
N SER D 164 0.98 -10.78 25.64
CA SER D 164 1.62 -9.54 26.07
C SER D 164 1.77 -9.53 27.59
N LEU D 165 2.79 -8.83 28.05
CA LEU D 165 3.08 -8.75 29.47
C LEU D 165 2.11 -7.77 30.15
N PRO D 166 2.01 -7.83 31.47
CA PRO D 166 0.97 -7.07 32.18
C PRO D 166 0.99 -5.60 31.83
N PRO D 167 2.16 -4.99 31.62
CA PRO D 167 2.14 -3.57 31.23
C PRO D 167 1.37 -3.29 29.95
N ALA D 168 1.34 -4.23 29.01
CA ALA D 168 0.72 -4.01 27.71
C ALA D 168 -0.47 -4.92 27.43
N CYS D 169 -0.71 -5.94 28.24
CA CYS D 169 -1.74 -6.91 27.93
C CYS D 169 -3.12 -6.27 27.94
N THR D 170 -3.97 -6.69 27.00
CA THR D 170 -5.36 -6.27 26.98
C THR D 170 -6.18 -7.20 27.87
N ARG D 171 -7.48 -6.92 27.98
CA ARG D 171 -8.34 -7.75 28.82
C ARG D 171 -8.38 -9.18 28.31
N ALA D 172 -8.52 -9.35 26.99
CA ALA D 172 -8.58 -10.69 26.43
C ALA D 172 -7.31 -11.47 26.71
N GLU D 173 -6.15 -10.84 26.56
CA GLU D 173 -4.89 -11.51 26.83
C GLU D 173 -4.77 -11.91 28.29
N ARG D 174 -5.17 -11.01 29.20
CA ARG D 174 -5.10 -11.33 30.62
C ARG D 174 -6.01 -12.50 30.96
N ARG D 175 -7.22 -12.51 30.40
CA ARG D 175 -8.13 -13.63 30.65
C ARG D 175 -7.58 -14.92 30.07
N GLU D 176 -6.92 -14.83 28.91
CA GLU D 176 -6.30 -16.02 28.32
C GLU D 176 -5.21 -16.57 29.23
N VAL D 177 -4.38 -15.68 29.79
CA VAL D 177 -3.35 -16.12 30.72
C VAL D 177 -3.98 -16.81 31.92
N GLU D 178 -5.04 -16.21 32.46
CA GLU D 178 -5.70 -16.79 33.62
C GLU D 178 -6.25 -18.18 33.30
N ARG D 179 -6.90 -18.33 32.15
N ARG D 179 -6.90 -18.33 32.15
CA ARG D 179 -7.47 -19.63 31.79
CA ARG D 179 -7.46 -19.62 31.76
C ARG D 179 -6.37 -20.67 31.62
C ARG D 179 -6.37 -20.66 31.62
N VAL D 180 -5.29 -20.31 30.92
CA VAL D 180 -4.21 -21.28 30.70
C VAL D 180 -3.64 -21.74 32.02
N VAL D 181 -3.36 -20.79 32.91
CA VAL D 181 -2.73 -21.14 34.18
C VAL D 181 -3.67 -21.97 35.03
N VAL D 182 -4.95 -21.60 35.09
CA VAL D 182 -5.88 -22.34 35.94
C VAL D 182 -6.08 -23.75 35.41
N ASP D 183 -6.25 -23.91 34.10
CA ASP D 183 -6.42 -25.24 33.54
C ASP D 183 -5.19 -26.10 33.81
N ALA D 184 -4.00 -25.53 33.62
CA ALA D 184 -2.78 -26.29 33.89
C ALA D 184 -2.70 -26.69 35.37
N LEU D 185 -2.95 -25.74 36.26
CA LEU D 185 -2.82 -26.00 37.69
C LEU D 185 -3.87 -26.94 38.22
N SER D 186 -4.99 -27.12 37.50
CA SER D 186 -5.97 -28.08 37.94
C SER D 186 -5.41 -29.50 38.02
N GLY D 187 -4.30 -29.76 37.33
CA GLY D 187 -3.70 -31.08 37.32
C GLY D 187 -2.78 -31.40 38.47
N LEU D 188 -2.46 -30.44 39.33
CA LEU D 188 -1.61 -30.71 40.48
C LEU D 188 -2.29 -31.71 41.40
N LYS D 189 -1.51 -32.70 41.86
CA LYS D 189 -2.02 -33.78 42.67
C LYS D 189 -1.15 -33.98 43.89
N GLY D 190 -1.72 -34.61 44.91
CA GLY D 190 -0.98 -34.91 46.12
C GLY D 190 -0.85 -33.72 47.05
N ASP D 191 0.35 -33.53 47.60
CA ASP D 191 0.58 -32.43 48.53
C ASP D 191 0.34 -31.09 47.83
N LEU D 192 0.74 -30.97 46.57
CA LEU D 192 0.59 -29.72 45.85
C LEU D 192 -0.85 -29.43 45.46
N ALA D 193 -1.77 -30.38 45.62
CA ALA D 193 -3.15 -30.16 45.23
C ALA D 193 -3.72 -28.94 45.94
N GLY D 194 -4.41 -28.09 45.19
CA GLY D 194 -4.93 -26.85 45.73
C GLY D 194 -6.12 -26.29 44.98
N ARG D 195 -6.43 -25.03 45.24
CA ARG D 195 -7.58 -24.39 44.61
C ARG D 195 -7.21 -22.99 44.14
N TYR D 196 -7.96 -22.52 43.14
CA TYR D 196 -7.85 -21.17 42.62
C TYR D 196 -8.90 -20.28 43.26
N TYR D 197 -8.49 -19.09 43.65
CA TYR D 197 -9.39 -18.09 44.22
C TYR D 197 -9.29 -16.83 43.38
N ARG D 198 -10.40 -16.45 42.76
CA ARG D 198 -10.44 -15.27 41.92
C ARG D 198 -10.55 -14.03 42.80
N LEU D 199 -9.73 -13.02 42.50
CA LEU D 199 -9.69 -11.83 43.33
C LEU D 199 -11.04 -11.12 43.33
N SER D 200 -11.71 -11.08 42.17
CA SER D 200 -12.99 -10.41 42.07
C SER D 200 -14.10 -11.12 42.84
N GLU D 201 -13.86 -12.35 43.31
CA GLU D 201 -14.89 -13.13 43.99
C GLU D 201 -14.61 -13.33 45.47
N MET D 202 -13.63 -12.64 46.03
CA MET D 202 -13.30 -12.76 47.44
C MET D 202 -13.61 -11.45 48.15
N THR D 203 -14.21 -11.55 49.34
CA THR D 203 -14.62 -10.37 50.07
C THR D 203 -13.40 -9.60 50.58
N GLU D 204 -13.61 -8.31 50.86
CA GLU D 204 -12.50 -7.46 51.28
C GLU D 204 -11.83 -8.02 52.54
N ALA D 205 -12.60 -8.60 53.45
CA ALA D 205 -12.00 -9.16 54.66
C ALA D 205 -11.05 -10.30 54.33
N GLU D 206 -11.45 -11.18 53.42
CA GLU D 206 -10.59 -12.31 53.05
C GLU D 206 -9.31 -11.81 52.39
N GLN D 207 -9.41 -10.82 51.49
CA GLN D 207 -8.23 -10.28 50.85
C GLN D 207 -7.30 -9.63 51.86
N GLN D 208 -7.86 -8.87 52.80
CA GLN D 208 -7.03 -8.23 53.81
C GLN D 208 -6.35 -9.27 54.69
N GLN D 209 -7.07 -10.33 55.07
CA GLN D 209 -6.46 -11.38 55.88
C GLN D 209 -5.33 -12.07 55.12
N LEU D 210 -5.54 -12.35 53.84
CA LEU D 210 -4.49 -12.99 53.05
C LEU D 210 -3.27 -12.09 52.91
N ILE D 211 -3.49 -10.79 52.70
CA ILE D 211 -2.37 -9.86 52.56
C ILE D 211 -1.61 -9.76 53.87
N ASP D 212 -2.32 -9.55 54.98
CA ASP D 212 -1.67 -9.40 56.27
C ASP D 212 -0.91 -10.65 56.68
N ASP D 213 -1.28 -11.81 56.15
CA ASP D 213 -0.57 -13.05 56.44
C ASP D 213 0.60 -13.28 55.51
N HIS D 214 0.90 -12.34 54.62
CA HIS D 214 2.03 -12.38 53.70
C HIS D 214 1.81 -13.34 52.54
N PHE D 215 0.58 -13.77 52.30
CA PHE D 215 0.31 -14.72 51.23
C PHE D 215 -0.09 -14.01 49.93
N LEU D 216 -1.15 -13.22 49.98
CA LEU D 216 -1.66 -12.57 48.78
C LEU D 216 -0.88 -11.30 48.49
N PHE D 217 -0.84 -10.93 47.22
CA PHE D 217 -0.19 -9.69 46.80
C PHE D 217 -1.01 -8.49 47.25
N ASP D 218 -0.32 -7.38 47.48
CA ASP D 218 -0.96 -6.19 48.01
C ASP D 218 -1.87 -5.56 46.95
N LYS D 219 -2.67 -4.59 47.40
CA LYS D 219 -3.54 -3.86 46.50
C LYS D 219 -2.70 -3.05 45.51
N PRO D 220 -3.26 -2.71 44.36
CA PRO D 220 -2.47 -2.05 43.31
C PRO D 220 -2.12 -0.62 43.66
N VAL D 221 -1.17 -0.41 44.56
CA VAL D 221 -0.73 0.92 44.97
C VAL D 221 0.75 1.14 44.74
N SER D 222 1.48 0.14 44.28
CA SER D 222 2.90 0.31 44.05
C SER D 222 3.13 1.38 42.98
N PRO D 223 4.07 2.31 43.20
CA PRO D 223 4.32 3.32 42.16
C PRO D 223 4.68 2.71 40.82
N LEU D 224 5.49 1.66 40.81
CA LEU D 224 5.84 1.01 39.55
C LEU D 224 4.61 0.40 38.90
N LEU D 225 3.79 -0.30 39.68
CA LEU D 225 2.63 -0.96 39.11
C LEU D 225 1.67 0.04 38.47
N THR D 226 1.44 1.16 39.15
CA THR D 226 0.51 2.16 38.62
C THR D 226 1.11 2.89 37.42
N ALA D 227 2.37 3.34 37.54
CA ALA D 227 2.96 4.14 36.48
C ALA D 227 3.18 3.32 35.22
N ALA D 228 3.51 2.04 35.37
CA ALA D 228 3.76 1.19 34.21
C ALA D 228 2.48 0.74 33.52
N GLY D 229 1.34 0.87 34.17
CA GLY D 229 0.08 0.45 33.59
C GLY D 229 -0.31 -0.98 33.89
N MET D 230 0.19 -1.56 34.97
CA MET D 230 -0.12 -2.94 35.33
C MET D 230 -1.36 -3.07 36.20
N ALA D 231 -1.98 -1.95 36.60
CA ALA D 231 -3.17 -1.99 37.43
C ALA D 231 -4.45 -1.76 36.62
N ARG D 232 -4.37 -1.82 35.29
CA ARG D 232 -5.55 -1.61 34.47
C ARG D 232 -6.55 -2.75 34.67
N ASP D 233 -7.82 -2.38 34.76
CA ASP D 233 -8.92 -3.34 34.86
C ASP D 233 -8.91 -4.12 36.16
N TRP D 234 -8.23 -3.63 37.19
CA TRP D 234 -8.19 -4.33 38.45
C TRP D 234 -9.59 -4.46 39.02
N PRO D 235 -9.94 -5.60 39.65
CA PRO D 235 -9.17 -6.83 39.86
C PRO D 235 -9.47 -7.90 38.82
N ASP D 236 -9.87 -7.51 37.62
CA ASP D 236 -10.29 -8.49 36.62
C ASP D 236 -9.14 -9.41 36.26
N ALA D 237 -9.41 -10.72 36.30
CA ALA D 237 -8.52 -11.77 35.84
C ALA D 237 -7.28 -11.96 36.71
N ARG D 238 -7.23 -11.35 37.88
CA ARG D 238 -6.16 -11.60 38.84
C ARG D 238 -6.64 -12.62 39.86
N GLY D 239 -5.72 -13.43 40.36
CA GLY D 239 -6.14 -14.42 41.34
C GLY D 239 -4.97 -15.04 42.06
N ILE D 240 -5.28 -15.94 42.99
CA ILE D 240 -4.27 -16.67 43.73
C ILE D 240 -4.67 -18.13 43.79
N TRP D 241 -3.76 -19.01 43.36
CA TRP D 241 -3.97 -20.45 43.42
C TRP D 241 -3.05 -21.00 44.51
N HIS D 242 -3.61 -21.55 45.57
CA HIS D 242 -2.78 -22.04 46.66
C HIS D 242 -3.22 -23.42 47.10
N ASN D 243 -2.27 -24.16 47.65
CA ASN D 243 -2.54 -25.49 48.18
C ASN D 243 -3.19 -25.39 49.55
N ASN D 244 -3.69 -26.53 50.03
CA ASN D 244 -4.47 -26.52 51.27
C ASN D 244 -3.63 -26.04 52.44
N GLU D 245 -2.40 -26.52 52.56
CA GLU D 245 -1.50 -26.04 53.59
C GLU D 245 -1.03 -24.61 53.34
N LYS D 246 -1.27 -24.08 52.15
CA LYS D 246 -0.86 -22.72 51.78
C LYS D 246 0.65 -22.57 51.79
N SER D 247 1.39 -23.67 51.72
CA SER D 247 2.84 -23.61 51.57
C SER D 247 3.25 -23.43 50.12
N PHE D 248 2.35 -23.65 49.18
CA PHE D 248 2.62 -23.47 47.76
C PHE D 248 1.55 -22.56 47.19
N LEU D 249 1.98 -21.47 46.55
CA LEU D 249 1.08 -20.44 46.05
C LEU D 249 1.49 -20.01 44.66
N ILE D 250 0.54 -19.46 43.93
CA ILE D 250 0.77 -18.98 42.58
C ILE D 250 -0.10 -17.74 42.36
N TRP D 251 0.56 -16.59 42.21
CA TRP D 251 -0.14 -15.36 41.89
C TRP D 251 -0.36 -15.28 40.39
N VAL D 252 -1.58 -14.99 39.98
CA VAL D 252 -1.96 -14.92 38.57
C VAL D 252 -2.27 -13.46 38.25
N ASN D 253 -1.43 -12.87 37.40
CA ASN D 253 -1.66 -11.58 36.76
C ASN D 253 -1.48 -10.39 37.70
N GLU D 254 -0.59 -10.48 38.69
CA GLU D 254 -0.33 -9.32 39.53
C GLU D 254 0.70 -8.39 38.88
N GLU D 255 1.94 -8.86 38.74
CA GLU D 255 2.99 -8.12 38.06
C GLU D 255 3.65 -8.92 36.96
N ASP D 256 3.61 -10.25 37.01
CA ASP D 256 3.97 -11.12 35.92
C ASP D 256 2.76 -11.99 35.61
N HIS D 257 2.85 -12.74 34.51
CA HIS D 257 1.76 -13.65 34.18
C HIS D 257 1.53 -14.65 35.30
N THR D 258 2.61 -15.22 35.84
CA THR D 258 2.50 -16.09 37.00
C THR D 258 3.67 -15.84 37.92
N ARG D 259 3.43 -16.01 39.21
CA ARG D 259 4.47 -15.96 40.24
C ARG D 259 4.32 -17.19 41.12
N VAL D 260 5.31 -18.07 41.08
CA VAL D 260 5.29 -19.30 41.86
C VAL D 260 6.05 -19.07 43.16
N ILE D 261 5.41 -19.37 44.29
CA ILE D 261 5.92 -19.04 45.61
C ILE D 261 5.85 -20.28 46.49
N SER D 262 6.91 -20.52 47.26
CA SER D 262 6.92 -21.55 48.29
C SER D 262 7.37 -20.89 49.59
N MET D 263 6.54 -20.99 50.61
CA MET D 263 6.72 -20.23 51.84
C MET D 263 6.57 -21.15 53.05
N GLU D 264 7.29 -20.82 54.12
CA GLU D 264 7.18 -21.58 55.36
C GLU D 264 7.56 -20.68 56.52
N LYS D 265 6.79 -20.74 57.60
CA LYS D 265 7.06 -19.93 58.79
C LYS D 265 8.14 -20.63 59.61
N GLY D 266 9.39 -20.39 59.21
CA GLY D 266 10.51 -21.00 59.90
C GLY D 266 11.80 -20.70 59.16
N GLY D 267 12.88 -21.29 59.65
CA GLY D 267 14.19 -21.09 59.07
C GLY D 267 14.68 -22.26 58.24
N ASN D 268 13.77 -23.16 57.86
CA ASN D 268 14.13 -24.34 57.10
C ASN D 268 14.04 -24.03 55.61
N MET D 269 15.07 -23.33 55.13
CA MET D 269 15.11 -22.97 53.71
C MET D 269 15.26 -24.19 52.82
N LYS D 270 15.89 -25.25 53.31
CA LYS D 270 16.10 -26.44 52.50
C LYS D 270 14.77 -27.05 52.05
N ARG D 271 13.86 -27.27 52.99
CA ARG D 271 12.56 -27.84 52.65
C ARG D 271 11.77 -26.91 51.73
N VAL D 272 11.81 -25.61 52.01
CA VAL D 272 11.10 -24.65 51.18
C VAL D 272 11.60 -24.73 49.74
N PHE D 273 12.91 -24.77 49.56
CA PHE D 273 13.47 -24.81 48.22
C PHE D 273 13.17 -26.14 47.52
N GLU D 274 13.20 -27.24 48.27
CA GLU D 274 12.88 -28.53 47.66
C GLU D 274 11.43 -28.53 47.15
N ARG D 275 10.50 -28.09 47.99
CA ARG D 275 9.11 -28.01 47.57
C ARG D 275 8.96 -27.06 46.38
N PHE D 276 9.66 -25.93 46.42
CA PHE D 276 9.61 -24.99 45.31
C PHE D 276 10.05 -25.63 44.02
N CYS D 277 11.17 -26.35 44.06
CA CYS D 277 11.69 -26.97 42.83
C CYS D 277 10.71 -27.98 42.27
N ARG D 278 10.21 -28.89 43.11
CA ARG D 278 9.31 -29.92 42.60
C ARG D 278 8.02 -29.30 42.07
N GLY D 279 7.44 -28.35 42.82
CA GLY D 279 6.22 -27.72 42.37
C GLY D 279 6.40 -26.96 41.08
N LEU D 280 7.52 -26.25 40.94
CA LEU D 280 7.79 -25.53 39.71
C LEU D 280 7.93 -26.48 38.54
N LYS D 281 8.64 -27.59 38.74
CA LYS D 281 8.77 -28.56 37.65
C LYS D 281 7.41 -29.09 37.22
N GLU D 282 6.57 -29.43 38.19
CA GLU D 282 5.24 -29.94 37.85
C GLU D 282 4.42 -28.89 37.12
N VAL D 283 4.47 -27.65 37.57
CA VAL D 283 3.70 -26.59 36.93
C VAL D 283 4.16 -26.40 35.50
N GLU D 284 5.47 -26.38 35.28
CA GLU D 284 5.99 -26.24 33.92
C GLU D 284 5.54 -27.39 33.04
N ARG D 285 5.61 -28.62 33.56
CA ARG D 285 5.19 -29.77 32.77
C ARG D 285 3.72 -29.64 32.38
N LEU D 286 2.86 -29.29 33.34
CA LEU D 286 1.44 -29.21 33.05
C LEU D 286 1.13 -28.08 32.07
N ILE D 287 1.81 -26.94 32.21
CA ILE D 287 1.59 -25.85 31.26
C ILE D 287 2.01 -26.27 29.87
N GLN D 288 3.17 -26.92 29.74
CA GLN D 288 3.64 -27.33 28.43
C GLN D 288 2.79 -28.42 27.81
N GLU D 289 2.10 -29.23 28.63
CA GLU D 289 1.26 -30.28 28.08
C GLU D 289 0.19 -29.74 27.15
N ARG D 290 -0.30 -28.53 27.40
CA ARG D 290 -1.40 -27.96 26.65
C ARG D 290 -0.95 -27.18 25.42
N GLY D 291 0.33 -27.16 25.11
CA GLY D 291 0.83 -26.46 23.94
C GLY D 291 1.31 -25.05 24.19
N TRP D 292 1.45 -24.64 25.44
CA TRP D 292 1.97 -23.33 25.80
C TRP D 292 3.40 -23.46 26.30
N GLU D 293 4.24 -22.49 25.97
CA GLU D 293 5.63 -22.50 26.40
C GLU D 293 5.96 -21.16 27.04
N PHE D 294 6.94 -21.20 27.94
CA PHE D 294 7.32 -20.01 28.70
C PHE D 294 8.29 -19.15 27.90
N MET D 295 8.16 -17.84 28.06
CA MET D 295 9.12 -16.92 27.48
C MET D 295 10.51 -17.21 28.03
N TRP D 296 11.48 -17.41 27.15
CA TRP D 296 12.80 -17.82 27.58
C TRP D 296 13.77 -17.71 26.42
N ASN D 297 14.97 -17.20 26.70
CA ASN D 297 16.08 -17.28 25.77
C ASN D 297 17.37 -17.36 26.56
N GLU D 298 18.31 -18.15 26.06
CA GLU D 298 19.52 -18.44 26.83
C GLU D 298 20.35 -17.20 27.11
N ARG D 299 20.15 -16.12 26.35
CA ARG D 299 20.90 -14.90 26.61
C ARG D 299 20.41 -14.22 27.88
N LEU D 300 19.09 -14.16 28.08
CA LEU D 300 18.51 -13.47 29.22
C LEU D 300 17.87 -14.40 30.24
N GLY D 301 17.64 -15.66 29.91
CA GLY D 301 16.95 -16.57 30.81
C GLY D 301 15.45 -16.44 30.63
N TYR D 302 14.74 -16.29 31.75
CA TYR D 302 13.29 -16.18 31.72
C TYR D 302 12.88 -14.72 31.64
N ILE D 303 12.07 -14.40 30.64
CA ILE D 303 11.68 -13.02 30.37
C ILE D 303 10.55 -12.62 31.31
N LEU D 304 10.72 -11.48 31.98
CA LEU D 304 9.71 -10.93 32.88
C LEU D 304 9.63 -9.43 32.65
N THR D 305 8.62 -8.81 33.27
CA THR D 305 8.35 -7.40 32.98
C THR D 305 9.50 -6.50 33.44
N CYS D 306 9.91 -6.63 34.69
CA CYS D 306 10.96 -5.76 35.21
C CYS D 306 12.32 -6.33 34.85
N PRO D 307 13.23 -5.55 34.26
CA PRO D 307 14.57 -6.09 33.96
C PRO D 307 15.31 -6.58 35.19
N SER D 308 14.87 -6.20 36.40
CA SER D 308 15.52 -6.70 37.60
C SER D 308 15.17 -8.14 37.91
N ASN D 309 14.17 -8.71 37.23
CA ASN D 309 13.73 -10.08 37.49
C ASN D 309 14.17 -11.04 36.39
N LEU D 310 15.02 -10.60 35.46
CA LEU D 310 15.43 -11.47 34.37
C LEU D 310 16.25 -12.64 34.90
N GLY D 311 16.59 -13.55 33.99
CA GLY D 311 17.38 -14.71 34.34
C GLY D 311 16.58 -15.78 35.04
N THR D 312 16.95 -16.09 36.29
CA THR D 312 16.16 -17.04 37.07
C THR D 312 14.86 -16.43 37.56
N GLY D 313 14.82 -15.11 37.74
CA GLY D 313 13.67 -14.48 38.34
C GLY D 313 13.44 -14.90 39.76
N LEU D 314 14.45 -15.48 40.41
CA LEU D 314 14.29 -16.11 41.70
C LEU D 314 14.65 -15.14 42.82
N ARG D 315 13.78 -15.03 43.81
CA ARG D 315 14.05 -14.28 45.03
C ARG D 315 13.84 -15.22 46.22
N ALA D 316 14.92 -15.55 46.90
CA ALA D 316 14.88 -16.33 48.12
C ALA D 316 15.20 -15.40 49.28
N GLY D 317 14.29 -15.34 50.26
CA GLY D 317 14.43 -14.40 51.34
C GLY D 317 13.89 -14.94 52.64
N VAL D 318 14.11 -14.17 53.69
CA VAL D 318 13.69 -14.53 55.04
C VAL D 318 13.31 -13.25 55.78
N HIS D 319 12.28 -13.34 56.61
CA HIS D 319 12.06 -12.29 57.60
C HIS D 319 13.11 -12.41 58.70
N ILE D 320 13.21 -11.38 59.53
CA ILE D 320 14.26 -11.30 60.53
C ILE D 320 13.64 -10.95 61.87
N LYS D 321 14.19 -11.55 62.93
CA LYS D 321 13.65 -11.33 64.27
C LYS D 321 13.73 -9.86 64.66
N LEU D 322 12.72 -9.39 65.39
CA LEU D 322 12.68 -7.99 65.79
C LEU D 322 13.84 -7.62 66.70
N PRO D 323 13.96 -8.18 67.91
CA PRO D 323 15.09 -7.85 68.78
C PRO D 323 16.33 -8.65 68.38
N LEU D 324 17.30 -7.97 67.76
CA LEU D 324 18.52 -8.61 67.29
C LEU D 324 19.16 -7.77 66.18
N LEU D 325 18.69 -7.95 64.95
CA LEU D 325 19.21 -7.19 63.83
C LEU D 325 18.88 -5.71 63.93
N SER D 326 18.02 -5.32 64.86
CA SER D 326 17.81 -3.91 65.16
C SER D 326 19.06 -3.26 65.73
N LYS D 327 20.05 -4.04 66.15
CA LYS D 327 21.27 -3.52 66.73
C LYS D 327 22.33 -3.18 65.69
N ASP D 328 22.03 -3.29 64.41
CA ASP D 328 23.00 -3.00 63.36
C ASP D 328 23.01 -1.51 63.02
N SER D 329 24.18 -1.01 62.65
CA SER D 329 24.40 0.41 62.38
C SER D 329 24.95 0.69 61.00
N ARG D 330 25.89 -0.11 60.51
CA ARG D 330 26.47 0.03 59.17
C ARG D 330 25.83 -0.94 58.18
N PHE D 331 24.53 -1.17 58.34
CA PHE D 331 23.85 -2.20 57.56
C PHE D 331 24.02 -2.04 56.06
N PRO D 332 23.75 -0.88 55.46
CA PRO D 332 23.71 -0.82 53.99
C PRO D 332 24.98 -1.28 53.31
N LYS D 333 26.15 -0.94 53.85
CA LYS D 333 27.40 -1.37 53.23
C LYS D 333 27.53 -2.89 53.28
N ILE D 334 27.20 -3.49 54.42
CA ILE D 334 27.28 -4.94 54.53
C ILE D 334 26.33 -5.60 53.55
N LEU D 335 25.09 -5.09 53.46
CA LEU D 335 24.13 -5.68 52.54
C LEU D 335 24.60 -5.56 51.09
N GLU D 336 25.11 -4.39 50.71
CA GLU D 336 25.58 -4.22 49.33
C GLU D 336 26.74 -5.14 49.04
N ASN D 337 27.66 -5.29 49.98
CA ASN D 337 28.81 -6.17 49.76
C ASN D 337 28.38 -7.63 49.65
N LEU D 338 27.35 -8.02 50.37
CA LEU D 338 26.81 -9.38 50.27
C LEU D 338 25.82 -9.55 49.13
N ARG D 339 25.55 -8.48 48.38
CA ARG D 339 24.59 -8.52 47.26
C ARG D 339 23.21 -8.94 47.75
N LEU D 340 22.83 -8.44 48.93
CA LEU D 340 21.53 -8.71 49.52
C LEU D 340 20.71 -7.43 49.54
N GLN D 341 19.44 -7.55 49.15
CA GLN D 341 18.49 -6.45 49.20
C GLN D 341 17.67 -6.54 50.48
N LYS D 342 17.48 -5.40 51.14
CA LYS D 342 16.71 -5.31 52.37
C LYS D 342 15.46 -4.48 52.12
N ARG D 343 14.30 -5.12 52.19
CA ARG D 343 13.02 -4.45 52.14
C ARG D 343 12.40 -4.50 53.53
N GLY D 344 11.41 -3.64 53.75
CA GLY D 344 10.76 -3.60 55.04
C GLY D 344 10.01 -4.90 55.30
N THR D 345 9.17 -4.91 56.33
CA THR D 345 8.29 -6.06 56.53
C THR D 345 7.37 -6.14 55.32
N GLY D 346 6.47 -7.11 55.30
CA GLY D 346 5.81 -7.49 54.06
C GLY D 346 5.51 -6.34 53.13
N GLY D 347 6.12 -6.38 51.94
CA GLY D 347 5.96 -5.34 50.96
C GLY D 347 7.24 -4.57 50.69
N VAL D 348 7.66 -4.53 49.42
CA VAL D 348 8.81 -3.70 49.04
C VAL D 348 8.48 -2.23 49.26
N ASP D 349 7.20 -1.86 49.17
CA ASP D 349 6.77 -0.48 49.32
C ASP D 349 6.58 -0.07 50.77
N THR D 350 6.80 -0.97 51.73
CA THR D 350 6.61 -0.68 53.14
C THR D 350 7.97 -0.50 53.81
N ALA D 351 7.92 0.00 55.04
CA ALA D 351 9.11 0.24 55.84
C ALA D 351 9.21 -0.77 56.97
N ALA D 352 10.45 -1.12 57.31
CA ALA D 352 10.67 -2.10 58.37
C ALA D 352 10.15 -1.57 59.70
N THR D 353 9.43 -2.41 60.43
CA THR D 353 8.86 -2.06 61.73
C THR D 353 9.38 -3.03 62.78
N GLY D 354 9.82 -2.48 63.91
CA GLY D 354 10.32 -3.31 64.99
C GLY D 354 11.53 -4.13 64.64
N GLY D 355 12.41 -3.61 63.78
CA GLY D 355 13.62 -4.33 63.44
C GLY D 355 13.39 -5.67 62.78
N VAL D 356 12.37 -5.77 61.94
CA VAL D 356 12.08 -6.97 61.16
C VAL D 356 12.27 -6.62 59.70
N PHE D 357 13.21 -7.30 59.04
CA PHE D 357 13.60 -6.98 57.67
C PHE D 357 13.40 -8.19 56.77
N ASP D 358 13.01 -7.92 55.53
CA ASP D 358 12.95 -8.92 54.47
C ASP D 358 14.25 -8.83 53.69
N ILE D 359 15.15 -9.79 53.91
CA ILE D 359 16.46 -9.79 53.28
C ILE D 359 16.50 -10.91 52.25
N SER D 360 16.79 -10.55 51.00
CA SER D 360 16.79 -11.50 49.90
C SER D 360 18.00 -11.25 49.02
N ASN D 361 18.18 -12.08 48.00
CA ASN D 361 19.25 -11.85 47.05
C ASN D 361 18.92 -10.66 46.15
N LEU D 362 19.96 -9.97 45.69
CA LEU D 362 19.79 -8.77 44.89
C LEU D 362 19.80 -9.07 43.39
N ASP D 363 20.70 -9.93 42.93
CA ASP D 363 20.85 -10.23 41.52
C ASP D 363 20.22 -11.58 41.21
N ARG D 364 19.59 -11.67 40.03
CA ARG D 364 18.90 -12.88 39.62
C ARG D 364 19.35 -13.42 38.28
N LEU D 365 20.16 -12.69 37.52
CA LEU D 365 20.61 -13.11 36.20
C LEU D 365 22.11 -13.34 36.22
N GLY D 366 22.55 -14.42 35.58
CA GLY D 366 23.93 -14.81 35.55
C GLY D 366 24.30 -15.89 36.55
N LYS D 367 23.47 -16.10 37.57
CA LYS D 367 23.67 -17.15 38.54
C LYS D 367 22.49 -18.12 38.49
N SER D 368 22.76 -19.37 38.85
CA SER D 368 21.72 -20.38 38.85
C SER D 368 20.95 -20.34 40.17
N GLU D 369 19.79 -20.99 40.18
CA GLU D 369 18.92 -20.94 41.35
C GLU D 369 19.60 -21.51 42.58
N VAL D 370 20.30 -22.64 42.43
CA VAL D 370 21.01 -23.22 43.56
C VAL D 370 22.06 -22.25 44.07
N GLU D 371 22.81 -21.63 43.16
CA GLU D 371 23.82 -20.66 43.57
C GLU D 371 23.20 -19.50 44.32
N LEU D 372 22.07 -18.99 43.82
CA LEU D 372 21.43 -17.85 44.48
C LEU D 372 20.95 -18.22 45.88
N VAL D 373 20.34 -19.40 46.02
CA VAL D 373 19.85 -19.81 47.34
C VAL D 373 21.02 -19.99 48.30
N GLN D 374 22.11 -20.61 47.84
CA GLN D 374 23.29 -20.77 48.69
C GLN D 374 23.86 -19.42 49.08
N LEU D 375 23.88 -18.47 48.15
CA LEU D 375 24.36 -17.13 48.45
C LEU D 375 23.51 -16.47 49.51
N VAL D 376 22.18 -16.61 49.41
CA VAL D 376 21.29 -16.04 50.41
C VAL D 376 21.55 -16.67 51.77
N ILE D 377 21.72 -17.99 51.80
CA ILE D 377 21.97 -18.67 53.07
C ILE D 377 23.28 -18.17 53.69
N ASP D 378 24.32 -18.07 52.88
CA ASP D 378 25.61 -17.61 53.39
C ASP D 378 25.51 -16.18 53.91
N GLY D 379 24.82 -15.31 53.18
CA GLY D 379 24.69 -13.94 53.62
C GLY D 379 23.91 -13.81 54.92
N VAL D 380 22.81 -14.56 55.05
CA VAL D 380 22.02 -14.50 56.26
C VAL D 380 22.78 -15.09 57.43
N ASN D 381 23.53 -16.15 57.20
CA ASN D 381 24.36 -16.72 58.26
C ASN D 381 25.44 -15.74 58.69
N TYR D 382 26.02 -15.01 57.73
CA TYR D 382 26.98 -13.97 58.08
C TYR D 382 26.32 -12.88 58.91
N LEU D 383 25.11 -12.47 58.54
CA LEU D 383 24.41 -11.44 59.31
C LEU D 383 24.15 -11.91 60.73
N ILE D 384 23.72 -13.17 60.89
CA ILE D 384 23.48 -13.70 62.24
C ILE D 384 24.78 -13.78 63.02
N ASP D 385 25.86 -14.22 62.37
CA ASP D 385 27.17 -14.22 63.02
C ASP D 385 27.58 -12.81 63.39
N CYS D 386 27.24 -11.83 62.56
CA CYS D 386 27.35 -10.42 62.93
C CYS D 386 26.22 -10.11 63.91
N GLU D 387 26.00 -8.82 64.20
CA GLU D 387 24.99 -8.43 65.18
C GLU D 387 25.31 -9.07 66.53
N ARG D 388 26.46 -8.69 67.07
CA ARG D 388 26.98 -9.26 68.30
C ARG D 388 26.64 -8.35 69.46
N ARG D 389 25.71 -8.78 70.32
CA ARG D 389 25.43 -8.08 71.56
C ARG D 389 26.44 -8.38 72.64
N LEU D 390 27.29 -9.40 72.46
CA LEU D 390 28.31 -9.75 73.43
C LEU D 390 29.72 -9.33 73.02
N GLU D 391 29.95 -9.10 71.73
CA GLU D 391 31.23 -8.64 71.20
C GLU D 391 31.02 -7.29 70.52
N ARG D 392 32.06 -6.82 69.84
CA ARG D 392 32.00 -5.58 69.08
C ARG D 392 32.82 -5.71 67.82
N GLY D 393 32.49 -4.90 66.83
CA GLY D 393 33.23 -4.87 65.58
C GLY D 393 32.57 -5.68 64.47
N GLN D 394 32.34 -5.03 63.33
CA GLN D 394 31.77 -5.67 62.16
C GLN D 394 32.84 -5.75 61.08
N ASP D 395 32.99 -6.93 60.47
CA ASP D 395 34.03 -7.16 59.49
C ASP D 395 33.66 -6.68 58.09
N ILE D 396 32.38 -6.39 57.83
CA ILE D 396 31.94 -5.97 56.51
C ILE D 396 32.22 -7.10 55.53
N ARG D 397 33.51 -7.38 55.28
CA ARG D 397 33.95 -8.57 54.55
C ARG D 397 33.35 -8.62 53.15
N ILE D 398 33.78 -7.65 52.33
CA ILE D 398 33.46 -7.67 50.91
C ILE D 398 33.84 -9.03 50.34
N SER E 31 -10.75 -11.28 -5.28
CA SER E 31 -10.18 -12.06 -4.19
C SER E 31 -8.79 -12.54 -4.54
N GLU E 32 -7.96 -12.74 -3.52
CA GLU E 32 -6.61 -13.26 -3.72
C GLU E 32 -6.59 -14.77 -3.89
N ARG E 33 -7.72 -15.45 -3.70
CA ARG E 33 -7.79 -16.89 -3.88
C ARG E 33 -7.93 -17.29 -5.35
N ARG E 34 -8.17 -16.34 -6.24
CA ARG E 34 -8.26 -16.66 -7.66
C ARG E 34 -6.89 -17.05 -8.20
N ARG E 35 -6.89 -17.98 -9.15
CA ARG E 35 -5.67 -18.54 -9.70
C ARG E 35 -5.33 -17.91 -11.05
N LEU E 36 -4.04 -17.78 -11.31
CA LEU E 36 -3.55 -17.27 -12.58
C LEU E 36 -3.30 -18.43 -13.54
N TYR E 37 -3.32 -18.11 -14.82
CA TYR E 37 -2.93 -19.09 -15.83
C TYR E 37 -1.48 -19.52 -15.56
N PRO E 38 -1.21 -20.82 -15.43
CA PRO E 38 0.18 -21.23 -15.21
C PRO E 38 1.04 -20.81 -16.38
N PRO E 39 2.32 -20.52 -16.14
CA PRO E 39 3.18 -20.03 -17.23
C PRO E 39 3.19 -20.93 -18.44
N SER E 40 3.19 -22.25 -18.26
CA SER E 40 3.21 -23.15 -19.40
C SER E 40 1.97 -22.99 -20.27
N ALA E 41 0.88 -22.47 -19.72
CA ALA E 41 -0.30 -22.23 -20.54
C ALA E 41 -0.04 -21.13 -21.57
N GLU E 42 0.84 -20.18 -21.25
CA GLU E 42 1.18 -19.10 -22.16
C GLU E 42 2.38 -19.43 -23.03
N TYR E 43 3.01 -20.57 -22.84
CA TYR E 43 4.23 -20.88 -23.56
C TYR E 43 3.97 -20.90 -25.06
N PRO E 44 4.79 -20.25 -25.87
CA PRO E 44 4.52 -20.21 -27.32
C PRO E 44 4.72 -21.57 -27.96
N ASP E 45 4.05 -21.77 -29.09
CA ASP E 45 4.17 -22.99 -29.88
C ASP E 45 5.23 -22.76 -30.96
N LEU E 46 6.44 -23.26 -30.71
CA LEU E 46 7.58 -23.04 -31.58
C LEU E 46 8.04 -24.32 -32.28
N ARG E 47 7.11 -25.22 -32.55
CA ARG E 47 7.47 -26.52 -33.11
C ARG E 47 7.95 -26.44 -34.55
N LYS E 48 7.81 -25.29 -35.20
CA LYS E 48 8.25 -25.14 -36.59
C LYS E 48 9.06 -23.87 -36.81
N HIS E 49 9.51 -23.23 -35.74
CA HIS E 49 10.23 -21.97 -35.84
C HIS E 49 11.71 -22.23 -36.08
N ASN E 50 12.37 -21.23 -36.68
CA ASN E 50 13.77 -21.35 -37.10
C ASN E 50 14.54 -20.08 -36.77
N ASN E 51 14.35 -19.55 -35.57
CA ASN E 51 15.09 -18.38 -35.12
C ASN E 51 15.76 -18.68 -33.79
N CYS E 52 16.74 -17.86 -33.43
CA CYS E 52 17.57 -18.14 -32.27
C CYS E 52 16.74 -18.13 -30.99
N MET E 53 15.74 -17.25 -30.90
CA MET E 53 14.88 -17.25 -29.72
C MET E 53 14.22 -18.60 -29.55
N ALA E 54 13.65 -19.15 -30.62
CA ALA E 54 13.00 -20.45 -30.55
C ALA E 54 14.01 -21.54 -30.18
N SER E 55 15.25 -21.40 -30.66
CA SER E 55 16.26 -22.40 -30.34
C SER E 55 16.64 -22.38 -28.86
N HIS E 56 16.69 -21.19 -28.26
CA HIS E 56 17.20 -21.04 -26.90
C HIS E 56 16.11 -20.80 -25.88
N LEU E 57 14.83 -20.89 -26.25
CA LEU E 57 13.74 -20.73 -25.32
C LEU E 57 13.27 -22.09 -24.84
N THR E 58 13.16 -22.25 -23.54
CA THR E 58 12.72 -23.49 -22.91
C THR E 58 11.65 -23.18 -21.89
N PRO E 59 10.80 -24.16 -21.56
CA PRO E 59 9.75 -23.89 -20.57
C PRO E 59 10.28 -23.36 -19.25
N ALA E 60 11.44 -23.87 -18.80
CA ALA E 60 12.00 -23.39 -17.54
C ALA E 60 12.33 -21.90 -17.61
N VAL E 61 13.00 -21.48 -18.68
CA VAL E 61 13.37 -20.07 -18.81
C VAL E 61 12.12 -19.20 -18.90
N TYR E 62 11.15 -19.62 -19.70
CA TYR E 62 9.93 -18.84 -19.85
C TYR E 62 9.22 -18.69 -18.51
N ALA E 63 9.08 -19.79 -17.78
CA ALA E 63 8.42 -19.72 -16.49
C ALA E 63 9.18 -18.82 -15.53
N ARG E 64 10.51 -18.91 -15.55
CA ARG E 64 11.30 -18.10 -14.63
C ARG E 64 11.16 -16.61 -14.93
N LEU E 65 11.12 -16.24 -16.22
CA LEU E 65 11.14 -14.83 -16.61
C LEU E 65 9.76 -14.24 -16.88
N CYS E 66 8.69 -15.03 -16.83
CA CYS E 66 7.40 -14.52 -17.28
C CYS E 66 6.78 -13.53 -16.31
N ASP E 67 7.28 -13.44 -15.07
CA ASP E 67 6.79 -12.46 -14.12
C ASP E 67 7.58 -11.16 -14.15
N LYS E 68 8.85 -11.21 -14.54
CA LYS E 68 9.70 -10.04 -14.46
C LYS E 68 9.27 -8.99 -15.49
N THR E 69 9.72 -7.77 -15.27
CA THR E 69 9.41 -6.67 -16.17
C THR E 69 10.39 -5.53 -15.92
N THR E 70 10.73 -4.82 -16.99
CA THR E 70 11.60 -3.67 -16.86
C THR E 70 10.84 -2.51 -16.21
N PRO E 71 11.54 -1.51 -15.69
CA PRO E 71 10.85 -0.42 -15.00
C PRO E 71 9.81 0.27 -15.85
N THR E 72 10.00 0.30 -17.17
CA THR E 72 9.05 0.94 -18.08
C THR E 72 7.91 0.00 -18.49
N GLY E 73 7.92 -1.25 -18.03
CA GLY E 73 6.83 -2.17 -18.29
C GLY E 73 7.07 -3.17 -19.39
N TRP E 74 8.27 -3.22 -19.96
CA TRP E 74 8.58 -4.22 -20.97
C TRP E 74 8.58 -5.61 -20.35
N THR E 75 8.06 -6.58 -21.09
CA THR E 75 7.92 -7.94 -20.60
C THR E 75 8.53 -8.93 -21.59
N LEU E 76 8.66 -10.17 -21.16
CA LEU E 76 9.28 -11.19 -22.01
C LEU E 76 8.46 -11.46 -23.25
N ASP E 77 7.14 -11.51 -23.11
CA ASP E 77 6.28 -11.75 -24.27
C ASP E 77 6.50 -10.68 -25.33
N GLN E 78 6.59 -9.43 -24.91
CA GLN E 78 6.88 -8.35 -25.86
C GLN E 78 8.27 -8.52 -26.45
N CYS E 79 9.22 -9.07 -25.69
CA CYS E 79 10.56 -9.30 -26.22
C CYS E 79 10.53 -10.31 -27.35
N ILE E 80 9.76 -11.40 -27.18
CA ILE E 80 9.83 -12.53 -28.09
C ILE E 80 8.68 -12.55 -29.08
N GLN E 81 7.84 -11.51 -29.11
CA GLN E 81 6.70 -11.52 -30.01
C GLN E 81 7.15 -11.61 -31.48
N THR E 82 8.17 -10.85 -31.86
CA THR E 82 8.61 -10.87 -33.25
C THR E 82 9.10 -12.26 -33.64
N GLY E 83 9.86 -12.91 -32.76
CA GLY E 83 10.32 -14.25 -33.05
C GLY E 83 9.18 -15.26 -33.12
N VAL E 84 8.19 -15.10 -32.24
CA VAL E 84 7.05 -16.01 -32.25
C VAL E 84 6.26 -15.87 -33.54
N ASP E 85 6.04 -14.64 -33.98
CA ASP E 85 5.23 -14.41 -35.18
C ASP E 85 5.96 -14.73 -36.47
N ASN E 86 7.29 -14.73 -36.47
CA ASN E 86 8.09 -14.92 -37.68
C ASN E 86 8.99 -16.14 -37.50
N PRO E 87 8.51 -17.34 -37.86
CA PRO E 87 9.39 -18.51 -37.78
C PRO E 87 10.45 -18.53 -38.86
N GLY E 88 10.19 -17.90 -40.00
CA GLY E 88 11.06 -17.97 -41.15
C GLY E 88 11.83 -16.68 -41.40
N HIS E 89 11.28 -15.84 -42.28
CA HIS E 89 11.93 -14.62 -42.73
C HIS E 89 13.24 -14.89 -43.45
N PRO E 90 13.20 -15.39 -44.69
CA PRO E 90 14.40 -15.30 -45.52
C PRO E 90 14.89 -13.85 -45.59
N PHE E 91 16.08 -13.60 -46.13
CA PHE E 91 16.96 -14.60 -46.71
C PHE E 91 18.15 -14.79 -45.78
N ILE E 92 17.92 -14.56 -44.48
CA ILE E 92 18.94 -14.63 -43.46
C ILE E 92 18.36 -15.32 -42.23
N LYS E 93 19.23 -15.59 -41.26
CA LYS E 93 18.82 -16.13 -39.98
C LYS E 93 18.54 -14.98 -39.02
N THR E 94 17.35 -14.98 -38.43
CA THR E 94 16.89 -13.90 -37.59
C THR E 94 17.06 -14.25 -36.12
N VAL E 95 17.31 -13.22 -35.30
CA VAL E 95 17.42 -13.42 -33.86
C VAL E 95 16.06 -13.75 -33.26
N GLY E 96 15.02 -13.02 -33.66
CA GLY E 96 13.70 -13.23 -33.13
C GLY E 96 13.40 -12.52 -31.83
N MET E 97 14.24 -11.59 -31.40
CA MET E 97 14.03 -10.84 -30.18
C MET E 97 14.32 -9.37 -30.42
N VAL E 98 13.77 -8.53 -29.55
CA VAL E 98 14.07 -7.10 -29.53
C VAL E 98 14.07 -6.66 -28.07
N ALA E 99 14.60 -5.45 -27.84
CA ALA E 99 14.65 -4.85 -26.53
C ALA E 99 13.75 -3.63 -26.49
N GLY E 100 13.05 -3.43 -25.38
CA GLY E 100 12.17 -2.30 -25.23
C GLY E 100 12.85 -1.12 -24.58
N ASP E 101 13.96 -1.35 -23.88
CA ASP E 101 14.69 -0.30 -23.20
C ASP E 101 16.04 -0.87 -22.78
N GLU E 102 16.85 -0.01 -22.14
CA GLU E 102 18.19 -0.43 -21.73
C GLU E 102 18.12 -1.56 -20.71
N GLU E 103 17.19 -1.47 -19.77
CA GLU E 103 17.13 -2.45 -18.69
C GLU E 103 16.82 -3.85 -19.19
N THR E 104 16.20 -3.98 -20.37
CA THR E 104 15.80 -5.29 -20.87
C THR E 104 16.99 -6.25 -20.88
N TYR E 105 18.09 -5.84 -21.49
CA TYR E 105 19.24 -6.72 -21.62
C TYR E 105 19.76 -7.20 -20.28
N GLU E 106 19.46 -6.47 -19.20
CA GLU E 106 19.84 -6.90 -17.87
C GLU E 106 18.73 -7.70 -17.20
N VAL E 107 17.47 -7.31 -17.40
CA VAL E 107 16.38 -7.97 -16.71
C VAL E 107 16.18 -9.38 -17.26
N PHE E 108 16.20 -9.52 -18.59
CA PHE E 108 16.01 -10.80 -19.24
C PHE E 108 17.33 -11.38 -19.76
N ALA E 109 18.42 -11.12 -19.04
CA ALA E 109 19.73 -11.61 -19.49
C ALA E 109 19.76 -13.13 -19.58
N ASP E 110 18.98 -13.81 -18.76
CA ASP E 110 18.98 -15.27 -18.77
C ASP E 110 18.61 -15.84 -20.14
N LEU E 111 17.90 -15.07 -20.96
CA LEU E 111 17.54 -15.49 -22.30
C LEU E 111 18.31 -14.74 -23.38
N PHE E 112 18.67 -13.49 -23.14
CA PHE E 112 19.39 -12.72 -24.15
C PHE E 112 20.85 -13.17 -24.25
N ASP E 113 21.46 -13.54 -23.14
CA ASP E 113 22.88 -13.89 -23.16
C ASP E 113 23.18 -15.06 -24.08
N PRO E 114 22.51 -16.22 -23.97
CA PRO E 114 22.78 -17.28 -24.93
C PRO E 114 22.50 -16.86 -26.37
N VAL E 115 21.46 -16.07 -26.58
CA VAL E 115 21.14 -15.62 -27.94
C VAL E 115 22.25 -14.72 -28.47
N ILE E 116 22.73 -13.80 -27.63
CA ILE E 116 23.82 -12.93 -28.06
C ILE E 116 25.07 -13.75 -28.35
N GLN E 117 25.36 -14.72 -27.49
CA GLN E 117 26.56 -15.53 -27.69
C GLN E 117 26.50 -16.31 -29.00
N GLU E 118 25.35 -16.92 -29.29
CA GLU E 118 25.21 -17.67 -30.53
C GLU E 118 25.25 -16.73 -31.74
N ARG E 119 24.63 -15.55 -31.62
CA ARG E 119 24.53 -14.64 -32.76
C ARG E 119 25.87 -14.02 -33.11
N HIS E 120 26.76 -13.87 -32.14
CA HIS E 120 28.04 -13.20 -32.32
C HIS E 120 29.20 -14.18 -32.19
N ASN E 121 29.03 -15.37 -32.75
CA ASN E 121 30.06 -16.39 -32.88
C ASN E 121 30.98 -16.45 -31.67
N GLY E 122 30.37 -16.69 -30.51
CA GLY E 122 31.08 -17.12 -29.33
C GLY E 122 31.32 -16.05 -28.29
N TYR E 123 31.15 -14.78 -28.63
CA TYR E 123 31.34 -13.72 -27.64
C TYR E 123 30.41 -13.97 -26.45
N ASP E 124 30.97 -13.91 -25.25
CA ASP E 124 30.22 -14.24 -24.04
C ASP E 124 29.96 -12.96 -23.24
N PRO E 125 28.75 -12.40 -23.30
CA PRO E 125 28.52 -11.14 -22.56
C PRO E 125 28.76 -11.26 -21.07
N ARG E 126 28.52 -12.45 -20.49
CA ARG E 126 28.69 -12.61 -19.06
C ARG E 126 30.16 -12.44 -18.64
N THR E 127 31.08 -12.98 -19.43
CA THR E 127 32.49 -13.04 -19.04
C THR E 127 33.31 -11.89 -19.60
N MET E 128 33.36 -11.76 -20.92
CA MET E 128 34.31 -10.84 -21.55
C MET E 128 33.67 -9.47 -21.75
N LYS E 129 34.52 -8.50 -22.10
CA LYS E 129 34.13 -7.11 -22.29
C LYS E 129 34.30 -6.70 -23.74
N HIS E 130 33.67 -5.59 -24.10
CA HIS E 130 33.70 -5.06 -25.46
C HIS E 130 34.57 -3.81 -25.51
N THR E 131 35.35 -3.70 -26.57
CA THR E 131 36.25 -2.57 -26.77
C THR E 131 35.93 -1.89 -28.09
N THR E 132 35.99 -0.56 -28.10
CA THR E 132 35.63 0.24 -29.26
C THR E 132 36.76 1.23 -29.56
N ASP E 133 37.16 1.30 -30.83
CA ASP E 133 38.09 2.33 -31.28
C ASP E 133 37.73 2.73 -32.70
N LEU E 134 37.61 4.04 -32.92
CA LEU E 134 37.26 4.59 -34.23
C LEU E 134 38.46 5.41 -34.70
N ASP E 135 39.40 4.74 -35.36
CA ASP E 135 40.62 5.38 -35.85
C ASP E 135 40.83 4.92 -37.29
N ALA E 136 40.56 5.81 -38.24
CA ALA E 136 40.74 5.52 -39.65
C ALA E 136 42.20 5.53 -40.07
N SER E 137 43.13 5.72 -39.13
CA SER E 137 44.55 5.69 -39.48
C SER E 137 45.05 4.27 -39.69
N LYS E 138 44.59 3.32 -38.87
CA LYS E 138 45.09 1.95 -38.87
C LYS E 138 44.31 1.03 -39.80
N ILE E 139 43.70 1.58 -40.85
CA ILE E 139 42.82 0.82 -41.72
C ILE E 139 43.39 0.94 -43.13
N ARG E 140 44.72 1.02 -43.22
CA ARG E 140 45.39 1.25 -44.49
C ARG E 140 44.91 0.28 -45.57
N SER E 141 45.17 0.63 -46.83
CA SER E 141 44.61 -0.08 -47.98
C SER E 141 43.12 0.23 -48.08
N GLY E 142 42.28 -0.79 -48.21
CA GLY E 142 40.84 -0.59 -48.23
C GLY E 142 40.33 0.17 -49.44
N TYR E 143 40.84 -0.14 -50.62
CA TYR E 143 40.33 0.41 -51.88
C TYR E 143 40.02 -0.76 -52.79
N PHE E 144 38.73 -1.02 -52.99
CA PHE E 144 38.30 -2.18 -53.76
C PHE E 144 38.46 -1.92 -55.25
N ASP E 145 38.22 -2.98 -56.03
CA ASP E 145 38.24 -2.86 -57.49
C ASP E 145 36.97 -2.15 -57.95
N GLU E 146 37.13 -1.01 -58.61
CA GLU E 146 35.98 -0.23 -59.03
C GLU E 146 35.11 -0.97 -60.03
N ARG E 147 35.63 -2.03 -60.63
CA ARG E 147 34.88 -2.81 -61.61
C ARG E 147 34.03 -3.90 -60.97
N TYR E 148 33.97 -3.96 -59.64
CA TYR E 148 33.27 -5.03 -58.96
C TYR E 148 32.37 -4.58 -57.81
N VAL E 149 32.48 -3.34 -57.35
CA VAL E 149 31.83 -2.90 -56.12
C VAL E 149 30.67 -1.96 -56.41
N LEU E 150 30.93 -0.82 -57.04
CA LEU E 150 29.90 0.15 -57.40
C LEU E 150 29.33 0.91 -56.21
N SER E 151 29.66 0.51 -54.97
CA SER E 151 29.18 1.24 -53.81
C SER E 151 29.80 0.74 -52.51
N SER E 152 30.00 1.65 -51.56
CA SER E 152 30.51 1.30 -50.24
C SER E 152 29.74 2.11 -49.20
N ARG E 153 29.44 1.47 -48.07
CA ARG E 153 28.66 2.10 -47.02
C ARG E 153 29.16 1.64 -45.66
N VAL E 154 29.09 2.54 -44.69
CA VAL E 154 29.40 2.24 -43.30
C VAL E 154 28.29 2.81 -42.42
N ARG E 155 27.74 1.98 -41.54
CA ARG E 155 26.58 2.35 -40.75
C ARG E 155 26.81 2.00 -39.29
N THR E 156 26.20 2.78 -38.41
CA THR E 156 26.10 2.43 -37.00
C THR E 156 24.78 2.96 -36.46
N GLY E 157 24.43 2.52 -35.25
CA GLY E 157 23.24 2.97 -34.59
C GLY E 157 23.56 3.51 -33.21
N ARG E 158 22.67 4.34 -32.70
CA ARG E 158 22.84 4.92 -31.38
C ARG E 158 21.47 5.16 -30.75
N SER E 159 21.39 4.94 -29.44
CA SER E 159 20.18 5.16 -28.67
C SER E 159 20.45 6.20 -27.59
N ILE E 160 19.46 7.04 -27.34
CA ILE E 160 19.55 8.07 -26.31
C ILE E 160 19.15 7.46 -24.97
N ARG E 161 20.02 7.60 -23.98
CA ARG E 161 19.74 7.05 -22.67
C ARG E 161 18.56 7.76 -22.03
N GLY E 162 17.72 7.00 -21.34
CA GLY E 162 16.55 7.54 -20.67
C GLY E 162 15.28 7.51 -21.50
N LEU E 163 15.36 7.13 -22.77
CA LEU E 163 14.20 7.09 -23.65
C LEU E 163 13.99 5.66 -24.14
N SER E 164 12.73 5.24 -24.18
CA SER E 164 12.41 3.88 -24.59
C SER E 164 12.78 3.65 -26.04
N LEU E 165 13.10 2.42 -26.36
CA LEU E 165 13.50 2.05 -27.71
C LEU E 165 12.27 1.97 -28.62
N PRO E 166 12.48 1.99 -29.94
CA PRO E 166 11.36 2.09 -30.88
C PRO E 166 10.29 1.04 -30.63
N PRO E 167 10.65 -0.19 -30.26
CA PRO E 167 9.61 -1.18 -29.98
C PRO E 167 8.64 -0.74 -28.89
N ALA E 168 9.10 0.01 -27.89
CA ALA E 168 8.27 0.38 -26.75
C ALA E 168 8.01 1.87 -26.62
N CYS E 169 8.67 2.71 -27.41
CA CYS E 169 8.56 4.16 -27.21
C CYS E 169 7.16 4.65 -27.51
N THR E 170 6.68 5.59 -26.71
CA THR E 170 5.42 6.26 -26.96
C THR E 170 5.63 7.41 -27.94
N ARG E 171 4.55 8.11 -28.29
CA ARG E 171 4.67 9.23 -29.21
C ARG E 171 5.52 10.34 -28.61
N ALA E 172 5.31 10.64 -27.33
CA ALA E 172 6.09 11.70 -26.69
C ALA E 172 7.57 11.37 -26.68
N GLU E 173 7.92 10.12 -26.37
CA GLU E 173 9.32 9.73 -26.35
C GLU E 173 9.94 9.82 -27.74
N ARG E 174 9.21 9.38 -28.77
CA ARG E 174 9.73 9.45 -30.13
C ARG E 174 9.96 10.90 -30.54
N ARG E 175 9.01 11.78 -30.22
CA ARG E 175 9.18 13.20 -30.54
C ARG E 175 10.35 13.79 -29.77
N GLU E 176 10.56 13.37 -28.52
CA GLU E 176 11.70 13.85 -27.76
C GLU E 176 13.00 13.42 -28.41
N VAL E 177 13.08 12.18 -28.87
CA VAL E 177 14.28 11.71 -29.56
C VAL E 177 14.52 12.56 -30.79
N GLU E 178 13.46 12.82 -31.56
CA GLU E 178 13.60 13.60 -32.78
C GLU E 178 14.12 15.01 -32.46
N ARG E 179 13.55 15.65 -31.44
N ARG E 179 13.55 15.64 -31.44
CA ARG E 179 13.98 16.99 -31.09
CA ARG E 179 13.98 16.99 -31.07
C ARG E 179 15.44 17.01 -30.65
C ARG E 179 15.43 17.00 -30.65
N VAL E 180 15.84 16.06 -29.80
CA VAL E 180 17.21 16.03 -29.31
C VAL E 180 18.17 15.87 -30.49
N VAL E 181 17.88 14.92 -31.37
CA VAL E 181 18.79 14.65 -32.48
C VAL E 181 18.85 15.84 -33.42
N VAL E 182 17.70 16.44 -33.73
CA VAL E 182 17.70 17.56 -34.68
C VAL E 182 18.45 18.75 -34.10
N ASP E 183 18.20 19.08 -32.83
CA ASP E 183 18.90 20.20 -32.22
C ASP E 183 20.40 19.96 -32.19
N ALA E 184 20.81 18.74 -31.83
CA ALA E 184 22.24 18.44 -31.82
C ALA E 184 22.84 18.55 -33.22
N LEU E 185 22.16 17.99 -34.22
CA LEU E 185 22.70 17.98 -35.58
C LEU E 185 22.69 19.35 -36.22
N SER E 186 21.90 20.29 -35.71
CA SER E 186 21.94 21.65 -36.24
C SER E 186 23.33 22.26 -36.11
N GLY E 187 24.16 21.75 -35.20
CA GLY E 187 25.49 22.29 -34.99
C GLY E 187 26.56 21.79 -35.93
N LEU E 188 26.25 20.80 -36.77
CA LEU E 188 27.25 20.33 -37.72
C LEU E 188 27.64 21.44 -38.68
N LYS E 189 28.94 21.57 -38.94
CA LYS E 189 29.48 22.64 -39.74
C LYS E 189 30.45 22.08 -40.77
N GLY E 190 30.76 22.91 -41.76
CA GLY E 190 31.73 22.51 -42.77
C GLY E 190 31.14 21.51 -43.75
N ASP E 191 31.95 20.54 -44.13
CA ASP E 191 31.51 19.53 -45.09
C ASP E 191 30.29 18.78 -44.57
N LEU E 192 30.24 18.51 -43.27
CA LEU E 192 29.14 17.75 -42.69
C LEU E 192 27.85 18.55 -42.58
N ALA E 193 27.88 19.86 -42.84
CA ALA E 193 26.68 20.67 -42.71
C ALA E 193 25.58 20.13 -43.61
N GLY E 194 24.37 20.03 -43.05
CA GLY E 194 23.26 19.44 -43.77
C GLY E 194 21.91 19.91 -43.31
N ARG E 195 20.86 19.19 -43.71
CA ARG E 195 19.49 19.57 -43.38
C ARG E 195 18.70 18.35 -42.93
N TYR E 196 17.68 18.60 -42.13
CA TYR E 196 16.73 17.59 -41.68
C TYR E 196 15.48 17.62 -42.55
N TYR E 197 15.03 16.44 -42.97
CA TYR E 197 13.82 16.30 -43.76
C TYR E 197 12.87 15.39 -42.99
N ARG E 198 11.72 15.93 -42.62
CA ARG E 198 10.72 15.17 -41.89
C ARG E 198 9.96 14.26 -42.86
N LEU E 199 9.79 13.01 -42.48
CA LEU E 199 9.13 12.06 -43.38
C LEU E 199 7.71 12.48 -43.67
N SER E 200 7.00 12.98 -42.67
CA SER E 200 5.62 13.39 -42.84
C SER E 200 5.47 14.61 -43.75
N GLU E 201 6.56 15.30 -44.08
CA GLU E 201 6.50 16.52 -44.86
C GLU E 201 7.10 16.37 -46.26
N MET E 202 7.42 15.15 -46.67
CA MET E 202 7.99 14.91 -48.00
C MET E 202 7.00 14.12 -48.84
N THR E 203 6.86 14.53 -50.10
CA THR E 203 5.90 13.89 -50.99
C THR E 203 6.32 12.47 -51.31
N GLU E 204 5.34 11.66 -51.73
CA GLU E 204 5.60 10.25 -52.01
C GLU E 204 6.68 10.10 -53.07
N ALA E 205 6.70 10.98 -54.07
CA ALA E 205 7.71 10.89 -55.11
C ALA E 205 9.12 11.08 -54.53
N GLU E 206 9.28 12.07 -53.65
CA GLU E 206 10.59 12.30 -53.05
C GLU E 206 11.03 11.12 -52.22
N GLN E 207 10.12 10.55 -51.42
CA GLN E 207 10.47 9.39 -50.61
C GLN E 207 10.85 8.21 -51.48
N GLN E 208 10.10 7.97 -52.56
CA GLN E 208 10.43 6.87 -53.45
C GLN E 208 11.78 7.08 -54.11
N GLN E 209 12.07 8.31 -54.53
CA GLN E 209 13.37 8.59 -55.14
C GLN E 209 14.50 8.36 -54.15
N LEU E 210 14.31 8.81 -52.90
CA LEU E 210 15.35 8.62 -51.90
C LEU E 210 15.57 7.13 -51.61
N ILE E 211 14.48 6.35 -51.53
CA ILE E 211 14.61 4.93 -51.26
C ILE E 211 15.31 4.23 -52.42
N ASP E 212 14.87 4.51 -53.64
CA ASP E 212 15.45 3.85 -54.81
C ASP E 212 16.92 4.20 -54.99
N ASP E 213 17.37 5.33 -54.44
CA ASP E 213 18.77 5.72 -54.49
C ASP E 213 19.59 5.14 -53.36
N HIS E 214 18.98 4.32 -52.51
CA HIS E 214 19.64 3.63 -51.40
C HIS E 214 19.93 4.57 -50.23
N PHE E 215 19.32 5.74 -50.18
CA PHE E 215 19.58 6.69 -49.10
C PHE E 215 18.58 6.54 -47.97
N LEU E 216 17.30 6.70 -48.25
CA LEU E 216 16.28 6.66 -47.23
C LEU E 216 15.89 5.22 -46.89
N PHE E 217 15.44 5.03 -45.65
CA PHE E 217 14.97 3.71 -45.23
C PHE E 217 13.65 3.38 -45.90
N ASP E 218 13.42 2.09 -46.09
CA ASP E 218 12.24 1.63 -46.81
C ASP E 218 10.98 1.88 -45.99
N LYS E 219 9.83 1.70 -46.64
CA LYS E 219 8.56 1.83 -45.96
C LYS E 219 8.42 0.74 -44.91
N PRO E 220 7.58 0.97 -43.91
CA PRO E 220 7.49 0.03 -42.78
C PRO E 220 6.81 -1.28 -43.15
N VAL E 221 7.51 -2.14 -43.90
CA VAL E 221 6.98 -3.43 -44.32
C VAL E 221 7.82 -4.60 -43.84
N SER E 222 8.94 -4.34 -43.17
CA SER E 222 9.78 -5.43 -42.70
C SER E 222 9.01 -6.28 -41.70
N PRO E 223 9.08 -7.61 -41.80
CA PRO E 223 8.37 -8.43 -40.80
C PRO E 223 8.80 -8.15 -39.39
N LEU E 224 10.10 -7.94 -39.16
CA LEU E 224 10.57 -7.62 -37.82
C LEU E 224 9.99 -6.29 -37.36
N LEU E 225 10.04 -5.28 -38.22
CA LEU E 225 9.57 -3.95 -37.83
C LEU E 225 8.10 -3.98 -37.44
N THR E 226 7.28 -4.68 -38.22
CA THR E 226 5.85 -4.72 -37.94
C THR E 226 5.54 -5.58 -36.71
N ALA E 227 6.14 -6.76 -36.64
CA ALA E 227 5.82 -7.68 -35.55
C ALA E 227 6.33 -7.16 -34.21
N ALA E 228 7.45 -6.45 -34.20
CA ALA E 228 8.00 -5.93 -32.96
C ALA E 228 7.30 -4.67 -32.48
N GLY E 229 6.50 -4.03 -33.33
CA GLY E 229 5.81 -2.81 -32.94
C GLY E 229 6.58 -1.54 -33.21
N MET E 230 7.52 -1.54 -34.15
CA MET E 230 8.30 -0.37 -34.46
C MET E 230 7.69 0.51 -35.54
N ALA E 231 6.56 0.11 -36.11
CA ALA E 231 5.89 0.89 -37.14
C ALA E 231 4.69 1.67 -36.59
N ARG E 232 4.55 1.75 -35.28
CA ARG E 232 3.43 2.47 -34.70
C ARG E 232 3.54 3.96 -34.98
N ASP E 233 2.42 4.57 -35.34
CA ASP E 233 2.31 6.00 -35.56
C ASP E 233 3.10 6.47 -36.77
N TRP E 234 3.42 5.57 -37.69
CA TRP E 234 4.16 5.95 -38.87
C TRP E 234 3.37 6.98 -39.68
N PRO E 235 4.02 7.99 -40.28
CA PRO E 235 5.44 8.33 -40.26
C PRO E 235 5.78 9.39 -39.22
N ASP E 236 5.02 9.47 -38.13
CA ASP E 236 5.21 10.53 -37.16
C ASP E 236 6.59 10.45 -36.53
N ALA E 237 7.31 11.57 -36.53
CA ALA E 237 8.58 11.75 -35.83
C ALA E 237 9.74 10.98 -36.45
N ARG E 238 9.56 10.41 -37.64
CA ARG E 238 10.66 9.79 -38.36
C ARG E 238 11.21 10.78 -39.38
N GLY E 239 12.51 10.69 -39.65
CA GLY E 239 13.06 11.63 -40.61
C GLY E 239 14.45 11.22 -41.05
N ILE E 240 15.01 12.01 -41.96
CA ILE E 240 16.36 11.79 -42.45
C ILE E 240 17.10 13.12 -42.48
N TRP E 241 18.26 13.17 -41.82
CA TRP E 241 19.12 14.33 -41.83
C TRP E 241 20.34 14.02 -42.68
N HIS E 242 20.52 14.74 -43.78
CA HIS E 242 21.63 14.43 -44.66
C HIS E 242 22.35 15.70 -45.08
N ASN E 243 23.64 15.54 -45.37
CA ASN E 243 24.46 16.65 -45.83
C ASN E 243 24.17 16.93 -47.31
N ASN E 244 24.69 18.06 -47.78
CA ASN E 244 24.36 18.52 -49.13
C ASN E 244 24.84 17.50 -50.18
N GLU E 245 26.06 17.01 -50.03
CA GLU E 245 26.57 15.98 -50.93
C GLU E 245 25.86 14.65 -50.73
N LYS E 246 25.10 14.50 -49.65
CA LYS E 246 24.38 13.26 -49.34
C LYS E 246 25.33 12.10 -49.09
N SER E 247 26.58 12.40 -48.71
CA SER E 247 27.51 11.36 -48.33
C SER E 247 27.43 11.03 -46.85
N PHE E 248 26.83 11.91 -46.04
CA PHE E 248 26.63 11.67 -44.63
C PHE E 248 25.14 11.80 -44.32
N LEU E 249 24.58 10.75 -43.71
CA LEU E 249 23.14 10.67 -43.47
C LEU E 249 22.88 10.17 -42.07
N ILE E 250 21.70 10.49 -41.57
CA ILE E 250 21.28 10.08 -40.24
C ILE E 250 19.78 9.79 -40.27
N TRP E 251 19.43 8.53 -40.09
CA TRP E 251 18.02 8.13 -39.99
C TRP E 251 17.55 8.34 -38.56
N VAL E 252 16.41 9.01 -38.40
CA VAL E 252 15.85 9.31 -37.10
C VAL E 252 14.58 8.50 -36.95
N ASN E 253 14.59 7.56 -36.00
CA ASN E 253 13.43 6.83 -35.51
C ASN E 253 12.91 5.77 -36.48
N GLU E 254 13.77 5.16 -37.30
CA GLU E 254 13.31 4.07 -38.15
C GLU E 254 13.28 2.75 -37.39
N GLU E 255 14.45 2.26 -37.00
CA GLU E 255 14.55 1.04 -36.19
C GLU E 255 15.38 1.24 -34.94
N ASP E 256 16.26 2.23 -34.91
CA ASP E 256 16.93 2.71 -33.71
C ASP E 256 16.64 4.19 -33.57
N HIS E 257 16.98 4.74 -32.41
CA HIS E 257 16.80 6.17 -32.23
C HIS E 257 17.55 6.96 -33.29
N THR E 258 18.79 6.59 -33.56
CA THR E 258 19.57 7.21 -34.63
C THR E 258 20.35 6.15 -35.37
N ARG E 259 20.50 6.35 -36.67
CA ARG E 259 21.39 5.52 -37.50
C ARG E 259 22.28 6.44 -38.32
N VAL E 260 23.58 6.41 -38.03
CA VAL E 260 24.55 7.25 -38.71
C VAL E 260 25.16 6.46 -39.87
N ILE E 261 25.11 7.04 -41.06
CA ILE E 261 25.48 6.34 -42.29
C ILE E 261 26.43 7.21 -43.09
N SER E 262 27.43 6.58 -43.70
CA SER E 262 28.33 7.23 -44.63
C SER E 262 28.36 6.39 -45.91
N MET E 263 27.99 7.00 -47.02
CA MET E 263 27.87 6.33 -48.31
C MET E 263 28.87 6.90 -49.29
N GLU E 264 29.21 6.09 -50.29
CA GLU E 264 29.96 6.60 -51.43
C GLU E 264 29.95 5.59 -52.58
N LYS E 265 29.61 6.05 -53.78
CA LYS E 265 29.69 5.19 -54.94
C LYS E 265 31.16 4.89 -55.25
N GLY E 266 31.46 3.62 -55.49
CA GLY E 266 32.82 3.18 -55.70
C GLY E 266 33.32 2.32 -54.55
N GLY E 267 34.60 1.98 -54.64
CA GLY E 267 35.21 1.08 -53.67
C GLY E 267 36.19 1.74 -52.72
N ASN E 268 36.09 3.06 -52.56
CA ASN E 268 36.98 3.80 -51.67
C ASN E 268 36.46 3.70 -50.25
N MET E 269 36.64 2.51 -49.66
CA MET E 269 36.15 2.30 -48.30
C MET E 269 36.92 3.12 -47.27
N LYS E 270 38.20 3.41 -47.53
CA LYS E 270 38.99 4.17 -46.57
C LYS E 270 38.40 5.56 -46.36
N ARG E 271 38.09 6.27 -47.45
CA ARG E 271 37.52 7.60 -47.33
C ARG E 271 36.16 7.55 -46.64
N VAL E 272 35.33 6.57 -47.01
CA VAL E 272 34.02 6.44 -46.41
C VAL E 272 34.16 6.27 -44.90
N PHE E 273 35.07 5.40 -44.47
CA PHE E 273 35.23 5.14 -43.05
C PHE E 273 35.80 6.36 -42.32
N GLU E 274 36.73 7.08 -42.96
CA GLU E 274 37.26 8.28 -42.33
C GLU E 274 36.17 9.31 -42.10
N ARG E 275 35.36 9.57 -43.13
CA ARG E 275 34.26 10.50 -42.98
C ARG E 275 33.28 10.02 -41.92
N PHE E 276 33.00 8.73 -41.92
CA PHE E 276 32.08 8.17 -40.92
C PHE E 276 32.60 8.41 -39.51
N CYS E 277 33.90 8.15 -39.29
CA CYS E 277 34.46 8.31 -37.96
C CYS E 277 34.39 9.75 -37.50
N ARG E 278 34.81 10.69 -38.34
CA ARG E 278 34.80 12.09 -37.91
C ARG E 278 33.37 12.58 -37.69
N GLY E 279 32.45 12.24 -38.60
CA GLY E 279 31.08 12.66 -38.42
C GLY E 279 30.45 12.08 -37.18
N LEU E 280 30.72 10.81 -36.89
CA LEU E 280 30.19 10.19 -35.69
C LEU E 280 30.74 10.86 -34.44
N LYS E 281 32.04 11.16 -34.43
CA LYS E 281 32.61 11.85 -33.27
C LYS E 281 31.94 13.20 -33.05
N GLU E 282 31.75 13.96 -34.13
CA GLU E 282 31.11 15.26 -34.00
C GLU E 282 29.68 15.14 -33.51
N VAL E 283 28.94 14.16 -34.03
CA VAL E 283 27.55 13.97 -33.62
C VAL E 283 27.48 13.62 -32.14
N GLU E 284 28.36 12.73 -31.70
CA GLU E 284 28.38 12.36 -30.28
C GLU E 284 28.70 13.57 -29.41
N ARG E 285 29.68 14.38 -29.82
CA ARG E 285 30.03 15.56 -29.04
C ARG E 285 28.84 16.51 -28.94
N LEU E 286 28.17 16.77 -30.06
CA LEU E 286 27.05 17.70 -30.06
C LEU E 286 25.90 17.17 -29.22
N ILE E 287 25.62 15.87 -29.30
CA ILE E 287 24.55 15.31 -28.50
C ILE E 287 24.87 15.43 -27.01
N GLN E 288 26.11 15.10 -26.63
CA GLN E 288 26.48 15.17 -25.23
C GLN E 288 26.54 16.59 -24.71
N GLU E 289 26.73 17.58 -25.60
CA GLU E 289 26.77 18.96 -25.14
C GLU E 289 25.48 19.38 -24.45
N ARG E 290 24.34 18.82 -24.86
CA ARG E 290 23.05 19.23 -24.34
C ARG E 290 22.61 18.44 -23.12
N GLY E 291 23.45 17.55 -22.59
CA GLY E 291 23.12 16.80 -21.41
C GLY E 291 22.53 15.43 -21.67
N TRP E 292 22.57 14.94 -22.90
CA TRP E 292 22.08 13.62 -23.25
C TRP E 292 23.28 12.70 -23.49
N GLU E 293 23.14 11.45 -23.07
CA GLU E 293 24.19 10.45 -23.23
C GLU E 293 23.63 9.22 -23.91
N PHE E 294 24.50 8.50 -24.61
CA PHE E 294 24.09 7.33 -25.37
C PHE E 294 24.04 6.10 -24.47
N MET E 295 23.07 5.23 -24.75
CA MET E 295 23.01 3.94 -24.08
C MET E 295 24.30 3.17 -24.35
N TRP E 296 24.95 2.71 -23.29
CA TRP E 296 26.25 2.06 -23.45
C TRP E 296 26.64 1.40 -22.14
N ASN E 297 27.20 0.19 -22.24
CA ASN E 297 27.85 -0.45 -21.12
C ASN E 297 28.97 -1.34 -21.65
N GLU E 298 30.09 -1.38 -20.93
CA GLU E 298 31.27 -2.06 -21.43
C GLU E 298 31.03 -3.55 -21.66
N ARG E 299 30.02 -4.13 -21.03
CA ARG E 299 29.75 -5.55 -21.24
C ARG E 299 29.17 -5.79 -22.63
N LEU E 300 28.23 -4.94 -23.07
CA LEU E 300 27.55 -5.12 -24.34
C LEU E 300 27.92 -4.07 -25.38
N GLY E 301 28.58 -2.99 -25.00
CA GLY E 301 28.87 -1.94 -25.95
C GLY E 301 27.69 -0.99 -26.06
N TYR E 302 27.31 -0.66 -27.29
CA TYR E 302 26.20 0.26 -27.54
C TYR E 302 24.90 -0.52 -27.63
N ILE E 303 23.92 -0.12 -26.82
CA ILE E 303 22.66 -0.84 -26.73
C ILE E 303 21.75 -0.42 -27.88
N LEU E 304 21.21 -1.41 -28.60
CA LEU E 304 20.28 -1.18 -29.70
C LEU E 304 19.15 -2.19 -29.60
N THR E 305 18.12 -1.99 -30.42
CA THR E 305 16.92 -2.80 -30.30
C THR E 305 17.19 -4.26 -30.60
N CYS E 306 17.80 -4.54 -31.75
CA CYS E 306 18.02 -5.94 -32.13
C CYS E 306 19.32 -6.43 -31.50
N PRO E 307 19.31 -7.58 -30.81
CA PRO E 307 20.56 -8.10 -30.24
C PRO E 307 21.64 -8.34 -31.28
N SER E 308 21.29 -8.39 -32.56
CA SER E 308 22.30 -8.57 -33.59
C SER E 308 23.11 -7.31 -33.85
N ASN E 309 22.67 -6.17 -33.33
CA ASN E 309 23.35 -4.89 -33.55
C ASN E 309 24.13 -4.42 -32.33
N LEU E 310 24.26 -5.25 -31.30
CA LEU E 310 24.94 -4.83 -30.09
C LEU E 310 26.42 -4.58 -30.38
N GLY E 311 27.12 -4.09 -29.35
CA GLY E 311 28.54 -3.83 -29.47
C GLY E 311 28.83 -2.55 -30.24
N THR E 312 29.52 -2.68 -31.37
CA THR E 312 29.78 -1.51 -32.21
C THR E 312 28.52 -1.09 -32.95
N GLY E 313 27.62 -2.02 -33.22
CA GLY E 313 26.48 -1.73 -34.07
C GLY E 313 26.86 -1.37 -35.48
N LEU E 314 28.09 -1.69 -35.88
CA LEU E 314 28.65 -1.22 -37.15
C LEU E 314 28.43 -2.26 -38.24
N ARG E 315 27.93 -1.80 -39.38
CA ARG E 315 27.82 -2.62 -40.59
C ARG E 315 28.54 -1.89 -41.71
N ALA E 316 29.67 -2.44 -42.14
CA ALA E 316 30.40 -1.92 -43.28
C ALA E 316 30.21 -2.90 -44.43
N GLY E 317 29.68 -2.41 -45.54
CA GLY E 317 29.31 -3.27 -46.64
C GLY E 317 29.55 -2.59 -47.98
N VAL E 318 29.37 -3.39 -49.03
CA VAL E 318 29.54 -2.92 -50.40
C VAL E 318 28.56 -3.67 -51.28
N HIS E 319 27.95 -2.95 -52.21
CA HIS E 319 27.31 -3.61 -53.34
C HIS E 319 28.40 -4.26 -54.19
N ILE E 320 28.04 -5.34 -54.90
CA ILE E 320 29.02 -6.13 -55.62
C ILE E 320 28.56 -6.32 -57.05
N LYS E 321 29.54 -6.59 -57.92
CA LYS E 321 29.29 -6.59 -59.36
C LYS E 321 28.27 -7.65 -59.73
N LEU E 322 27.45 -7.33 -60.74
CA LEU E 322 26.49 -8.33 -61.25
C LEU E 322 27.20 -9.39 -62.09
N PRO E 323 27.91 -9.04 -63.17
CA PRO E 323 28.58 -10.07 -63.97
C PRO E 323 29.94 -10.41 -63.38
N LEU E 324 30.09 -11.68 -62.95
CA LEU E 324 31.30 -12.23 -62.36
C LEU E 324 30.94 -12.94 -61.06
N LEU E 325 30.46 -12.17 -60.08
CA LEU E 325 29.96 -12.76 -58.85
C LEU E 325 28.69 -13.54 -59.06
N SER E 326 28.05 -13.40 -60.23
CA SER E 326 26.98 -14.31 -60.63
C SER E 326 27.52 -15.70 -60.91
N LYS E 327 28.84 -15.87 -60.99
CA LYS E 327 29.46 -17.15 -61.30
C LYS E 327 29.75 -17.99 -60.05
N ASP E 328 29.37 -17.52 -58.87
CA ASP E 328 29.63 -18.27 -57.65
C ASP E 328 28.63 -19.41 -57.49
N SER E 329 29.12 -20.54 -56.96
CA SER E 329 28.32 -21.75 -56.82
C SER E 329 28.19 -22.20 -55.37
N ARG E 330 29.30 -22.27 -54.63
CA ARG E 330 29.30 -22.64 -53.22
C ARG E 330 29.33 -21.41 -52.32
N PHE E 331 28.65 -20.36 -52.75
CA PHE E 331 28.76 -19.05 -52.10
C PHE E 331 28.46 -19.10 -50.61
N PRO E 332 27.36 -19.71 -50.14
CA PRO E 332 27.00 -19.58 -48.72
C PRO E 332 28.08 -20.09 -47.77
N LYS E 333 28.75 -21.19 -48.09
CA LYS E 333 29.80 -21.70 -47.21
C LYS E 333 30.95 -20.71 -47.11
N ILE E 334 31.36 -20.14 -48.26
CA ILE E 334 32.44 -19.16 -48.24
C ILE E 334 32.04 -17.96 -47.41
N LEU E 335 30.82 -17.47 -47.59
CA LEU E 335 30.36 -16.32 -46.81
C LEU E 335 30.36 -16.63 -45.32
N GLU E 336 29.84 -17.79 -44.93
CA GLU E 336 29.79 -18.13 -43.52
C GLU E 336 31.19 -18.24 -42.93
N ASN E 337 32.12 -18.84 -43.67
CA ASN E 337 33.48 -18.99 -43.17
C ASN E 337 34.18 -17.66 -43.03
N LEU E 338 33.85 -16.68 -43.88
CA LEU E 338 34.39 -15.34 -43.79
C LEU E 338 33.62 -14.45 -42.82
N ARG E 339 32.56 -14.98 -42.19
CA ARG E 339 31.73 -14.21 -41.27
C ARG E 339 31.13 -13.00 -41.96
N LEU E 340 30.78 -13.16 -43.24
CA LEU E 340 30.13 -12.13 -44.04
C LEU E 340 28.69 -12.53 -44.29
N GLN E 341 27.80 -11.55 -44.19
CA GLN E 341 26.38 -11.74 -44.47
C GLN E 341 26.05 -11.12 -45.82
N LYS E 342 25.29 -11.86 -46.62
CA LYS E 342 24.89 -11.44 -47.96
C LYS E 342 23.40 -11.19 -47.99
N ARG E 343 23.01 -9.94 -48.19
CA ARG E 343 21.63 -9.56 -48.45
C ARG E 343 21.49 -9.20 -49.91
N GLY E 344 20.25 -9.19 -50.39
CA GLY E 344 20.02 -8.85 -51.78
C GLY E 344 20.41 -7.42 -52.06
N THR E 345 20.01 -6.89 -53.21
CA THR E 345 20.19 -5.47 -53.46
C THR E 345 19.37 -4.70 -52.43
N GLY E 346 19.39 -3.38 -52.55
CA GLY E 346 18.96 -2.52 -51.46
C GLY E 346 17.79 -3.08 -50.66
N GLY E 347 18.04 -3.34 -49.38
CA GLY E 347 17.05 -3.93 -48.50
C GLY E 347 17.39 -5.34 -48.07
N VAL E 348 17.41 -5.58 -46.76
CA VAL E 348 17.59 -6.94 -46.25
C VAL E 348 16.39 -7.80 -46.64
N ASP E 349 15.21 -7.19 -46.79
CA ASP E 349 14.00 -7.92 -47.13
C ASP E 349 13.86 -8.18 -48.62
N THR E 350 14.80 -7.71 -49.44
CA THR E 350 14.74 -7.90 -50.88
C THR E 350 15.69 -9.02 -51.31
N ALA E 351 15.57 -9.42 -52.56
CA ALA E 351 16.38 -10.47 -53.14
C ALA E 351 17.34 -9.88 -54.18
N ALA E 352 18.52 -10.50 -54.28
CA ALA E 352 19.52 -10.00 -55.22
C ALA E 352 18.99 -10.06 -56.64
N THR E 353 19.17 -8.96 -57.39
CA THR E 353 18.71 -8.85 -58.75
C THR E 353 19.89 -8.61 -59.67
N GLY E 354 20.06 -9.49 -60.67
CA GLY E 354 21.11 -9.34 -61.65
C GLY E 354 22.48 -9.77 -61.19
N GLY E 355 22.61 -10.29 -59.96
CA GLY E 355 23.89 -10.67 -59.43
C GLY E 355 24.55 -9.65 -58.53
N VAL E 356 23.85 -8.59 -58.17
CA VAL E 356 24.38 -7.57 -57.26
C VAL E 356 23.98 -7.96 -55.84
N PHE E 357 24.97 -7.99 -54.95
CA PHE E 357 24.77 -8.43 -53.57
C PHE E 357 25.29 -7.37 -52.61
N ASP E 358 24.62 -7.25 -51.48
CA ASP E 358 25.07 -6.41 -50.37
C ASP E 358 25.78 -7.31 -49.38
N ILE E 359 27.10 -7.28 -49.37
CA ILE E 359 27.92 -8.15 -48.53
C ILE E 359 28.53 -7.29 -47.43
N SER E 360 28.27 -7.66 -46.17
CA SER E 360 28.72 -6.89 -45.03
C SER E 360 29.26 -7.85 -43.98
N ASN E 361 29.77 -7.30 -42.88
CA ASN E 361 30.19 -8.12 -41.77
C ASN E 361 28.98 -8.69 -41.04
N LEU E 362 29.14 -9.87 -40.47
CA LEU E 362 28.05 -10.56 -39.79
C LEU E 362 28.00 -10.23 -38.30
N ASP E 363 29.14 -10.20 -37.63
CA ASP E 363 29.20 -9.97 -36.20
C ASP E 363 29.62 -8.53 -35.91
N ARG E 364 29.04 -7.96 -34.87
CA ARG E 364 29.29 -6.57 -34.51
C ARG E 364 29.75 -6.38 -33.07
N LEU E 365 29.68 -7.42 -32.25
CA LEU E 365 30.04 -7.33 -30.84
C LEU E 365 31.27 -8.20 -30.57
N GLY E 366 32.20 -7.68 -29.78
CA GLY E 366 33.44 -8.34 -29.47
C GLY E 366 34.62 -7.89 -30.30
N LYS E 367 34.36 -7.24 -31.44
CA LYS E 367 35.41 -6.69 -32.28
C LYS E 367 35.24 -5.18 -32.36
N SER E 368 36.34 -4.48 -32.57
CA SER E 368 36.31 -3.04 -32.69
C SER E 368 35.97 -2.64 -34.13
N GLU E 369 35.61 -1.36 -34.30
CA GLU E 369 35.16 -0.90 -35.61
C GLU E 369 36.27 -1.05 -36.66
N VAL E 370 37.50 -0.69 -36.30
CA VAL E 370 38.61 -0.85 -37.24
C VAL E 370 38.77 -2.30 -37.62
N GLU E 371 38.71 -3.20 -36.64
CA GLU E 371 38.84 -4.62 -36.92
C GLU E 371 37.73 -5.09 -37.85
N LEU E 372 36.49 -4.66 -37.61
CA LEU E 372 35.39 -5.09 -38.45
C LEU E 372 35.54 -4.59 -39.88
N VAL E 373 35.96 -3.33 -40.05
CA VAL E 373 36.13 -2.80 -41.39
C VAL E 373 37.26 -3.53 -42.11
N GLN E 374 38.37 -3.80 -41.41
CA GLN E 374 39.45 -4.55 -42.03
C GLN E 374 39.00 -5.95 -42.41
N LEU E 375 38.20 -6.59 -41.55
CA LEU E 375 37.68 -7.92 -41.86
C LEU E 375 36.81 -7.88 -43.11
N VAL E 376 35.96 -6.87 -43.23
CA VAL E 376 35.11 -6.74 -44.41
C VAL E 376 35.97 -6.56 -45.65
N ILE E 377 37.00 -5.72 -45.56
CA ILE E 377 37.87 -5.50 -46.71
C ILE E 377 38.55 -6.79 -47.12
N ASP E 378 39.08 -7.54 -46.15
CA ASP E 378 39.76 -8.79 -46.46
C ASP E 378 38.81 -9.78 -47.10
N GLY E 379 37.60 -9.91 -46.54
CA GLY E 379 36.65 -10.85 -47.10
C GLY E 379 36.23 -10.47 -48.52
N VAL E 380 35.98 -9.19 -48.76
CA VAL E 380 35.58 -8.76 -50.09
C VAL E 380 36.72 -8.95 -51.09
N ASN E 381 37.96 -8.69 -50.67
CA ASN E 381 39.09 -8.93 -51.54
C ASN E 381 39.23 -10.41 -51.86
N TYR E 382 39.01 -11.27 -50.86
CA TYR E 382 39.02 -12.70 -51.11
C TYR E 382 37.95 -13.10 -52.11
N LEU E 383 36.75 -12.53 -51.98
CA LEU E 383 35.68 -12.83 -52.93
C LEU E 383 36.06 -12.38 -54.33
N ILE E 384 36.66 -11.20 -54.44
CA ILE E 384 37.09 -10.70 -55.76
C ILE E 384 38.11 -11.65 -56.36
N ASP E 385 39.11 -12.04 -55.57
CA ASP E 385 40.13 -12.97 -56.06
C ASP E 385 39.54 -14.33 -56.40
N CYS E 386 38.35 -14.65 -55.90
CA CYS E 386 37.70 -15.92 -56.15
C CYS E 386 36.75 -15.86 -57.33
N GLU E 387 36.74 -14.76 -58.10
CA GLU E 387 35.84 -14.69 -59.25
C GLU E 387 36.11 -15.83 -60.23
N ARG E 388 37.37 -16.23 -60.35
CA ARG E 388 37.78 -17.35 -61.21
C ARG E 388 37.02 -17.35 -62.53
N ARG E 389 37.10 -16.22 -63.23
CA ARG E 389 36.62 -16.14 -64.60
C ARG E 389 37.64 -16.68 -65.59
N LEU E 390 38.86 -16.98 -65.14
CA LEU E 390 39.91 -17.52 -65.98
C LEU E 390 40.53 -18.79 -65.44
N GLU E 391 40.38 -19.08 -64.15
CA GLU E 391 40.88 -20.30 -63.53
C GLU E 391 39.69 -21.10 -62.98
N ARG E 392 39.99 -22.15 -62.22
CA ARG E 392 38.97 -22.97 -61.59
C ARG E 392 39.41 -23.32 -60.18
N GLY E 393 38.43 -23.61 -59.32
CA GLY E 393 38.70 -24.03 -57.96
C GLY E 393 38.55 -22.93 -56.93
N GLN E 394 37.72 -23.18 -55.93
CA GLN E 394 37.50 -22.26 -54.81
C GLN E 394 38.11 -22.86 -53.56
N ASP E 395 38.89 -22.06 -52.83
CA ASP E 395 39.61 -22.56 -51.66
C ASP E 395 38.77 -22.54 -50.39
N ILE E 396 37.62 -21.85 -50.39
CA ILE E 396 36.78 -21.74 -49.20
C ILE E 396 37.58 -21.05 -48.10
N ARG E 397 38.63 -21.72 -47.61
CA ARG E 397 39.62 -21.11 -46.72
C ARG E 397 38.98 -20.58 -45.44
N ILE E 398 38.46 -21.50 -44.64
CA ILE E 398 37.99 -21.16 -43.30
C ILE E 398 39.13 -20.46 -42.55
N SER F 31 -8.82 -1.51 13.81
CA SER F 31 -7.64 -0.90 14.41
C SER F 31 -6.49 -1.89 14.47
N GLU F 32 -5.27 -1.37 14.45
CA GLU F 32 -4.09 -2.22 14.56
C GLU F 32 -3.77 -2.59 16.00
N ARG F 33 -4.49 -2.01 16.97
CA ARG F 33 -4.28 -2.35 18.38
C ARG F 33 -4.98 -3.64 18.78
N ARG F 34 -5.83 -4.19 17.92
CA ARG F 34 -6.48 -5.45 18.24
C ARG F 34 -5.47 -6.60 18.22
N ARG F 35 -5.69 -7.57 19.10
CA ARG F 35 -4.75 -8.66 19.29
C ARG F 35 -5.25 -9.92 18.59
N LEU F 36 -4.30 -10.70 18.10
CA LEU F 36 -4.59 -11.97 17.45
C LEU F 36 -4.54 -13.10 18.47
N TYR F 37 -5.23 -14.18 18.17
CA TYR F 37 -5.12 -15.38 18.99
C TYR F 37 -3.67 -15.84 18.99
N PRO F 38 -3.05 -16.04 20.16
CA PRO F 38 -1.68 -16.50 20.17
C PRO F 38 -1.57 -17.86 19.51
N PRO F 39 -0.44 -18.17 18.88
CA PRO F 39 -0.34 -19.44 18.15
C PRO F 39 -0.68 -20.66 19.00
N SER F 40 -0.27 -20.68 20.27
CA SER F 40 -0.56 -21.83 21.12
C SER F 40 -2.05 -22.04 21.30
N ALA F 41 -2.86 -20.99 21.12
CA ALA F 41 -4.30 -21.17 21.21
C ALA F 41 -4.82 -22.03 20.08
N GLU F 42 -4.16 -22.00 18.92
CA GLU F 42 -4.55 -22.82 17.78
C GLU F 42 -3.86 -24.17 17.74
N TYR F 43 -2.94 -24.43 18.67
CA TYR F 43 -2.16 -25.64 18.60
C TYR F 43 -3.07 -26.87 18.69
N PRO F 44 -2.91 -27.85 17.83
CA PRO F 44 -3.81 -29.01 17.85
C PRO F 44 -3.60 -29.87 19.10
N ASP F 45 -4.66 -30.59 19.46
CA ASP F 45 -4.62 -31.52 20.59
C ASP F 45 -4.28 -32.90 20.06
N LEU F 46 -3.01 -33.29 20.21
CA LEU F 46 -2.49 -34.54 19.66
C LEU F 46 -2.11 -35.53 20.75
N ARG F 47 -2.81 -35.49 21.88
CA ARG F 47 -2.43 -36.32 23.02
C ARG F 47 -2.71 -37.80 22.79
N LYS F 48 -3.42 -38.17 21.72
CA LYS F 48 -3.73 -39.57 21.44
C LYS F 48 -3.45 -39.94 19.99
N HIS F 49 -2.73 -39.09 19.26
CA HIS F 49 -2.46 -39.34 17.85
C HIS F 49 -1.26 -40.25 17.67
N ASN F 50 -1.21 -40.92 16.53
CA ASN F 50 -0.19 -41.92 16.24
C ASN F 50 0.30 -41.81 14.81
N ASN F 51 0.57 -40.58 14.36
CA ASN F 51 1.12 -40.35 13.03
C ASN F 51 2.38 -39.50 13.15
N CYS F 52 3.18 -39.51 12.08
CA CYS F 52 4.49 -38.87 12.13
C CYS F 52 4.38 -37.37 12.37
N MET F 53 3.35 -36.74 11.81
CA MET F 53 3.16 -35.31 12.07
C MET F 53 3.01 -35.04 13.56
N ALA F 54 2.16 -35.83 14.23
CA ALA F 54 1.97 -35.66 15.66
C ALA F 54 3.25 -35.93 16.42
N SER F 55 4.07 -36.87 15.93
CA SER F 55 5.31 -37.18 16.62
C SER F 55 6.33 -36.05 16.49
N HIS F 56 6.34 -35.36 15.36
CA HIS F 56 7.36 -34.36 15.07
C HIS F 56 6.85 -32.93 15.16
N LEU F 57 5.62 -32.72 15.60
CA LEU F 57 5.08 -31.39 15.76
C LEU F 57 5.23 -30.95 17.21
N THR F 58 5.79 -29.76 17.41
CA THR F 58 6.01 -29.19 18.72
C THR F 58 5.50 -27.77 18.74
N PRO F 59 5.16 -27.24 19.92
CA PRO F 59 4.66 -25.85 19.97
C PRO F 59 5.59 -24.85 19.34
N ALA F 60 6.90 -25.03 19.49
CA ALA F 60 7.86 -24.09 18.88
C ALA F 60 7.73 -24.09 17.36
N VAL F 61 7.71 -25.29 16.76
CA VAL F 61 7.61 -25.37 15.30
C VAL F 61 6.30 -24.77 14.82
N TYR F 62 5.20 -25.11 15.50
CA TYR F 62 3.91 -24.59 15.08
C TYR F 62 3.87 -23.08 15.16
N ALA F 63 4.37 -22.51 16.26
CA ALA F 63 4.39 -21.06 16.39
C ALA F 63 5.26 -20.43 15.32
N ARG F 64 6.41 -21.04 15.03
CA ARG F 64 7.31 -20.48 14.03
C ARG F 64 6.67 -20.47 12.64
N LEU F 65 5.96 -21.53 12.28
CA LEU F 65 5.46 -21.71 10.93
C LEU F 65 4.01 -21.25 10.74
N CYS F 66 3.32 -20.84 11.80
CA CYS F 66 1.88 -20.60 11.68
C CYS F 66 1.56 -19.32 10.91
N ASP F 67 2.53 -18.44 10.69
CA ASP F 67 2.29 -17.24 9.88
C ASP F 67 2.65 -17.44 8.42
N LYS F 68 3.57 -18.35 8.12
CA LYS F 68 4.03 -18.50 6.75
C LYS F 68 2.94 -19.07 5.86
N THR F 69 3.13 -18.91 4.56
CA THR F 69 2.17 -19.41 3.58
C THR F 69 2.84 -19.47 2.22
N THR F 70 2.47 -20.46 1.44
CA THR F 70 2.98 -20.57 0.08
C THR F 70 2.34 -19.51 -0.80
N PRO F 71 2.94 -19.21 -1.95
CA PRO F 71 2.39 -18.13 -2.80
C PRO F 71 0.95 -18.35 -3.17
N THR F 72 0.49 -19.60 -3.27
CA THR F 72 -0.89 -19.89 -3.62
C THR F 72 -1.82 -19.88 -2.42
N GLY F 73 -1.30 -19.65 -1.21
CA GLY F 73 -2.11 -19.53 -0.02
C GLY F 73 -2.17 -20.75 0.86
N TRP F 74 -1.40 -21.79 0.56
CA TRP F 74 -1.36 -22.97 1.43
C TRP F 74 -0.73 -22.61 2.76
N THR F 75 -1.28 -23.17 3.84
CA THR F 75 -0.84 -22.86 5.19
C THR F 75 -0.55 -24.15 5.95
N LEU F 76 0.08 -24.00 7.11
CA LEU F 76 0.47 -25.15 7.90
C LEU F 76 -0.74 -25.94 8.39
N ASP F 77 -1.79 -25.24 8.81
CA ASP F 77 -2.99 -25.92 9.27
C ASP F 77 -3.56 -26.81 8.17
N GLN F 78 -3.60 -26.30 6.95
CA GLN F 78 -4.06 -27.12 5.83
C GLN F 78 -3.10 -28.28 5.58
N CYS F 79 -1.81 -28.09 5.85
CA CYS F 79 -0.86 -29.19 5.70
C CYS F 79 -1.16 -30.32 6.67
N ILE F 80 -1.46 -29.98 7.92
CA ILE F 80 -1.54 -30.99 8.98
C ILE F 80 -2.98 -31.36 9.31
N GLN F 81 -3.96 -30.86 8.55
CA GLN F 81 -5.35 -31.17 8.87
C GLN F 81 -5.62 -32.66 8.82
N THR F 82 -5.11 -33.35 7.80
CA THR F 82 -5.37 -34.78 7.67
C THR F 82 -4.80 -35.54 8.86
N GLY F 83 -3.59 -35.18 9.29
CA GLY F 83 -3.00 -35.84 10.44
C GLY F 83 -3.75 -35.53 11.73
N VAL F 84 -4.23 -34.29 11.86
CA VAL F 84 -4.99 -33.92 13.06
C VAL F 84 -6.29 -34.70 13.14
N ASP F 85 -6.99 -34.83 12.01
CA ASP F 85 -8.29 -35.50 12.00
C ASP F 85 -8.19 -37.01 12.08
N ASN F 86 -7.03 -37.59 11.74
CA ASN F 86 -6.86 -39.04 11.67
C ASN F 86 -5.73 -39.45 12.59
N PRO F 87 -6.01 -39.72 13.87
CA PRO F 87 -4.94 -40.21 14.76
C PRO F 87 -4.52 -41.64 14.46
N GLY F 88 -5.43 -42.45 13.92
CA GLY F 88 -5.20 -43.86 13.72
C GLY F 88 -4.99 -44.24 12.27
N HIS F 89 -6.05 -44.67 11.61
CA HIS F 89 -6.00 -45.17 10.25
C HIS F 89 -5.16 -46.43 10.14
N PRO F 90 -5.63 -47.57 10.59
CA PRO F 90 -5.03 -48.84 10.15
C PRO F 90 -5.02 -48.89 8.62
N PHE F 91 -4.32 -49.86 8.06
CA PHE F 91 -3.59 -50.91 8.78
C PHE F 91 -2.10 -50.64 8.64
N ILE F 92 -1.76 -49.36 8.49
CA ILE F 92 -0.38 -48.92 8.27
C ILE F 92 -0.14 -47.67 9.11
N LYS F 93 1.12 -47.24 9.13
CA LYS F 93 1.50 -45.99 9.78
C LYS F 93 1.41 -44.85 8.77
N THR F 94 0.67 -43.81 9.11
CA THR F 94 0.41 -42.70 8.20
C THR F 94 1.32 -41.52 8.51
N VAL F 95 1.65 -40.77 7.46
CA VAL F 95 2.46 -39.57 7.63
C VAL F 95 1.67 -38.48 8.34
N GLY F 96 0.42 -38.28 7.92
CA GLY F 96 -0.41 -37.26 8.51
C GLY F 96 -0.24 -35.87 7.93
N MET F 97 0.45 -35.74 6.80
CA MET F 97 0.64 -34.45 6.15
C MET F 97 0.42 -34.59 4.65
N VAL F 98 0.14 -33.46 4.02
CA VAL F 98 0.06 -33.38 2.56
C VAL F 98 0.63 -32.02 2.15
N ALA F 99 0.89 -31.89 0.85
CA ALA F 99 1.39 -30.66 0.26
C ALA F 99 0.34 -30.07 -0.65
N GLY F 100 0.21 -28.74 -0.63
CA GLY F 100 -0.75 -28.07 -1.47
C GLY F 100 -0.15 -27.61 -2.79
N ASP F 101 1.17 -27.53 -2.87
CA ASP F 101 1.85 -27.10 -4.08
C ASP F 101 3.33 -27.40 -3.91
N GLU F 102 4.11 -27.07 -4.95
CA GLU F 102 5.54 -27.36 -4.92
C GLU F 102 6.23 -26.58 -3.82
N GLU F 103 5.86 -25.31 -3.63
CA GLU F 103 6.54 -24.47 -2.66
C GLU F 103 6.39 -24.97 -1.23
N THR F 104 5.35 -25.77 -0.95
CA THR F 104 5.10 -26.21 0.41
C THR F 104 6.34 -26.87 1.00
N TYR F 105 6.90 -27.85 0.29
CA TYR F 105 8.03 -28.59 0.81
C TYR F 105 9.21 -27.69 1.14
N GLU F 106 9.28 -26.52 0.53
CA GLU F 106 10.33 -25.55 0.85
C GLU F 106 9.89 -24.58 1.94
N VAL F 107 8.62 -24.16 1.90
CA VAL F 107 8.17 -23.16 2.86
C VAL F 107 8.10 -23.75 4.27
N PHE F 108 7.53 -24.95 4.38
CA PHE F 108 7.39 -25.63 5.66
C PHE F 108 8.41 -26.74 5.84
N ALA F 109 9.61 -26.56 5.29
CA ALA F 109 10.63 -27.60 5.38
C ALA F 109 10.98 -27.91 6.83
N ASP F 110 10.87 -26.92 7.72
CA ASP F 110 11.24 -27.14 9.12
C ASP F 110 10.42 -28.26 9.75
N LEU F 111 9.25 -28.57 9.20
CA LEU F 111 8.43 -29.67 9.69
C LEU F 111 8.40 -30.86 8.75
N PHE F 112 8.51 -30.64 7.44
CA PHE F 112 8.47 -31.74 6.49
C PHE F 112 9.77 -32.54 6.52
N ASP F 113 10.90 -31.87 6.71
CA ASP F 113 12.18 -32.56 6.65
C ASP F 113 12.31 -33.66 7.67
N PRO F 114 12.07 -33.43 8.97
CA PRO F 114 12.11 -34.56 9.91
C PRO F 114 11.11 -35.65 9.57
N VAL F 115 9.92 -35.28 9.11
CA VAL F 115 8.91 -36.26 8.74
C VAL F 115 9.40 -37.10 7.57
N ILE F 116 9.96 -36.45 6.56
CA ILE F 116 10.48 -37.19 5.41
C ILE F 116 11.61 -38.11 5.84
N GLN F 117 12.50 -37.61 6.69
CA GLN F 117 13.63 -38.43 7.14
C GLN F 117 13.16 -39.67 7.88
N GLU F 118 12.20 -39.50 8.79
CA GLU F 118 11.68 -40.66 9.53
C GLU F 118 10.93 -41.61 8.61
N ARG F 119 10.18 -41.07 7.66
CA ARG F 119 9.33 -41.90 6.81
C ARG F 119 10.16 -42.72 5.82
N HIS F 120 11.34 -42.24 5.45
CA HIS F 120 12.18 -42.87 4.44
C HIS F 120 13.47 -43.40 5.05
N ASN F 121 13.35 -44.00 6.23
CA ASN F 121 14.43 -44.71 6.92
C ASN F 121 15.79 -44.03 6.73
N GLY F 122 15.85 -42.78 7.15
CA GLY F 122 17.11 -42.10 7.38
C GLY F 122 17.52 -41.14 6.29
N TYR F 123 16.91 -41.19 5.11
CA TYR F 123 17.27 -40.24 4.06
C TYR F 123 17.09 -38.82 4.57
N ASP F 124 18.11 -37.98 4.36
CA ASP F 124 18.11 -36.63 4.90
C ASP F 124 17.94 -35.63 3.76
N PRO F 125 16.75 -35.06 3.56
CA PRO F 125 16.59 -34.14 2.42
C PRO F 125 17.52 -32.94 2.49
N ARG F 126 17.87 -32.48 3.69
CA ARG F 126 18.73 -31.31 3.81
C ARG F 126 20.11 -31.57 3.24
N THR F 127 20.67 -32.76 3.50
CA THR F 127 22.07 -33.04 3.17
C THR F 127 22.22 -33.74 1.82
N MET F 128 21.62 -34.91 1.66
CA MET F 128 21.90 -35.75 0.51
C MET F 128 20.93 -35.47 -0.63
N LYS F 129 21.25 -36.01 -1.80
CA LYS F 129 20.49 -35.80 -3.03
C LYS F 129 19.88 -37.12 -3.48
N HIS F 130 18.89 -37.01 -4.37
CA HIS F 130 18.16 -38.14 -4.90
C HIS F 130 18.58 -38.40 -6.35
N THR F 131 18.71 -39.68 -6.70
CA THR F 131 19.10 -40.10 -8.03
C THR F 131 18.04 -41.03 -8.61
N THR F 132 17.79 -40.89 -9.91
CA THR F 132 16.76 -41.66 -10.59
C THR F 132 17.33 -42.29 -11.84
N ASP F 133 17.06 -43.58 -12.04
CA ASP F 133 17.40 -44.25 -13.28
C ASP F 133 16.34 -45.31 -13.58
N LEU F 134 15.84 -45.31 -14.81
CA LEU F 134 14.81 -46.25 -15.25
C LEU F 134 15.40 -47.10 -16.37
N ASP F 135 16.03 -48.21 -15.98
CA ASP F 135 16.65 -49.12 -16.93
C ASP F 135 16.36 -50.54 -16.46
N ALA F 136 15.31 -51.14 -17.03
CA ALA F 136 14.93 -52.50 -16.65
C ALA F 136 16.02 -53.51 -16.98
N SER F 137 16.96 -53.16 -17.86
CA SER F 137 18.02 -54.09 -18.22
C SER F 137 18.78 -54.58 -16.99
N LYS F 138 18.98 -53.70 -16.01
CA LYS F 138 19.69 -54.05 -14.78
C LYS F 138 18.81 -54.82 -13.79
N ILE F 139 17.63 -55.27 -14.21
CA ILE F 139 16.72 -56.00 -13.35
C ILE F 139 16.80 -57.51 -13.60
N ARG F 140 17.95 -57.98 -14.10
CA ARG F 140 18.12 -59.40 -14.42
C ARG F 140 17.48 -60.27 -13.34
N SER F 141 16.83 -61.34 -13.79
CA SER F 141 15.98 -62.15 -12.92
C SER F 141 14.69 -61.40 -12.64
N GLY F 142 13.90 -61.90 -11.69
CA GLY F 142 12.67 -61.21 -11.31
C GLY F 142 11.43 -61.82 -11.92
N TYR F 143 11.36 -63.15 -11.96
CA TYR F 143 10.16 -63.87 -12.37
C TYR F 143 9.70 -64.68 -11.16
N PHE F 144 8.66 -64.21 -10.49
CA PHE F 144 8.22 -64.84 -9.26
C PHE F 144 7.58 -66.20 -9.54
N ASP F 145 7.37 -66.95 -8.48
CA ASP F 145 6.66 -68.23 -8.58
C ASP F 145 5.20 -67.98 -8.91
N GLU F 146 4.74 -68.49 -10.07
CA GLU F 146 3.38 -68.25 -10.50
C GLU F 146 2.36 -68.85 -9.54
N ARG F 147 2.79 -69.75 -8.65
CA ARG F 147 1.89 -70.40 -7.71
C ARG F 147 1.71 -69.60 -6.42
N TYR F 148 2.31 -68.41 -6.31
CA TYR F 148 2.25 -67.64 -5.08
C TYR F 148 1.94 -66.17 -5.26
N VAL F 149 1.98 -65.62 -6.48
CA VAL F 149 1.90 -64.18 -6.71
C VAL F 149 0.54 -63.78 -7.29
N LEU F 150 0.20 -64.30 -8.46
CA LEU F 150 -1.09 -64.04 -9.09
C LEU F 150 -1.22 -62.63 -9.65
N SER F 151 -0.29 -61.73 -9.36
CA SER F 151 -0.33 -60.39 -9.91
C SER F 151 0.92 -59.59 -9.60
N SER F 152 1.30 -58.70 -10.52
CA SER F 152 2.44 -57.82 -10.32
C SER F 152 2.11 -56.45 -10.91
N ARG F 153 2.43 -55.41 -10.14
CA ARG F 153 2.11 -54.04 -10.53
C ARG F 153 3.29 -53.13 -10.24
N VAL F 154 3.46 -52.11 -11.08
CA VAL F 154 4.45 -51.06 -10.86
C VAL F 154 3.77 -49.71 -11.09
N ARG F 155 3.91 -48.81 -10.13
CA ARG F 155 3.20 -47.53 -10.15
C ARG F 155 4.16 -46.39 -9.86
N THR F 156 3.85 -45.22 -10.42
CA THR F 156 4.51 -43.98 -10.05
C THR F 156 3.50 -42.84 -10.17
N GLY F 157 3.88 -41.68 -9.64
CA GLY F 157 3.06 -40.51 -9.73
C GLY F 157 3.83 -39.36 -10.33
N ARG F 158 3.10 -38.39 -10.87
CA ARG F 158 3.70 -37.22 -11.47
C ARG F 158 2.78 -36.03 -11.30
N SER F 159 3.37 -34.86 -11.05
CA SER F 159 2.65 -33.61 -10.91
C SER F 159 3.12 -32.63 -11.98
N ILE F 160 2.19 -31.85 -12.49
CA ILE F 160 2.48 -30.84 -13.50
C ILE F 160 2.91 -29.56 -12.80
N ARG F 161 4.08 -29.05 -13.17
CA ARG F 161 4.58 -27.83 -12.55
C ARG F 161 3.70 -26.64 -12.89
N GLY F 162 3.49 -25.76 -11.92
CA GLY F 162 2.67 -24.59 -12.10
C GLY F 162 1.22 -24.76 -11.72
N LEU F 163 0.79 -25.98 -11.39
CA LEU F 163 -0.60 -26.25 -11.03
C LEU F 163 -0.65 -26.79 -9.60
N SER F 164 -1.64 -26.33 -8.85
CA SER F 164 -1.76 -26.73 -7.46
C SER F 164 -2.07 -28.22 -7.36
N LEU F 165 -1.64 -28.82 -6.27
CA LEU F 165 -1.83 -30.24 -6.04
C LEU F 165 -3.28 -30.52 -5.63
N PRO F 166 -3.71 -31.77 -5.71
CA PRO F 166 -5.13 -32.09 -5.51
C PRO F 166 -5.67 -31.54 -4.19
N PRO F 167 -4.89 -31.55 -3.11
CA PRO F 167 -5.41 -30.98 -1.87
C PRO F 167 -5.83 -29.52 -2.00
N ALA F 168 -5.18 -28.74 -2.85
CA ALA F 168 -5.44 -27.32 -2.96
C ALA F 168 -5.97 -26.88 -4.31
N CYS F 169 -5.95 -27.74 -5.32
CA CYS F 169 -6.31 -27.32 -6.67
C CYS F 169 -7.77 -26.91 -6.74
N THR F 170 -8.05 -25.85 -7.50
CA THR F 170 -9.41 -25.43 -7.79
C THR F 170 -9.96 -26.21 -8.97
N ARG F 171 -11.21 -25.96 -9.33
CA ARG F 171 -11.81 -26.67 -10.45
C ARG F 171 -11.08 -26.35 -11.75
N ALA F 172 -10.75 -25.09 -11.97
CA ALA F 172 -10.04 -24.72 -13.20
C ALA F 172 -8.70 -25.42 -13.30
N GLU F 173 -7.95 -25.47 -12.19
CA GLU F 173 -6.65 -26.13 -12.21
C GLU F 173 -6.79 -27.62 -12.49
N ARG F 174 -7.78 -28.27 -11.87
CA ARG F 174 -7.98 -29.69 -12.10
C ARG F 174 -8.33 -29.95 -13.56
N ARG F 175 -9.21 -29.12 -14.13
CA ARG F 175 -9.56 -29.29 -15.54
C ARG F 175 -8.36 -29.05 -16.44
N GLU F 176 -7.50 -28.09 -16.08
CA GLU F 176 -6.29 -27.84 -16.85
C GLU F 176 -5.37 -29.06 -16.82
N VAL F 177 -5.21 -29.67 -15.65
CA VAL F 177 -4.40 -30.88 -15.55
C VAL F 177 -4.97 -31.97 -16.45
N GLU F 178 -6.30 -32.14 -16.40
CA GLU F 178 -6.93 -33.18 -17.20
C GLU F 178 -6.70 -32.93 -18.69
N ARG F 179 -6.86 -31.69 -19.14
N ARG F 179 -6.86 -31.68 -19.13
CA ARG F 179 -6.66 -31.38 -20.54
CA ARG F 179 -6.65 -31.35 -20.54
C ARG F 179 -5.22 -31.63 -20.97
C ARG F 179 -5.22 -31.63 -20.97
N VAL F 180 -4.25 -31.18 -20.16
CA VAL F 180 -2.86 -31.36 -20.51
C VAL F 180 -2.54 -32.84 -20.64
N VAL F 181 -2.96 -33.63 -19.66
CA VAL F 181 -2.63 -35.05 -19.67
C VAL F 181 -3.31 -35.74 -20.84
N VAL F 182 -4.58 -35.44 -21.09
CA VAL F 182 -5.29 -36.13 -22.17
C VAL F 182 -4.69 -35.77 -23.52
N ASP F 183 -4.39 -34.49 -23.76
CA ASP F 183 -3.79 -34.10 -25.03
C ASP F 183 -2.44 -34.77 -25.21
N ALA F 184 -1.62 -34.81 -24.15
CA ALA F 184 -0.32 -35.48 -24.27
C ALA F 184 -0.49 -36.95 -24.56
N LEU F 185 -1.39 -37.63 -23.84
CA LEU F 185 -1.56 -39.07 -23.98
C LEU F 185 -2.19 -39.45 -25.31
N SER F 186 -2.85 -38.51 -25.99
CA SER F 186 -3.40 -38.82 -27.30
C SER F 186 -2.32 -39.23 -28.28
N GLY F 187 -1.06 -38.88 -28.01
CA GLY F 187 0.04 -39.20 -28.91
C GLY F 187 0.64 -40.58 -28.76
N LEU F 188 0.24 -41.34 -27.73
CA LEU F 188 0.78 -42.68 -27.56
C LEU F 188 0.38 -43.56 -28.75
N LYS F 189 1.34 -44.31 -29.27
CA LYS F 189 1.14 -45.12 -30.46
C LYS F 189 1.61 -46.55 -30.19
N GLY F 190 1.18 -47.45 -31.07
CA GLY F 190 1.59 -48.84 -30.98
C GLY F 190 0.92 -49.59 -29.85
N ASP F 191 1.70 -50.40 -29.13
CA ASP F 191 1.14 -51.19 -28.03
C ASP F 191 0.53 -50.29 -26.97
N LEU F 192 1.18 -49.16 -26.69
CA LEU F 192 0.70 -48.25 -25.65
C LEU F 192 -0.55 -47.48 -26.05
N ALA F 193 -0.95 -47.54 -27.33
CA ALA F 193 -2.11 -46.78 -27.76
C ALA F 193 -3.34 -47.15 -26.93
N GLY F 194 -4.08 -46.14 -26.49
CA GLY F 194 -5.22 -46.39 -25.63
C GLY F 194 -6.28 -45.31 -25.70
N ARG F 195 -7.18 -45.30 -24.72
CA ARG F 195 -8.29 -44.35 -24.69
C ARG F 195 -8.45 -43.78 -23.29
N TYR F 196 -9.02 -42.57 -23.25
CA TYR F 196 -9.37 -41.90 -22.00
C TYR F 196 -10.84 -42.12 -21.69
N TYR F 197 -11.13 -42.44 -20.44
CA TYR F 197 -12.49 -42.63 -19.95
C TYR F 197 -12.72 -41.65 -18.81
N ARG F 198 -13.66 -40.74 -18.99
CA ARG F 198 -13.99 -39.76 -17.97
C ARG F 198 -14.87 -40.40 -16.91
N LEU F 199 -14.53 -40.18 -15.64
CA LEU F 199 -15.27 -40.82 -14.56
C LEU F 199 -16.73 -40.39 -14.57
N SER F 200 -16.99 -39.10 -14.83
CA SER F 200 -18.34 -38.59 -14.84
C SER F 200 -19.19 -39.17 -15.96
N GLU F 201 -18.58 -39.83 -16.95
CA GLU F 201 -19.29 -40.33 -18.11
C GLU F 201 -19.39 -41.85 -18.15
N MET F 202 -19.00 -42.53 -17.08
CA MET F 202 -19.07 -43.99 -17.02
C MET F 202 -20.11 -44.41 -16.00
N THR F 203 -20.91 -45.41 -16.35
CA THR F 203 -21.99 -45.86 -15.49
C THR F 203 -21.43 -46.53 -14.24
N GLU F 204 -22.26 -46.59 -13.20
CA GLU F 204 -21.82 -47.15 -11.92
C GLU F 204 -21.36 -48.59 -12.08
N ALA F 205 -22.02 -49.36 -12.95
CA ALA F 205 -21.62 -50.75 -13.15
C ALA F 205 -20.21 -50.82 -13.72
N GLU F 206 -19.90 -49.98 -14.71
CA GLU F 206 -18.56 -49.99 -15.30
C GLU F 206 -17.50 -49.61 -14.28
N GLN F 207 -17.77 -48.58 -13.46
CA GLN F 207 -16.82 -48.18 -12.44
C GLN F 207 -16.60 -49.28 -11.43
N GLN F 208 -17.68 -49.94 -10.99
CA GLN F 208 -17.54 -51.03 -10.03
C GLN F 208 -16.75 -52.19 -10.63
N GLN F 209 -17.00 -52.52 -11.90
CA GLN F 209 -16.25 -53.59 -12.54
C GLN F 209 -14.77 -53.24 -12.63
N LEU F 210 -14.46 -52.00 -12.99
CA LEU F 210 -13.07 -51.59 -13.08
C LEU F 210 -12.39 -51.64 -11.72
N ILE F 211 -13.08 -51.19 -10.67
CA ILE F 211 -12.49 -51.20 -9.34
C ILE F 211 -12.27 -52.63 -8.87
N ASP F 212 -13.28 -53.49 -9.03
CA ASP F 212 -13.16 -54.87 -8.58
C ASP F 212 -12.07 -55.62 -9.33
N ASP F 213 -11.71 -55.18 -10.53
CA ASP F 213 -10.64 -55.79 -11.31
C ASP F 213 -9.28 -55.23 -10.97
N HIS F 214 -9.20 -54.32 -10.00
CA HIS F 214 -7.96 -53.72 -9.52
C HIS F 214 -7.38 -52.69 -10.48
N PHE F 215 -8.18 -52.21 -11.44
CA PHE F 215 -7.70 -51.25 -12.42
C PHE F 215 -7.98 -49.81 -11.97
N LEU F 216 -9.25 -49.49 -11.77
CA LEU F 216 -9.63 -48.12 -11.43
C LEU F 216 -9.44 -47.85 -9.94
N PHE F 217 -9.20 -46.59 -9.62
CA PHE F 217 -9.09 -46.19 -8.22
C PHE F 217 -10.45 -46.24 -7.53
N ASP F 218 -10.41 -46.49 -6.23
CA ASP F 218 -11.64 -46.67 -5.47
C ASP F 218 -12.40 -45.35 -5.35
N LYS F 219 -13.63 -45.45 -4.84
CA LYS F 219 -14.44 -44.27 -4.60
C LYS F 219 -13.79 -43.41 -3.51
N PRO F 220 -14.10 -42.13 -3.49
CA PRO F 220 -13.42 -41.23 -2.55
C PRO F 220 -13.85 -41.43 -1.11
N VAL F 221 -13.39 -42.52 -0.49
CA VAL F 221 -13.73 -42.83 0.90
C VAL F 221 -12.51 -42.94 1.79
N SER F 222 -11.31 -42.82 1.22
CA SER F 222 -10.11 -42.93 2.04
C SER F 222 -10.09 -41.82 3.09
N PRO F 223 -9.76 -42.12 4.35
CA PRO F 223 -9.70 -41.03 5.34
C PRO F 223 -8.74 -39.93 4.96
N LEU F 224 -7.59 -40.27 4.39
CA LEU F 224 -6.64 -39.25 3.96
C LEU F 224 -7.24 -38.39 2.85
N LEU F 225 -7.85 -39.04 1.86
CA LEU F 225 -8.39 -38.29 0.73
C LEU F 225 -9.46 -37.31 1.17
N THR F 226 -10.35 -37.73 2.07
CA THR F 226 -11.42 -36.86 2.52
C THR F 226 -10.90 -35.76 3.43
N ALA F 227 -10.07 -36.13 4.42
CA ALA F 227 -9.61 -35.14 5.39
C ALA F 227 -8.70 -34.11 4.75
N ALA F 228 -7.89 -34.51 3.77
CA ALA F 228 -6.98 -33.58 3.13
C ALA F 228 -7.68 -32.66 2.13
N GLY F 229 -8.89 -32.99 1.73
CA GLY F 229 -9.61 -32.17 0.76
C GLY F 229 -9.39 -32.56 -0.68
N MET F 230 -9.03 -33.81 -0.96
CA MET F 230 -8.79 -34.27 -2.31
C MET F 230 -10.02 -34.83 -2.99
N ALA F 231 -11.15 -34.89 -2.29
CA ALA F 231 -12.39 -35.40 -2.87
C ALA F 231 -13.35 -34.28 -3.27
N ARG F 232 -12.88 -33.04 -3.30
CA ARG F 232 -13.75 -31.93 -3.67
C ARG F 232 -14.15 -32.03 -5.13
N ASP F 233 -15.42 -31.76 -5.40
CA ASP F 233 -15.97 -31.70 -6.76
C ASP F 233 -15.97 -33.07 -7.43
N TRP F 234 -15.91 -34.15 -6.66
CA TRP F 234 -15.91 -35.47 -7.27
C TRP F 234 -17.21 -35.69 -8.03
N PRO F 235 -17.18 -36.36 -9.18
CA PRO F 235 -16.04 -36.93 -9.91
C PRO F 235 -15.53 -36.01 -11.01
N ASP F 236 -15.70 -34.70 -10.86
CA ASP F 236 -15.35 -33.78 -11.93
C ASP F 236 -13.86 -33.84 -12.23
N ALA F 237 -13.53 -33.99 -13.51
CA ALA F 237 -12.17 -33.92 -14.04
C ALA F 237 -11.28 -35.09 -13.63
N ARG F 238 -11.84 -36.13 -13.04
CA ARG F 238 -11.08 -37.36 -12.77
C ARG F 238 -11.33 -38.35 -13.88
N GLY F 239 -10.34 -39.17 -14.17
CA GLY F 239 -10.53 -40.15 -15.23
C GLY F 239 -9.45 -41.21 -15.22
N ILE F 240 -9.59 -42.15 -16.16
CA ILE F 240 -8.62 -43.22 -16.33
C ILE F 240 -8.32 -43.38 -17.81
N TRP F 241 -7.05 -43.31 -18.18
CA TRP F 241 -6.60 -43.53 -19.55
C TRP F 241 -5.88 -44.87 -19.59
N HIS F 242 -6.42 -45.82 -20.33
CA HIS F 242 -5.80 -47.14 -20.37
C HIS F 242 -5.69 -47.65 -21.79
N ASN F 243 -4.69 -48.50 -22.01
CA ASN F 243 -4.48 -49.11 -23.30
C ASN F 243 -5.47 -50.25 -23.52
N ASN F 244 -5.53 -50.75 -24.75
CA ASN F 244 -6.55 -51.74 -25.10
C ASN F 244 -6.37 -53.01 -24.28
N GLU F 245 -5.13 -53.50 -24.15
CA GLU F 245 -4.88 -54.66 -23.32
C GLU F 245 -5.05 -54.36 -21.83
N LYS F 246 -5.17 -53.08 -21.46
CA LYS F 246 -5.34 -52.66 -20.07
C LYS F 246 -4.12 -53.02 -19.23
N SER F 247 -2.96 -53.20 -19.86
CA SER F 247 -1.72 -53.41 -19.12
C SER F 247 -1.04 -52.10 -18.76
N PHE F 248 -1.38 -51.02 -19.44
CA PHE F 248 -0.84 -49.69 -19.14
C PHE F 248 -2.01 -48.76 -18.84
N LEU F 249 -1.94 -48.11 -17.67
CA LEU F 249 -3.04 -47.28 -17.18
C LEU F 249 -2.47 -45.98 -16.62
N ILE F 250 -3.34 -44.97 -16.58
CA ILE F 250 -2.98 -43.66 -16.06
C ILE F 250 -4.20 -43.07 -15.36
N TRP F 251 -4.11 -42.93 -14.05
CA TRP F 251 -5.15 -42.28 -13.27
C TRP F 251 -4.95 -40.77 -13.32
N VAL F 252 -6.01 -40.04 -13.64
CA VAL F 252 -5.96 -38.59 -13.76
C VAL F 252 -6.78 -38.01 -12.62
N ASN F 253 -6.08 -37.30 -11.71
CA ASN F 253 -6.67 -36.46 -10.68
C ASN F 253 -7.31 -37.24 -9.53
N GLU F 254 -6.81 -38.42 -9.20
CA GLU F 254 -7.33 -39.12 -8.04
C GLU F 254 -6.67 -38.63 -6.75
N GLU F 255 -5.38 -38.87 -6.59
CA GLU F 255 -4.62 -38.37 -5.46
C GLU F 255 -3.38 -37.59 -5.88
N ASP F 256 -2.86 -37.82 -7.07
CA ASP F 256 -1.86 -36.98 -7.69
C ASP F 256 -2.41 -36.50 -9.03
N HIS F 257 -1.70 -35.58 -9.66
CA HIS F 257 -2.12 -35.12 -10.98
C HIS F 257 -2.18 -36.29 -11.95
N THR F 258 -1.16 -37.14 -11.94
CA THR F 258 -1.14 -38.34 -12.76
C THR F 258 -0.54 -39.49 -11.98
N ARG F 259 -1.06 -40.69 -12.23
CA ARG F 259 -0.50 -41.92 -11.69
C ARG F 259 -0.34 -42.92 -12.83
N VAL F 260 0.90 -43.23 -13.17
CA VAL F 260 1.22 -44.16 -14.26
C VAL F 260 1.38 -45.56 -13.68
N ILE F 261 0.65 -46.52 -14.23
CA ILE F 261 0.57 -47.87 -13.68
C ILE F 261 0.80 -48.87 -14.80
N SER F 262 1.53 -49.93 -14.47
CA SER F 262 1.70 -51.08 -15.35
C SER F 262 1.34 -52.34 -14.58
N MET F 263 0.38 -53.10 -15.10
CA MET F 263 -0.18 -54.26 -14.43
C MET F 263 0.14 -55.52 -15.23
N GLU F 264 0.09 -56.66 -14.53
CA GLU F 264 0.12 -57.95 -15.22
C GLU F 264 -0.35 -59.03 -14.26
N LYS F 265 -1.31 -59.84 -14.71
CA LYS F 265 -1.83 -60.94 -13.90
C LYS F 265 -0.84 -62.09 -13.96
N GLY F 266 0.20 -61.98 -13.16
CA GLY F 266 1.23 -63.00 -13.14
C GLY F 266 2.39 -62.57 -12.27
N GLY F 267 3.50 -63.28 -12.41
CA GLY F 267 4.68 -63.01 -11.61
C GLY F 267 5.87 -62.54 -12.43
N ASN F 268 5.62 -62.03 -13.63
CA ASN F 268 6.69 -61.58 -14.52
C ASN F 268 6.92 -60.09 -14.28
N MET F 269 7.57 -59.79 -13.15
CA MET F 269 7.85 -58.39 -12.82
C MET F 269 8.79 -57.75 -13.82
N LYS F 270 9.65 -58.53 -14.46
CA LYS F 270 10.60 -57.98 -15.42
C LYS F 270 9.88 -57.30 -16.58
N ARG F 271 8.94 -58.02 -17.20
CA ARG F 271 8.20 -57.46 -18.33
C ARG F 271 7.37 -56.27 -17.89
N VAL F 272 6.74 -56.37 -16.73
CA VAL F 272 5.91 -55.27 -16.22
C VAL F 272 6.77 -54.02 -16.08
N PHE F 273 7.95 -54.16 -15.49
CA PHE F 273 8.81 -53.00 -15.28
C PHE F 273 9.35 -52.45 -16.60
N GLU F 274 9.66 -53.33 -17.56
CA GLU F 274 10.12 -52.85 -18.86
C GLU F 274 9.04 -52.01 -19.53
N ARG F 275 7.81 -52.53 -19.57
CA ARG F 275 6.71 -51.78 -20.15
C ARG F 275 6.50 -50.47 -19.41
N PHE F 276 6.57 -50.51 -18.09
CA PHE F 276 6.38 -49.32 -17.28
C PHE F 276 7.42 -48.26 -17.64
N CYS F 277 8.68 -48.67 -17.76
CA CYS F 277 9.74 -47.71 -18.05
C CYS F 277 9.53 -47.07 -19.42
N ARG F 278 9.27 -47.89 -20.45
CA ARG F 278 9.12 -47.30 -21.78
C ARG F 278 7.89 -46.41 -21.85
N GLY F 279 6.77 -46.85 -21.27
CA GLY F 279 5.58 -46.03 -21.29
C GLY F 279 5.76 -44.72 -20.54
N LEU F 280 6.43 -44.77 -19.39
CA LEU F 280 6.69 -43.55 -18.64
C LEU F 280 7.56 -42.60 -19.43
N LYS F 281 8.61 -43.11 -20.08
CA LYS F 281 9.46 -42.24 -20.88
C LYS F 281 8.66 -41.58 -21.99
N GLU F 282 7.81 -42.34 -22.68
CA GLU F 282 7.00 -41.77 -23.75
C GLU F 282 6.05 -40.71 -23.21
N VAL F 283 5.41 -40.99 -22.08
CA VAL F 283 4.47 -40.02 -21.50
C VAL F 283 5.19 -38.74 -21.13
N GLU F 284 6.35 -38.85 -20.51
CA GLU F 284 7.12 -37.66 -20.16
C GLU F 284 7.49 -36.87 -21.39
N ARG F 285 7.95 -37.55 -22.45
CA ARG F 285 8.31 -36.84 -23.67
C ARG F 285 7.12 -36.09 -24.24
N LEU F 286 5.97 -36.75 -24.31
CA LEU F 286 4.79 -36.11 -24.91
C LEU F 286 4.32 -34.94 -24.05
N ILE F 287 4.35 -35.08 -22.73
CA ILE F 287 3.95 -33.97 -21.87
C ILE F 287 4.89 -32.79 -22.06
N GLN F 288 6.19 -33.04 -22.10
CA GLN F 288 7.15 -31.96 -22.25
C GLN F 288 7.09 -31.33 -23.64
N GLU F 289 6.60 -32.06 -24.64
CA GLU F 289 6.50 -31.48 -25.98
C GLU F 289 5.62 -30.24 -26.01
N ARG F 290 4.60 -30.17 -25.16
CA ARG F 290 3.63 -29.09 -25.19
C ARG F 290 4.02 -27.91 -24.29
N GLY F 291 5.20 -27.95 -23.67
CA GLY F 291 5.65 -26.86 -22.85
C GLY F 291 5.36 -27.02 -21.37
N TRP F 292 4.94 -28.20 -20.92
CA TRP F 292 4.70 -28.47 -19.52
C TRP F 292 5.83 -29.34 -18.98
N GLU F 293 6.22 -29.07 -17.73
CA GLU F 293 7.28 -29.83 -17.08
C GLU F 293 6.79 -30.34 -15.74
N PHE F 294 7.38 -31.45 -15.31
CA PHE F 294 6.98 -32.10 -14.07
C PHE F 294 7.66 -31.45 -12.88
N MET F 295 6.92 -31.40 -11.77
CA MET F 295 7.50 -30.95 -10.51
C MET F 295 8.65 -31.87 -10.12
N TRP F 296 9.81 -31.28 -9.86
CA TRP F 296 11.00 -32.09 -9.61
C TRP F 296 12.10 -31.20 -9.08
N ASN F 297 12.81 -31.69 -8.06
CA ASN F 297 14.06 -31.07 -7.62
C ASN F 297 14.97 -32.16 -7.09
N GLU F 298 16.27 -32.03 -7.36
CA GLU F 298 17.21 -33.09 -7.05
C GLU F 298 17.28 -33.40 -5.56
N ARG F 299 16.85 -32.47 -4.71
CA ARG F 299 16.87 -32.73 -3.28
C ARG F 299 15.79 -33.74 -2.89
N LEU F 300 14.60 -33.60 -3.45
CA LEU F 300 13.47 -34.45 -3.10
C LEU F 300 13.04 -35.40 -4.21
N GLY F 301 13.50 -35.20 -5.44
CA GLY F 301 13.05 -36.02 -6.54
C GLY F 301 11.76 -35.47 -7.11
N TYR F 302 10.79 -36.35 -7.33
CA TYR F 302 9.51 -35.95 -7.91
C TYR F 302 8.55 -35.56 -6.79
N ILE F 303 7.99 -34.36 -6.89
CA ILE F 303 7.13 -33.83 -5.84
C ILE F 303 5.72 -34.38 -6.01
N LEU F 304 5.17 -34.91 -4.91
CA LEU F 304 3.82 -35.45 -4.88
C LEU F 304 3.15 -35.00 -3.59
N THR F 305 1.84 -35.25 -3.50
CA THR F 305 1.07 -34.72 -2.37
C THR F 305 1.53 -35.32 -1.05
N CYS F 306 1.58 -36.64 -0.97
CA CYS F 306 1.95 -37.26 0.30
C CYS F 306 3.46 -37.34 0.42
N PRO F 307 4.05 -36.89 1.53
CA PRO F 307 5.51 -37.00 1.67
C PRO F 307 6.01 -38.43 1.60
N SER F 308 5.14 -39.44 1.73
CA SER F 308 5.56 -40.82 1.61
C SER F 308 5.81 -41.23 0.16
N ASN F 309 5.40 -40.41 -0.80
CA ASN F 309 5.57 -40.73 -2.22
C ASN F 309 6.68 -39.92 -2.87
N LEU F 310 7.47 -39.18 -2.10
CA LEU F 310 8.50 -38.35 -2.69
C LEU F 310 9.57 -39.23 -3.34
N GLY F 311 10.52 -38.57 -4.02
CA GLY F 311 11.61 -39.26 -4.66
C GLY F 311 11.20 -39.89 -5.98
N THR F 312 11.29 -41.21 -6.06
CA THR F 312 10.83 -41.90 -7.26
C THR F 312 9.31 -41.95 -7.33
N GLY F 313 8.65 -41.92 -6.17
CA GLY F 313 7.22 -42.13 -6.15
C GLY F 313 6.80 -43.49 -6.62
N LEU F 314 7.74 -44.44 -6.65
CA LEU F 314 7.51 -45.73 -7.27
C LEU F 314 7.08 -46.76 -6.23
N ARG F 315 6.00 -47.46 -6.52
CA ARG F 315 5.55 -48.61 -5.73
C ARG F 315 5.48 -49.81 -6.65
N ALA F 316 6.41 -50.73 -6.50
CA ALA F 316 6.39 -52.01 -7.20
C ALA F 316 5.94 -53.07 -6.20
N GLY F 317 4.85 -53.75 -6.52
CA GLY F 317 4.25 -54.68 -5.57
C GLY F 317 3.63 -55.86 -6.26
N VAL F 318 3.19 -56.81 -5.43
CA VAL F 318 2.57 -58.04 -5.91
C VAL F 318 1.47 -58.43 -4.92
N HIS F 319 0.35 -58.92 -5.47
CA HIS F 319 -0.53 -59.76 -4.67
C HIS F 319 0.17 -61.08 -4.42
N ILE F 320 -0.18 -61.74 -3.32
CA ILE F 320 0.50 -62.97 -2.94
C ILE F 320 -0.54 -64.01 -2.57
N LYS F 321 -0.16 -65.27 -2.73
CA LYS F 321 -1.13 -66.37 -2.69
C LYS F 321 -1.82 -66.44 -1.34
N LEU F 322 -3.11 -66.78 -1.37
CA LEU F 322 -3.86 -66.99 -0.13
C LEU F 322 -3.31 -68.14 0.68
N PRO F 323 -3.05 -69.32 0.12
CA PRO F 323 -2.50 -70.42 0.91
C PRO F 323 -0.98 -70.35 1.03
N LEU F 324 -0.49 -70.83 2.17
CA LEU F 324 0.94 -70.86 2.48
C LEU F 324 1.32 -69.60 3.25
N LEU F 325 1.16 -68.43 2.61
CA LEU F 325 1.39 -67.18 3.31
C LEU F 325 0.35 -66.93 4.40
N SER F 326 -0.76 -67.66 4.38
CA SER F 326 -1.65 -67.70 5.53
C SER F 326 -1.01 -68.40 6.72
N LYS F 327 0.12 -69.07 6.51
CA LYS F 327 0.81 -69.82 7.55
C LYS F 327 1.91 -69.02 8.24
N ASP F 328 1.96 -67.70 8.04
CA ASP F 328 2.98 -66.86 8.66
C ASP F 328 2.46 -66.29 9.97
N SER F 329 3.36 -66.20 10.96
CA SER F 329 3.02 -65.78 12.31
C SER F 329 3.75 -64.54 12.77
N ARG F 330 5.04 -64.41 12.49
CA ARG F 330 5.84 -63.24 12.86
C ARG F 330 6.00 -62.28 11.69
N PHE F 331 4.96 -62.15 10.88
CA PHE F 331 5.05 -61.39 9.63
C PHE F 331 5.54 -59.97 9.84
N PRO F 332 4.97 -59.17 10.74
CA PRO F 332 5.31 -57.73 10.76
C PRO F 332 6.79 -57.46 10.93
N LYS F 333 7.49 -58.21 11.78
CA LYS F 333 8.92 -57.98 11.97
C LYS F 333 9.69 -58.27 10.68
N ILE F 334 9.35 -59.37 10.00
CA ILE F 334 10.02 -59.71 8.76
C ILE F 334 9.78 -58.62 7.72
N LEU F 335 8.54 -58.16 7.61
CA LEU F 335 8.23 -57.13 6.63
C LEU F 335 8.98 -55.84 6.94
N GLU F 336 9.01 -55.43 8.21
CA GLU F 336 9.72 -54.20 8.55
C GLU F 336 11.21 -54.32 8.27
N ASN F 337 11.79 -55.49 8.58
CA ASN F 337 13.22 -55.66 8.35
C ASN F 337 13.54 -55.67 6.86
N LEU F 338 12.63 -56.15 6.02
CA LEU F 338 12.80 -56.12 4.58
C LEU F 338 12.36 -54.80 3.96
N ARG F 339 11.88 -53.86 4.77
CA ARG F 339 11.40 -52.56 4.27
C ARG F 339 10.26 -52.75 3.27
N LEU F 340 9.44 -53.77 3.50
CA LEU F 340 8.28 -54.04 2.69
C LEU F 340 7.01 -53.69 3.47
N GLN F 341 6.07 -53.05 2.78
CA GLN F 341 4.78 -52.71 3.35
C GLN F 341 3.73 -53.67 2.84
N LYS F 342 2.89 -54.16 3.74
CA LYS F 342 1.84 -55.11 3.43
C LYS F 342 0.48 -54.45 3.64
N ARG F 343 -0.26 -54.29 2.56
CA ARG F 343 -1.64 -53.85 2.58
C ARG F 343 -2.54 -55.03 2.27
N GLY F 344 -3.81 -54.91 2.61
CA GLY F 344 -4.74 -55.98 2.33
C GLY F 344 -4.89 -56.21 0.85
N THR F 345 -5.90 -56.97 0.44
CA THR F 345 -6.21 -57.06 -0.96
C THR F 345 -6.62 -55.69 -1.46
N GLY F 346 -7.00 -55.61 -2.74
CA GLY F 346 -7.06 -54.34 -3.42
C GLY F 346 -7.55 -53.19 -2.56
N GLY F 347 -6.67 -52.20 -2.35
CA GLY F 347 -6.98 -51.07 -1.50
C GLY F 347 -6.13 -51.03 -0.24
N VAL F 348 -5.44 -49.91 0.00
CA VAL F 348 -4.72 -49.73 1.26
C VAL F 348 -5.71 -49.66 2.42
N ASP F 349 -6.93 -49.19 2.16
CA ASP F 349 -7.95 -49.05 3.19
C ASP F 349 -8.70 -50.35 3.46
N THR F 350 -8.39 -51.43 2.74
CA THR F 350 -9.06 -52.71 2.93
C THR F 350 -8.17 -53.65 3.73
N ALA F 351 -8.77 -54.78 4.12
CA ALA F 351 -8.08 -55.80 4.89
C ALA F 351 -7.90 -57.06 4.06
N ALA F 352 -6.79 -57.76 4.30
CA ALA F 352 -6.49 -58.96 3.55
C ALA F 352 -7.61 -59.99 3.73
N THR F 353 -8.05 -60.57 2.62
CA THR F 353 -9.13 -61.57 2.61
C THR F 353 -8.58 -62.88 2.07
N GLY F 354 -8.73 -63.95 2.84
CA GLY F 354 -8.30 -65.26 2.41
C GLY F 354 -6.81 -65.50 2.46
N GLY F 355 -6.03 -64.56 2.96
CA GLY F 355 -4.59 -64.68 3.00
C GLY F 355 -3.87 -64.01 1.86
N VAL F 356 -4.58 -63.33 0.97
CA VAL F 356 -3.95 -62.62 -0.14
C VAL F 356 -3.50 -61.25 0.36
N PHE F 357 -2.24 -60.91 0.11
CA PHE F 357 -1.63 -59.70 0.60
C PHE F 357 -1.00 -58.92 -0.55
N ASP F 358 -1.16 -57.61 -0.51
CA ASP F 358 -0.49 -56.70 -1.43
C ASP F 358 0.81 -56.26 -0.77
N ILE F 359 1.92 -56.83 -1.20
CA ILE F 359 3.24 -56.54 -0.61
C ILE F 359 4.03 -55.72 -1.60
N SER F 360 4.56 -54.59 -1.14
CA SER F 360 5.30 -53.65 -1.98
C SER F 360 6.44 -53.07 -1.18
N ASN F 361 7.25 -52.24 -1.83
CA ASN F 361 8.32 -51.55 -1.12
C ASN F 361 7.75 -50.44 -0.23
N LEU F 362 8.48 -50.13 0.83
CA LEU F 362 8.06 -49.14 1.80
C LEU F 362 8.63 -47.75 1.53
N ASP F 363 9.90 -47.66 1.19
CA ASP F 363 10.56 -46.38 0.98
C ASP F 363 10.70 -46.10 -0.52
N ARG F 364 10.55 -44.83 -0.90
CA ARG F 364 10.60 -44.43 -2.29
C ARG F 364 11.61 -43.33 -2.57
N LEU F 365 12.18 -42.71 -1.56
CA LEU F 365 13.12 -41.61 -1.73
C LEU F 365 14.50 -42.03 -1.25
N GLY F 366 15.53 -41.68 -2.01
CA GLY F 366 16.89 -42.04 -1.72
C GLY F 366 17.40 -43.24 -2.50
N LYS F 367 16.50 -44.04 -3.05
CA LYS F 367 16.85 -45.17 -3.89
C LYS F 367 16.29 -44.97 -5.29
N SER F 368 16.98 -45.53 -6.28
CA SER F 368 16.53 -45.43 -7.65
C SER F 368 15.49 -46.49 -7.95
N GLU F 369 14.78 -46.30 -9.08
CA GLU F 369 13.68 -47.20 -9.42
C GLU F 369 14.18 -48.63 -9.62
N VAL F 370 15.31 -48.79 -10.30
CA VAL F 370 15.88 -50.12 -10.48
C VAL F 370 16.20 -50.75 -9.12
N GLU F 371 16.81 -49.97 -8.23
CA GLU F 371 17.13 -50.48 -6.91
C GLU F 371 15.88 -50.89 -6.15
N LEU F 372 14.83 -50.07 -6.21
CA LEU F 372 13.60 -50.40 -5.49
C LEU F 372 12.96 -51.66 -6.04
N VAL F 373 12.93 -51.80 -7.37
CA VAL F 373 12.33 -53.00 -7.95
C VAL F 373 13.13 -54.24 -7.58
N GLN F 374 14.46 -54.14 -7.61
CA GLN F 374 15.28 -55.28 -7.22
C GLN F 374 15.07 -55.62 -5.75
N LEU F 375 14.94 -54.59 -4.90
CA LEU F 375 14.67 -54.82 -3.49
C LEU F 375 13.35 -55.54 -3.28
N VAL F 376 12.31 -55.13 -4.02
CA VAL F 376 11.02 -55.80 -3.92
C VAL F 376 11.15 -57.25 -4.37
N ILE F 377 11.86 -57.49 -5.47
CA ILE F 377 12.04 -58.84 -5.97
C ILE F 377 12.72 -59.70 -4.91
N ASP F 378 13.79 -59.20 -4.32
CA ASP F 378 14.54 -59.97 -3.33
C ASP F 378 13.68 -60.23 -2.10
N GLY F 379 12.94 -59.23 -1.63
CA GLY F 379 12.12 -59.42 -0.46
C GLY F 379 11.01 -60.42 -0.70
N VAL F 380 10.36 -60.36 -1.85
CA VAL F 380 9.28 -61.30 -2.15
C VAL F 380 9.85 -62.70 -2.31
N ASN F 381 11.02 -62.83 -2.92
CA ASN F 381 11.65 -64.14 -3.02
C ASN F 381 11.98 -64.70 -1.64
N TYR F 382 12.46 -63.84 -0.74
CA TYR F 382 12.73 -64.27 0.63
C TYR F 382 11.45 -64.74 1.30
N LEU F 383 10.35 -64.00 1.11
CA LEU F 383 9.08 -64.40 1.70
C LEU F 383 8.63 -65.75 1.14
N ILE F 384 8.79 -65.95 -0.17
CA ILE F 384 8.42 -67.22 -0.77
C ILE F 384 9.26 -68.35 -0.17
N ASP F 385 10.57 -68.13 -0.05
CA ASP F 385 11.44 -69.15 0.52
C ASP F 385 11.05 -69.47 1.96
N CYS F 386 10.40 -68.53 2.64
CA CYS F 386 9.96 -68.75 4.01
C CYS F 386 8.64 -69.50 4.09
N GLU F 387 8.17 -70.10 3.00
CA GLU F 387 6.97 -70.93 3.01
C GLU F 387 7.37 -72.27 3.62
N ARG F 388 7.31 -72.34 4.95
CA ARG F 388 7.77 -73.52 5.68
C ARG F 388 6.61 -74.46 5.96
N ARG F 389 5.99 -74.93 4.87
CA ARG F 389 5.03 -76.01 4.95
C ARG F 389 5.69 -77.37 5.05
N LEU F 390 7.01 -77.45 4.83
CA LEU F 390 7.76 -78.69 4.93
C LEU F 390 8.88 -78.64 5.96
N GLU F 391 9.38 -77.45 6.29
CA GLU F 391 10.41 -77.27 7.31
C GLU F 391 9.84 -76.38 8.41
N ARG F 392 10.71 -75.94 9.33
CA ARG F 392 10.33 -75.04 10.39
C ARG F 392 11.44 -74.03 10.64
N GLY F 393 11.07 -72.88 11.19
CA GLY F 393 12.03 -71.86 11.55
C GLY F 393 12.11 -70.71 10.57
N GLN F 394 11.95 -69.49 11.06
CA GLN F 394 12.06 -68.28 10.26
C GLN F 394 13.32 -67.52 10.68
N ASP F 395 14.08 -67.05 9.69
CA ASP F 395 15.35 -66.41 9.96
C ASP F 395 15.23 -64.90 10.19
N ILE F 396 14.09 -64.30 9.85
CA ILE F 396 13.91 -62.86 9.99
C ILE F 396 14.93 -62.15 9.12
N ARG F 397 16.21 -62.27 9.47
CA ARG F 397 17.32 -61.84 8.62
C ARG F 397 17.23 -60.34 8.30
N ILE F 398 17.39 -59.53 9.34
CA ILE F 398 17.54 -58.09 9.16
C ILE F 398 18.68 -57.84 8.19
N SER G 31 11.35 9.53 -7.12
CA SER G 31 10.70 10.58 -6.35
C SER G 31 9.35 10.93 -6.97
N GLU G 32 8.42 11.39 -6.13
CA GLU G 32 7.11 11.83 -6.60
C GLU G 32 7.13 13.23 -7.18
N ARG G 33 8.24 13.95 -7.06
CA ARG G 33 8.37 15.28 -7.64
C ARG G 33 8.64 15.26 -9.14
N ARG G 34 8.95 14.10 -9.71
CA ARG G 34 9.18 14.00 -11.14
C ARG G 34 7.87 14.21 -11.89
N ARG G 35 7.98 14.84 -13.05
CA ARG G 35 6.82 15.21 -13.85
C ARG G 35 6.61 14.24 -15.00
N LEU G 36 5.35 14.02 -15.34
CA LEU G 36 4.99 13.18 -16.47
C LEU G 36 4.83 14.03 -17.73
N TYR G 37 4.97 13.37 -18.87
CA TYR G 37 4.69 14.03 -20.13
C TYR G 37 3.23 14.49 -20.12
N PRO G 38 2.95 15.77 -20.39
CA PRO G 38 1.56 16.20 -20.43
C PRO G 38 0.81 15.46 -21.50
N PRO G 39 -0.49 15.24 -21.32
CA PRO G 39 -1.24 14.44 -22.31
C PRO G 39 -1.13 14.98 -23.72
N SER G 40 -1.13 16.30 -23.91
CA SER G 40 -1.02 16.84 -25.25
C SER G 40 0.28 16.47 -25.93
N ALA G 41 1.33 16.14 -25.15
CA ALA G 41 2.57 15.69 -25.74
C ALA G 41 2.39 14.36 -26.46
N GLU G 42 1.48 13.52 -25.98
CA GLU G 42 1.21 12.22 -26.58
C GLU G 42 0.10 12.29 -27.62
N TYR G 43 -0.53 13.43 -27.81
CA TYR G 43 -1.68 13.51 -28.70
C TYR G 43 -1.26 13.12 -30.12
N PRO G 44 -2.01 12.25 -30.79
CA PRO G 44 -1.61 11.83 -32.14
C PRO G 44 -1.74 12.95 -33.15
N ASP G 45 -0.95 12.83 -34.22
CA ASP G 45 -0.97 13.79 -35.33
C ASP G 45 -1.93 13.25 -36.38
N LEU G 46 -3.14 13.79 -36.40
CA LEU G 46 -4.21 13.31 -37.29
C LEU G 46 -4.58 14.34 -38.34
N ARG G 47 -3.61 15.15 -38.77
CA ARG G 47 -3.91 16.25 -39.70
C ARG G 47 -4.25 15.77 -41.11
N LYS G 48 -4.07 14.48 -41.40
CA LYS G 48 -4.37 13.95 -42.72
C LYS G 48 -5.18 12.66 -42.66
N HIS G 49 -5.71 12.32 -41.49
CA HIS G 49 -6.45 11.08 -41.32
C HIS G 49 -7.90 11.24 -41.77
N ASN G 50 -8.51 10.11 -42.12
CA ASN G 50 -9.85 10.10 -42.68
C ASN G 50 -10.67 8.95 -42.11
N ASN G 51 -10.61 8.77 -40.79
CA ASN G 51 -11.40 7.76 -40.11
C ASN G 51 -12.19 8.41 -38.98
N CYS G 52 -13.22 7.70 -38.52
CA CYS G 52 -14.15 8.29 -37.55
C CYS G 52 -13.45 8.65 -36.24
N MET G 53 -12.47 7.84 -35.83
CA MET G 53 -11.73 8.17 -34.62
C MET G 53 -11.08 9.54 -34.76
N ALA G 54 -10.39 9.76 -35.88
CA ALA G 54 -9.74 11.05 -36.10
C ALA G 54 -10.76 12.17 -36.15
N SER G 55 -11.94 11.91 -36.69
CA SER G 55 -12.97 12.94 -36.76
C SER G 55 -13.49 13.32 -35.38
N HIS G 56 -13.62 12.34 -34.48
CA HIS G 56 -14.25 12.56 -33.19
C HIS G 56 -13.27 12.62 -32.03
N LEU G 57 -11.97 12.63 -32.30
CA LEU G 57 -10.96 12.74 -31.25
C LEU G 57 -10.53 14.19 -31.14
N THR G 58 -10.54 14.72 -29.92
CA THR G 58 -10.15 16.08 -29.63
C THR G 58 -9.18 16.08 -28.46
N PRO G 59 -8.36 17.12 -28.32
CA PRO G 59 -7.41 17.15 -27.20
C PRO G 59 -8.08 17.01 -25.85
N ALA G 60 -9.26 17.59 -25.67
CA ALA G 60 -9.94 17.47 -24.39
C ALA G 60 -10.29 16.03 -24.07
N VAL G 61 -10.85 15.31 -25.04
CA VAL G 61 -11.23 13.92 -24.83
C VAL G 61 -9.99 13.08 -24.54
N TYR G 62 -8.94 13.27 -25.33
CA TYR G 62 -7.72 12.50 -25.14
C TYR G 62 -7.14 12.73 -23.75
N ALA G 63 -7.06 13.99 -23.34
CA ALA G 63 -6.52 14.29 -22.02
C ALA G 63 -7.40 13.68 -20.92
N ARG G 64 -8.71 13.73 -21.10
CA ARG G 64 -9.61 13.20 -20.09
C ARG G 64 -9.45 11.69 -19.95
N LEU G 65 -9.30 10.97 -21.06
CA LEU G 65 -9.30 9.53 -21.05
C LEU G 65 -7.91 8.89 -21.01
N CYS G 66 -6.84 9.69 -21.08
CA CYS G 66 -5.52 9.10 -21.24
C CYS G 66 -5.01 8.41 -19.97
N ASP G 67 -5.62 8.66 -18.81
CA ASP G 67 -5.23 7.95 -17.59
C ASP G 67 -6.04 6.70 -17.35
N LYS G 68 -7.26 6.64 -17.84
CA LYS G 68 -8.13 5.52 -17.54
C LYS G 68 -7.63 4.24 -18.20
N THR G 69 -8.10 3.11 -17.68
CA THR G 69 -7.72 1.81 -18.19
C THR G 69 -8.74 0.78 -17.74
N THR G 70 -9.00 -0.20 -18.60
CA THR G 70 -9.88 -1.28 -18.24
C THR G 70 -9.19 -2.20 -17.23
N PRO G 71 -9.96 -3.03 -16.52
CA PRO G 71 -9.35 -3.89 -15.50
C PRO G 71 -8.24 -4.77 -16.04
N THR G 72 -8.31 -5.17 -17.30
CA THR G 72 -7.29 -6.00 -17.90
C THR G 72 -6.10 -5.21 -18.44
N GLY G 73 -6.14 -3.89 -18.35
CA GLY G 73 -5.01 -3.07 -18.75
C GLY G 73 -5.14 -2.39 -20.10
N TRP G 74 -6.28 -2.52 -20.78
CA TRP G 74 -6.48 -1.85 -22.05
C TRP G 74 -6.52 -0.34 -21.84
N THR G 75 -5.91 0.40 -22.76
CA THR G 75 -5.79 1.84 -22.65
C THR G 75 -6.29 2.50 -23.93
N LEU G 76 -6.46 3.82 -23.88
CA LEU G 76 -6.98 4.55 -25.03
C LEU G 76 -6.04 4.48 -26.21
N ASP G 77 -4.72 4.59 -25.96
CA ASP G 77 -3.77 4.51 -27.06
C ASP G 77 -3.90 3.18 -27.80
N GLN G 78 -4.05 2.09 -27.06
CA GLN G 78 -4.26 0.80 -27.70
C GLN G 78 -5.58 0.77 -28.44
N CYS G 79 -6.59 1.49 -27.95
CA CYS G 79 -7.86 1.56 -28.65
C CYS G 79 -7.71 2.22 -30.01
N ILE G 80 -6.96 3.32 -30.08
CA ILE G 80 -6.93 4.16 -31.27
C ILE G 80 -5.68 3.90 -32.12
N GLN G 81 -4.86 2.92 -31.77
CA GLN G 81 -3.64 2.69 -32.53
C GLN G 81 -3.94 2.36 -33.99
N THR G 82 -4.93 1.51 -34.24
CA THR G 82 -5.23 1.15 -35.62
C THR G 82 -5.65 2.36 -36.43
N GLY G 83 -6.49 3.23 -35.85
CA GLY G 83 -6.90 4.42 -36.55
C GLY G 83 -5.76 5.39 -36.77
N VAL G 84 -4.86 5.49 -35.79
CA VAL G 84 -3.71 6.38 -35.93
C VAL G 84 -2.80 5.91 -37.05
N ASP G 85 -2.55 4.60 -37.12
CA ASP G 85 -1.63 4.06 -38.12
C ASP G 85 -2.23 4.01 -39.52
N ASN G 86 -3.57 4.00 -39.64
CA ASN G 86 -4.24 3.83 -40.93
C ASN G 86 -5.13 5.03 -41.18
N PRO G 87 -4.61 6.09 -41.81
CA PRO G 87 -5.46 7.24 -42.14
C PRO G 87 -6.42 6.94 -43.28
N GLY G 88 -6.06 6.02 -44.18
CA GLY G 88 -6.82 5.75 -45.38
C GLY G 88 -7.57 4.45 -45.33
N HIS G 89 -6.96 3.40 -45.89
CA HIS G 89 -7.59 2.09 -46.04
C HIS G 89 -8.82 2.15 -46.94
N PRO G 90 -8.65 2.27 -48.25
CA PRO G 90 -9.76 1.95 -49.14
C PRO G 90 -10.25 0.53 -48.85
N PHE G 91 -11.40 0.12 -49.41
CA PHE G 91 -12.21 0.91 -50.32
C PHE G 91 -13.48 1.33 -49.60
N ILE G 92 -13.37 1.47 -48.28
CA ILE G 92 -14.50 1.80 -47.42
C ILE G 92 -14.03 2.81 -46.38
N LYS G 93 -14.98 3.33 -45.61
CA LYS G 93 -14.68 4.22 -44.50
C LYS G 93 -14.51 3.38 -43.23
N THR G 94 -13.38 3.56 -42.55
CA THR G 94 -13.02 2.74 -41.41
C THR G 94 -13.32 3.49 -40.11
N VAL G 95 -13.66 2.72 -39.07
CA VAL G 95 -13.91 3.30 -37.76
C VAL G 95 -12.61 3.81 -37.15
N GLY G 96 -11.55 3.01 -37.23
CA GLY G 96 -10.28 3.39 -36.65
C GLY G 96 -10.11 3.07 -35.18
N MET G 97 -11.01 2.27 -34.60
CA MET G 97 -10.92 1.90 -33.21
C MET G 97 -11.22 0.42 -33.05
N VAL G 98 -10.75 -0.15 -31.94
CA VAL G 98 -11.08 -1.52 -31.55
C VAL G 98 -11.22 -1.55 -30.03
N ALA G 99 -11.78 -2.64 -29.53
CA ALA G 99 -11.97 -2.86 -28.12
C ALA G 99 -11.10 -4.02 -27.66
N GLY G 100 -10.51 -3.88 -26.48
CA GLY G 100 -9.67 -4.92 -25.93
C GLY G 100 -10.42 -5.89 -25.04
N ASP G 101 -11.59 -5.47 -24.55
CA ASP G 101 -12.40 -6.32 -23.69
C ASP G 101 -13.78 -5.67 -23.57
N GLU G 102 -14.65 -6.32 -22.80
CA GLU G 102 -16.01 -5.83 -22.65
C GLU G 102 -16.03 -4.46 -21.97
N GLU G 103 -15.19 -4.27 -20.96
CA GLU G 103 -15.23 -3.03 -20.19
C GLU G 103 -14.84 -1.82 -21.03
N THR G 104 -14.12 -2.03 -22.13
CA THR G 104 -13.66 -0.89 -22.94
C THR G 104 -14.82 0.01 -23.31
N TYR G 105 -15.87 -0.57 -23.90
CA TYR G 105 -16.99 0.24 -24.38
C TYR G 105 -17.62 1.05 -23.27
N GLU G 106 -17.44 0.66 -22.02
CA GLU G 106 -17.95 1.43 -20.90
C GLU G 106 -16.90 2.40 -20.36
N VAL G 107 -15.63 1.97 -20.33
CA VAL G 107 -14.59 2.82 -19.75
C VAL G 107 -14.32 4.03 -20.65
N PHE G 108 -14.21 3.80 -21.96
CA PHE G 108 -13.96 4.85 -22.92
C PHE G 108 -15.20 5.24 -23.70
N ALA G 109 -16.36 5.19 -23.05
CA ALA G 109 -17.60 5.51 -23.74
C ALA G 109 -17.61 6.94 -24.25
N ASP G 110 -16.90 7.84 -23.57
CA ASP G 110 -16.89 9.24 -23.99
C ASP G 110 -16.37 9.42 -25.40
N LEU G 111 -15.61 8.45 -25.92
CA LEU G 111 -15.12 8.48 -27.28
C LEU G 111 -15.78 7.46 -28.18
N PHE G 112 -16.19 6.31 -27.65
CA PHE G 112 -16.82 5.29 -28.46
C PHE G 112 -18.24 5.67 -28.84
N ASP G 113 -18.96 6.34 -27.93
CA ASP G 113 -20.37 6.65 -28.17
C ASP G 113 -20.57 7.52 -29.41
N PRO G 114 -19.90 8.66 -29.56
CA PRO G 114 -20.05 9.42 -30.80
C PRO G 114 -19.64 8.63 -32.03
N VAL G 115 -18.59 7.81 -31.92
CA VAL G 115 -18.15 7.01 -33.06
C VAL G 115 -19.22 5.99 -33.42
N ILE G 116 -19.79 5.32 -32.42
CA ILE G 116 -20.85 4.35 -32.68
C ILE G 116 -22.04 5.04 -33.31
N GLN G 117 -22.42 6.21 -32.79
CA GLN G 117 -23.57 6.92 -33.31
C GLN G 117 -23.37 7.30 -34.77
N GLU G 118 -22.19 7.83 -35.11
CA GLU G 118 -21.93 8.19 -36.49
C GLU G 118 -21.86 6.97 -37.39
N ARG G 119 -21.29 5.87 -36.89
CA ARG G 119 -21.08 4.69 -37.73
C ARG G 119 -22.38 3.96 -38.00
N HIS G 120 -23.38 4.10 -37.14
CA HIS G 120 -24.64 3.39 -37.25
C HIS G 120 -25.80 4.34 -37.50
N ASN G 121 -25.57 5.32 -38.37
CA ASN G 121 -26.58 6.25 -38.88
C ASN G 121 -27.59 6.65 -37.80
N GLY G 122 -27.07 7.21 -36.71
CA GLY G 122 -27.88 7.93 -35.76
C GLY G 122 -28.24 7.18 -34.49
N TYR G 123 -28.06 5.87 -34.45
CA TYR G 123 -28.35 5.14 -33.22
C TYR G 123 -27.55 5.71 -32.07
N ASP G 124 -28.22 5.99 -30.96
CA ASP G 124 -27.58 6.63 -29.82
C ASP G 124 -27.42 5.64 -28.68
N PRO G 125 -26.21 5.09 -28.46
CA PRO G 125 -26.08 4.10 -27.38
C PRO G 125 -26.45 4.63 -26.02
N ARG G 126 -26.26 5.92 -25.77
CA ARG G 126 -26.57 6.47 -24.46
C ARG G 126 -28.06 6.39 -24.15
N THR G 127 -28.91 6.69 -25.14
CA THR G 127 -30.34 6.83 -24.93
C THR G 127 -31.11 5.56 -25.22
N MET G 128 -31.05 5.07 -26.45
CA MET G 128 -31.93 4.00 -26.89
C MET G 128 -31.30 2.63 -26.65
N LYS G 129 -32.11 1.60 -26.77
CA LYS G 129 -31.72 0.22 -26.53
C LYS G 129 -31.76 -0.58 -27.83
N HIS G 130 -31.14 -1.74 -27.80
CA HIS G 130 -31.05 -2.62 -28.95
C HIS G 130 -31.92 -3.85 -28.75
N THR G 131 -32.59 -4.27 -29.82
CA THR G 131 -33.47 -5.43 -29.79
C THR G 131 -33.02 -6.45 -30.83
N THR G 132 -33.14 -7.72 -30.49
CA THR G 132 -32.69 -8.81 -31.35
C THR G 132 -33.79 -9.85 -31.49
N ASP G 133 -34.06 -10.28 -32.71
CA ASP G 133 -34.96 -11.40 -32.96
C ASP G 133 -34.46 -12.15 -34.18
N LEU G 134 -34.42 -13.49 -34.07
CA LEU G 134 -33.94 -14.36 -35.13
C LEU G 134 -35.10 -15.28 -35.50
N ASP G 135 -35.93 -14.83 -36.44
CA ASP G 135 -37.08 -15.61 -36.90
C ASP G 135 -37.17 -15.45 -38.41
N ALA G 136 -36.63 -16.41 -39.14
CA ALA G 136 -36.68 -16.37 -40.59
C ALA G 136 -38.09 -16.43 -41.15
N SER G 137 -39.07 -16.84 -40.34
CA SER G 137 -40.45 -16.91 -40.82
C SER G 137 -40.92 -15.56 -41.33
N LYS G 138 -40.50 -14.48 -40.68
CA LYS G 138 -40.88 -13.13 -41.07
C LYS G 138 -40.09 -12.60 -42.27
N ILE G 139 -39.34 -13.47 -42.95
CA ILE G 139 -38.54 -13.07 -44.09
C ILE G 139 -39.23 -13.46 -45.41
N ARG G 140 -40.55 -13.57 -45.39
CA ARG G 140 -41.32 -13.95 -46.57
C ARG G 140 -40.73 -13.29 -47.82
N SER G 141 -40.62 -14.08 -48.89
CA SER G 141 -39.89 -13.68 -50.09
C SER G 141 -38.40 -13.78 -49.83
N GLY G 142 -37.59 -13.19 -50.71
CA GLY G 142 -36.15 -13.20 -50.52
C GLY G 142 -35.44 -14.28 -51.32
N TYR G 143 -35.84 -14.46 -52.56
CA TYR G 143 -35.15 -15.36 -53.49
C TYR G 143 -34.68 -14.50 -54.66
N PHE G 144 -33.39 -14.19 -54.68
CA PHE G 144 -32.86 -13.28 -55.69
C PHE G 144 -32.85 -13.94 -57.06
N ASP G 145 -32.64 -13.11 -58.08
CA ASP G 145 -32.50 -13.62 -59.44
C ASP G 145 -31.20 -14.41 -59.55
N GLU G 146 -31.31 -15.70 -59.89
CA GLU G 146 -30.13 -16.54 -59.98
C GLU G 146 -29.17 -16.08 -61.06
N ARG G 147 -29.61 -15.22 -61.97
CA ARG G 147 -28.77 -14.71 -63.05
C ARG G 147 -27.95 -13.51 -62.65
N TYR G 148 -28.04 -13.05 -61.40
CA TYR G 148 -27.35 -11.83 -60.98
C TYR G 148 -26.61 -11.95 -59.66
N VAL G 149 -26.83 -12.98 -58.86
CA VAL G 149 -26.32 -13.06 -57.49
C VAL G 149 -25.14 -14.03 -57.39
N LEU G 150 -25.36 -15.30 -57.69
CA LEU G 150 -24.31 -16.31 -57.70
C LEU G 150 -23.84 -16.72 -56.31
N SER G 151 -24.27 -16.01 -55.27
CA SER G 151 -23.91 -16.40 -53.91
C SER G 151 -24.65 -15.57 -52.86
N SER G 152 -24.96 -16.20 -51.72
CA SER G 152 -25.59 -15.52 -50.61
C SER G 152 -24.95 -16.00 -49.31
N ARG G 153 -24.70 -15.07 -48.39
CA ARG G 153 -24.04 -15.39 -47.14
C ARG G 153 -24.67 -14.57 -46.01
N VAL G 154 -24.69 -15.17 -44.83
CA VAL G 154 -25.14 -14.51 -43.61
C VAL G 154 -24.13 -14.80 -42.52
N ARG G 155 -23.65 -13.75 -41.84
CA ARG G 155 -22.58 -13.87 -40.86
C ARG G 155 -22.95 -13.13 -39.59
N THR G 156 -22.42 -13.63 -38.47
CA THR G 156 -22.46 -12.90 -37.20
C THR G 156 -21.20 -13.24 -36.43
N GLY G 157 -20.97 -12.47 -35.36
CA GLY G 157 -19.85 -12.71 -34.48
C GLY G 157 -20.31 -12.85 -33.05
N ARG G 158 -19.47 -13.50 -32.25
CA ARG G 158 -19.78 -13.70 -30.84
C ARG G 158 -18.48 -13.74 -30.04
N SER G 159 -18.53 -13.16 -28.84
CA SER G 159 -17.40 -13.14 -27.92
C SER G 159 -17.79 -13.85 -26.64
N ILE G 160 -16.84 -14.57 -26.07
CA ILE G 160 -17.04 -15.28 -24.81
C ILE G 160 -16.77 -14.33 -23.66
N ARG G 161 -17.74 -14.19 -22.77
CA ARG G 161 -17.57 -13.29 -21.63
C ARG G 161 -16.47 -13.79 -20.71
N GLY G 162 -15.68 -12.85 -20.17
CA GLY G 162 -14.60 -13.18 -19.29
C GLY G 162 -13.26 -13.36 -19.95
N LEU G 163 -13.20 -13.35 -21.28
CA LEU G 163 -11.97 -13.53 -22.03
C LEU G 163 -11.68 -12.29 -22.87
N SER G 164 -10.42 -11.88 -22.90
CA SER G 164 -10.04 -10.68 -23.63
C SER G 164 -10.27 -10.88 -25.12
N LEU G 165 -10.55 -9.78 -25.81
CA LEU G 165 -10.80 -9.81 -27.23
C LEU G 165 -9.49 -9.96 -28.00
N PRO G 166 -9.57 -10.33 -29.28
CA PRO G 166 -8.37 -10.68 -30.04
C PRO G 166 -7.31 -9.59 -29.99
N PRO G 167 -7.69 -8.31 -30.01
CA PRO G 167 -6.66 -7.27 -29.90
C PRO G 167 -5.81 -7.37 -28.65
N ALA G 168 -6.37 -7.84 -27.53
CA ALA G 168 -5.67 -7.86 -26.26
C ALA G 168 -5.44 -9.27 -25.71
N CYS G 169 -6.05 -10.30 -26.27
CA CYS G 169 -5.98 -11.62 -25.69
C CYS G 169 -4.55 -12.15 -25.71
N THR G 170 -4.16 -12.84 -24.64
CA THR G 170 -2.89 -13.53 -24.58
C THR G 170 -3.03 -14.92 -25.21
N ARG G 171 -1.92 -15.66 -25.25
CA ARG G 171 -1.98 -17.00 -25.83
C ARG G 171 -2.89 -17.91 -25.03
N ALA G 172 -2.82 -17.84 -23.70
CA ALA G 172 -3.66 -18.70 -22.88
C ALA G 172 -5.13 -18.39 -23.10
N GLU G 173 -5.49 -17.11 -23.19
CA GLU G 173 -6.89 -16.74 -23.41
C GLU G 173 -7.37 -17.23 -24.77
N ARG G 174 -6.54 -17.08 -25.80
CA ARG G 174 -6.92 -17.54 -27.13
C ARG G 174 -7.13 -19.05 -27.15
N ARG G 175 -6.23 -19.79 -26.51
CA ARG G 175 -6.39 -21.24 -26.44
C ARG G 175 -7.63 -21.62 -25.65
N GLU G 176 -7.95 -20.86 -24.60
CA GLU G 176 -9.17 -21.12 -23.85
C GLU G 176 -10.41 -20.92 -24.71
N VAL G 177 -10.42 -19.84 -25.50
CA VAL G 177 -11.54 -19.61 -26.41
C VAL G 177 -11.67 -20.77 -27.37
N GLU G 178 -10.54 -21.21 -27.93
CA GLU G 178 -10.58 -22.31 -28.89
C GLU G 178 -11.14 -23.57 -28.26
N ARG G 179 -10.69 -23.89 -27.05
N ARG G 179 -10.68 -23.90 -27.05
CA ARG G 179 -11.17 -25.11 -26.38
CA ARG G 179 -11.16 -25.09 -26.37
C ARG G 179 -12.66 -25.02 -26.10
C ARG G 179 -12.66 -25.01 -26.10
N VAL G 180 -13.12 -23.87 -25.58
CA VAL G 180 -14.54 -23.73 -25.26
C VAL G 180 -15.38 -23.91 -26.52
N VAL G 181 -14.98 -23.24 -27.59
CA VAL G 181 -15.78 -23.31 -28.81
C VAL G 181 -15.78 -24.71 -29.40
N VAL G 182 -14.61 -25.36 -29.42
CA VAL G 182 -14.54 -26.68 -30.02
C VAL G 182 -15.35 -27.69 -29.21
N ASP G 183 -15.22 -27.66 -27.87
CA ASP G 183 -15.99 -28.57 -27.05
C ASP G 183 -17.48 -28.34 -27.23
N ALA G 184 -17.92 -27.08 -27.27
CA ALA G 184 -19.34 -26.81 -27.48
C ALA G 184 -19.79 -27.32 -28.84
N LEU G 185 -19.02 -27.03 -29.89
CA LEU G 185 -19.43 -27.40 -31.24
C LEU G 185 -19.39 -28.89 -31.47
N SER G 186 -18.67 -29.65 -30.64
CA SER G 186 -18.67 -31.10 -30.80
C SER G 186 -20.07 -31.68 -30.62
N GLY G 187 -20.99 -30.94 -30.01
CA GLY G 187 -22.33 -31.43 -29.77
C GLY G 187 -23.31 -31.23 -30.92
N LEU G 188 -22.92 -30.51 -31.97
CA LEU G 188 -23.82 -30.34 -33.10
C LEU G 188 -24.12 -31.68 -33.75
N LYS G 189 -25.39 -31.90 -34.06
CA LYS G 189 -25.86 -33.17 -34.59
C LYS G 189 -26.70 -32.93 -35.84
N GLY G 190 -26.90 -33.99 -36.61
CA GLY G 190 -27.72 -33.93 -37.80
C GLY G 190 -27.05 -33.19 -38.94
N ASP G 191 -27.82 -32.34 -39.63
CA ASP G 191 -27.28 -31.62 -40.77
C ASP G 191 -26.10 -30.73 -40.37
N LEU G 192 -26.19 -30.12 -39.18
CA LEU G 192 -25.14 -29.23 -38.72
C LEU G 192 -23.88 -29.95 -38.28
N ALA G 193 -23.91 -31.27 -38.16
CA ALA G 193 -22.74 -32.01 -37.70
C ALA G 193 -21.54 -31.72 -38.60
N GLY G 194 -20.40 -31.46 -37.98
CA GLY G 194 -19.22 -31.10 -38.73
C GLY G 194 -17.91 -31.41 -38.03
N ARG G 195 -16.83 -30.80 -38.49
CA ARG G 195 -15.51 -31.04 -37.91
C ARG G 195 -14.75 -29.73 -37.77
N TYR G 196 -13.80 -29.74 -36.84
CA TYR G 196 -12.89 -28.62 -36.60
C TYR G 196 -11.57 -28.89 -37.32
N TYR G 197 -11.06 -27.88 -38.00
CA TYR G 197 -9.78 -27.94 -38.68
C TYR G 197 -8.90 -26.82 -38.10
N ARG G 198 -7.79 -27.22 -37.49
CA ARG G 198 -6.86 -26.28 -36.91
C ARG G 198 -5.99 -25.68 -38.00
N LEU G 199 -5.85 -24.35 -37.98
CA LEU G 199 -5.10 -23.68 -39.04
C LEU G 199 -3.65 -24.15 -39.06
N SER G 200 -3.05 -24.35 -37.89
CA SER G 200 -1.66 -24.77 -37.81
C SER G 200 -1.45 -26.19 -38.33
N GLU G 201 -2.50 -26.95 -38.57
CA GLU G 201 -2.38 -28.35 -38.98
C GLU G 201 -2.86 -28.59 -40.41
N MET G 202 -3.11 -27.55 -41.18
CA MET G 202 -3.55 -27.70 -42.56
C MET G 202 -2.47 -27.16 -43.50
N THR G 203 -2.21 -27.90 -44.58
CA THR G 203 -1.16 -27.53 -45.51
C THR G 203 -1.54 -26.25 -46.26
N GLU G 204 -0.51 -25.57 -46.76
CA GLU G 204 -0.73 -24.29 -47.43
C GLU G 204 -1.70 -24.44 -48.60
N ALA G 205 -1.63 -25.56 -49.31
CA ALA G 205 -2.53 -25.78 -50.44
C ALA G 205 -3.99 -25.82 -49.96
N GLU G 206 -4.25 -26.53 -48.87
CA GLU G 206 -5.61 -26.61 -48.36
C GLU G 206 -6.13 -25.24 -47.92
N GLN G 207 -5.28 -24.47 -47.24
CA GLN G 207 -5.70 -23.14 -46.81
C GLN G 207 -5.98 -22.24 -48.01
N GLN G 208 -5.13 -22.30 -49.03
CA GLN G 208 -5.35 -21.49 -50.22
C GLN G 208 -6.63 -21.91 -50.92
N GLN G 209 -6.89 -23.20 -51.01
CA GLN G 209 -8.13 -23.66 -51.65
C GLN G 209 -9.35 -23.19 -50.87
N LEU G 210 -9.30 -23.27 -49.53
CA LEU G 210 -10.42 -22.81 -48.73
C LEU G 210 -10.64 -21.31 -48.88
N ILE G 211 -9.56 -20.53 -48.91
CA ILE G 211 -9.69 -19.08 -49.06
C ILE G 211 -10.26 -18.74 -50.43
N ASP G 212 -9.72 -19.35 -51.48
CA ASP G 212 -10.18 -19.04 -52.83
C ASP G 212 -11.63 -19.45 -53.04
N ASP G 213 -12.15 -20.38 -52.24
CA ASP G 213 -13.54 -20.78 -52.33
C ASP G 213 -14.45 -19.92 -51.47
N HIS G 214 -13.91 -18.88 -50.81
CA HIS G 214 -14.66 -17.93 -50.00
C HIS G 214 -15.10 -18.51 -48.67
N PHE G 215 -14.50 -19.62 -48.24
CA PHE G 215 -14.88 -20.26 -46.99
C PHE G 215 -14.00 -19.78 -45.83
N LEU G 216 -12.69 -19.99 -45.95
CA LEU G 216 -11.76 -19.66 -44.88
C LEU G 216 -11.40 -18.18 -44.91
N PHE G 217 -11.07 -17.65 -43.75
CA PHE G 217 -10.63 -16.26 -43.66
C PHE G 217 -9.23 -16.11 -44.27
N ASP G 218 -8.96 -14.91 -44.79
CA ASP G 218 -7.72 -14.66 -45.48
C ASP G 218 -6.55 -14.65 -44.51
N LYS G 219 -5.34 -14.63 -45.08
CA LYS G 219 -4.14 -14.56 -44.27
C LYS G 219 -4.08 -13.23 -43.55
N PRO G 220 -3.34 -13.15 -42.44
CA PRO G 220 -3.36 -11.93 -41.62
C PRO G 220 -2.62 -10.77 -42.27
N VAL G 221 -3.23 -10.16 -43.28
CA VAL G 221 -2.63 -9.03 -44.00
C VAL G 221 -3.50 -7.79 -43.94
N SER G 222 -4.69 -7.87 -43.34
CA SER G 222 -5.56 -6.70 -43.28
C SER G 222 -4.87 -5.60 -42.48
N PRO G 223 -4.92 -4.34 -42.95
CA PRO G 223 -4.30 -3.27 -42.15
C PRO G 223 -4.87 -3.15 -40.76
N LEU G 224 -6.19 -3.32 -40.60
CA LEU G 224 -6.78 -3.26 -39.27
C LEU G 224 -6.28 -4.41 -38.41
N LEU G 225 -6.25 -5.62 -38.96
CA LEU G 225 -5.84 -6.78 -38.18
C LEU G 225 -4.41 -6.63 -37.68
N THR G 226 -3.51 -6.16 -38.54
CA THR G 226 -2.11 -6.02 -38.15
C THR G 226 -1.93 -4.85 -37.19
N ALA G 227 -2.51 -3.69 -37.51
CA ALA G 227 -2.28 -2.51 -36.68
C ALA G 227 -2.92 -2.65 -35.31
N ALA G 228 -4.05 -3.35 -35.20
CA ALA G 228 -4.73 -3.52 -33.93
C ALA G 228 -4.09 -4.59 -33.06
N GLY G 229 -3.21 -5.42 -33.61
CA GLY G 229 -2.59 -6.48 -32.85
C GLY G 229 -3.34 -7.78 -32.82
N MET G 230 -4.22 -8.02 -33.79
CA MET G 230 -4.99 -9.26 -33.84
C MET G 230 -4.27 -10.39 -34.55
N ALA G 231 -3.09 -10.15 -35.12
CA ALA G 231 -2.34 -11.17 -35.82
C ALA G 231 -1.21 -11.75 -34.98
N ARG G 232 -1.19 -11.47 -33.68
CA ARG G 232 -0.13 -11.99 -32.83
C ARG G 232 -0.24 -13.50 -32.71
N ASP G 233 0.92 -14.17 -32.76
CA ASP G 233 1.02 -15.61 -32.58
C ASP G 233 0.35 -16.41 -33.68
N TRP G 234 0.13 -15.80 -34.84
CA TRP G 234 -0.50 -16.51 -35.94
C TRP G 234 0.36 -17.70 -36.34
N PRO G 235 -0.25 -18.85 -36.69
CA PRO G 235 -1.68 -19.19 -36.72
C PRO G 235 -2.12 -19.93 -35.47
N ASP G 236 -1.47 -19.69 -34.33
CA ASP G 236 -1.77 -20.45 -33.12
C ASP G 236 -3.21 -20.20 -32.68
N ALA G 237 -3.93 -21.30 -32.44
CA ALA G 237 -5.26 -21.29 -31.84
C ALA G 237 -6.34 -20.74 -32.76
N ARG G 238 -6.05 -20.52 -34.04
CA ARG G 238 -7.06 -20.14 -35.00
C ARG G 238 -7.53 -21.38 -35.75
N GLY G 239 -8.79 -21.39 -36.15
CA GLY G 239 -9.26 -22.56 -36.88
C GLY G 239 -10.59 -22.30 -37.55
N ILE G 240 -11.07 -23.32 -38.25
CA ILE G 240 -12.37 -23.26 -38.91
C ILE G 240 -13.12 -24.56 -38.64
N TRP G 241 -14.33 -24.44 -38.11
CA TRP G 241 -15.21 -25.58 -37.87
C TRP G 241 -16.33 -25.52 -38.88
N HIS G 242 -16.42 -26.52 -39.76
CA HIS G 242 -17.44 -26.49 -40.79
C HIS G 242 -18.13 -27.83 -40.91
N ASN G 243 -19.39 -27.78 -41.37
CA ASN G 243 -20.17 -28.98 -41.59
C ASN G 243 -19.75 -29.66 -42.88
N ASN G 244 -20.23 -30.89 -43.08
CA ASN G 244 -19.78 -31.68 -44.22
C ASN G 244 -20.15 -31.01 -45.53
N GLU G 245 -21.38 -30.52 -45.64
CA GLU G 245 -21.77 -29.78 -46.84
C GLU G 245 -21.08 -28.43 -46.94
N LYS G 246 -20.41 -27.98 -45.88
CA LYS G 246 -19.71 -26.70 -45.86
C LYS G 246 -20.66 -25.52 -46.03
N SER G 247 -21.94 -25.72 -45.72
CA SER G 247 -22.90 -24.64 -45.72
C SER G 247 -22.96 -23.91 -44.38
N PHE G 248 -22.45 -24.52 -43.32
CA PHE G 248 -22.38 -23.90 -42.01
C PHE G 248 -20.93 -23.91 -41.54
N LEU G 249 -20.41 -22.73 -41.20
CA LEU G 249 -19.01 -22.57 -40.86
C LEU G 249 -18.88 -21.70 -39.62
N ILE G 250 -17.75 -21.85 -38.94
CA ILE G 250 -17.46 -21.08 -37.73
C ILE G 250 -15.97 -20.79 -37.70
N TRP G 251 -15.60 -19.52 -37.84
CA TRP G 251 -14.22 -19.10 -37.72
C TRP G 251 -13.89 -18.90 -36.26
N VAL G 252 -12.78 -19.48 -35.81
CA VAL G 252 -12.34 -19.40 -34.43
C VAL G 252 -11.07 -18.56 -34.39
N ASN G 253 -11.19 -17.39 -33.74
CA ASN G 253 -10.06 -16.55 -33.36
C ASN G 253 -9.44 -15.79 -34.54
N GLU G 254 -10.21 -15.45 -35.57
CA GLU G 254 -9.65 -14.63 -36.63
C GLU G 254 -9.67 -13.15 -36.28
N GLU G 255 -10.87 -12.58 -36.14
CA GLU G 255 -11.04 -11.19 -35.71
C GLU G 255 -11.98 -11.05 -34.54
N ASP G 256 -12.88 -12.00 -34.32
CA ASP G 256 -13.65 -12.12 -33.11
C ASP G 256 -13.38 -13.51 -32.53
N HIS G 257 -13.87 -13.73 -31.32
CA HIS G 257 -13.72 -15.05 -30.72
C HIS G 257 -14.36 -16.11 -31.59
N THR G 258 -15.56 -15.85 -32.08
CA THR G 258 -16.23 -16.75 -33.02
C THR G 258 -16.94 -15.95 -34.09
N ARG G 259 -16.98 -16.50 -35.29
CA ARG G 259 -17.77 -15.95 -36.39
C ARG G 259 -18.59 -17.06 -37.00
N VAL G 260 -19.90 -16.98 -36.86
CA VAL G 260 -20.83 -17.98 -37.37
C VAL G 260 -21.30 -17.55 -38.74
N ILE G 261 -21.15 -18.43 -39.74
CA ILE G 261 -21.38 -18.11 -41.14
C ILE G 261 -22.27 -19.18 -41.75
N SER G 262 -23.19 -18.76 -42.61
CA SER G 262 -24.00 -19.65 -43.41
C SER G 262 -23.91 -19.20 -44.86
N MET G 263 -23.42 -20.08 -45.73
CA MET G 263 -23.17 -19.78 -47.13
C MET G 263 -24.09 -20.61 -48.02
N GLU G 264 -24.31 -20.11 -49.23
CA GLU G 264 -24.97 -20.92 -50.25
C GLU G 264 -24.83 -20.27 -51.62
N LYS G 265 -24.37 -21.04 -52.60
CA LYS G 265 -24.34 -20.54 -53.97
C LYS G 265 -25.77 -20.37 -54.47
N GLY G 266 -26.04 -19.22 -55.08
CA GLY G 266 -27.37 -18.88 -55.55
C GLY G 266 -27.97 -17.75 -54.74
N GLY G 267 -29.24 -17.47 -55.04
CA GLY G 267 -29.92 -16.34 -54.42
C GLY G 267 -30.99 -16.73 -53.43
N ASN G 268 -30.91 -17.94 -52.88
CA ASN G 268 -31.91 -18.41 -51.91
C ASN G 268 -31.52 -17.92 -50.52
N MET G 269 -31.71 -16.62 -50.31
CA MET G 269 -31.36 -16.02 -49.02
C MET G 269 -32.23 -16.54 -47.90
N LYS G 270 -33.48 -16.90 -48.19
CA LYS G 270 -34.38 -17.37 -47.14
C LYS G 270 -33.85 -18.63 -46.48
N ARG G 271 -33.45 -19.62 -47.30
CA ARG G 271 -32.93 -20.86 -46.75
C ARG G 271 -31.63 -20.62 -45.99
N VAL G 272 -30.76 -19.77 -46.53
CA VAL G 272 -29.50 -19.47 -45.86
C VAL G 272 -29.77 -18.88 -44.48
N PHE G 273 -30.71 -17.94 -44.40
CA PHE G 273 -31.00 -17.30 -43.13
C PHE G 273 -31.66 -18.27 -42.15
N GLU G 274 -32.52 -19.15 -42.65
CA GLU G 274 -33.14 -20.13 -41.76
C GLU G 274 -32.09 -21.05 -41.16
N ARG G 275 -31.20 -21.58 -42.00
CA ARG G 275 -30.12 -22.43 -41.49
C ARG G 275 -29.25 -21.66 -40.52
N PHE G 276 -28.95 -20.40 -40.83
CA PHE G 276 -28.12 -19.59 -39.95
C PHE G 276 -28.77 -19.44 -38.59
N CYS G 277 -30.08 -19.14 -38.58
CA CYS G 277 -30.77 -18.93 -37.32
C CYS G 277 -30.76 -20.19 -36.46
N ARG G 278 -31.12 -21.33 -37.05
CA ARG G 278 -31.17 -22.56 -36.26
C ARG G 278 -29.78 -22.95 -35.77
N GLY G 279 -28.77 -22.85 -36.64
CA GLY G 279 -27.42 -23.20 -36.23
C GLY G 279 -26.90 -22.28 -35.13
N LEU G 280 -27.19 -20.99 -35.24
CA LEU G 280 -26.76 -20.05 -34.20
C LEU G 280 -27.44 -20.37 -32.88
N LYS G 281 -28.74 -20.67 -32.91
CA LYS G 281 -29.42 -21.01 -31.67
C LYS G 281 -28.80 -22.24 -31.03
N GLU G 282 -28.52 -23.27 -31.83
CA GLU G 282 -27.91 -24.48 -31.29
C GLU G 282 -26.53 -24.19 -30.70
N VAL G 283 -25.73 -23.39 -31.41
CA VAL G 283 -24.39 -23.08 -30.93
C VAL G 283 -24.46 -22.34 -29.61
N GLU G 284 -25.37 -21.36 -29.51
CA GLU G 284 -25.52 -20.62 -28.27
C GLU G 284 -25.92 -21.55 -27.13
N ARG G 285 -26.88 -22.45 -27.39
CA ARG G 285 -27.32 -23.37 -26.35
C ARG G 285 -26.15 -24.23 -25.87
N LEU G 286 -25.39 -24.78 -26.80
CA LEU G 286 -24.29 -25.67 -26.42
C LEU G 286 -23.21 -24.91 -25.67
N ILE G 287 -22.90 -23.69 -26.09
CA ILE G 287 -21.90 -22.90 -25.37
C ILE G 287 -22.37 -22.62 -23.96
N GLN G 288 -23.63 -22.22 -23.80
CA GLN G 288 -24.14 -21.90 -22.48
C GLN G 288 -24.26 -23.12 -21.58
N GLU G 289 -24.40 -24.32 -22.17
CA GLU G 289 -24.51 -25.52 -21.34
C GLU G 289 -23.28 -25.71 -20.45
N ARG G 290 -22.12 -25.27 -20.90
CA ARG G 290 -20.87 -25.51 -20.18
C ARG G 290 -20.54 -24.40 -19.19
N GLY G 291 -21.41 -23.43 -19.00
CA GLY G 291 -21.17 -22.37 -18.05
C GLY G 291 -20.55 -21.11 -18.62
N TRP G 292 -20.47 -20.99 -19.94
CA TRP G 292 -19.93 -19.81 -20.59
C TRP G 292 -21.08 -19.00 -21.19
N GLU G 293 -20.98 -17.67 -21.12
CA GLU G 293 -21.99 -16.79 -21.65
C GLU G 293 -21.35 -15.78 -22.58
N PHE G 294 -22.14 -15.30 -23.53
CA PHE G 294 -21.65 -14.37 -24.54
C PHE G 294 -21.66 -12.94 -24.01
N MET G 295 -20.67 -12.18 -24.44
CA MET G 295 -20.66 -10.75 -24.14
C MET G 295 -21.89 -10.10 -24.74
N TRP G 296 -22.63 -9.36 -23.92
CA TRP G 296 -23.90 -8.81 -24.37
C TRP G 296 -24.41 -7.81 -23.35
N ASN G 297 -24.93 -6.68 -23.82
CA ASN G 297 -25.69 -5.77 -22.98
C ASN G 297 -26.73 -5.08 -23.86
N GLU G 298 -27.91 -4.85 -23.28
CA GLU G 298 -29.04 -4.35 -24.07
C GLU G 298 -28.75 -2.98 -24.68
N ARG G 299 -27.81 -2.23 -24.13
CA ARG G 299 -27.49 -0.92 -24.69
C ARG G 299 -26.77 -1.06 -26.03
N LEU G 300 -25.84 -2.01 -26.14
CA LEU G 300 -25.04 -2.17 -27.34
C LEU G 300 -25.31 -3.47 -28.09
N GLY G 301 -26.01 -4.42 -27.48
CA GLY G 301 -26.22 -5.70 -28.13
C GLY G 301 -25.05 -6.62 -27.86
N TYR G 302 -24.55 -7.26 -28.91
CA TYR G 302 -23.45 -8.20 -28.78
C TYR G 302 -22.12 -7.46 -28.97
N ILE G 303 -21.23 -7.60 -27.98
CA ILE G 303 -19.97 -6.87 -27.97
C ILE G 303 -18.97 -7.58 -28.87
N LEU G 304 -18.36 -6.83 -29.77
CA LEU G 304 -17.33 -7.34 -30.67
C LEU G 304 -16.20 -6.33 -30.75
N THR G 305 -15.09 -6.74 -31.38
CA THR G 305 -13.89 -5.91 -31.37
C THR G 305 -14.11 -4.58 -32.09
N CYS G 306 -14.61 -4.64 -33.32
CA CYS G 306 -14.78 -3.41 -34.09
C CYS G 306 -16.12 -2.77 -33.75
N PRO G 307 -16.16 -1.48 -33.41
CA PRO G 307 -17.45 -0.85 -33.13
C PRO G 307 -18.43 -0.91 -34.29
N SER G 308 -17.95 -1.21 -35.50
CA SER G 308 -18.86 -1.34 -36.63
C SER G 308 -19.66 -2.63 -36.60
N ASN G 309 -19.29 -3.59 -35.75
CA ASN G 309 -19.96 -4.88 -35.67
C ASN G 309 -20.85 -5.00 -34.45
N LEU G 310 -21.07 -3.92 -33.71
CA LEU G 310 -21.87 -4.01 -32.50
C LEU G 310 -23.32 -4.34 -32.84
N GLY G 311 -24.13 -4.54 -31.80
CA GLY G 311 -25.52 -4.84 -31.98
C GLY G 311 -25.77 -6.28 -32.38
N THR G 312 -26.35 -6.49 -33.57
CA THR G 312 -26.53 -7.85 -34.06
C THR G 312 -25.22 -8.44 -34.55
N GLY G 313 -24.27 -7.61 -34.98
CA GLY G 313 -23.07 -8.11 -35.59
C GLY G 313 -23.33 -8.84 -36.89
N LEU G 314 -24.51 -8.67 -37.47
CA LEU G 314 -24.95 -9.48 -38.60
C LEU G 314 -24.60 -8.77 -39.90
N ARG G 315 -23.98 -9.51 -40.81
CA ARG G 315 -23.75 -9.07 -42.19
C ARG G 315 -24.38 -10.09 -43.11
N ALA G 316 -25.49 -9.72 -43.75
CA ALA G 316 -26.12 -10.54 -44.77
C ALA G 316 -25.81 -9.89 -46.11
N GLY G 317 -25.20 -10.65 -47.01
CA GLY G 317 -24.74 -10.08 -48.26
C GLY G 317 -24.78 -11.09 -49.38
N VAL G 318 -24.47 -10.58 -50.57
CA VAL G 318 -24.47 -11.40 -51.78
C VAL G 318 -23.35 -10.92 -52.69
N HIS G 319 -22.70 -11.86 -53.35
CA HIS G 319 -21.97 -11.53 -54.57
C HIS G 319 -22.99 -11.19 -55.65
N ILE G 320 -22.58 -10.36 -56.61
CA ILE G 320 -23.51 -9.88 -57.62
C ILE G 320 -22.86 -10.04 -58.99
N LYS G 321 -23.71 -10.16 -60.01
CA LYS G 321 -23.27 -10.58 -61.33
C LYS G 321 -22.22 -9.63 -61.90
N LEU G 322 -21.23 -10.22 -62.57
CA LEU G 322 -20.24 -9.42 -63.29
C LEU G 322 -20.88 -8.57 -64.37
N PRO G 323 -21.74 -9.10 -65.25
CA PRO G 323 -22.33 -8.28 -66.30
C PRO G 323 -23.64 -7.63 -65.85
N LEU G 324 -23.90 -6.46 -66.42
CA LEU G 324 -25.13 -5.71 -66.18
C LEU G 324 -25.11 -5.02 -64.82
N LEU G 325 -24.09 -5.30 -64.01
CA LEU G 325 -23.79 -4.43 -62.87
C LEU G 325 -22.50 -3.67 -63.09
N SER G 326 -21.73 -4.05 -64.10
CA SER G 326 -20.66 -3.20 -64.61
C SER G 326 -21.23 -1.95 -65.29
N LYS G 327 -22.54 -1.91 -65.53
CA LYS G 327 -23.18 -0.80 -66.22
C LYS G 327 -23.60 0.33 -65.27
N ASP G 328 -23.32 0.21 -63.98
CA ASP G 328 -23.69 1.25 -63.04
C ASP G 328 -22.71 2.42 -63.09
N SER G 329 -23.24 3.64 -62.95
CA SER G 329 -22.45 4.86 -63.07
C SER G 329 -22.46 5.69 -61.79
N ARG G 330 -23.63 5.93 -61.20
CA ARG G 330 -23.76 6.68 -59.95
C ARG G 330 -23.90 5.74 -58.76
N PHE G 331 -23.18 4.62 -58.81
CA PHE G 331 -23.37 3.54 -57.85
C PHE G 331 -23.21 4.00 -56.40
N PRO G 332 -22.16 4.73 -56.03
CA PRO G 332 -21.94 5.00 -54.60
C PRO G 332 -23.08 5.73 -53.92
N LYS G 333 -23.70 6.69 -54.60
CA LYS G 333 -24.82 7.40 -54.00
C LYS G 333 -26.00 6.46 -53.74
N ILE G 334 -26.30 5.60 -54.71
CA ILE G 334 -27.39 4.64 -54.53
C ILE G 334 -27.08 3.71 -53.36
N LEU G 335 -25.85 3.22 -53.28
CA LEU G 335 -25.49 2.33 -52.18
C LEU G 335 -25.63 3.04 -50.84
N GLU G 336 -25.14 4.28 -50.74
CA GLU G 336 -25.23 5.00 -49.48
C GLU G 336 -26.67 5.25 -49.08
N ASN G 337 -27.52 5.60 -50.05
CA ASN G 337 -28.92 5.87 -49.73
C ASN G 337 -29.65 4.61 -49.30
N LEU G 338 -29.25 3.45 -49.81
CA LEU G 338 -29.81 2.18 -49.41
C LEU G 338 -29.15 1.60 -48.16
N ARG G 339 -28.15 2.29 -47.61
CA ARG G 339 -27.42 1.82 -46.44
C ARG G 339 -26.76 0.47 -46.71
N LEU G 340 -26.29 0.28 -47.94
CA LEU G 340 -25.58 -0.92 -48.35
C LEU G 340 -24.12 -0.59 -48.56
N GLN G 341 -23.26 -1.55 -48.23
CA GLN G 341 -21.82 -1.42 -48.39
C GLN G 341 -21.34 -2.41 -49.44
N LYS G 342 -20.41 -1.95 -50.28
CA LYS G 342 -19.87 -2.74 -51.37
C LYS G 342 -18.39 -3.01 -51.13
N ARG G 343 -18.00 -4.27 -51.18
CA ARG G 343 -16.63 -4.70 -51.07
C ARG G 343 -16.25 -5.53 -52.29
N GLY G 344 -14.96 -5.83 -52.39
CA GLY G 344 -14.49 -6.68 -53.46
C GLY G 344 -14.95 -8.11 -53.29
N THR G 345 -15.00 -8.83 -54.42
CA THR G 345 -15.47 -10.21 -54.39
C THR G 345 -14.61 -11.07 -53.48
N GLY G 346 -13.33 -10.73 -53.34
CA GLY G 346 -12.42 -11.48 -52.50
C GLY G 346 -12.36 -11.06 -51.05
N GLY G 347 -13.13 -10.05 -50.66
CA GLY G 347 -13.16 -9.57 -49.30
C GLY G 347 -13.08 -8.07 -49.22
N VAL G 348 -13.03 -7.57 -47.99
CA VAL G 348 -13.02 -6.13 -47.78
C VAL G 348 -11.73 -5.51 -48.30
N ASP G 349 -10.62 -6.22 -48.17
CA ASP G 349 -9.33 -5.69 -48.56
C ASP G 349 -9.02 -5.83 -50.04
N THR G 350 -9.91 -6.47 -50.81
CA THR G 350 -9.70 -6.66 -52.24
C THR G 350 -10.59 -5.71 -53.04
N ALA G 351 -10.34 -5.68 -54.34
CA ALA G 351 -11.07 -4.83 -55.28
C ALA G 351 -11.92 -5.69 -56.20
N ALA G 352 -13.09 -5.16 -56.57
CA ALA G 352 -14.00 -5.90 -57.43
C ALA G 352 -13.32 -6.25 -58.76
N THR G 353 -13.45 -7.50 -59.17
CA THR G 353 -12.85 -8.00 -60.41
C THR G 353 -13.96 -8.48 -61.32
N GLY G 354 -13.97 -7.96 -62.55
CA GLY G 354 -14.93 -8.37 -63.55
C GLY G 354 -16.34 -7.85 -63.35
N GLY G 355 -16.55 -6.96 -62.39
CA GLY G 355 -17.87 -6.44 -62.11
C GLY G 355 -18.62 -7.18 -61.01
N VAL G 356 -17.99 -8.11 -60.32
CA VAL G 356 -18.62 -8.82 -59.22
C VAL G 356 -18.35 -8.07 -57.93
N PHE G 357 -19.40 -7.79 -57.17
CA PHE G 357 -19.32 -7.01 -55.95
C PHE G 357 -19.96 -7.77 -54.80
N ASP G 358 -19.38 -7.61 -53.62
CA ASP G 358 -19.94 -8.15 -52.38
C ASP G 358 -20.76 -7.03 -51.75
N ILE G 359 -22.08 -7.11 -51.89
CA ILE G 359 -22.99 -6.07 -51.40
C ILE G 359 -23.69 -6.61 -50.16
N SER G 360 -23.62 -5.85 -49.07
CA SER G 360 -24.20 -6.28 -47.80
C SER G 360 -24.79 -5.05 -47.10
N ASN G 361 -25.39 -5.27 -45.94
CA ASN G 361 -25.90 -4.16 -45.15
C ASN G 361 -24.75 -3.40 -44.50
N LEU G 362 -24.99 -2.12 -44.23
CA LEU G 362 -23.96 -1.26 -43.67
C LEU G 362 -24.05 -1.16 -42.15
N ASP G 363 -25.26 -1.00 -41.61
CA ASP G 363 -25.46 -0.82 -40.18
C ASP G 363 -25.93 -2.12 -39.55
N ARG G 364 -25.45 -2.38 -38.33
CA ARG G 364 -25.76 -3.61 -37.62
C ARG G 364 -26.35 -3.40 -36.24
N LEU G 365 -26.35 -2.17 -35.73
CA LEU G 365 -26.85 -1.86 -34.40
C LEU G 365 -28.07 -0.98 -34.50
N GLY G 366 -29.08 -1.28 -33.69
CA GLY G 366 -30.34 -0.57 -33.70
C GLY G 366 -31.44 -1.25 -34.48
N LYS G 367 -31.08 -2.19 -35.36
CA LYS G 367 -32.06 -2.97 -36.11
C LYS G 367 -31.89 -4.45 -35.76
N SER G 368 -32.99 -5.19 -35.87
CA SER G 368 -32.96 -6.62 -35.58
C SER G 368 -32.49 -7.39 -36.81
N GLU G 369 -32.12 -8.65 -36.59
CA GLU G 369 -31.57 -9.46 -37.68
C GLU G 369 -32.58 -9.62 -38.81
N VAL G 370 -33.85 -9.87 -38.46
CA VAL G 370 -34.87 -10.00 -39.50
C VAL G 370 -34.97 -8.70 -40.29
N GLU G 371 -34.97 -7.57 -39.59
CA GLU G 371 -35.05 -6.28 -40.28
C GLU G 371 -33.87 -6.08 -41.20
N LEU G 372 -32.66 -6.41 -40.73
CA LEU G 372 -31.48 -6.21 -41.56
C LEU G 372 -31.51 -7.10 -42.79
N VAL G 373 -31.92 -8.35 -42.64
CA VAL G 373 -31.98 -9.25 -43.79
C VAL G 373 -33.02 -8.77 -44.79
N GLN G 374 -34.18 -8.31 -44.30
CA GLN G 374 -35.19 -7.78 -45.21
C GLN G 374 -34.69 -6.54 -45.92
N LEU G 375 -33.95 -5.68 -45.21
CA LEU G 375 -33.39 -4.49 -45.82
C LEU G 375 -32.41 -4.86 -46.93
N VAL G 376 -31.56 -5.85 -46.67
CA VAL G 376 -30.62 -6.29 -47.70
C VAL G 376 -31.38 -6.84 -48.91
N ILE G 377 -32.42 -7.63 -48.66
CA ILE G 377 -33.20 -8.19 -49.76
C ILE G 377 -33.79 -7.07 -50.60
N ASP G 378 -34.40 -6.08 -49.94
CA ASP G 378 -35.03 -4.98 -50.68
C ASP G 378 -34.00 -4.18 -51.46
N GLY G 379 -32.85 -3.90 -50.83
CA GLY G 379 -31.82 -3.14 -51.53
C GLY G 379 -31.28 -3.87 -52.74
N VAL G 380 -31.04 -5.18 -52.61
CA VAL G 380 -30.51 -5.95 -53.74
C VAL G 380 -31.56 -6.04 -54.85
N ASN G 381 -32.83 -6.19 -54.48
CA ASN G 381 -33.87 -6.20 -55.50
C ASN G 381 -33.94 -4.85 -56.21
N TYR G 382 -33.79 -3.76 -55.47
CA TYR G 382 -33.77 -2.44 -56.08
C TYR G 382 -32.60 -2.31 -57.04
N LEU G 383 -31.42 -2.82 -56.65
CA LEU G 383 -30.27 -2.78 -57.55
C LEU G 383 -30.53 -3.59 -58.81
N ILE G 384 -31.15 -4.76 -58.67
CA ILE G 384 -31.47 -5.58 -59.83
C ILE G 384 -32.43 -4.83 -60.75
N ASP G 385 -33.42 -4.16 -60.17
CA ASP G 385 -34.36 -3.40 -60.99
C ASP G 385 -33.68 -2.24 -61.70
N CYS G 386 -32.76 -1.56 -61.02
CA CYS G 386 -32.14 -0.35 -61.55
C CYS G 386 -31.05 -0.62 -62.57
N GLU G 387 -30.52 -1.84 -62.64
CA GLU G 387 -29.46 -2.15 -63.59
C GLU G 387 -30.01 -2.52 -64.97
N ARG G 388 -31.26 -2.18 -65.25
CA ARG G 388 -31.85 -2.50 -66.55
C ARG G 388 -31.03 -1.89 -67.67
N ARG G 389 -30.68 -2.72 -68.66
CA ARG G 389 -29.94 -2.27 -69.83
C ARG G 389 -30.83 -1.87 -70.99
N LEU G 390 -32.15 -1.99 -70.84
CA LEU G 390 -33.09 -1.63 -71.89
C LEU G 390 -33.58 -0.18 -71.76
N GLU G 391 -33.93 0.24 -70.55
CA GLU G 391 -34.41 1.58 -70.29
C GLU G 391 -33.24 2.47 -69.88
N ARG G 392 -33.55 3.66 -69.37
CA ARG G 392 -32.54 4.58 -68.88
C ARG G 392 -33.08 5.36 -67.69
N GLY G 393 -32.17 5.86 -66.87
CA GLY G 393 -32.55 6.66 -65.72
C GLY G 393 -32.56 5.87 -64.42
N GLN G 394 -31.82 6.36 -63.42
CA GLN G 394 -31.76 5.75 -62.10
C GLN G 394 -32.49 6.66 -61.11
N ASP G 395 -33.38 6.08 -60.32
CA ASP G 395 -34.18 6.88 -59.40
C ASP G 395 -33.46 7.22 -58.10
N ILE G 396 -32.34 6.57 -57.81
CA ILE G 396 -31.61 6.80 -56.56
C ILE G 396 -32.53 6.45 -55.39
N ARG G 397 -33.59 7.22 -55.21
CA ARG G 397 -34.67 6.87 -54.28
C ARG G 397 -34.16 6.71 -52.85
N ILE G 398 -33.71 7.82 -52.29
CA ILE G 398 -33.38 7.87 -50.87
C ILE G 398 -34.60 7.41 -50.08
N SER H 31 4.03 -10.00 -12.41
CA SER H 31 3.57 -8.88 -13.23
C SER H 31 2.05 -8.78 -13.18
N GLU H 32 1.54 -7.56 -13.36
CA GLU H 32 0.11 -7.33 -13.41
C GLU H 32 -0.50 -7.67 -14.76
N ARG H 33 0.32 -7.97 -15.76
CA ARG H 33 -0.18 -8.34 -17.08
C ARG H 33 -0.63 -9.79 -17.16
N ARG H 34 -0.33 -10.60 -16.14
CA ARG H 34 -0.78 -11.98 -16.13
C ARG H 34 -2.29 -12.05 -15.97
N ARG H 35 -2.90 -13.04 -16.62
CA ARG H 35 -4.34 -13.17 -16.65
C ARG H 35 -4.81 -14.23 -15.67
N LEU H 36 -6.00 -14.01 -15.11
CA LEU H 36 -6.62 -14.95 -14.21
C LEU H 36 -7.54 -15.89 -14.98
N TYR H 37 -7.78 -17.05 -14.39
CA TYR H 37 -8.76 -17.96 -14.96
C TYR H 37 -10.11 -17.26 -14.99
N PRO H 38 -10.79 -17.20 -16.14
CA PRO H 38 -12.09 -16.55 -16.17
C PRO H 38 -13.06 -17.28 -15.27
N PRO H 39 -14.03 -16.57 -14.69
CA PRO H 39 -14.94 -17.23 -13.72
C PRO H 39 -15.62 -18.46 -14.27
N SER H 40 -16.03 -18.44 -15.54
CA SER H 40 -16.70 -19.60 -16.11
C SER H 40 -15.80 -20.83 -16.12
N ALA H 41 -14.48 -20.64 -16.09
CA ALA H 41 -13.59 -21.78 -16.02
C ALA H 41 -13.73 -22.52 -14.70
N GLU H 42 -14.08 -21.80 -13.64
CA GLU H 42 -14.28 -22.39 -12.32
C GLU H 42 -15.72 -22.82 -12.08
N TYR H 43 -16.62 -22.55 -13.00
CA TYR H 43 -18.03 -22.82 -12.76
C TYR H 43 -18.24 -24.31 -12.51
N PRO H 44 -18.97 -24.70 -11.47
CA PRO H 44 -19.16 -26.13 -11.20
C PRO H 44 -20.00 -26.82 -12.25
N ASP H 45 -19.80 -28.13 -12.37
CA ASP H 45 -20.57 -28.97 -13.29
C ASP H 45 -21.74 -29.56 -12.51
N LEU H 46 -22.92 -28.97 -12.68
CA LEU H 46 -24.12 -29.35 -11.94
C LEU H 46 -25.17 -29.98 -12.83
N ARG H 47 -24.76 -30.67 -13.89
CA ARG H 47 -25.70 -31.20 -14.86
C ARG H 47 -26.52 -32.36 -14.32
N LYS H 48 -26.19 -32.89 -13.14
CA LYS H 48 -26.93 -34.01 -12.55
C LYS H 48 -27.27 -33.77 -11.09
N HIS H 49 -27.10 -32.55 -10.60
CA HIS H 49 -27.34 -32.24 -9.20
C HIS H 49 -28.82 -31.98 -8.95
N ASN H 50 -29.23 -32.17 -7.70
CA ASN H 50 -30.63 -32.09 -7.31
C ASN H 50 -30.78 -31.37 -5.98
N ASN H 51 -30.07 -30.25 -5.81
CA ASN H 51 -30.18 -29.44 -4.61
C ASN H 51 -30.49 -28.00 -5.00
N CYS H 52 -30.98 -27.23 -4.02
CA CYS H 52 -31.47 -25.88 -4.32
C CYS H 52 -30.35 -24.98 -4.84
N MET H 53 -29.12 -25.16 -4.34
CA MET H 53 -28.02 -24.36 -4.86
C MET H 53 -27.85 -24.59 -6.35
N ALA H 54 -27.85 -25.86 -6.77
CA ALA H 54 -27.72 -26.16 -8.19
C ALA H 54 -28.89 -25.60 -8.98
N SER H 55 -30.08 -25.59 -8.40
CA SER H 55 -31.24 -25.06 -9.10
C SER H 55 -31.14 -23.56 -9.30
N HIS H 56 -30.59 -22.84 -8.32
CA HIS H 56 -30.59 -21.38 -8.35
C HIS H 56 -29.23 -20.78 -8.67
N LEU H 57 -28.25 -21.59 -9.04
CA LEU H 57 -26.93 -21.09 -9.42
C LEU H 57 -26.87 -20.98 -10.94
N THR H 58 -26.44 -19.82 -11.43
CA THR H 58 -26.31 -19.54 -12.85
C THR H 58 -24.95 -18.93 -13.11
N PRO H 59 -24.45 -19.04 -14.33
CA PRO H 59 -23.12 -18.46 -14.62
C PRO H 59 -23.03 -16.99 -14.28
N ALA H 60 -24.09 -16.22 -14.50
CA ALA H 60 -24.05 -14.79 -14.18
C ALA H 60 -23.84 -14.57 -12.70
N VAL H 61 -24.60 -15.29 -11.87
CA VAL H 61 -24.48 -15.11 -10.42
C VAL H 61 -23.09 -15.52 -9.96
N TYR H 62 -22.60 -16.67 -10.45
CA TYR H 62 -21.29 -17.15 -10.05
C TYR H 62 -20.21 -16.13 -10.42
N ALA H 63 -20.26 -15.62 -11.65
CA ALA H 63 -19.26 -14.65 -12.08
C ALA H 63 -19.35 -13.39 -11.23
N ARG H 64 -20.56 -12.94 -10.92
CA ARG H 64 -20.72 -11.72 -10.14
C ARG H 64 -20.15 -11.88 -8.73
N LEU H 65 -20.36 -13.04 -8.11
CA LEU H 65 -20.01 -13.23 -6.71
C LEU H 65 -18.65 -13.89 -6.49
N CYS H 66 -17.96 -14.33 -7.55
CA CYS H 66 -16.77 -15.13 -7.36
C CYS H 66 -15.58 -14.33 -6.85
N ASP H 67 -15.62 -13.00 -6.90
CA ASP H 67 -14.55 -12.19 -6.34
C ASP H 67 -14.81 -11.77 -4.91
N LYS H 68 -16.07 -11.70 -4.49
CA LYS H 68 -16.39 -11.19 -3.16
C LYS H 68 -15.95 -12.17 -2.08
N THR H 69 -15.85 -11.66 -0.86
CA THR H 69 -15.44 -12.47 0.28
C THR H 69 -15.86 -11.76 1.55
N THR H 70 -16.22 -12.54 2.56
CA THR H 70 -16.55 -11.98 3.86
C THR H 70 -15.26 -11.52 4.55
N PRO H 71 -15.38 -10.67 5.57
CA PRO H 71 -14.17 -10.15 6.22
C PRO H 71 -13.27 -11.23 6.75
N THR H 72 -13.80 -12.38 7.14
CA THR H 72 -13.01 -13.48 7.65
C THR H 72 -12.45 -14.37 6.55
N GLY H 73 -12.76 -14.09 5.29
CA GLY H 73 -12.19 -14.82 4.18
C GLY H 73 -13.09 -15.88 3.55
N TRP H 74 -14.33 -15.99 3.99
CA TRP H 74 -15.26 -16.94 3.40
C TRP H 74 -15.58 -16.53 1.96
N THR H 75 -15.68 -17.51 1.07
CA THR H 75 -15.87 -17.27 -0.35
C THR H 75 -17.05 -18.09 -0.85
N LEU H 76 -17.49 -17.79 -2.07
CA LEU H 76 -18.65 -18.46 -2.64
C LEU H 76 -18.38 -19.95 -2.85
N ASP H 77 -17.17 -20.29 -3.31
CA ASP H 77 -16.85 -21.69 -3.51
C ASP H 77 -16.97 -22.48 -2.22
N GLN H 78 -16.48 -21.91 -1.12
CA GLN H 78 -16.65 -22.56 0.17
C GLN H 78 -18.11 -22.64 0.57
N CYS H 79 -18.91 -21.66 0.15
CA CYS H 79 -20.34 -21.71 0.45
C CYS H 79 -21.00 -22.89 -0.24
N ILE H 80 -20.66 -23.12 -1.51
CA ILE H 80 -21.39 -24.08 -2.33
C ILE H 80 -20.66 -25.42 -2.46
N GLN H 81 -19.56 -25.60 -1.73
CA GLN H 81 -18.81 -26.86 -1.86
C GLN H 81 -19.66 -28.06 -1.49
N THR H 82 -20.43 -27.97 -0.40
CA THR H 82 -21.22 -29.11 0.03
C THR H 82 -22.27 -29.46 -1.03
N GLY H 83 -22.91 -28.45 -1.61
CA GLY H 83 -23.88 -28.72 -2.65
C GLY H 83 -23.25 -29.29 -3.91
N VAL H 84 -22.05 -28.82 -4.25
CA VAL H 84 -21.36 -29.32 -5.43
C VAL H 84 -20.99 -30.79 -5.23
N ASP H 85 -20.49 -31.14 -4.06
CA ASP H 85 -20.04 -32.50 -3.80
C ASP H 85 -21.18 -33.48 -3.60
N ASN H 86 -22.36 -33.01 -3.20
CA ASN H 86 -23.49 -33.88 -2.86
C ASN H 86 -24.67 -33.54 -3.77
N PRO H 87 -24.77 -34.18 -4.94
CA PRO H 87 -25.94 -33.94 -5.79
C PRO H 87 -27.21 -34.57 -5.26
N GLY H 88 -27.09 -35.65 -4.48
CA GLY H 88 -28.23 -36.42 -4.03
C GLY H 88 -28.53 -36.22 -2.56
N HIS H 89 -28.01 -37.13 -1.74
CA HIS H 89 -28.29 -37.16 -0.30
C HIS H 89 -29.76 -37.41 -0.01
N PRO H 90 -30.27 -38.63 -0.18
CA PRO H 90 -31.53 -38.97 0.46
C PRO H 90 -31.46 -38.69 1.95
N PHE H 91 -32.60 -38.74 2.64
CA PHE H 91 -33.90 -39.09 2.08
C PHE H 91 -34.76 -37.84 2.03
N ILE H 92 -34.10 -36.69 1.89
CA ILE H 92 -34.75 -35.40 1.88
C ILE H 92 -34.10 -34.53 0.81
N LYS H 93 -34.69 -33.35 0.58
CA LYS H 93 -34.13 -32.37 -0.33
C LYS H 93 -33.19 -31.45 0.44
N THR H 94 -31.97 -31.32 -0.05
CA THR H 94 -30.93 -30.57 0.65
C THR H 94 -30.77 -29.18 0.04
N VAL H 95 -30.38 -28.22 0.88
CA VAL H 95 -30.13 -26.87 0.40
C VAL H 95 -28.86 -26.83 -0.45
N GLY H 96 -27.81 -27.49 0.02
CA GLY H 96 -26.54 -27.49 -0.68
C GLY H 96 -25.65 -26.30 -0.42
N MET H 97 -25.95 -25.50 0.60
CA MET H 97 -25.13 -24.35 0.95
C MET H 97 -24.95 -24.30 2.46
N VAL H 98 -23.91 -23.60 2.88
CA VAL H 98 -23.66 -23.29 4.28
C VAL H 98 -23.08 -21.89 4.37
N ALA H 99 -23.06 -21.35 5.58
CA ALA H 99 -22.50 -20.04 5.85
C ALA H 99 -21.26 -20.18 6.72
N GLY H 100 -20.26 -19.37 6.44
CA GLY H 100 -19.03 -19.39 7.21
C GLY H 100 -19.02 -18.41 8.35
N ASP H 101 -19.89 -17.41 8.29
CA ASP H 101 -19.97 -16.39 9.34
C ASP H 101 -21.25 -15.60 9.11
N GLU H 102 -21.48 -14.62 9.98
CA GLU H 102 -22.68 -13.81 9.90
C GLU H 102 -22.73 -13.02 8.59
N GLU H 103 -21.58 -12.46 8.19
CA GLU H 103 -21.57 -11.59 7.01
C GLU H 103 -21.93 -12.34 5.73
N THR H 104 -21.77 -13.67 5.72
CA THR H 104 -22.03 -14.42 4.50
C THR H 104 -23.41 -14.12 3.95
N TYR H 105 -24.43 -14.25 4.80
CA TYR H 105 -25.81 -14.07 4.33
C TYR H 105 -26.03 -12.70 3.74
N GLU H 106 -25.20 -11.73 4.08
CA GLU H 106 -25.31 -10.40 3.50
C GLU H 106 -24.41 -10.26 2.28
N VAL H 107 -23.21 -10.85 2.32
CA VAL H 107 -22.26 -10.67 1.22
C VAL H 107 -22.74 -11.41 -0.02
N PHE H 108 -23.20 -12.65 0.16
CA PHE H 108 -23.68 -13.49 -0.93
C PHE H 108 -25.20 -13.57 -0.97
N ALA H 109 -25.88 -12.49 -0.57
CA ALA H 109 -27.33 -12.50 -0.53
C ALA H 109 -27.93 -12.75 -1.91
N ASP H 110 -27.23 -12.35 -2.98
CA ASP H 110 -27.76 -12.52 -4.32
C ASP H 110 -28.02 -13.98 -4.64
N LEU H 111 -27.37 -14.90 -3.95
CA LEU H 111 -27.60 -16.33 -4.14
C LEU H 111 -28.32 -16.98 -2.97
N PHE H 112 -28.14 -16.48 -1.76
CA PHE H 112 -28.80 -17.07 -0.61
C PHE H 112 -30.28 -16.71 -0.57
N ASP H 113 -30.63 -15.51 -1.00
CA ASP H 113 -32.02 -15.06 -0.90
C ASP H 113 -32.97 -15.93 -1.69
N PRO H 114 -32.76 -16.21 -2.97
CA PRO H 114 -33.65 -17.14 -3.68
C PRO H 114 -33.67 -18.52 -3.04
N VAL H 115 -32.53 -19.00 -2.56
CA VAL H 115 -32.48 -20.31 -1.92
C VAL H 115 -33.31 -20.30 -0.64
N ILE H 116 -33.16 -19.26 0.18
CA ILE H 116 -33.95 -19.16 1.40
C ILE H 116 -35.43 -19.09 1.07
N GLN H 117 -35.79 -18.30 0.05
CA GLN H 117 -37.20 -18.16 -0.30
C GLN H 117 -37.79 -19.49 -0.74
N GLU H 118 -37.08 -20.24 -1.58
CA GLU H 118 -37.57 -21.53 -2.01
C GLU H 118 -37.64 -22.52 -0.86
N ARG H 119 -36.64 -22.49 0.03
CA ARG H 119 -36.56 -23.48 1.09
C ARG H 119 -37.63 -23.25 2.16
N HIS H 120 -38.11 -22.02 2.31
CA HIS H 120 -39.06 -21.66 3.36
C HIS H 120 -40.40 -21.24 2.76
N ASN H 121 -40.84 -21.99 1.75
CA ASN H 121 -42.17 -21.86 1.14
C ASN H 121 -42.63 -20.39 1.04
N GLY H 122 -41.81 -19.59 0.38
CA GLY H 122 -42.22 -18.29 -0.08
C GLY H 122 -41.77 -17.11 0.74
N TYR H 123 -41.27 -17.34 1.95
CA TYR H 123 -40.79 -16.22 2.76
C TYR H 123 -39.71 -15.47 1.99
N ASP H 124 -39.83 -14.15 1.93
CA ASP H 124 -38.92 -13.33 1.14
C ASP H 124 -38.01 -12.53 2.06
N PRO H 125 -36.75 -12.94 2.24
CA PRO H 125 -35.89 -12.19 3.17
C PRO H 125 -35.71 -10.74 2.78
N ARG H 126 -35.74 -10.42 1.49
CA ARG H 126 -35.53 -9.04 1.06
C ARG H 126 -36.65 -8.14 1.56
N THR H 127 -37.90 -8.59 1.49
CA THR H 127 -39.06 -7.75 1.76
C THR H 127 -39.55 -7.84 3.21
N MET H 128 -39.92 -9.04 3.65
CA MET H 128 -40.62 -9.17 4.92
C MET H 128 -39.63 -9.43 6.06
N LYS H 129 -40.13 -9.32 7.28
CA LYS H 129 -39.35 -9.48 8.49
C LYS H 129 -39.79 -10.73 9.25
N HIS H 130 -38.96 -11.13 10.20
CA HIS H 130 -39.20 -12.32 11.00
C HIS H 130 -39.55 -11.92 12.44
N THR H 131 -40.49 -12.64 13.03
CA THR H 131 -40.95 -12.38 14.38
C THR H 131 -40.81 -13.64 15.23
N THR H 132 -40.43 -13.47 16.48
CA THR H 132 -40.17 -14.58 17.39
C THR H 132 -40.92 -14.36 18.70
N ASP H 133 -41.61 -15.40 19.17
CA ASP H 133 -42.24 -15.37 20.48
C ASP H 133 -42.20 -16.78 21.05
N LEU H 134 -41.84 -16.87 22.33
CA LEU H 134 -41.72 -18.15 23.04
C LEU H 134 -42.66 -18.10 24.24
N ASP H 135 -43.91 -18.52 24.02
CA ASP H 135 -44.92 -18.53 25.08
C ASP H 135 -45.71 -19.82 24.95
N ALA H 136 -45.32 -20.82 25.73
CA ALA H 136 -46.01 -22.11 25.68
C ALA H 136 -47.46 -22.00 26.13
N SER H 137 -47.82 -20.91 26.81
CA SER H 137 -49.20 -20.74 27.26
C SER H 137 -50.18 -20.80 26.11
N LYS H 138 -49.80 -20.28 24.94
CA LYS H 138 -50.66 -20.28 23.77
C LYS H 138 -50.63 -21.60 23.01
N ILE H 139 -50.09 -22.66 23.60
CA ILE H 139 -50.00 -23.96 22.95
C ILE H 139 -51.10 -24.85 23.50
N ARG H 140 -52.19 -24.25 23.95
CA ARG H 140 -53.32 -25.00 24.50
C ARG H 140 -53.55 -26.26 23.68
N SER H 141 -53.80 -27.36 24.40
CA SER H 141 -53.79 -28.70 23.81
C SER H 141 -52.36 -29.14 23.58
N GLY H 142 -52.16 -30.19 22.80
CA GLY H 142 -50.84 -30.66 22.46
C GLY H 142 -50.36 -31.88 23.23
N TYR H 143 -51.27 -32.76 23.63
CA TYR H 143 -50.91 -34.03 24.26
C TYR H 143 -51.28 -35.13 23.28
N PHE H 144 -50.28 -35.67 22.59
CA PHE H 144 -50.52 -36.65 21.56
C PHE H 144 -51.01 -37.97 22.15
N ASP H 145 -51.39 -38.89 21.27
CA ASP H 145 -51.80 -40.23 21.69
C ASP H 145 -50.57 -41.03 22.08
N GLU H 146 -50.54 -41.50 23.32
CA GLU H 146 -49.37 -42.22 23.82
C GLU H 146 -49.13 -43.52 23.05
N ARG H 147 -50.12 -43.99 22.30
CA ARG H 147 -50.01 -45.23 21.55
C ARG H 147 -49.41 -45.03 20.17
N TYR H 148 -49.01 -43.82 19.81
CA TYR H 148 -48.54 -43.56 18.45
C TYR H 148 -47.27 -42.71 18.38
N VAL H 149 -46.80 -42.10 19.46
CA VAL H 149 -45.71 -41.12 19.42
C VAL H 149 -44.43 -41.68 20.02
N LEU H 150 -44.45 -42.02 21.31
CA LEU H 150 -43.31 -42.64 21.98
C LEU H 150 -42.15 -41.67 22.24
N SER H 151 -42.23 -40.44 21.74
CA SER H 151 -41.17 -39.47 22.00
C SER H 151 -41.56 -38.13 21.41
N SER H 152 -41.22 -37.05 22.11
CA SER H 152 -41.43 -35.69 21.63
C SER H 152 -40.19 -34.87 21.94
N ARG H 153 -39.72 -34.11 20.95
CA ARG H 153 -38.51 -33.32 21.09
C ARG H 153 -38.72 -31.94 20.51
N VAL H 154 -38.04 -30.96 21.10
CA VAL H 154 -38.03 -29.59 20.60
C VAL H 154 -36.59 -29.10 20.60
N ARG H 155 -36.14 -28.56 19.47
CA ARG H 155 -34.75 -28.18 19.29
C ARG H 155 -34.65 -26.78 18.71
N THR H 156 -33.56 -26.09 19.04
CA THR H 156 -33.20 -24.85 18.36
C THR H 156 -31.68 -24.76 18.33
N GLY H 157 -31.18 -23.82 17.54
CA GLY H 157 -29.75 -23.57 17.45
C GLY H 157 -29.43 -22.13 17.75
N ARG H 158 -28.19 -21.87 18.16
CA ARG H 158 -27.75 -20.51 18.44
C ARG H 158 -26.27 -20.38 18.12
N SER H 159 -25.90 -19.21 17.58
CA SER H 159 -24.53 -18.89 17.25
C SER H 159 -24.08 -17.68 18.06
N ILE H 160 -22.83 -17.69 18.48
CA ILE H 160 -22.25 -16.59 19.23
C ILE H 160 -21.71 -15.56 18.24
N ARG H 161 -22.14 -14.32 18.40
CA ARG H 161 -21.69 -13.26 17.50
C ARG H 161 -20.21 -12.99 17.68
N GLY H 162 -19.53 -12.73 16.57
CA GLY H 162 -18.11 -12.47 16.58
C GLY H 162 -17.23 -13.69 16.37
N LEU H 163 -17.81 -14.89 16.33
CA LEU H 163 -17.05 -16.12 16.14
C LEU H 163 -17.51 -16.81 14.87
N SER H 164 -16.55 -17.35 14.12
CA SER H 164 -16.86 -17.99 12.86
C SER H 164 -17.69 -19.24 13.09
N LEU H 165 -18.52 -19.57 12.11
CA LEU H 165 -19.39 -20.72 12.20
C LEU H 165 -18.59 -22.01 11.97
N PRO H 166 -19.16 -23.16 12.33
CA PRO H 166 -18.40 -24.41 12.32
C PRO H 166 -17.74 -24.69 10.98
N PRO H 167 -18.38 -24.35 9.86
CA PRO H 167 -17.72 -24.58 8.57
C PRO H 167 -16.39 -23.85 8.44
N ALA H 168 -16.24 -22.69 9.05
CA ALA H 168 -15.05 -21.87 8.89
C ALA H 168 -14.25 -21.67 10.18
N CYS H 169 -14.78 -22.05 11.34
CA CYS H 169 -14.12 -21.75 12.59
C CYS H 169 -12.79 -22.47 12.70
N THR H 170 -11.79 -21.79 13.26
CA THR H 170 -10.51 -22.39 13.56
C THR H 170 -10.58 -23.07 14.92
N ARG H 171 -9.47 -23.71 15.32
CA ARG H 171 -9.46 -24.38 16.62
C ARG H 171 -9.65 -23.40 17.76
N ALA H 172 -8.98 -22.25 17.69
CA ALA H 172 -9.11 -21.26 18.75
C ALA H 172 -10.54 -20.77 18.87
N GLU H 173 -11.20 -20.50 17.74
CA GLU H 173 -12.58 -20.04 17.79
C GLU H 173 -13.51 -21.10 18.37
N ARG H 174 -13.31 -22.36 17.99
CA ARG H 174 -14.14 -23.43 18.52
C ARG H 174 -13.95 -23.56 20.03
N ARG H 175 -12.70 -23.49 20.49
CA ARG H 175 -12.45 -23.56 21.93
C ARG H 175 -13.06 -22.37 22.65
N GLU H 176 -13.02 -21.19 22.02
CA GLU H 176 -13.65 -20.01 22.62
C GLU H 176 -15.15 -20.21 22.77
N VAL H 177 -15.79 -20.75 21.73
CA VAL H 177 -17.23 -21.03 21.81
C VAL H 177 -17.50 -22.00 22.96
N GLU H 178 -16.69 -23.05 23.06
CA GLU H 178 -16.90 -24.04 24.11
C GLU H 178 -16.77 -23.40 25.49
N ARG H 179 -15.75 -22.57 25.68
N ARG H 179 -15.74 -22.58 25.68
CA ARG H 179 -15.55 -21.94 26.99
CA ARG H 179 -15.53 -21.92 26.97
C ARG H 179 -16.71 -21.01 27.33
C ARG H 179 -16.71 -21.02 27.32
N VAL H 180 -17.14 -20.20 26.36
CA VAL H 180 -18.23 -19.27 26.63
C VAL H 180 -19.48 -20.03 27.03
N VAL H 181 -19.82 -21.07 26.26
CA VAL H 181 -21.04 -21.80 26.54
C VAL H 181 -20.95 -22.52 27.88
N VAL H 182 -19.82 -23.15 28.17
CA VAL H 182 -19.71 -23.89 29.42
C VAL H 182 -19.77 -22.95 30.61
N ASP H 183 -19.06 -21.83 30.55
CA ASP H 183 -19.11 -20.88 31.66
C ASP H 183 -20.52 -20.35 31.86
N ALA H 184 -21.21 -20.01 30.78
CA ALA H 184 -22.58 -19.54 30.92
C ALA H 184 -23.48 -20.61 31.52
N LEU H 185 -23.38 -21.85 31.02
CA LEU H 185 -24.27 -22.91 31.48
C LEU H 185 -23.96 -23.35 32.90
N SER H 186 -22.78 -23.04 33.42
CA SER H 186 -22.49 -23.36 34.82
C SER H 186 -23.47 -22.69 35.77
N GLY H 187 -24.13 -21.62 35.33
CA GLY H 187 -25.05 -20.89 36.18
C GLY H 187 -26.46 -21.43 36.25
N LEU H 188 -26.80 -22.44 35.43
CA LEU H 188 -28.14 -23.02 35.50
C LEU H 188 -28.36 -23.66 36.87
N LYS H 189 -29.54 -23.40 37.44
CA LYS H 189 -29.86 -23.84 38.78
C LYS H 189 -31.22 -24.51 38.79
N GLY H 190 -31.47 -25.29 39.83
CA GLY H 190 -32.73 -25.97 39.99
C GLY H 190 -32.89 -27.19 39.10
N ASP H 191 -34.08 -27.33 38.51
CA ASP H 191 -34.33 -28.48 37.65
C ASP H 191 -33.36 -28.52 36.48
N LEU H 192 -33.03 -27.35 35.92
CA LEU H 192 -32.16 -27.29 34.76
C LEU H 192 -30.69 -27.55 35.11
N ALA H 193 -30.33 -27.61 36.39
CA ALA H 193 -28.94 -27.82 36.77
C ALA H 193 -28.41 -29.10 36.15
N GLY H 194 -27.21 -29.03 35.58
CA GLY H 194 -26.65 -30.17 34.89
C GLY H 194 -25.13 -30.16 34.82
N ARG H 195 -24.57 -30.96 33.93
CA ARG H 195 -23.12 -31.07 33.79
C ARG H 195 -22.74 -31.09 32.33
N TYR H 196 -21.49 -30.68 32.07
CA TYR H 196 -20.88 -30.72 30.75
C TYR H 196 -20.02 -31.97 30.63
N TYR H 197 -20.16 -32.66 29.50
CA TYR H 197 -19.35 -33.84 29.19
C TYR H 197 -18.62 -33.57 27.89
N ARG H 198 -17.29 -33.57 27.96
CA ARG H 198 -16.46 -33.33 26.79
C ARG H 198 -16.37 -34.61 25.96
N LEU H 199 -16.57 -34.47 24.65
CA LEU H 199 -16.58 -35.64 23.80
C LEU H 199 -15.24 -36.37 23.82
N SER H 200 -14.14 -35.61 23.86
CA SER H 200 -12.83 -36.22 23.87
C SER H 200 -12.53 -36.98 25.16
N GLU H 201 -13.35 -36.82 26.19
CA GLU H 201 -13.10 -37.43 27.49
C GLU H 201 -14.10 -38.52 27.85
N MET H 202 -14.93 -38.95 26.91
CA MET H 202 -15.91 -40.01 27.16
C MET H 202 -15.56 -41.23 26.33
N THR H 203 -15.65 -42.41 26.96
CA THR H 203 -15.27 -43.64 26.28
C THR H 203 -16.25 -43.96 25.16
N GLU H 204 -15.79 -44.78 24.22
CA GLU H 204 -16.60 -45.11 23.06
C GLU H 204 -17.93 -45.72 23.46
N ALA H 205 -17.93 -46.55 24.52
CA ALA H 205 -19.17 -47.16 24.97
C ALA H 205 -20.17 -46.11 25.43
N GLU H 206 -19.71 -45.12 26.18
CA GLU H 206 -20.61 -44.07 26.66
C GLU H 206 -21.19 -43.27 25.49
N GLN H 207 -20.34 -42.93 24.52
CA GLN H 207 -20.82 -42.19 23.36
C GLN H 207 -21.84 -43.00 22.56
N GLN H 208 -21.56 -44.29 22.38
CA GLN H 208 -22.51 -45.14 21.65
C GLN H 208 -23.83 -45.25 22.40
N GLN H 209 -23.78 -45.40 23.72
CA GLN H 209 -25.01 -45.48 24.50
C GLN H 209 -25.80 -44.18 24.40
N LEU H 210 -25.12 -43.03 24.47
CA LEU H 210 -25.82 -41.75 24.36
C LEU H 210 -26.44 -41.60 22.98
N ILE H 211 -25.72 -41.98 21.93
CA ILE H 211 -26.26 -41.85 20.57
C ILE H 211 -27.47 -42.77 20.40
N ASP H 212 -27.34 -44.02 20.81
CA ASP H 212 -28.44 -44.97 20.65
C ASP H 212 -29.68 -44.57 21.43
N ASP H 213 -29.52 -43.76 22.48
CA ASP H 213 -30.64 -43.28 23.25
C ASP H 213 -31.24 -42.00 22.69
N HIS H 214 -30.73 -41.52 21.56
CA HIS H 214 -31.23 -40.34 20.86
C HIS H 214 -30.84 -39.04 21.55
N PHE H 215 -29.85 -39.07 22.46
CA PHE H 215 -29.43 -37.88 23.19
C PHE H 215 -28.27 -37.19 22.50
N LEU H 216 -27.17 -37.90 22.31
CA LEU H 216 -25.96 -37.30 21.74
C LEU H 216 -26.01 -37.31 20.22
N PHE H 217 -25.33 -36.34 19.62
CA PHE H 217 -25.25 -36.26 18.17
C PHE H 217 -24.39 -37.40 17.63
N ASP H 218 -24.69 -37.81 16.40
CA ASP H 218 -24.02 -38.95 15.81
C ASP H 218 -22.56 -38.60 15.48
N LYS H 219 -21.82 -39.63 15.10
CA LYS H 219 -20.44 -39.44 14.70
C LYS H 219 -20.38 -38.63 13.41
N PRO H 220 -19.26 -37.97 13.15
CA PRO H 220 -19.19 -37.06 12.00
C PRO H 220 -19.15 -37.79 10.67
N VAL H 221 -20.29 -38.36 10.26
CA VAL H 221 -20.39 -39.09 9.00
C VAL H 221 -21.41 -38.47 8.05
N SER H 222 -22.12 -37.43 8.47
CA SER H 222 -23.11 -36.83 7.60
C SER H 222 -22.43 -36.27 6.35
N PRO H 223 -23.00 -36.51 5.16
CA PRO H 223 -22.37 -35.93 3.96
C PRO H 223 -22.23 -34.42 4.01
N LEU H 224 -23.25 -33.73 4.53
CA LEU H 224 -23.16 -32.28 4.66
C LEU H 224 -22.05 -31.88 5.63
N LEU H 225 -21.99 -32.56 6.78
CA LEU H 225 -20.99 -32.19 7.78
C LEU H 225 -19.58 -32.36 7.24
N THR H 226 -19.33 -33.47 6.53
CA THR H 226 -17.99 -33.72 6.01
C THR H 226 -17.66 -32.78 4.85
N ALA H 227 -18.59 -32.65 3.89
CA ALA H 227 -18.30 -31.86 2.70
C ALA H 227 -18.18 -30.38 3.02
N ALA H 228 -18.91 -29.90 4.02
CA ALA H 228 -18.87 -28.49 4.39
C ALA H 228 -17.66 -28.14 5.25
N GLY H 229 -16.94 -29.12 5.78
CA GLY H 229 -15.81 -28.86 6.63
C GLY H 229 -16.12 -28.69 8.10
N MET H 230 -17.26 -29.20 8.56
CA MET H 230 -17.63 -29.07 9.96
C MET H 230 -17.08 -30.19 10.84
N ALA H 231 -16.39 -31.16 10.27
CA ALA H 231 -15.83 -32.26 11.03
C ALA H 231 -14.34 -32.10 11.28
N ARG H 232 -13.78 -30.93 11.02
CA ARG H 232 -12.36 -30.71 11.22
C ARG H 232 -12.02 -30.76 12.70
N ASP H 233 -10.90 -31.42 13.02
CA ASP H 233 -10.37 -31.49 14.37
C ASP H 233 -11.26 -32.29 15.32
N TRP H 234 -12.13 -33.14 14.78
CA TRP H 234 -13.00 -33.92 15.64
C TRP H 234 -12.16 -34.83 16.54
N PRO H 235 -12.56 -35.03 17.80
CA PRO H 235 -13.70 -34.47 18.53
C PRO H 235 -13.31 -33.26 19.37
N ASP H 236 -12.30 -32.52 18.97
CA ASP H 236 -11.80 -31.42 19.80
C ASP H 236 -12.89 -30.36 19.98
N ALA H 237 -13.12 -29.97 21.22
CA ALA H 237 -13.98 -28.86 21.61
C ALA H 237 -15.46 -29.12 21.37
N ARG H 238 -15.86 -30.34 21.07
CA ARG H 238 -17.26 -30.71 20.98
C ARG H 238 -17.69 -31.34 22.29
N GLY H 239 -18.96 -31.14 22.66
CA GLY H 239 -19.40 -31.73 23.90
C GLY H 239 -20.91 -31.70 24.03
N ILE H 240 -21.39 -32.25 25.13
CA ILE H 240 -22.82 -32.25 25.44
C ILE H 240 -23.01 -31.86 26.90
N TRP H 241 -23.83 -30.85 27.13
CA TRP H 241 -24.19 -30.41 28.47
C TRP H 241 -25.63 -30.81 28.73
N HIS H 242 -25.87 -31.67 29.70
CA HIS H 242 -27.23 -32.13 29.95
C HIS H 242 -27.54 -32.12 31.44
N ASN H 243 -28.82 -31.96 31.73
CA ASN H 243 -29.30 -31.97 33.10
C ASN H 243 -29.37 -33.40 33.62
N ASN H 244 -29.57 -33.53 34.93
CA ASN H 244 -29.52 -34.85 35.56
C ASN H 244 -30.60 -35.76 35.01
N GLU H 245 -31.82 -35.26 34.88
CA GLU H 245 -32.89 -36.04 34.27
C GLU H 245 -32.67 -36.26 32.78
N LYS H 246 -31.72 -35.54 32.17
CA LYS H 246 -31.43 -35.65 30.74
C LYS H 246 -32.61 -35.23 29.89
N SER H 247 -33.51 -34.42 30.44
CA SER H 247 -34.60 -33.84 29.66
C SER H 247 -34.21 -32.53 28.99
N PHE H 248 -33.13 -31.91 29.43
CA PHE H 248 -32.62 -30.67 28.84
C PHE H 248 -31.17 -30.90 28.45
N LEU H 249 -30.86 -30.67 27.17
CA LEU H 249 -29.54 -30.95 26.62
C LEU H 249 -29.08 -29.79 25.77
N ILE H 250 -27.77 -29.70 25.58
CA ILE H 250 -27.15 -28.65 24.79
C ILE H 250 -25.95 -29.25 24.09
N TRP H 251 -26.01 -29.35 22.77
CA TRP H 251 -24.87 -29.80 21.99
C TRP H 251 -23.96 -28.63 21.71
N VAL H 252 -22.67 -28.81 21.96
CA VAL H 252 -21.67 -27.76 21.78
C VAL H 252 -20.78 -28.16 20.61
N ASN H 253 -20.86 -27.38 19.53
CA ASN H 253 -19.94 -27.43 18.40
C ASN H 253 -20.13 -28.64 17.49
N GLU H 254 -21.35 -29.16 17.37
CA GLU H 254 -21.56 -30.24 16.41
C GLU H 254 -21.78 -29.71 15.00
N GLU H 255 -22.90 -29.00 14.79
CA GLU H 255 -23.18 -28.35 13.51
C GLU H 255 -23.47 -26.87 13.66
N ASP H 256 -23.90 -26.42 14.82
CA ASP H 256 -23.97 -25.01 15.17
C ASP H 256 -23.13 -24.80 16.42
N HIS H 257 -22.93 -23.53 16.79
CA HIS H 257 -22.19 -23.26 18.02
C HIS H 257 -22.89 -23.90 19.21
N THR H 258 -24.21 -23.78 19.29
CA THR H 258 -24.98 -24.43 20.34
C THR H 258 -26.28 -24.95 19.75
N ARG H 259 -26.74 -26.08 20.29
CA ARG H 259 -28.06 -26.63 19.97
C ARG H 259 -28.77 -26.96 21.26
N VAL H 260 -29.84 -26.24 21.56
CA VAL H 260 -30.62 -26.43 22.78
C VAL H 260 -31.77 -27.38 22.48
N ILE H 261 -31.87 -28.44 23.28
CA ILE H 261 -32.80 -29.53 23.03
C ILE H 261 -33.58 -29.83 24.30
N SER H 262 -34.87 -30.11 24.15
CA SER H 262 -35.71 -30.60 25.23
C SER H 262 -36.41 -31.87 24.75
N MET H 263 -36.22 -32.96 25.48
CA MET H 263 -36.70 -34.28 25.09
C MET H 263 -37.72 -34.77 26.11
N GLU H 264 -38.55 -35.71 25.68
CA GLU H 264 -39.41 -36.42 26.62
C GLU H 264 -39.92 -37.70 25.94
N LYS H 265 -39.77 -38.83 26.63
CA LYS H 265 -40.25 -40.10 26.11
C LYS H 265 -41.75 -40.18 26.33
N GLY H 266 -42.48 -39.53 25.43
CA GLY H 266 -43.93 -39.50 25.54
C GLY H 266 -44.52 -38.57 24.51
N GLY H 267 -45.81 -38.29 24.67
CA GLY H 267 -46.51 -37.43 23.73
C GLY H 267 -46.95 -36.11 24.32
N ASN H 268 -46.37 -35.72 25.46
CA ASN H 268 -46.73 -34.48 26.14
C ASN H 268 -45.85 -33.35 25.59
N MET H 269 -46.25 -32.86 24.41
CA MET H 269 -45.48 -31.80 23.76
C MET H 269 -45.56 -30.49 24.54
N LYS H 270 -46.66 -30.25 25.25
CA LYS H 270 -46.82 -29.00 25.99
C LYS H 270 -45.73 -28.84 27.04
N ARG H 271 -45.51 -29.89 27.85
CA ARG H 271 -44.49 -29.83 28.88
C ARG H 271 -43.10 -29.67 28.27
N VAL H 272 -42.83 -30.41 27.19
CA VAL H 272 -41.54 -30.32 26.53
C VAL H 272 -41.28 -28.89 26.08
N PHE H 273 -42.28 -28.28 25.45
CA PHE H 273 -42.10 -26.93 24.93
C PHE H 273 -41.97 -25.91 26.06
N GLU H 274 -42.71 -26.10 27.15
CA GLU H 274 -42.59 -25.17 28.28
C GLU H 274 -41.18 -25.23 28.87
N ARG H 275 -40.69 -26.44 29.12
CA ARG H 275 -39.32 -26.58 29.63
C ARG H 275 -38.32 -25.99 28.65
N PHE H 276 -38.52 -26.24 27.36
CA PHE H 276 -37.62 -25.71 26.35
C PHE H 276 -37.58 -24.18 26.40
N CYS H 277 -38.75 -23.55 26.48
CA CYS H 277 -38.81 -22.10 26.50
C CYS H 277 -38.10 -21.53 27.71
N ARG H 278 -38.40 -22.06 28.90
CA ARG H 278 -37.77 -21.50 30.09
C ARG H 278 -36.26 -21.74 30.08
N GLY H 279 -35.82 -22.94 29.70
CA GLY H 279 -34.40 -23.21 29.65
C GLY H 279 -33.68 -22.34 28.63
N LEU H 280 -34.29 -22.13 27.47
CA LEU H 280 -33.68 -21.28 26.46
C LEU H 280 -33.57 -19.84 26.97
N LYS H 281 -34.61 -19.34 27.63
CA LYS H 281 -34.54 -17.99 28.16
C LYS H 281 -33.41 -17.87 29.17
N GLU H 282 -33.29 -18.85 30.07
CA GLU H 282 -32.22 -18.80 31.07
C GLU H 282 -30.85 -18.85 30.40
N VAL H 283 -30.68 -19.73 29.40
CA VAL H 283 -29.40 -19.84 28.73
C VAL H 283 -29.03 -18.54 28.04
N GLU H 284 -30.00 -17.92 27.37
CA GLU H 284 -29.72 -16.64 26.72
C GLU H 284 -29.33 -15.58 27.73
N ARG H 285 -30.03 -15.52 28.86
CA ARG H 285 -29.70 -14.53 29.88
C ARG H 285 -28.27 -14.74 30.38
N LEU H 286 -27.92 -15.99 30.69
CA LEU H 286 -26.59 -16.25 31.24
C LEU H 286 -25.51 -15.97 30.21
N ILE H 287 -25.75 -16.29 28.95
CA ILE H 287 -24.76 -16.00 27.91
C ILE H 287 -24.57 -14.49 27.78
N GLN H 288 -25.67 -13.74 27.76
CA GLN H 288 -25.57 -12.30 27.61
C GLN H 288 -24.95 -11.62 28.83
N GLU H 289 -25.05 -12.25 30.01
CA GLU H 289 -24.46 -11.64 31.19
C GLU H 289 -22.97 -11.41 31.04
N ARG H 290 -22.28 -12.27 30.29
CA ARG H 290 -20.84 -12.22 30.17
C ARG H 290 -20.36 -11.32 29.03
N GLY H 291 -21.25 -10.64 28.34
CA GLY H 291 -20.88 -9.76 27.26
C GLY H 291 -20.93 -10.36 25.88
N TRP H 292 -21.50 -11.55 25.73
CA TRP H 292 -21.64 -12.19 24.43
C TRP H 292 -23.09 -12.11 23.98
N GLU H 293 -23.29 -11.90 22.67
CA GLU H 293 -24.62 -11.81 22.11
C GLU H 293 -24.75 -12.78 20.95
N PHE H 294 -25.99 -13.21 20.70
CA PHE H 294 -26.26 -14.18 19.67
C PHE H 294 -26.38 -13.52 18.30
N MET H 295 -25.92 -14.22 17.28
CA MET H 295 -26.12 -13.76 15.91
C MET H 295 -27.61 -13.67 15.62
N TRP H 296 -28.04 -12.50 15.15
CA TRP H 296 -29.47 -12.28 14.96
C TRP H 296 -29.67 -10.99 14.16
N ASN H 297 -30.60 -11.03 13.22
CA ASN H 297 -31.09 -9.83 12.57
C ASN H 297 -32.55 -10.04 12.19
N GLU H 298 -33.35 -8.98 12.32
CA GLU H 298 -34.80 -9.11 12.14
C GLU H 298 -35.17 -9.58 10.74
N ARG H 299 -34.30 -9.41 9.76
CA ARG H 299 -34.61 -9.88 8.42
C ARG H 299 -34.59 -11.39 8.33
N LEU H 300 -33.61 -12.04 8.97
CA LEU H 300 -33.44 -13.47 8.89
C LEU H 300 -33.70 -14.20 10.20
N GLY H 301 -33.78 -13.48 11.32
CA GLY H 301 -33.94 -14.14 12.60
C GLY H 301 -32.59 -14.55 13.15
N TYR H 302 -32.50 -15.79 13.63
CA TYR H 302 -31.27 -16.29 14.22
C TYR H 302 -30.41 -16.93 13.14
N ILE H 303 -29.17 -16.47 13.03
CA ILE H 303 -28.27 -16.92 11.98
C ILE H 303 -27.65 -18.26 12.36
N LEU H 304 -27.73 -19.22 11.45
CA LEU H 304 -27.15 -20.54 11.64
C LEU H 304 -26.47 -20.97 10.35
N THR H 305 -25.72 -22.07 10.42
CA THR H 305 -24.89 -22.48 9.29
C THR H 305 -25.74 -22.83 8.08
N CYS H 306 -26.70 -23.72 8.26
CA CYS H 306 -27.51 -24.17 7.12
C CYS H 306 -28.66 -23.20 6.89
N PRO H 307 -28.85 -22.69 5.67
CA PRO H 307 -29.98 -21.78 5.43
C PRO H 307 -31.33 -22.40 5.74
N SER H 308 -31.42 -23.72 5.90
CA SER H 308 -32.67 -24.34 6.26
C SER H 308 -33.02 -24.16 7.73
N ASN H 309 -32.09 -23.68 8.55
CA ASN H 309 -32.31 -23.49 9.98
C ASN H 309 -32.47 -22.02 10.36
N LEU H 310 -32.58 -21.13 9.39
CA LEU H 310 -32.68 -19.71 9.71
C LEU H 310 -34.00 -19.42 10.43
N GLY H 311 -34.15 -18.17 10.86
CA GLY H 311 -35.35 -17.75 11.54
C GLY H 311 -35.39 -18.19 12.99
N THR H 312 -36.38 -19.02 13.34
CA THR H 312 -36.43 -19.57 14.69
C THR H 312 -35.38 -20.67 14.89
N GLY H 313 -34.99 -21.34 13.82
CA GLY H 313 -34.13 -22.49 13.95
C GLY H 313 -34.76 -23.63 14.72
N LEU H 314 -36.08 -23.60 14.88
CA LEU H 314 -36.78 -24.52 15.76
C LEU H 314 -37.27 -25.74 14.98
N ARG H 315 -36.99 -26.92 15.52
CA ARG H 315 -37.54 -28.17 15.00
C ARG H 315 -38.25 -28.87 16.16
N ALA H 316 -39.56 -28.91 16.10
CA ALA H 316 -40.38 -29.65 17.05
C ALA H 316 -40.88 -30.89 16.33
N GLY H 317 -40.57 -32.07 16.88
CA GLY H 317 -40.84 -33.31 16.19
C GLY H 317 -41.22 -34.41 17.16
N VAL H 318 -41.67 -35.51 16.58
CA VAL H 318 -42.08 -36.69 17.35
C VAL H 318 -41.65 -37.93 16.58
N HIS H 319 -41.21 -38.95 17.33
CA HIS H 319 -41.15 -40.28 16.79
C HIS H 319 -42.56 -40.84 16.63
N ILE H 320 -42.71 -41.81 15.74
CA ILE H 320 -44.03 -42.30 15.34
C ILE H 320 -44.05 -43.82 15.48
N LYS H 321 -45.16 -44.33 16.00
CA LYS H 321 -45.26 -45.75 16.32
C LYS H 321 -45.19 -46.61 15.07
N LEU H 322 -44.66 -47.82 15.24
CA LEU H 322 -44.58 -48.77 14.12
C LEU H 322 -45.94 -49.13 13.55
N PRO H 323 -46.94 -49.50 14.35
CA PRO H 323 -48.22 -49.95 13.78
C PRO H 323 -49.20 -48.82 13.53
N LEU H 324 -50.00 -49.01 12.49
CA LEU H 324 -51.05 -48.06 12.11
C LEU H 324 -50.48 -46.82 11.44
N LEU H 325 -49.15 -46.69 11.41
CA LEU H 325 -48.49 -45.68 10.62
C LEU H 325 -47.55 -46.27 9.58
N SER H 326 -47.21 -47.55 9.69
CA SER H 326 -46.64 -48.29 8.58
C SER H 326 -47.66 -48.57 7.49
N LYS H 327 -48.95 -48.30 7.76
CA LYS H 327 -50.03 -48.59 6.83
C LYS H 327 -50.28 -47.47 5.83
N ASP H 328 -49.51 -46.39 5.87
CA ASP H 328 -49.72 -45.28 4.95
C ASP H 328 -49.06 -45.56 3.60
N SER H 329 -49.70 -45.08 2.53
CA SER H 329 -49.28 -45.35 1.17
C SER H 329 -48.98 -44.08 0.37
N ARG H 330 -49.78 -43.03 0.51
CA ARG H 330 -49.56 -41.76 -0.16
C ARG H 330 -48.91 -40.74 0.77
N PHE H 331 -47.99 -41.21 1.62
CA PHE H 331 -47.42 -40.38 2.66
C PHE H 331 -46.79 -39.09 2.13
N PRO H 332 -45.90 -39.14 1.12
CA PRO H 332 -45.15 -37.92 0.79
C PRO H 332 -46.02 -36.73 0.44
N LYS H 333 -47.11 -36.93 -0.29
CA LYS H 333 -47.98 -35.81 -0.63
C LYS H 333 -48.61 -35.21 0.61
N ILE H 334 -49.08 -36.05 1.53
CA ILE H 334 -49.69 -35.55 2.76
C ILE H 334 -48.66 -34.77 3.57
N LEU H 335 -47.44 -35.32 3.69
CA LEU H 335 -46.40 -34.63 4.45
C LEU H 335 -46.09 -33.27 3.83
N GLU H 336 -45.93 -33.23 2.50
CA GLU H 336 -45.61 -31.97 1.84
C GLU H 336 -46.72 -30.95 2.02
N ASN H 337 -47.98 -31.40 1.91
CA ASN H 337 -49.09 -30.47 2.06
C ASN H 337 -49.20 -29.95 3.49
N LEU H 338 -48.81 -30.74 4.47
CA LEU H 338 -48.80 -30.32 5.86
C LEU H 338 -47.52 -29.59 6.23
N ARG H 339 -46.59 -29.43 5.29
CA ARG H 339 -45.31 -28.78 5.55
C ARG H 339 -44.54 -29.50 6.66
N LEU H 340 -44.66 -30.82 6.68
CA LEU H 340 -43.94 -31.67 7.63
C LEU H 340 -42.87 -32.44 6.90
N GLN H 341 -41.77 -32.70 7.59
CA GLN H 341 -40.64 -33.46 7.06
C GLN H 341 -40.50 -34.75 7.86
N LYS H 342 -40.20 -35.84 7.16
CA LYS H 342 -40.06 -37.15 7.74
C LYS H 342 -38.62 -37.62 7.61
N ARG H 343 -38.05 -38.10 8.71
CA ARG H 343 -36.70 -38.63 8.75
C ARG H 343 -36.71 -40.00 9.41
N GLY H 344 -35.58 -40.69 9.30
CA GLY H 344 -35.43 -41.96 9.98
C GLY H 344 -35.38 -41.79 11.49
N THR H 345 -35.76 -42.86 12.20
CA THR H 345 -35.79 -42.80 13.65
C THR H 345 -34.41 -42.50 14.21
N GLY H 346 -33.35 -42.90 13.52
CA GLY H 346 -32.00 -42.67 13.96
C GLY H 346 -31.41 -41.34 13.59
N GLY H 347 -32.14 -40.51 12.84
CA GLY H 347 -31.68 -39.20 12.44
C GLY H 347 -31.93 -38.97 10.97
N VAL H 348 -31.48 -37.81 10.48
CA VAL H 348 -31.73 -37.44 9.09
C VAL H 348 -31.02 -38.39 8.14
N ASP H 349 -29.82 -38.84 8.51
CA ASP H 349 -29.01 -39.67 7.64
C ASP H 349 -29.40 -41.15 7.67
N THR H 350 -30.35 -41.53 8.51
CA THR H 350 -30.78 -42.92 8.62
C THR H 350 -32.13 -43.12 7.94
N ALA H 351 -32.50 -44.38 7.79
CA ALA H 351 -33.77 -44.78 7.19
C ALA H 351 -34.71 -45.30 8.26
N ALA H 352 -36.01 -45.12 8.02
CA ALA H 352 -37.01 -45.54 8.99
C ALA H 352 -36.92 -47.05 9.21
N THR H 353 -36.92 -47.46 10.47
CA THR H 353 -36.84 -48.87 10.86
C THR H 353 -38.12 -49.27 11.55
N GLY H 354 -38.74 -50.35 11.07
CA GLY H 354 -39.96 -50.85 11.67
C GLY H 354 -41.11 -49.87 11.63
N GLY H 355 -41.21 -49.08 10.56
CA GLY H 355 -42.31 -48.14 10.43
C GLY H 355 -42.34 -47.08 11.51
N VAL H 356 -41.19 -46.65 11.99
CA VAL H 356 -41.09 -45.58 12.98
C VAL H 356 -40.42 -44.39 12.30
N PHE H 357 -41.10 -43.26 12.29
CA PHE H 357 -40.65 -42.07 11.58
C PHE H 357 -40.48 -40.91 12.55
N ASP H 358 -39.50 -40.04 12.25
CA ASP H 358 -39.31 -38.80 12.99
C ASP H 358 -39.96 -37.71 12.14
N ILE H 359 -41.12 -37.24 12.58
CA ILE H 359 -41.90 -36.25 11.83
C ILE H 359 -41.79 -34.92 12.55
N SER H 360 -41.40 -33.88 11.82
CA SER H 360 -41.20 -32.55 12.39
C SER H 360 -41.69 -31.52 11.39
N ASN H 361 -41.62 -30.25 11.78
CA ASN H 361 -41.96 -29.17 10.86
C ASN H 361 -40.85 -29.01 9.82
N LEU H 362 -41.23 -28.47 8.66
CA LEU H 362 -40.32 -28.28 7.55
C LEU H 362 -39.71 -26.89 7.48
N ASP H 363 -40.53 -25.86 7.68
CA ASP H 363 -40.08 -24.48 7.58
C ASP H 363 -39.86 -23.89 8.97
N ARG H 364 -38.83 -23.06 9.10
CA ARG H 364 -38.45 -22.47 10.38
C ARG H 364 -38.38 -20.95 10.35
N LEU H 365 -38.45 -20.33 9.18
CA LEU H 365 -38.33 -18.88 9.04
C LEU H 365 -39.63 -18.31 8.53
N GLY H 366 -40.04 -17.19 9.11
CA GLY H 366 -41.30 -16.54 8.79
C GLY H 366 -42.42 -16.84 9.75
N LYS H 367 -42.30 -17.91 10.54
CA LYS H 367 -43.28 -18.25 11.56
C LYS H 367 -42.61 -18.20 12.93
N SER H 368 -43.41 -17.95 13.96
CA SER H 368 -42.90 -17.91 15.31
C SER H 368 -42.88 -19.31 15.91
N GLU H 369 -42.15 -19.45 17.02
CA GLU H 369 -41.99 -20.76 17.64
C GLU H 369 -43.33 -21.33 18.08
N VAL H 370 -44.19 -20.51 18.67
CA VAL H 370 -45.51 -20.98 19.06
C VAL H 370 -46.28 -21.46 17.84
N GLU H 371 -46.23 -20.69 16.75
CA GLU H 371 -46.93 -21.08 15.54
C GLU H 371 -46.40 -22.39 14.99
N LEU H 372 -45.08 -22.56 14.98
CA LEU H 372 -44.49 -23.78 14.44
C LEU H 372 -44.88 -24.99 15.30
N VAL H 373 -44.85 -24.84 16.62
CA VAL H 373 -45.21 -25.95 17.49
C VAL H 373 -46.68 -26.32 17.30
N GLN H 374 -47.55 -25.31 17.21
CA GLN H 374 -48.97 -25.60 16.98
C GLN H 374 -49.17 -26.27 15.62
N LEU H 375 -48.42 -25.83 14.61
CA LEU H 375 -48.51 -26.47 13.29
C LEU H 375 -48.10 -27.93 13.37
N VAL H 376 -47.02 -28.22 14.09
CA VAL H 376 -46.59 -29.61 14.23
C VAL H 376 -47.65 -30.42 14.95
N ILE H 377 -48.24 -29.86 16.01
CA ILE H 377 -49.28 -30.57 16.76
C ILE H 377 -50.44 -30.89 15.84
N ASP H 378 -50.91 -29.90 15.08
CA ASP H 378 -52.05 -30.11 14.20
C ASP H 378 -51.72 -31.14 13.12
N GLY H 379 -50.53 -31.05 12.53
CA GLY H 379 -50.17 -32.00 11.49
C GLY H 379 -50.08 -33.41 12.01
N VAL H 380 -49.49 -33.60 13.19
CA VAL H 380 -49.37 -34.94 13.76
C VAL H 380 -50.75 -35.49 14.12
N ASN H 381 -51.63 -34.63 14.66
CA ASN H 381 -52.99 -35.07 14.95
C ASN H 381 -53.71 -35.47 13.67
N TYR H 382 -53.51 -34.71 12.59
CA TYR H 382 -54.11 -35.06 11.32
C TYR H 382 -53.58 -36.39 10.81
N LEU H 383 -52.28 -36.64 10.98
CA LEU H 383 -51.72 -37.92 10.59
C LEU H 383 -52.32 -39.06 11.40
N ILE H 384 -52.49 -38.84 12.71
CA ILE H 384 -53.11 -39.87 13.55
C ILE H 384 -54.52 -40.15 13.09
N ASP H 385 -55.29 -39.10 12.79
CA ASP H 385 -56.65 -39.29 12.32
C ASP H 385 -56.66 -40.04 10.99
N CYS H 386 -55.76 -39.68 10.08
CA CYS H 386 -55.71 -40.33 8.77
C CYS H 386 -55.40 -41.82 8.90
N GLU H 387 -54.66 -42.20 9.93
CA GLU H 387 -54.48 -43.62 10.22
C GLU H 387 -55.86 -44.23 10.43
N ARG H 388 -56.26 -45.12 9.52
CA ARG H 388 -57.61 -45.69 9.54
C ARG H 388 -57.49 -47.19 9.24
N ARG H 389 -57.35 -47.99 10.30
CA ARG H 389 -57.45 -49.43 10.19
C ARG H 389 -58.90 -49.90 10.22
N LEU H 390 -59.85 -48.99 10.45
CA LEU H 390 -61.27 -49.32 10.48
C LEU H 390 -62.05 -48.67 9.36
N GLU H 391 -61.55 -47.60 8.76
CA GLU H 391 -62.18 -46.93 7.63
C GLU H 391 -61.21 -46.93 6.45
N ARG H 392 -61.57 -46.20 5.41
CA ARG H 392 -60.73 -46.07 4.23
C ARG H 392 -60.85 -44.66 3.67
N GLY H 393 -59.83 -44.24 2.93
CA GLY H 393 -59.84 -42.94 2.28
C GLY H 393 -59.02 -41.90 3.01
N GLN H 394 -58.07 -41.28 2.32
CA GLN H 394 -57.24 -40.22 2.86
C GLN H 394 -57.62 -38.91 2.20
N ASP H 395 -57.85 -37.88 3.00
CA ASP H 395 -58.30 -36.60 2.47
C ASP H 395 -57.17 -35.73 1.96
N ILE H 396 -55.93 -36.04 2.28
CA ILE H 396 -54.78 -35.23 1.87
C ILE H 396 -54.94 -33.84 2.48
N ARG H 397 -55.94 -33.09 2.02
CA ARG H 397 -56.35 -31.84 2.67
C ARG H 397 -55.21 -30.82 2.69
N ILE H 398 -54.83 -30.38 1.50
CA ILE H 398 -53.89 -29.26 1.38
C ILE H 398 -54.45 -28.08 2.18
O9 CRN I . -16.56 14.86 36.90
C7 CRN I . -16.30 13.64 36.94
O8 CRN I . -17.06 12.70 36.69
C5 CRN I . -14.86 13.31 37.37
N1 CRN I . -14.19 14.36 38.10
C4 CRN I . -14.16 14.25 39.54
C2 CRN I . -13.61 15.41 37.43
N6 CRN I . -13.02 16.32 38.11
N3 CRN I . -13.68 15.43 36.06
H51 CRN I . -14.34 13.05 36.59
H52 CRN I . -14.90 12.51 37.93
H41 CRN I . -13.31 14.57 39.87
H42 CRN I . -14.24 13.33 39.84
H43 CRN I . -14.86 14.76 39.98
HN31 CRN I . -14.09 14.78 35.62
HN32 CRN I . -13.33 16.08 35.57
PB ADP J . -12.29 21.72 39.81
O1B ADP J . -13.77 21.44 39.74
O2B ADP J . -11.84 22.97 39.12
O3B ADP J . -11.43 20.51 39.55
PA ADP J . -11.64 20.90 42.42
O1A ADP J . -12.88 20.29 43.00
O2A ADP J . -10.57 20.04 41.78
O3A ADP J . -12.04 22.04 41.37
O5' ADP J . -10.94 21.81 43.54
C5' ADP J . -9.53 22.03 43.49
C4' ADP J . -9.20 23.22 44.36
O4' ADP J . -10.10 24.29 44.11
C3' ADP J . -9.30 22.89 45.84
O3' ADP J . -8.02 22.98 46.47
C2' ADP J . -10.26 23.91 46.42
O2' ADP J . -9.77 24.50 47.62
C1' ADP J . -10.40 24.95 45.33
N9 ADP J . -11.76 25.54 45.37
C8 ADP J . -12.85 25.11 44.69
N7 ADP J . -13.92 25.89 44.98
C5 ADP J . -13.52 26.83 45.86
C6 ADP J . -14.14 27.96 46.57
N6 ADP J . -15.45 28.27 46.41
N1 ADP J . -13.36 28.68 47.39
C2 ADP J . -12.06 28.40 47.58
N3 ADP J . -11.44 27.39 46.96
C4 ADP J . -12.10 26.58 46.10
H5'1 ADP J . -9.01 21.14 43.85
H5'2 ADP J . -9.22 22.22 42.46
H4' ADP J . -8.17 23.54 44.15
H3' ADP J . -9.72 21.88 45.95
HO3' ADP J . -8.11 22.72 47.40
H2' ADP J . -11.24 23.44 46.59
HO2' ADP J . -10.07 23.99 48.38
H1' ADP J . -9.66 25.75 45.51
H8 ADP J . -12.85 24.27 44.01
HN61 ADP J . -15.85 29.05 46.90
HN62 ADP J . -16.03 27.72 45.78
H2 ADP J . -11.49 29.02 48.25
MG MG K . -10.08 19.43 40.05
O9 CRN L . 30.77 30.16 0.51
C7 CRN L . 30.13 30.16 -0.56
O8 CRN L . 30.40 29.53 -1.60
C5 CRN L . 28.87 31.06 -0.57
N1 CRN L . 28.86 32.08 0.45
C4 CRN L . 29.24 33.42 0.07
C2 CRN L . 28.50 31.76 1.74
N6 CRN L . 28.50 32.69 2.63
N3 CRN L . 28.16 30.45 2.02
H51 CRN L . 28.09 30.51 -0.52
H52 CRN L . 28.84 31.49 -1.43
H41 CRN L . 28.70 34.06 0.56
H42 CRN L . 29.07 33.58 -0.88
H43 CRN L . 30.17 33.62 0.25
HN31 CRN L . 28.18 29.84 1.38
HN32 CRN L . 27.92 30.18 2.83
PB ADP M . 30.42 35.18 7.33
O1B ADP M . 31.00 34.38 6.20
O2B ADP M . 30.89 34.80 8.70
O3B ADP M . 28.92 35.39 7.21
PA ADP M . 30.19 37.69 6.21
O1A ADP M . 30.96 37.99 4.95
O2A ADP M . 28.76 37.19 6.15
O3A ADP M . 31.00 36.66 7.12
O5' ADP M . 30.22 38.98 7.16
C5' ADP M . 29.03 39.43 7.80
C4' ADP M . 29.38 40.48 8.83
O4' ADP M . 30.53 40.10 9.58
C3' ADP M . 29.69 41.81 8.17
O3' ADP M . 28.65 42.75 8.42
C2' ADP M . 31.01 42.26 8.76
O2' ADP M . 30.92 43.59 9.28
C1' ADP M . 31.30 41.28 9.88
N9 ADP M . 32.75 40.98 9.96
C8 ADP M . 33.40 39.97 9.35
N7 ADP M . 34.72 40.00 9.66
C5 ADP M . 34.93 41.05 10.46
C6 ADP M . 36.10 41.66 11.15
N6 ADP M . 37.33 41.14 11.03
N1 ADP M . 35.87 42.76 11.90
C2 ADP M . 34.66 43.29 12.04
N3 ADP M . 33.56 42.79 11.45
C4 ADP M . 33.63 41.69 10.66
H5'1 ADP M . 28.34 39.84 7.05
H5'2 ADP M . 28.53 38.58 8.28
H4' ADP M . 28.52 40.63 9.50
H3' ADP M . 29.82 41.65 7.08
HO3' ADP M . 28.74 43.50 7.83
H2' ADP M . 31.81 42.18 8.01
HO2' ADP M . 30.66 44.19 8.57
H1' ADP M . 30.95 41.71 10.83
H8 ADP M . 32.93 39.23 8.72
HN61 ADP M . 38.11 41.58 11.51
HN62 ADP M . 37.49 40.32 10.47
H2 ADP M . 34.55 44.18 12.67
MG MG N . 27.42 35.66 5.77
O9 CRN O . -0.74 42.10 -9.24
C7 CRN O . -0.20 41.85 -8.14
O8 CRN O . -0.74 41.85 -7.02
C5 CRN O . 1.30 41.50 -8.21
N1 CRN O . 1.97 42.01 -9.38
C4 CRN O . 2.68 43.27 -9.26
C2 CRN O . 1.93 41.31 -10.57
N6 CRN O . 2.55 41.78 -11.59
N3 CRN O . 1.24 40.12 -10.59
H51 CRN O . 1.42 40.54 -8.12
H52 CRN O . 1.73 41.89 -7.42
H41 CRN O . 3.50 43.22 -9.78
H42 CRN O . 2.94 43.45 -8.34
H43 CRN O . 2.17 44.03 -9.59
HN31 CRN O . 0.83 39.81 -9.87
HN32 CRN O . 1.17 39.62 -11.32
PB ADP P . 2.71 43.68 -16.79
O1B ADP P . 2.04 43.83 -15.45
O2B ADP P . 1.77 43.45 -17.94
O3B ADP P . 3.91 42.78 -16.77
PA ADP P . 4.58 45.72 -16.29
O1A ADP P . 4.10 46.73 -15.28
O2A ADP P . 5.43 44.54 -15.88
O3A ADP P . 3.31 45.14 -17.10
O5' ADP P . 5.33 46.48 -17.48
C5' ADP P . 6.41 45.84 -18.15
C4' ADP P . 6.80 46.68 -19.37
O4' ADP P . 5.65 47.04 -20.14
C3' ADP P . 7.47 47.97 -18.95
O3' ADP P . 8.87 47.95 -19.30
C2' ADP P . 6.75 49.07 -19.71
O2' ADP P . 7.64 49.94 -20.39
C1' ADP P . 5.87 48.34 -20.69
N9 ADP P . 4.61 49.09 -20.89
C8 ADP P . 3.45 48.93 -20.22
N7 ADP P . 2.51 49.80 -20.67
C5 ADP P . 3.07 50.53 -21.66
C6 ADP P . 2.64 51.61 -22.57
N6 ADP P . 1.39 52.12 -22.52
N1 ADP P . 3.54 52.09 -23.45
C2 ADP P . 4.80 51.60 -23.53
N3 ADP P . 5.24 50.63 -22.73
C4 ADP P . 4.44 50.05 -21.80
H5'1 ADP P . 7.26 45.73 -17.48
H5'2 ADP P . 6.10 44.85 -18.49
H4' ADP P . 7.50 46.10 -19.98
H3' ADP P . 7.35 48.13 -17.87
HO3' ADP P . 9.28 48.76 -19.00
H2' ADP P . 6.11 49.63 -19.01
HO2' ADP P . 7.84 50.70 -19.83
H1' ADP P . 6.40 48.25 -21.65
H8 ADP P . 3.30 48.21 -19.42
HN61 ADP P . 1.13 52.85 -23.15
HN62 ADP P . 0.72 51.76 -21.86
H2 ADP P . 5.47 52.04 -24.25
MG MG Q . 5.13 42.73 -15.36
O9 CRN R . 12.76 -3.88 40.98
C7 CRN R . 12.52 -2.69 40.68
O8 CRN R . 13.32 -1.85 40.24
C5 CRN R . 11.06 -2.26 40.90
N1 CRN R . 10.31 -3.11 41.81
C4 CRN R . 10.16 -2.67 43.17
C2 CRN R . 9.77 -4.29 41.34
N6 CRN R . 9.12 -5.03 42.16
N3 CRN R . 9.97 -4.63 40.03
H51 CRN R . 10.61 -2.18 40.05
H52 CRN R . 11.07 -1.36 41.28
H41 CRN R . 9.27 -2.92 43.48
H42 CRN R . 10.21 -1.70 43.25
H43 CRN R . 10.80 -3.07 43.78
HN31 CRN R . 10.43 -4.10 39.48
HN32 CRN R . 9.65 -5.38 39.67
PB ADP S . 8.26 -9.72 45.36
O1B ADP S . 9.51 -9.02 44.87
O2B ADP S . 8.32 -11.22 45.31
O3B ADP S . 6.99 -9.12 44.84
PA ADP S . 7.33 -8.14 47.43
O1A ADP S . 8.23 -7.10 48.02
O2A ADP S . 6.37 -7.81 46.32
O3A ADP S . 8.22 -9.39 46.93
O5' ADP S . 6.51 -8.86 48.61
C5' ADP S . 5.12 -9.12 48.44
C4' ADP S . 4.66 -10.06 49.54
O4' ADP S . 5.60 -11.11 49.75
C3' ADP S . 4.52 -9.32 50.86
O3' ADP S . 3.14 -9.16 51.20
C2' ADP S . 5.25 -10.18 51.88
O2' ADP S . 4.40 -10.49 52.98
C1' ADP S . 5.63 -11.44 51.13
N9 ADP S . 6.98 -11.90 51.57
C8 ADP S . 8.15 -11.60 50.99
N7 ADP S . 9.18 -12.19 51.64
C5 ADP S . 8.67 -12.90 52.65
C6 ADP S . 9.19 -13.76 53.74
N6 ADP S . 10.52 -14.00 53.87
N1 ADP S . 8.30 -14.31 54.59
C2 ADP S . 6.98 -14.09 54.49
N3 ADP S . 6.45 -13.32 53.53
C4 ADP S . 7.21 -12.70 52.60
H5'1 ADP S . 4.56 -8.19 48.48
H5'2 ADP S . 4.95 -9.59 47.46
H4' ADP S . 3.67 -10.47 49.26
H3' ADP S . 5.02 -8.35 50.78
HO3' ADP S . 3.05 -8.50 51.90
H2' ADP S . 6.16 -9.67 52.20
HO2' ADP S . 4.09 -9.67 53.40
H1' ADP S . 4.89 -12.22 51.36
H8 ADP S . 8.25 -10.96 50.11
HN61 ADP S . 10.84 -14.59 54.61
HN62 ADP S . 11.18 -13.59 53.22
H2 ADP S . 6.33 -14.55 55.22
MG MG T . 5.99 -7.35 44.37
O9 CRN U . 19.02 -8.95 -37.61
C7 CRN U . 17.98 -9.61 -37.43
O8 CRN U . 17.88 -10.74 -36.93
C5 CRN U . 16.69 -8.94 -37.93
N1 CRN U . 16.90 -7.89 -38.89
C4 CRN U . 16.70 -8.21 -40.29
C2 CRN U . 17.28 -6.62 -38.48
N6 CRN U . 17.46 -5.70 -39.36
N3 CRN U . 17.44 -6.41 -37.13
H51 CRN U . 16.18 -8.61 -37.17
H52 CRN U . 16.13 -9.62 -38.34
H41 CRN U . 16.31 -7.44 -40.74
H42 CRN U . 16.08 -8.94 -40.41
H43 CRN U . 17.53 -8.42 -40.76
HN31 CRN U . 17.30 -7.06 -36.55
HN32 CRN U . 17.68 -5.62 -36.80
PB ADP V . 20.69 -1.97 -42.28
O1B ADP V . 20.98 -3.30 -41.64
O2B ADP V . 21.75 -0.93 -42.12
O3B ADP V . 19.28 -1.48 -42.05
PA ADP V . 19.32 -2.61 -44.60
O1A ADP V . 19.34 -4.03 -45.10
O2A ADP V . 18.22 -2.11 -43.70
O3A ADP V . 20.70 -2.28 -43.86
O5' ADP V . 19.44 -1.61 -45.85
C5' ADP V . 18.62 -0.46 -45.90
C4' ADP V . 19.13 0.46 -47.01
O4' ADP V . 20.55 0.56 -46.96
C3' ADP V . 18.76 -0.08 -48.38
O3' ADP V . 17.75 0.73 -48.98
C2' ADP V . 20.05 -0.05 -49.18
O2' ADP V . 19.88 0.64 -50.41
C1' ADP V . 21.06 0.66 -48.30
N9 ADP V . 22.39 0.04 -48.44
C8 ADP V . 22.91 -0.93 -47.67
N7 ADP V . 24.16 -1.25 -48.08
C5 ADP V . 24.47 -0.47 -49.12
C6 ADP V . 25.62 -0.30 -50.03
N6 ADP V . 26.75 -1.03 -49.89
N1 ADP V . 25.52 0.63 -51.01
C2 ADP V . 24.43 1.38 -51.17
N3 ADP V . 23.34 1.26 -50.38
C4 ADP V . 23.30 0.38 -49.36
H5'1 ADP V . 17.58 -0.74 -46.10
H5'2 ADP V . 18.65 0.07 -44.95
H4' ADP V . 18.68 1.45 -46.89
H3' ADP V . 18.41 -1.13 -48.27
HO3' ADP V . 17.37 0.27 -49.73
H2' ADP V . 20.40 -1.08 -49.35
HO2' ADP V . 19.18 0.21 -50.93
H1' ADP V . 21.10 1.71 -48.61
H8 ADP V . 22.39 -1.39 -46.83
HN61 ADP V . 27.52 -0.89 -50.52
HN62 ADP V . 26.82 -1.73 -49.16
H2 ADP V . 24.40 2.11 -51.97
MG MG W . 17.27 -2.04 -41.89
O9 CRN X . 1.08 -43.03 2.85
C7 CRN X . 0.45 -42.49 3.79
O8 CRN X . 0.88 -42.21 4.92
C5 CRN X . -1.02 -42.17 3.48
N1 CRN X . -1.60 -42.98 2.43
C4 CRN X . -2.34 -44.16 2.84
C2 CRN X . -1.45 -42.63 1.12
N6 CRN X . -1.99 -43.38 0.21
N3 CRN X . -0.73 -41.50 0.81
H51 CRN X . -1.11 -41.22 3.28
H52 CRN X . -1.53 -42.31 4.29
H41 CRN X . -3.12 -44.25 2.26
H42 CRN X . -2.67 -44.08 3.74
H43 CRN X . -1.83 -44.98 2.76
HN31 CRN X . -0.38 -41.00 1.45
HN32 CRN X . -0.61 -41.21 -0.02
PB ADP Y . -1.47 -46.89 -4.35
O1B ADP Y . -0.59 -46.63 -3.15
O2B ADP Y . -0.74 -47.06 -5.66
O3B ADP Y . -2.67 -45.99 -4.43
PA ADP Y . -3.55 -48.43 -3.39
O1A ADP Y . -3.42 -49.07 -2.03
O2A ADP Y . -4.20 -47.07 -3.55
O3A ADP Y . -2.11 -48.34 -4.08
O5' ADP Y . -4.27 -49.46 -4.38
C5' ADP Y . -5.29 -48.98 -5.25
C4' ADP Y . -5.59 -50.07 -6.29
O4' ADP Y . -4.38 -50.64 -6.78
C3' ADP Y . -6.39 -51.19 -5.67
O3' ADP Y . -7.74 -51.17 -6.17
C2' ADP Y . -5.68 -52.47 -6.08
O2' ADP Y . -6.57 -53.38 -6.71
C1' ADP Y . -4.59 -52.03 -7.03
N9 ADP Y . -3.36 -52.82 -6.83
C8 ADP Y . -2.31 -52.49 -6.05
N7 ADP Y . -1.35 -53.44 -6.10
C5 ADP Y . -1.77 -54.42 -6.93
C6 ADP Y . -1.25 -55.70 -7.43
N6 ADP Y . -0.04 -56.16 -7.05
N1 ADP Y . -2.01 -56.40 -8.29
C2 ADP Y . -3.22 -55.97 -8.70
N3 ADP Y . -3.75 -54.81 -8.27
C4 ADP Y . -3.09 -54.00 -7.41
H5'1 ADP Y . -6.19 -48.76 -4.69
H5'2 ADP Y . -4.96 -48.07 -5.76
H4' ADP Y . -6.17 -49.63 -7.11
H3' ADP Y . -6.38 -51.10 -4.58
HO3' ADP Y . -8.30 -51.72 -5.62
H2' ADP Y . -5.21 -52.93 -5.20
HO2' ADP Y . -7.30 -53.59 -6.12
H1' ADP Y . -4.95 -52.18 -8.06
H8 ADP Y . -2.26 -51.58 -5.46
HN61 ADP Y . 0.29 -57.04 -7.41
HN62 ADP Y . 0.53 -55.64 -6.41
H2 ADP Y . -3.78 -56.58 -9.39
MG MG Z . -4.18 -45.05 -3.32
O9 CRN AA . -15.20 -2.04 -40.26
C7 CRN AA . -14.17 -1.34 -40.18
O8 CRN AA . -14.11 -0.11 -39.99
C5 CRN AA . -12.85 -2.11 -40.34
N1 CRN AA . -12.97 -3.40 -41.00
C4 CRN AA . -12.64 -3.47 -42.40
C2 CRN AA . -13.41 -4.49 -40.29
N6 CRN AA . -13.52 -5.62 -40.91
N3 CRN AA . -13.71 -4.34 -38.96
H51 CRN AA . -12.42 -2.21 -39.47
H52 CRN AA . -12.25 -1.57 -40.86
H41 CRN AA . -12.21 -4.32 -42.58
H42 CRN AA . -11.99 -2.78 -42.65
H43 CRN AA . -13.41 -3.38 -42.99
HN31 CRN AA . -13.63 -3.55 -38.57
HN32 CRN AA . -14.00 -5.00 -38.45
PB ADP BA . -16.41 -9.95 -42.97
O1B ADP BA . -16.55 -8.45 -42.93
O2B ADP BA . -17.62 -10.72 -42.51
O3B ADP BA . -15.10 -10.45 -42.42
PA ADP BA . -14.89 -10.20 -45.27
O1A ADP BA . -14.87 -8.97 -46.15
O2A ADP BA . -13.83 -10.41 -44.22
O3A ADP BA . -16.31 -10.30 -44.53
O5' ADP BA . -14.96 -11.50 -46.20
C5' ADP BA . -14.03 -12.56 -46.01
C4' ADP BA . -14.38 -13.71 -46.94
O4' ADP BA . -15.80 -13.90 -46.98
C3' ADP BA . -13.93 -13.42 -48.36
O3' ADP BA . -12.95 -14.39 -48.75
C2' ADP BA . -15.17 -13.54 -49.22
O2' ADP BA . -14.93 -14.32 -50.39
C1' ADP BA . -16.19 -14.21 -48.32
N9 ADP BA . -17.56 -13.69 -48.60
C8 ADP BA . -18.13 -12.60 -48.08
N7 ADP BA . -19.39 -12.44 -48.56
C5 ADP BA . -19.63 -13.45 -49.41
C6 ADP BA . -20.76 -13.88 -50.27
N6 ADP BA . -21.91 -13.18 -50.31
N1 ADP BA . -20.61 -15.00 -50.99
C2 ADP BA . -19.47 -15.72 -50.97
N3 ADP BA . -18.42 -15.38 -50.21
C4 ADP BA . -18.42 -14.27 -49.43
H5'1 ADP BA . -13.01 -12.22 -46.21
H5'2 ADP BA . -14.07 -12.90 -44.97
H4' ADP BA . -13.89 -14.62 -46.58
H3' ADP BA . -13.53 -12.41 -48.43
HO3' ADP BA . -12.59 -14.15 -49.62
H2' ADP BA . -15.53 -12.54 -49.49
HO2' ADP BA . -14.34 -13.83 -50.98
H1' ADP BA . -16.16 -15.29 -48.48
H8 ADP BA . -17.64 -11.93 -47.38
HN61 ADP BA . -22.67 -13.50 -50.90
HN62 ADP BA . -22.02 -12.34 -49.76
H2 ADP BA . -19.41 -16.61 -51.58
MG MG CA . -13.27 -9.84 -42.30
O9 CRN DA . -30.73 -28.98 3.90
C7 CRN DA . -29.96 -29.62 4.65
O8 CRN DA . -28.81 -30.00 4.38
C5 CRN DA . -30.55 -29.99 6.03
N1 CRN DA . -29.70 -30.83 6.84
C4 CRN DA . -29.75 -32.25 6.58
C2 CRN DA . -28.88 -30.27 7.80
N6 CRN DA . -28.86 -29.00 7.99
N3 CRN DA . -28.10 -31.14 8.53
H51 CRN DA . -31.40 -30.41 5.92
H52 CRN DA . -30.72 -29.16 6.51
H41 CRN DA . -28.85 -32.60 6.53
H42 CRN DA . -30.17 -32.44 5.73
H43 CRN DA . -30.21 -32.75 7.27
HN31 CRN DA . -28.14 -32.02 8.37
HN32 CRN DA . -27.55 -30.88 9.17
PB ADP EA . -31.39 -32.25 13.79
O1B ADP EA . -31.87 -31.88 12.40
O2B ADP EA . -31.96 -31.43 14.90
O3B ADP EA . -29.90 -32.47 13.88
PA ADP EA . -31.14 -34.99 13.55
O1A ADP EA . -31.83 -35.62 12.37
O2A ADP EA . -29.70 -34.55 13.46
O3A ADP EA . -31.98 -33.72 14.03
O5' ADP EA . -31.30 -35.96 14.82
C5' ADP EA . -30.16 -36.33 15.58
C4' ADP EA . -30.62 -37.16 16.77
O4' ADP EA . -31.79 -36.59 17.36
C3' ADP EA . -30.96 -38.57 16.36
O3' ADP EA . -30.07 -39.50 17.01
C2' ADP EA . -32.39 -38.80 16.81
O2' ADP EA . -32.53 -40.06 17.47
C1' ADP EA . -32.68 -37.65 17.75
N9 ADP EA . -34.09 -37.22 17.63
C8 ADP EA . -34.60 -36.36 16.73
N7 ADP EA . -35.94 -36.21 16.92
C5 ADP EA . -36.29 -36.99 17.95
C6 ADP EA . -37.55 -37.31 18.67
N6 ADP EA . -38.72 -36.73 18.31
N1 ADP EA . -37.50 -38.17 19.69
C2 ADP EA . -36.34 -38.75 20.07
N3 ADP EA . -35.17 -38.51 19.46
C4 ADP EA . -35.09 -37.65 18.42
H5'1 ADP EA . -29.47 -36.91 14.97
H5'2 ADP EA . -29.65 -35.43 15.94
H4' ADP EA . -29.81 -37.19 17.51
H3' ADP EA . -30.89 -38.67 15.27
HO3' ADP EA . -30.23 -40.39 16.66
H2' ADP EA . -33.05 -38.74 15.94
HO2' ADP EA . -32.44 -40.77 16.82
H1' ADP EA . -32.46 -37.95 18.77
H8 ADP EA . -34.02 -35.85 15.97
HN61 ADP EA . -39.56 -36.96 18.81
HN62 ADP EA . -38.76 -36.08 17.54
H2 ADP EA . -36.36 -39.45 20.90
MG MG FA . -28.47 -32.97 12.81
#